data_7LR0
#
_entry.id   7LR0
#
_cell.length_a   1.00
_cell.length_b   1.00
_cell.length_c   1.00
_cell.angle_alpha   90.00
_cell.angle_beta   90.00
_cell.angle_gamma   90.00
#
_symmetry.space_group_name_H-M   'P 1'
#
loop_
_entity.id
_entity.type
_entity.pdbx_description
1 polymer 'Osm-9-like TRP channel 1'
2 non-polymer '(2S)-3-(hexadecanoyloxy)-2-[(9Z)-octadec-9-enoyloxy]propyl 2-(trimethylammonio)ethyl phosphate'
3 non-polymer (6E)-N-(4-hydroxy-3-methoxybenzyl)-8-methylnon-6-enamide
4 non-polymer 'SODIUM ION'
#
_entity_poly.entity_id   1
_entity_poly.type   'polypeptide(L)'
_entity_poly.pdbx_seq_one_letter_code
;MKKWANLDSGESEDPPHEDSCPDPPDGDPNSKQSPAKPHIFSTTKSRTRLFGKGDSEEASPMDCSYEEGELASCPTITVS
SVVIIQRPGDALTCARQLSQDSVSAGAEKPLKLYDRRSIFDAVAQNNCQELESLLPFLQKSRKRLTDSEFKDPETGKTCL
LKAMLNLHNGQNDTISLLLDIARQTDSLKEFVNASYTDSYYKGQTALHIAIERRNMALVTLLVENGADVQAAANGDFFKK
TKGRPGFYFGELPLSLAACTNQLAIVKFLLQNSWQPADISARDSVGNTVLHALVEVADNTADNTKFVTSMYNEILILGAK
LHPTLKLEELINKKGLTPLALAASSGKIGVLAYILQREIQEPECRHLSRKFTEWAYGPVHSSLYDLSCIDTCEKNSVLEV
IAYSSSETPNRHDMLLVEPLNRLLQDKWDRFVKRIFYFNFFVYCLYMIVFTTAAYYRPVDGLPPYKLKNTVGDYFRVTGE
ILSVSGGVYFFLRGIQYFLQRRPSMKTLFVDSYSEMLFFVQSLFMLGSVVLYFSHRKEYVASMVFSLAMGWTNMLYYTRG
FQQMGIYAVMIEKMILRDLCRFMFVYLVFLFGFSTAVVTLIEDGKNYSEPAEYTSHRWRAPGCRPPDSYNSLYSTCLELF
KFTIGMGDLEFTENYDFKAVFIILLLAYVILTYILLLNMLIALMGETVNKIAQESKNIWKLQRAITILDTEKSFLKCMRK
AFRSGKLLQVGYTPDGKDDYRWCFRVDEVNWTTWNTNVGIINEDPGNCEGVKRTLSFSLRSGRVSGRNWRNFALVPLLRD
ASTRDRHHAQPEEVHLKHFAGSLKPEDAEVFKDSMAPGEKLPVR
;
_entity_poly.pdbx_strand_id   A,B,C,D
#
# COMPACT_ATOMS: atom_id res chain seq x y z
N LEU A 111 70.32 18.70 -37.72
CA LEU A 111 69.43 17.56 -37.53
C LEU A 111 69.22 17.32 -36.04
N LYS A 112 67.96 17.14 -35.65
CA LYS A 112 67.61 16.81 -34.27
C LYS A 112 67.31 15.32 -34.16
N LEU A 113 67.93 14.68 -33.17
CA LEU A 113 67.55 13.30 -32.89
C LEU A 113 66.18 13.28 -32.25
N TYR A 114 65.62 12.08 -32.11
CA TYR A 114 64.18 11.91 -31.95
C TYR A 114 63.92 10.61 -31.22
N ASP A 115 63.59 10.71 -29.93
CA ASP A 115 63.48 9.53 -29.07
C ASP A 115 62.02 9.22 -28.71
N ARG A 116 61.81 8.02 -28.17
CA ARG A 116 60.46 7.52 -27.98
C ARG A 116 59.69 8.31 -26.94
N ARG A 117 60.37 8.77 -25.89
CA ARG A 117 59.68 9.50 -24.83
C ARG A 117 59.14 10.82 -25.35
N SER A 118 59.86 11.44 -26.28
CA SER A 118 59.39 12.68 -26.87
C SER A 118 58.23 12.44 -27.81
N ILE A 119 58.13 11.22 -28.37
CA ILE A 119 56.96 10.89 -29.17
C ILE A 119 55.73 10.77 -28.29
N PHE A 120 55.79 9.86 -27.32
CA PHE A 120 54.64 9.54 -26.47
C PHE A 120 54.08 10.79 -25.80
N ASP A 121 54.96 11.72 -25.42
CA ASP A 121 54.49 13.00 -24.91
C ASP A 121 53.87 13.83 -26.02
N ALA A 122 54.60 14.01 -27.12
CA ALA A 122 54.17 14.95 -28.16
C ALA A 122 52.94 14.45 -28.89
N VAL A 123 52.80 13.13 -29.05
CA VAL A 123 51.63 12.59 -29.71
C VAL A 123 50.39 12.84 -28.85
N ALA A 124 50.55 12.83 -27.54
CA ALA A 124 49.44 13.17 -26.65
C ALA A 124 49.15 14.66 -26.68
N GLN A 125 50.17 15.48 -26.91
CA GLN A 125 49.95 16.92 -27.05
C GLN A 125 49.23 17.25 -28.35
N ASN A 126 49.30 16.36 -29.33
CA ASN A 126 48.71 16.59 -30.65
C ASN A 126 49.32 17.81 -31.30
N ASN A 127 50.65 17.80 -31.45
CA ASN A 127 51.38 18.82 -32.19
C ASN A 127 52.11 18.13 -33.35
N CYS A 128 51.47 18.11 -34.52
CA CYS A 128 52.09 17.48 -35.67
C CYS A 128 53.37 18.19 -36.09
N GLN A 129 53.49 19.49 -35.77
CA GLN A 129 54.70 20.23 -36.10
C GLN A 129 55.91 19.62 -35.42
N GLU A 130 55.74 19.13 -34.20
CA GLU A 130 56.81 18.43 -33.51
C GLU A 130 57.10 17.11 -34.20
N LEU A 131 56.05 16.44 -34.69
CA LEU A 131 56.19 15.15 -35.35
C LEU A 131 56.32 15.36 -36.85
N GLU A 132 57.34 16.15 -37.21
CA GLU A 132 57.57 16.56 -38.58
C GLU A 132 58.93 16.07 -39.09
N SER A 133 60.00 16.26 -38.32
CA SER A 133 61.32 15.82 -38.74
C SER A 133 61.52 14.33 -38.45
N LEU A 134 60.46 13.63 -38.02
CA LEU A 134 60.53 12.19 -37.89
C LEU A 134 60.96 11.53 -39.20
N LEU A 135 60.14 11.67 -40.24
CA LEU A 135 60.27 10.91 -41.47
C LEU A 135 61.64 11.07 -42.12
N PRO A 136 62.25 12.26 -42.09
CA PRO A 136 63.68 12.34 -42.42
C PRO A 136 64.53 11.50 -41.48
N PHE A 137 64.31 11.65 -40.17
CA PHE A 137 65.11 10.94 -39.18
C PHE A 137 64.93 9.44 -39.29
N LEU A 138 63.67 9.00 -39.38
CA LEU A 138 63.33 7.60 -39.45
C LEU A 138 63.98 6.94 -40.65
N GLN A 139 63.84 7.58 -41.81
CA GLN A 139 64.38 6.99 -43.03
C GLN A 139 65.90 7.05 -43.04
N LYS A 140 66.48 8.12 -42.49
CA LYS A 140 67.92 8.22 -42.39
C LYS A 140 68.48 7.10 -41.52
N SER A 141 68.02 7.03 -40.27
CA SER A 141 68.64 6.17 -39.27
C SER A 141 68.34 4.69 -39.46
N ARG A 142 67.64 4.30 -40.52
CA ARG A 142 67.20 2.91 -40.76
C ARG A 142 66.17 2.47 -39.73
N LYS A 143 65.68 3.38 -38.89
CA LYS A 143 64.75 3.03 -37.84
C LYS A 143 63.36 2.75 -38.41
N ARG A 144 62.61 1.93 -37.69
CA ARG A 144 61.24 1.59 -38.02
C ARG A 144 60.34 1.99 -36.86
N LEU A 145 59.12 2.41 -37.16
CA LEU A 145 58.19 2.78 -36.10
C LEU A 145 57.82 1.59 -35.23
N THR A 146 57.95 0.37 -35.73
CA THR A 146 57.80 -0.85 -34.95
C THR A 146 59.22 -1.34 -34.61
N ASP A 147 59.64 -1.05 -33.38
CA ASP A 147 60.97 -1.41 -32.92
C ASP A 147 61.01 -1.16 -31.42
N SER A 148 61.88 -1.89 -30.74
CA SER A 148 62.01 -1.86 -29.28
C SER A 148 62.18 -0.44 -28.75
N GLU A 149 62.76 0.46 -29.54
CA GLU A 149 62.83 1.86 -29.16
C GLU A 149 61.43 2.44 -29.01
N PHE A 150 60.61 2.31 -30.04
CA PHE A 150 59.29 2.92 -30.08
C PHE A 150 58.20 1.97 -29.60
N LYS A 151 58.37 1.43 -28.41
CA LYS A 151 57.35 0.64 -27.74
C LYS A 151 57.43 0.99 -26.25
N ASP A 152 56.76 0.20 -25.43
CA ASP A 152 56.73 0.34 -24.00
C ASP A 152 57.51 -0.82 -23.39
N PRO A 153 58.49 -0.58 -22.50
CA PRO A 153 59.27 -1.72 -21.98
C PRO A 153 58.45 -2.80 -21.29
N GLU A 154 57.47 -2.40 -20.48
CA GLU A 154 56.73 -3.35 -19.65
C GLU A 154 55.46 -3.83 -20.34
N THR A 155 54.54 -2.91 -20.63
CA THR A 155 53.24 -3.29 -21.16
C THR A 155 53.34 -3.76 -22.61
N GLY A 156 54.18 -3.09 -23.38
CA GLY A 156 54.17 -3.20 -24.83
C GLY A 156 53.10 -2.32 -25.44
N LYS A 157 53.51 -1.52 -26.42
CA LYS A 157 52.62 -0.50 -26.98
C LYS A 157 53.07 -0.09 -28.38
N THR A 158 52.36 0.86 -28.96
CA THR A 158 52.84 1.66 -30.09
C THR A 158 52.44 3.09 -29.84
N CYS A 159 53.19 4.02 -30.45
CA CYS A 159 52.79 5.42 -30.47
C CYS A 159 51.34 5.58 -30.91
N LEU A 160 50.92 4.79 -31.89
CA LEU A 160 49.54 4.77 -32.36
C LEU A 160 48.56 4.57 -31.20
N LEU A 161 48.85 3.63 -30.32
CA LEU A 161 47.98 3.39 -29.17
C LEU A 161 47.88 4.63 -28.31
N LYS A 162 49.03 5.14 -27.87
CA LYS A 162 49.09 6.36 -27.07
C LYS A 162 48.35 7.50 -27.74
N ALA A 163 48.41 7.57 -29.08
CA ALA A 163 47.61 8.53 -29.80
C ALA A 163 46.14 8.26 -29.58
N MET A 164 45.74 6.99 -29.68
CA MET A 164 44.34 6.64 -29.58
C MET A 164 43.82 6.86 -28.16
N LEU A 165 44.68 6.67 -27.16
CA LEU A 165 44.26 6.92 -25.79
C LEU A 165 44.00 8.41 -25.57
N ASN A 166 44.95 9.25 -25.94
CA ASN A 166 44.86 10.69 -25.74
C ASN A 166 44.09 11.37 -26.86
N LEU A 167 42.90 10.87 -27.13
CA LEU A 167 42.11 11.25 -28.30
C LEU A 167 41.09 12.30 -27.88
N HIS A 168 41.60 13.49 -27.55
CA HIS A 168 40.73 14.54 -27.03
C HIS A 168 39.86 15.10 -28.14
N ASN A 169 38.57 15.22 -27.85
CA ASN A 169 37.57 15.73 -28.78
C ASN A 169 37.36 14.79 -29.99
N GLY A 170 37.91 13.58 -29.92
CA GLY A 170 37.78 12.66 -31.05
C GLY A 170 38.56 13.13 -32.26
N GLN A 171 39.57 13.96 -32.05
CA GLN A 171 40.22 14.67 -33.15
C GLN A 171 41.74 14.67 -33.00
N ASN A 172 42.31 13.49 -32.84
CA ASN A 172 43.74 13.35 -33.02
C ASN A 172 44.01 13.18 -34.51
N ASP A 173 44.76 14.12 -35.08
CA ASP A 173 45.19 14.03 -36.46
C ASP A 173 46.60 13.51 -36.63
N THR A 174 47.42 13.54 -35.58
CA THR A 174 48.72 12.88 -35.62
C THR A 174 48.61 11.41 -35.95
N ILE A 175 47.47 10.78 -35.64
CA ILE A 175 47.25 9.39 -36.02
C ILE A 175 47.40 9.23 -37.53
N SER A 176 46.76 10.10 -38.31
CA SER A 176 46.86 10.00 -39.75
C SER A 176 48.28 10.29 -40.20
N LEU A 177 48.99 11.11 -39.41
CA LEU A 177 50.37 11.44 -39.73
C LEU A 177 51.25 10.20 -39.70
N LEU A 178 51.34 9.52 -38.54
CA LEU A 178 52.32 8.44 -38.43
C LEU A 178 51.84 7.15 -39.08
N LEU A 179 50.57 7.05 -39.45
CA LEU A 179 50.14 5.90 -40.25
C LEU A 179 50.66 6.03 -41.67
N ASP A 180 50.66 7.25 -42.21
CA ASP A 180 51.23 7.49 -43.52
C ASP A 180 52.74 7.28 -43.52
N ILE A 181 53.38 7.44 -42.36
CA ILE A 181 54.83 7.39 -42.31
C ILE A 181 55.32 5.97 -42.53
N ALA A 182 54.74 4.99 -41.82
CA ALA A 182 55.19 3.61 -42.00
C ALA A 182 54.78 3.08 -43.36
N ARG A 183 53.73 3.66 -43.94
CA ARG A 183 53.37 3.32 -45.31
C ARG A 183 54.51 3.64 -46.26
N GLN A 184 55.27 4.70 -45.96
CA GLN A 184 56.47 5.02 -46.72
C GLN A 184 57.61 4.07 -46.36
N THR A 185 57.59 3.52 -45.15
CA THR A 185 58.58 2.57 -44.67
C THR A 185 58.16 1.13 -44.98
N ASP A 186 57.23 0.97 -45.94
CA ASP A 186 56.68 -0.29 -46.46
C ASP A 186 56.48 -1.33 -45.36
N SER A 187 55.97 -0.88 -44.22
CA SER A 187 55.68 -1.76 -43.10
C SER A 187 54.59 -1.14 -42.25
N LEU A 188 53.35 -1.54 -42.51
CA LEU A 188 52.17 -1.04 -41.82
C LEU A 188 51.57 -2.07 -40.88
N LYS A 189 51.54 -3.33 -41.33
CA LYS A 189 50.70 -4.35 -40.72
C LYS A 189 51.07 -4.64 -39.27
N GLU A 190 52.36 -4.55 -38.95
CA GLU A 190 52.83 -5.05 -37.67
C GLU A 190 52.30 -4.24 -36.51
N PHE A 191 52.37 -2.91 -36.61
CA PHE A 191 52.04 -2.06 -35.48
C PHE A 191 50.58 -1.65 -35.45
N VAL A 192 49.88 -1.67 -36.58
CA VAL A 192 48.44 -1.48 -36.51
C VAL A 192 47.79 -2.65 -35.79
N ASN A 193 48.31 -3.86 -36.00
CA ASN A 193 47.95 -5.02 -35.21
C ASN A 193 48.89 -5.19 -34.03
N ALA A 194 49.06 -4.10 -33.28
CA ALA A 194 49.94 -4.11 -32.12
C ALA A 194 49.18 -4.52 -30.88
N SER A 195 49.59 -5.64 -30.30
CA SER A 195 48.98 -6.18 -29.10
C SER A 195 49.86 -5.78 -27.92
N TYR A 196 49.24 -5.14 -26.93
CA TYR A 196 49.83 -5.08 -25.59
C TYR A 196 50.32 -6.45 -25.19
N THR A 197 51.58 -6.53 -24.78
CA THR A 197 52.21 -7.79 -24.44
C THR A 197 52.24 -8.03 -22.94
N ASP A 198 51.31 -7.44 -22.22
CA ASP A 198 51.17 -7.64 -20.80
C ASP A 198 50.35 -8.91 -20.57
N SER A 199 50.14 -9.29 -19.31
CA SER A 199 49.21 -10.36 -18.97
C SER A 199 47.86 -9.74 -18.73
N TYR A 200 47.84 -8.61 -18.01
CA TYR A 200 46.60 -7.91 -17.75
C TYR A 200 45.96 -7.46 -19.04
N TYR A 201 46.80 -7.04 -19.99
CA TYR A 201 46.39 -6.72 -21.34
C TYR A 201 47.17 -7.60 -22.31
N LYS A 202 46.45 -8.38 -23.09
CA LYS A 202 47.06 -9.26 -24.09
C LYS A 202 46.11 -9.35 -25.27
N GLY A 203 46.35 -8.51 -26.27
CA GLY A 203 45.63 -8.56 -27.53
C GLY A 203 45.03 -7.24 -27.95
N GLN A 204 44.94 -6.30 -27.02
CA GLN A 204 44.29 -5.02 -27.26
C GLN A 204 44.98 -4.25 -28.37
N THR A 205 44.23 -3.92 -29.41
CA THR A 205 44.71 -3.19 -30.57
C THR A 205 44.12 -1.78 -30.57
N ALA A 206 44.48 -1.02 -31.60
CA ALA A 206 43.87 0.29 -31.81
C ALA A 206 42.38 0.12 -32.07
N LEU A 207 42.00 -0.96 -32.74
CA LEU A 207 40.61 -1.15 -33.14
C LEU A 207 39.73 -1.35 -31.92
N HIS A 208 40.21 -2.15 -30.96
CA HIS A 208 39.45 -2.37 -29.74
C HIS A 208 39.21 -1.07 -29.01
N ILE A 209 40.16 -0.13 -29.10
CA ILE A 209 40.03 1.13 -28.40
C ILE A 209 39.12 2.07 -29.18
N ALA A 210 39.30 2.11 -30.50
CA ALA A 210 38.47 2.97 -31.31
C ALA A 210 37.01 2.60 -31.22
N ILE A 211 36.74 1.32 -30.94
CA ILE A 211 35.38 0.88 -30.66
C ILE A 211 34.94 1.39 -29.29
N GLU A 212 35.83 1.32 -28.31
CA GLU A 212 35.53 1.84 -26.99
C GLU A 212 35.21 3.32 -27.04
N ARG A 213 35.90 4.07 -27.89
CA ARG A 213 35.88 5.53 -27.80
C ARG A 213 34.87 6.16 -28.76
N ARG A 214 34.03 5.37 -29.42
CA ARG A 214 32.92 5.89 -30.21
C ARG A 214 33.38 6.82 -31.32
N ASN A 215 34.25 6.29 -32.18
CA ASN A 215 34.82 7.05 -33.28
C ASN A 215 34.74 6.21 -34.54
N MET A 216 33.60 6.33 -35.23
CA MET A 216 33.40 5.68 -36.51
C MET A 216 34.55 5.93 -37.46
N ALA A 217 35.03 7.18 -37.50
CA ALA A 217 36.09 7.54 -38.44
C ALA A 217 37.37 6.77 -38.13
N LEU A 218 37.73 6.70 -36.86
CA LEU A 218 38.98 6.05 -36.50
C LEU A 218 38.90 4.54 -36.75
N VAL A 219 37.70 3.99 -36.64
CA VAL A 219 37.50 2.59 -37.04
C VAL A 219 37.71 2.46 -38.54
N THR A 220 37.07 3.35 -39.30
CA THR A 220 37.14 3.33 -40.76
C THR A 220 38.58 3.34 -41.23
N LEU A 221 39.35 4.32 -40.75
CA LEU A 221 40.73 4.52 -41.15
C LEU A 221 41.58 3.28 -40.93
N LEU A 222 41.57 2.76 -39.69
CA LEU A 222 42.42 1.63 -39.35
C LEU A 222 42.15 0.43 -40.24
N VAL A 223 40.87 0.18 -40.50
CA VAL A 223 40.46 -0.95 -41.32
C VAL A 223 40.96 -0.72 -42.74
N GLU A 224 40.77 0.50 -43.25
CA GLU A 224 41.23 0.81 -44.60
C GLU A 224 42.75 0.70 -44.70
N ASN A 225 43.44 1.02 -43.60
CA ASN A 225 44.88 0.87 -43.57
C ASN A 225 45.30 -0.59 -43.55
N GLY A 226 44.39 -1.46 -43.09
CA GLY A 226 44.64 -2.89 -43.07
C GLY A 226 44.61 -3.48 -41.68
N ALA A 227 43.79 -2.91 -40.82
CA ALA A 227 43.63 -3.39 -39.46
C ALA A 227 42.93 -4.75 -39.46
N ASP A 228 43.33 -5.60 -38.53
CA ASP A 228 42.68 -6.90 -38.38
C ASP A 228 41.43 -6.77 -37.53
N VAL A 229 40.44 -7.60 -37.83
CA VAL A 229 39.13 -7.55 -37.21
C VAL A 229 38.81 -8.83 -36.45
N GLN A 230 39.68 -9.83 -36.51
CA GLN A 230 39.60 -11.01 -35.66
C GLN A 230 40.67 -10.93 -34.57
N ALA A 231 40.91 -9.73 -34.07
CA ALA A 231 41.94 -9.53 -33.06
C ALA A 231 41.41 -9.95 -31.70
N ALA A 232 42.06 -10.95 -31.11
CA ALA A 232 41.60 -11.54 -29.87
C ALA A 232 42.20 -10.81 -28.68
N ALA A 233 41.34 -10.31 -27.80
CA ALA A 233 41.75 -9.62 -26.58
C ALA A 233 41.80 -10.55 -25.38
N ASN A 234 42.17 -11.81 -25.59
CA ASN A 234 42.30 -12.75 -24.49
C ASN A 234 43.30 -12.27 -23.45
N GLY A 235 42.81 -11.90 -22.29
CA GLY A 235 43.66 -11.36 -21.25
C GLY A 235 43.10 -11.61 -19.86
N ASP A 236 43.15 -10.59 -19.00
CA ASP A 236 42.61 -10.70 -17.66
C ASP A 236 41.55 -9.65 -17.41
N PHE A 237 41.85 -8.39 -17.75
CA PHE A 237 40.81 -7.36 -17.73
C PHE A 237 39.66 -7.76 -18.62
N PHE A 238 39.96 -8.38 -19.74
CA PHE A 238 38.97 -8.86 -20.67
C PHE A 238 38.48 -10.27 -20.36
N LYS A 239 38.75 -10.75 -19.14
CA LYS A 239 38.36 -12.08 -18.72
C LYS A 239 37.20 -11.98 -17.73
N LYS A 240 36.56 -13.12 -17.45
CA LYS A 240 35.34 -13.18 -16.65
C LYS A 240 35.59 -13.11 -15.15
N THR A 241 36.83 -12.84 -14.71
CA THR A 241 37.22 -13.09 -13.33
C THR A 241 36.29 -12.39 -12.34
N LYS A 242 35.64 -13.21 -11.52
CA LYS A 242 34.67 -12.76 -10.53
C LYS A 242 35.26 -11.82 -9.47
N GLY A 243 36.57 -11.70 -9.41
CA GLY A 243 37.28 -10.77 -8.52
C GLY A 243 37.65 -9.54 -9.28
N ARG A 244 38.86 -9.50 -9.83
CA ARG A 244 39.34 -8.42 -10.67
C ARG A 244 38.30 -8.09 -11.75
N PRO A 245 37.61 -6.96 -11.69
CA PRO A 245 36.52 -6.72 -12.63
C PRO A 245 37.03 -6.35 -14.02
N GLY A 246 36.08 -6.13 -14.91
CA GLY A 246 36.40 -5.86 -16.29
C GLY A 246 35.23 -6.18 -17.19
N PHE A 247 35.11 -5.42 -18.27
CA PHE A 247 33.98 -5.57 -19.18
C PHE A 247 34.17 -6.80 -20.05
N TYR A 248 33.34 -7.83 -19.84
CA TYR A 248 33.41 -9.04 -20.67
C TYR A 248 32.50 -8.88 -21.87
N PHE A 249 33.13 -8.69 -23.00
CA PHE A 249 32.56 -8.96 -24.31
C PHE A 249 33.21 -10.25 -24.83
N GLY A 250 33.02 -10.54 -26.10
CA GLY A 250 33.54 -11.75 -26.67
C GLY A 250 35.01 -11.72 -27.04
N GLU A 251 35.80 -10.88 -26.38
CA GLU A 251 37.25 -10.80 -26.57
C GLU A 251 37.62 -10.67 -28.06
N LEU A 252 36.75 -10.01 -28.80
CA LEU A 252 36.80 -10.04 -30.25
C LEU A 252 36.01 -8.82 -30.73
N PRO A 253 36.47 -8.08 -31.75
CA PRO A 253 35.99 -6.70 -31.92
C PRO A 253 34.49 -6.49 -32.08
N LEU A 254 33.86 -7.10 -33.09
CA LEU A 254 32.46 -6.79 -33.34
C LEU A 254 31.58 -7.16 -32.15
N SER A 255 32.03 -8.11 -31.33
CA SER A 255 31.36 -8.34 -30.06
C SER A 255 31.44 -7.10 -29.19
N LEU A 256 32.59 -6.44 -29.21
CA LEU A 256 32.74 -5.22 -28.43
C LEU A 256 31.82 -4.14 -28.97
N ALA A 257 31.72 -4.03 -30.28
CA ALA A 257 30.79 -3.09 -30.89
C ALA A 257 29.36 -3.48 -30.57
N ALA A 258 29.11 -4.78 -30.45
CA ALA A 258 27.76 -5.25 -30.22
C ALA A 258 27.32 -4.94 -28.79
N CYS A 259 28.23 -5.15 -27.83
CA CYS A 259 27.92 -4.90 -26.44
C CYS A 259 28.10 -3.43 -26.04
N THR A 260 28.15 -2.52 -27.01
CA THR A 260 28.55 -1.15 -26.77
C THR A 260 27.72 -0.15 -27.57
N ASN A 261 26.64 -0.60 -28.20
CA ASN A 261 25.64 0.24 -28.83
C ASN A 261 26.13 0.89 -30.11
N GLN A 262 27.21 0.38 -30.68
CA GLN A 262 27.80 0.97 -31.88
C GLN A 262 27.35 0.15 -33.09
N LEU A 263 26.04 0.12 -33.29
CA LEU A 263 25.45 -0.67 -34.36
C LEU A 263 26.00 -0.30 -35.72
N ALA A 264 26.26 0.99 -35.93
CA ALA A 264 26.92 1.44 -37.15
C ALA A 264 28.23 0.70 -37.34
N ILE A 265 29.04 0.65 -36.30
CA ILE A 265 30.35 0.01 -36.40
C ILE A 265 30.19 -1.49 -36.54
N VAL A 266 29.10 -2.05 -36.01
CA VAL A 266 28.82 -3.46 -36.26
C VAL A 266 28.63 -3.69 -37.74
N LYS A 267 27.76 -2.89 -38.35
CA LYS A 267 27.41 -3.09 -39.75
C LYS A 267 28.62 -2.88 -40.65
N PHE A 268 29.55 -2.02 -40.23
CA PHE A 268 30.72 -1.73 -41.04
C PHE A 268 31.70 -2.89 -41.01
N LEU A 269 32.00 -3.38 -39.81
CA LEU A 269 32.94 -4.49 -39.66
C LEU A 269 32.46 -5.73 -40.39
N LEU A 270 31.14 -5.88 -40.52
CA LEU A 270 30.59 -7.03 -41.22
C LEU A 270 30.61 -6.83 -42.72
N GLN A 271 30.18 -5.65 -43.17
CA GLN A 271 29.93 -5.38 -44.59
C GLN A 271 31.07 -4.66 -45.29
N ASN A 272 32.16 -4.34 -44.60
CA ASN A 272 33.28 -3.69 -45.25
C ASN A 272 33.93 -4.63 -46.27
N SER A 273 34.67 -4.03 -47.20
CA SER A 273 35.26 -4.79 -48.29
C SER A 273 36.65 -5.30 -47.93
N TRP A 274 37.41 -4.48 -47.22
CA TRP A 274 38.82 -4.78 -46.95
C TRP A 274 38.97 -6.06 -46.15
N GLN A 275 38.12 -6.27 -45.15
CA GLN A 275 38.21 -7.44 -44.29
C GLN A 275 36.87 -7.67 -43.62
N PRO A 276 35.99 -8.50 -44.21
CA PRO A 276 34.69 -8.74 -43.57
C PRO A 276 34.86 -9.53 -42.29
N ALA A 277 34.19 -9.07 -41.25
CA ALA A 277 34.31 -9.68 -39.93
C ALA A 277 33.60 -11.03 -39.90
N ASP A 278 34.21 -11.98 -39.18
CA ASP A 278 33.61 -13.29 -39.00
C ASP A 278 32.54 -13.18 -37.93
N ILE A 279 31.28 -13.33 -38.34
CA ILE A 279 30.17 -13.26 -37.43
C ILE A 279 30.14 -14.40 -36.43
N SER A 280 30.88 -15.48 -36.70
CA SER A 280 30.82 -16.70 -35.91
C SER A 280 32.14 -16.97 -35.23
N ALA A 281 32.76 -15.93 -34.69
CA ALA A 281 34.05 -16.07 -34.03
C ALA A 281 33.93 -16.90 -32.78
N ARG A 282 35.07 -17.21 -32.18
CA ARG A 282 35.13 -17.94 -30.92
C ARG A 282 36.27 -17.38 -30.10
N ASP A 283 35.97 -17.01 -28.86
CA ASP A 283 36.96 -16.46 -27.96
C ASP A 283 37.67 -17.60 -27.22
N SER A 284 38.45 -17.26 -26.21
CA SER A 284 39.13 -18.28 -25.42
C SER A 284 38.13 -19.21 -24.75
N VAL A 285 36.96 -18.68 -24.40
CA VAL A 285 35.89 -19.49 -23.84
C VAL A 285 34.98 -20.07 -24.92
N GLY A 286 35.05 -19.54 -26.13
CA GLY A 286 34.24 -19.99 -27.24
C GLY A 286 32.96 -19.22 -27.45
N ASN A 287 32.68 -18.24 -26.59
CA ASN A 287 31.47 -17.45 -26.76
C ASN A 287 31.59 -16.55 -27.98
N THR A 288 30.52 -16.54 -28.76
CA THR A 288 30.44 -15.75 -29.98
C THR A 288 29.95 -14.36 -29.64
N VAL A 289 29.50 -13.64 -30.67
CA VAL A 289 28.83 -12.36 -30.45
C VAL A 289 27.60 -12.56 -29.61
N LEU A 290 26.74 -13.48 -30.02
CA LEU A 290 25.45 -13.63 -29.36
C LEU A 290 25.62 -14.17 -27.95
N HIS A 291 26.54 -15.12 -27.76
CA HIS A 291 26.80 -15.63 -26.43
C HIS A 291 27.23 -14.52 -25.48
N ALA A 292 27.79 -13.45 -26.02
CA ALA A 292 28.22 -12.33 -25.18
C ALA A 292 27.05 -11.43 -24.83
N LEU A 293 26.24 -11.09 -25.83
CA LEU A 293 25.13 -10.18 -25.61
C LEU A 293 24.21 -10.68 -24.52
N VAL A 294 24.01 -12.00 -24.48
CA VAL A 294 23.24 -12.60 -23.40
C VAL A 294 23.93 -12.33 -22.08
N GLU A 295 25.22 -12.65 -22.04
CA GLU A 295 25.98 -12.63 -20.80
C GLU A 295 26.09 -11.23 -20.22
N VAL A 296 26.32 -10.24 -21.08
CA VAL A 296 26.58 -8.89 -20.61
C VAL A 296 25.36 -8.26 -19.96
N ALA A 297 24.17 -8.71 -20.28
CA ALA A 297 22.97 -8.15 -19.69
C ALA A 297 22.84 -8.54 -18.23
N ASP A 298 22.09 -7.74 -17.49
CA ASP A 298 21.83 -8.02 -16.09
C ASP A 298 20.38 -7.70 -15.74
N ASN A 299 19.47 -7.91 -16.69
CA ASN A 299 18.03 -7.85 -16.49
C ASN A 299 17.49 -6.45 -16.22
N THR A 300 18.35 -5.43 -16.29
CA THR A 300 17.86 -4.07 -16.15
C THR A 300 17.12 -3.65 -17.41
N ALA A 301 16.45 -2.49 -17.32
CA ALA A 301 15.62 -2.04 -18.42
C ALA A 301 16.46 -1.64 -19.63
N ASP A 302 17.49 -0.83 -19.38
CA ASP A 302 18.29 -0.31 -20.48
C ASP A 302 19.02 -1.42 -21.20
N ASN A 303 19.61 -2.35 -20.44
CA ASN A 303 20.21 -3.53 -21.05
C ASN A 303 19.18 -4.29 -21.86
N THR A 304 18.05 -4.61 -21.24
CA THR A 304 17.06 -5.46 -21.88
C THR A 304 16.49 -4.78 -23.11
N LYS A 305 16.24 -3.47 -23.01
CA LYS A 305 15.86 -2.72 -24.20
C LYS A 305 16.98 -2.78 -25.23
N PHE A 306 18.21 -2.76 -24.75
CA PHE A 306 19.34 -2.67 -25.66
C PHE A 306 19.62 -4.01 -26.31
N VAL A 307 19.84 -5.03 -25.48
CA VAL A 307 20.41 -6.28 -25.95
C VAL A 307 19.47 -6.95 -26.94
N THR A 308 18.18 -6.89 -26.68
CA THR A 308 17.22 -7.50 -27.58
C THR A 308 17.29 -6.88 -28.96
N SER A 309 17.62 -5.60 -29.02
CA SER A 309 17.68 -4.93 -30.31
C SER A 309 18.90 -5.37 -31.09
N MET A 310 20.07 -5.23 -30.48
CA MET A 310 21.30 -5.70 -31.13
C MET A 310 21.22 -7.18 -31.41
N TYR A 311 20.58 -7.93 -30.53
CA TYR A 311 20.39 -9.35 -30.76
C TYR A 311 19.49 -9.57 -31.97
N ASN A 312 18.60 -8.61 -32.24
CA ASN A 312 17.74 -8.71 -33.42
C ASN A 312 18.56 -8.53 -34.69
N GLU A 313 19.33 -7.44 -34.75
CA GLU A 313 19.92 -7.01 -36.00
C GLU A 313 20.91 -8.03 -36.52
N ILE A 314 21.82 -8.47 -35.65
CA ILE A 314 22.92 -9.34 -36.06
C ILE A 314 22.37 -10.62 -36.64
N LEU A 315 21.22 -11.06 -36.17
CA LEU A 315 20.56 -12.21 -36.77
C LEU A 315 20.04 -11.87 -38.15
N ILE A 316 19.44 -10.68 -38.28
CA ILE A 316 18.96 -10.24 -39.58
C ILE A 316 20.13 -10.14 -40.55
N LEU A 317 21.26 -9.62 -40.08
CA LEU A 317 22.45 -9.55 -40.92
C LEU A 317 22.97 -10.94 -41.25
N GLY A 318 23.14 -11.76 -40.22
CA GLY A 318 23.66 -13.10 -40.45
C GLY A 318 22.77 -13.92 -41.35
N ALA A 319 21.48 -13.56 -41.39
CA ALA A 319 20.60 -14.14 -42.40
C ALA A 319 20.92 -13.58 -43.77
N LYS A 320 20.97 -12.26 -43.89
CA LYS A 320 21.15 -11.64 -45.21
C LYS A 320 22.53 -11.91 -45.77
N LEU A 321 23.55 -12.02 -44.91
CA LEU A 321 24.91 -12.19 -45.40
C LEU A 321 25.17 -13.65 -45.74
N HIS A 322 25.10 -14.50 -44.73
CA HIS A 322 25.37 -15.92 -44.88
C HIS A 322 24.14 -16.70 -44.47
N PRO A 323 23.18 -16.97 -45.37
CA PRO A 323 21.91 -17.57 -44.95
C PRO A 323 21.96 -19.07 -44.73
N THR A 324 23.01 -19.56 -44.07
CA THR A 324 23.00 -20.94 -43.57
C THR A 324 23.47 -21.01 -42.12
N LEU A 325 24.26 -20.04 -41.67
CA LEU A 325 24.78 -20.06 -40.31
C LEU A 325 23.66 -19.97 -39.28
N LYS A 326 23.50 -21.04 -38.50
CA LYS A 326 22.51 -21.08 -37.43
C LYS A 326 23.18 -20.59 -36.15
N LEU A 327 23.30 -19.27 -36.05
CA LEU A 327 24.06 -18.66 -34.97
C LEU A 327 23.51 -19.02 -33.60
N GLU A 328 22.20 -19.21 -33.51
CA GLU A 328 21.57 -19.57 -32.25
C GLU A 328 21.75 -21.04 -31.91
N GLU A 329 22.47 -21.80 -32.73
CA GLU A 329 22.69 -23.22 -32.49
C GLU A 329 24.17 -23.55 -32.35
N LEU A 330 25.03 -22.54 -32.25
CA LEU A 330 26.44 -22.77 -31.99
C LEU A 330 26.67 -22.93 -30.50
N ILE A 331 27.83 -23.45 -30.15
CA ILE A 331 28.06 -24.08 -28.85
C ILE A 331 29.37 -23.56 -28.28
N ASN A 332 29.30 -22.99 -27.08
CA ASN A 332 30.50 -22.64 -26.34
C ASN A 332 31.14 -23.88 -25.72
N LYS A 333 32.32 -23.68 -25.14
CA LYS A 333 33.10 -24.82 -24.66
C LYS A 333 32.38 -25.53 -23.52
N LYS A 334 31.53 -24.83 -22.79
CA LYS A 334 30.73 -25.47 -21.75
C LYS A 334 29.50 -26.17 -22.29
N GLY A 335 29.22 -26.03 -23.58
CA GLY A 335 28.13 -26.75 -24.20
C GLY A 335 26.90 -25.90 -24.44
N LEU A 336 26.78 -24.81 -23.70
CA LEU A 336 25.54 -24.05 -23.69
C LEU A 336 25.41 -23.19 -24.93
N THR A 337 24.25 -23.29 -25.56
CA THR A 337 23.83 -22.41 -26.65
C THR A 337 23.46 -21.07 -26.04
N PRO A 338 23.23 -20.04 -26.84
CA PRO A 338 22.93 -18.72 -26.26
C PRO A 338 21.71 -18.73 -25.39
N LEU A 339 20.63 -19.32 -25.91
CA LEU A 339 19.43 -19.48 -25.14
C LEU A 339 19.70 -20.25 -23.86
N ALA A 340 20.50 -21.31 -23.96
CA ALA A 340 20.87 -22.08 -22.79
C ALA A 340 21.61 -21.22 -21.79
N LEU A 341 22.50 -20.38 -22.28
CA LEU A 341 23.23 -19.48 -21.40
C LEU A 341 22.29 -18.48 -20.78
N ALA A 342 21.33 -18.00 -21.56
CA ALA A 342 20.40 -17.01 -21.08
C ALA A 342 19.57 -17.56 -19.94
N ALA A 343 19.04 -18.75 -20.13
CA ALA A 343 18.24 -19.38 -19.10
C ALA A 343 19.11 -19.78 -17.92
N SER A 344 20.31 -20.26 -18.21
CA SER A 344 21.22 -20.70 -17.17
C SER A 344 21.58 -19.56 -16.23
N SER A 345 22.23 -18.54 -16.77
CA SER A 345 22.62 -17.41 -15.93
C SER A 345 21.41 -16.62 -15.46
N GLY A 346 20.25 -16.82 -16.09
CA GLY A 346 19.03 -16.22 -15.61
C GLY A 346 18.81 -14.81 -16.10
N LYS A 347 18.76 -14.66 -17.41
CA LYS A 347 18.59 -13.37 -18.07
C LYS A 347 17.16 -13.29 -18.63
N ILE A 348 16.24 -12.81 -17.80
CA ILE A 348 14.81 -12.96 -18.10
C ILE A 348 14.44 -12.18 -19.34
N GLY A 349 14.99 -10.98 -19.49
CA GLY A 349 14.54 -10.10 -20.53
C GLY A 349 14.96 -10.65 -21.88
N VAL A 350 16.17 -11.19 -21.89
CA VAL A 350 16.68 -11.85 -23.07
C VAL A 350 15.90 -13.11 -23.35
N LEU A 351 15.52 -13.83 -22.30
CA LEU A 351 14.83 -15.08 -22.49
C LEU A 351 13.44 -14.86 -23.04
N ALA A 352 12.84 -13.72 -22.69
CA ALA A 352 11.58 -13.35 -23.29
C ALA A 352 11.77 -13.23 -24.79
N TYR A 353 12.71 -12.37 -25.19
CA TYR A 353 12.86 -12.02 -26.58
C TYR A 353 13.17 -13.24 -27.43
N ILE A 354 14.06 -14.11 -26.96
CA ILE A 354 14.52 -15.22 -27.78
C ILE A 354 13.38 -16.17 -28.07
N LEU A 355 12.38 -16.21 -27.21
CA LEU A 355 11.29 -17.16 -27.39
C LEU A 355 10.13 -16.54 -28.14
N GLN A 356 9.66 -15.38 -27.69
CA GLN A 356 8.50 -14.75 -28.29
C GLN A 356 8.89 -13.61 -29.21
N ARG A 357 9.99 -13.77 -29.94
CA ARG A 357 10.33 -12.83 -30.99
C ARG A 357 9.26 -12.86 -32.07
N GLU A 358 9.34 -11.90 -32.99
CA GLU A 358 8.60 -11.98 -34.24
C GLU A 358 9.23 -11.03 -35.23
N ILE A 359 9.84 -11.58 -36.26
CA ILE A 359 10.48 -10.82 -37.33
C ILE A 359 9.49 -10.72 -38.48
N GLN A 360 8.87 -9.57 -38.64
CA GLN A 360 8.00 -9.33 -39.78
C GLN A 360 8.77 -9.24 -41.09
N GLU A 361 10.06 -8.92 -41.04
CA GLU A 361 10.81 -8.61 -42.23
C GLU A 361 10.93 -9.85 -43.12
N PRO A 362 10.58 -9.77 -44.41
CA PRO A 362 10.74 -10.95 -45.26
C PRO A 362 12.21 -11.27 -45.46
N GLU A 363 12.45 -12.48 -45.98
CA GLU A 363 13.77 -13.05 -46.24
C GLU A 363 14.47 -13.48 -44.96
N CYS A 364 13.91 -13.15 -43.79
CA CYS A 364 14.51 -13.47 -42.52
C CYS A 364 13.40 -13.82 -41.52
N ARG A 365 12.35 -14.46 -42.03
CA ARG A 365 11.23 -14.90 -41.21
C ARG A 365 11.47 -16.25 -40.57
N HIS A 366 12.31 -17.09 -41.17
CA HIS A 366 12.63 -18.40 -40.62
C HIS A 366 13.16 -18.32 -39.20
N LEU A 367 13.80 -17.21 -38.84
CA LEU A 367 14.36 -17.08 -37.50
C LEU A 367 13.31 -16.89 -36.43
N SER A 368 12.16 -16.34 -36.80
CA SER A 368 11.15 -16.06 -35.80
C SER A 368 10.67 -17.34 -35.14
N ARG A 369 10.07 -17.18 -33.97
CA ARG A 369 9.43 -18.27 -33.25
C ARG A 369 7.94 -18.04 -33.05
N LYS A 370 7.55 -16.90 -32.50
CA LYS A 370 6.14 -16.63 -32.27
C LYS A 370 5.48 -16.31 -33.60
N PHE A 371 5.16 -17.36 -34.32
CA PHE A 371 4.40 -17.21 -35.54
C PHE A 371 2.92 -17.11 -35.22
N THR A 372 2.19 -16.55 -36.16
CA THR A 372 0.75 -16.43 -36.09
C THR A 372 0.13 -17.19 -37.25
N GLU A 373 -0.61 -18.23 -36.90
CA GLU A 373 -1.49 -18.91 -37.84
C GLU A 373 -2.79 -18.14 -37.83
N TRP A 374 -3.88 -18.78 -38.25
CA TRP A 374 -5.20 -18.20 -38.43
C TRP A 374 -5.54 -17.10 -37.45
N ALA A 375 -6.00 -15.99 -38.01
CA ALA A 375 -6.35 -14.80 -37.24
C ALA A 375 -7.64 -14.26 -37.83
N TYR A 376 -8.76 -14.70 -37.29
CA TYR A 376 -10.08 -14.28 -37.75
C TYR A 376 -10.42 -13.00 -37.00
N GLY A 377 -9.91 -11.89 -37.49
CA GLY A 377 -10.20 -10.60 -36.92
C GLY A 377 -9.53 -10.42 -35.56
N PRO A 378 -10.32 -10.24 -34.49
CA PRO A 378 -9.69 -9.94 -33.21
C PRO A 378 -8.87 -11.08 -32.66
N VAL A 379 -9.21 -12.31 -33.03
CA VAL A 379 -8.56 -13.51 -32.56
C VAL A 379 -7.32 -13.74 -33.41
N HIS A 380 -6.30 -14.33 -32.79
CA HIS A 380 -5.12 -14.79 -33.50
C HIS A 380 -4.46 -15.90 -32.70
N SER A 381 -4.17 -16.99 -33.39
CA SER A 381 -3.61 -18.19 -32.79
C SER A 381 -2.13 -18.24 -33.12
N SER A 382 -1.31 -18.40 -32.09
CA SER A 382 0.13 -18.30 -32.22
C SER A 382 0.80 -19.66 -31.96
N LEU A 383 2.04 -19.79 -32.45
CA LEU A 383 2.75 -21.07 -32.53
C LEU A 383 4.16 -20.95 -31.93
N TYR A 384 4.23 -20.57 -30.66
CA TYR A 384 5.49 -20.54 -29.93
C TYR A 384 6.32 -21.79 -30.19
N ASP A 385 7.47 -21.60 -30.84
CA ASP A 385 8.33 -22.71 -31.22
C ASP A 385 8.90 -23.38 -29.98
N LEU A 386 9.40 -24.60 -30.18
CA LEU A 386 9.73 -25.49 -29.07
C LEU A 386 11.09 -26.17 -29.23
N SER A 387 11.83 -25.86 -30.30
CA SER A 387 12.95 -26.67 -30.75
C SER A 387 13.98 -26.99 -29.68
N CYS A 388 14.24 -26.04 -28.79
CA CYS A 388 15.31 -26.17 -27.81
C CYS A 388 14.82 -25.92 -26.39
N ILE A 389 13.53 -26.11 -26.14
CA ILE A 389 12.94 -25.84 -24.84
C ILE A 389 12.04 -26.98 -24.37
N ASP A 390 12.15 -28.14 -25.00
CA ASP A 390 11.45 -29.34 -24.57
C ASP A 390 12.49 -30.40 -24.26
N THR A 391 12.10 -31.36 -23.42
CA THR A 391 13.05 -32.34 -22.92
C THR A 391 13.39 -33.38 -23.97
N CYS A 392 13.98 -32.94 -25.07
CA CYS A 392 14.44 -33.81 -26.14
C CYS A 392 15.90 -33.51 -26.42
N GLU A 393 16.26 -32.23 -26.38
CA GLU A 393 17.64 -31.83 -26.54
C GLU A 393 18.39 -31.93 -25.22
N LYS A 394 19.71 -31.83 -25.32
CA LYS A 394 20.59 -31.93 -24.17
C LYS A 394 20.35 -30.80 -23.19
N ASN A 395 20.58 -29.56 -23.64
CA ASN A 395 20.52 -28.39 -22.77
C ASN A 395 19.25 -27.59 -23.06
N SER A 396 18.13 -28.26 -22.88
CA SER A 396 16.86 -27.57 -22.95
C SER A 396 16.74 -26.61 -21.78
N VAL A 397 16.14 -25.45 -22.03
CA VAL A 397 16.05 -24.41 -21.01
C VAL A 397 15.33 -24.93 -19.79
N LEU A 398 14.26 -25.68 -20.03
CA LEU A 398 13.41 -26.11 -18.95
C LEU A 398 14.12 -27.15 -18.10
N GLU A 399 15.04 -27.89 -18.72
CA GLU A 399 15.93 -28.75 -17.97
C GLU A 399 16.96 -27.94 -17.21
N VAL A 400 17.31 -26.77 -17.74
CA VAL A 400 18.33 -25.93 -17.10
C VAL A 400 17.71 -25.10 -16.00
N ILE A 401 16.56 -24.50 -16.27
CA ILE A 401 15.99 -23.51 -15.36
C ILE A 401 15.67 -24.14 -14.02
N ALA A 402 15.13 -25.34 -14.05
CA ALA A 402 14.68 -25.97 -12.83
C ALA A 402 15.83 -26.59 -12.05
N TYR A 403 16.67 -27.37 -12.71
CA TYR A 403 17.73 -28.10 -12.05
C TYR A 403 18.94 -27.26 -11.71
N SER A 404 18.97 -26.00 -12.12
CA SER A 404 20.15 -25.20 -11.87
C SER A 404 20.19 -24.75 -10.42
N SER A 405 21.34 -24.21 -10.04
CA SER A 405 21.57 -23.71 -8.70
C SER A 405 20.58 -22.60 -8.38
N SER A 406 20.42 -22.35 -7.10
CA SER A 406 19.69 -21.17 -6.64
C SER A 406 20.51 -19.90 -6.80
N GLU A 407 21.79 -20.01 -7.13
CA GLU A 407 22.62 -18.85 -7.42
C GLU A 407 22.20 -18.14 -8.70
N THR A 408 21.42 -18.79 -9.55
CA THR A 408 20.93 -18.17 -10.76
C THR A 408 19.75 -17.29 -10.40
N PRO A 409 19.84 -15.97 -10.48
CA PRO A 409 18.69 -15.15 -10.08
C PRO A 409 17.52 -15.37 -11.01
N ASN A 410 16.33 -15.19 -10.46
CA ASN A 410 15.11 -15.26 -11.23
C ASN A 410 14.91 -16.61 -11.88
N ARG A 411 15.14 -17.70 -11.14
CA ARG A 411 14.67 -19.01 -11.58
C ARG A 411 13.17 -18.95 -11.80
N HIS A 412 12.47 -18.27 -10.90
CA HIS A 412 11.02 -18.30 -10.89
C HIS A 412 10.46 -17.50 -12.04
N ASP A 413 10.87 -16.23 -12.13
CA ASP A 413 10.27 -15.33 -13.11
C ASP A 413 10.53 -15.74 -14.55
N MET A 414 11.54 -16.56 -14.81
CA MET A 414 11.72 -17.08 -16.17
C MET A 414 10.55 -17.94 -16.57
N LEU A 415 10.09 -18.79 -15.65
CA LEU A 415 9.01 -19.72 -15.96
C LEU A 415 7.65 -19.04 -16.03
N LEU A 416 7.61 -17.72 -15.86
CA LEU A 416 6.39 -16.95 -16.06
C LEU A 416 6.36 -16.27 -17.42
N VAL A 417 7.33 -16.54 -18.27
CA VAL A 417 7.26 -16.13 -19.66
C VAL A 417 6.11 -16.91 -20.30
N GLU A 418 5.60 -16.41 -21.42
CA GLU A 418 4.31 -16.84 -21.95
C GLU A 418 4.27 -18.32 -22.30
N PRO A 419 5.15 -18.83 -23.17
CA PRO A 419 5.02 -20.25 -23.54
C PRO A 419 5.33 -21.19 -22.41
N LEU A 420 6.45 -20.99 -21.72
CA LEU A 420 6.89 -21.94 -20.70
C LEU A 420 5.86 -22.11 -19.61
N ASN A 421 5.18 -21.02 -19.24
CA ASN A 421 4.16 -21.12 -18.22
C ASN A 421 3.03 -22.02 -18.67
N ARG A 422 2.40 -21.69 -19.80
CA ARG A 422 1.31 -22.52 -20.29
C ARG A 422 1.82 -23.87 -20.75
N LEU A 423 3.10 -23.98 -21.09
CA LEU A 423 3.65 -25.25 -21.54
C LEU A 423 3.54 -26.30 -20.46
N LEU A 424 3.81 -25.91 -19.23
CA LEU A 424 3.84 -26.86 -18.13
C LEU A 424 2.42 -27.27 -17.74
N GLN A 425 1.56 -26.29 -17.53
CA GLN A 425 0.22 -26.56 -17.02
C GLN A 425 -0.55 -27.48 -17.93
N ASP A 426 -0.21 -27.46 -19.22
CA ASP A 426 -0.86 -28.40 -20.11
C ASP A 426 -0.33 -29.81 -19.89
N LYS A 427 0.98 -29.99 -19.92
CA LYS A 427 1.51 -31.31 -19.66
C LYS A 427 1.36 -31.71 -18.20
N TRP A 428 0.89 -30.80 -17.35
CA TRP A 428 0.31 -31.22 -16.09
C TRP A 428 -1.08 -31.79 -16.33
N ASP A 429 -1.90 -31.05 -17.08
CA ASP A 429 -3.28 -31.43 -17.32
C ASP A 429 -3.38 -32.65 -18.24
N ARG A 430 -2.27 -33.09 -18.80
CA ARG A 430 -2.21 -34.35 -19.50
C ARG A 430 -0.90 -35.06 -19.19
N PHE A 431 -1.01 -36.35 -18.93
CA PHE A 431 0.06 -37.32 -18.70
C PHE A 431 1.08 -37.00 -17.62
N VAL A 432 0.76 -36.13 -16.67
CA VAL A 432 1.54 -35.98 -15.45
C VAL A 432 0.67 -36.01 -14.21
N LYS A 433 -0.43 -35.26 -14.23
CA LYS A 433 -1.38 -35.26 -13.11
C LYS A 433 -1.83 -36.66 -12.76
N ARG A 434 -1.94 -37.54 -13.76
CA ARG A 434 -2.32 -38.92 -13.48
C ARG A 434 -1.20 -39.65 -12.77
N ILE A 435 0.01 -39.59 -13.33
CA ILE A 435 1.14 -40.30 -12.76
C ILE A 435 1.46 -39.76 -11.37
N PHE A 436 1.27 -38.46 -11.19
CA PHE A 436 1.57 -37.85 -9.91
C PHE A 436 0.64 -38.35 -8.83
N TYR A 437 -0.67 -38.20 -9.04
CA TYR A 437 -1.65 -38.73 -8.10
C TYR A 437 -1.46 -40.22 -7.86
N PHE A 438 -0.99 -40.95 -8.86
CA PHE A 438 -0.75 -42.38 -8.66
C PHE A 438 0.34 -42.59 -7.65
N ASN A 439 1.39 -41.77 -7.72
CA ASN A 439 2.45 -41.88 -6.72
C ASN A 439 1.92 -41.50 -5.35
N PHE A 440 1.05 -40.49 -5.31
CA PHE A 440 0.45 -40.08 -4.04
C PHE A 440 -0.35 -41.21 -3.42
N PHE A 441 -1.02 -41.98 -4.25
CA PHE A 441 -1.75 -43.14 -3.76
C PHE A 441 -0.79 -44.13 -3.15
N VAL A 442 0.28 -44.46 -3.87
CA VAL A 442 1.18 -45.50 -3.42
C VAL A 442 1.90 -45.07 -2.15
N TYR A 443 2.32 -43.82 -2.07
CA TYR A 443 3.04 -43.39 -0.89
C TYR A 443 2.14 -43.43 0.34
N CYS A 444 0.84 -43.16 0.15
CA CYS A 444 -0.08 -43.36 1.25
C CYS A 444 -0.13 -44.83 1.66
N LEU A 445 -0.19 -45.72 0.68
CA LEU A 445 -0.27 -47.15 1.00
C LEU A 445 1.02 -47.63 1.62
N TYR A 446 2.13 -46.97 1.34
CA TYR A 446 3.37 -47.29 2.01
C TYR A 446 3.24 -47.03 3.50
N MET A 447 2.80 -45.83 3.85
CA MET A 447 2.86 -45.39 5.23
C MET A 447 1.76 -46.02 6.06
N ILE A 448 0.61 -46.32 5.45
CA ILE A 448 -0.43 -47.03 6.18
C ILE A 448 0.04 -48.42 6.54
N VAL A 449 0.87 -49.01 5.69
CA VAL A 449 1.46 -50.31 6.00
C VAL A 449 2.56 -50.13 7.03
N PHE A 450 3.41 -49.14 6.82
CA PHE A 450 4.52 -48.87 7.72
C PHE A 450 4.02 -48.61 9.13
N THR A 451 3.09 -47.68 9.25
CA THR A 451 2.40 -47.46 10.51
C THR A 451 1.83 -48.75 11.07
N THR A 452 1.23 -49.56 10.21
CA THR A 452 0.57 -50.77 10.68
C THR A 452 1.57 -51.76 11.24
N ALA A 453 2.76 -51.81 10.65
CA ALA A 453 3.81 -52.67 11.17
C ALA A 453 4.20 -52.22 12.56
N ALA A 454 4.26 -50.92 12.73
CA ALA A 454 4.72 -50.33 13.97
C ALA A 454 3.77 -50.59 15.11
N TYR A 455 2.54 -50.09 14.97
CA TYR A 455 1.53 -50.14 16.01
C TYR A 455 1.25 -51.56 16.49
N TYR A 456 1.56 -52.54 15.65
CA TYR A 456 1.53 -53.95 16.03
C TYR A 456 2.93 -54.54 16.08
N ARG A 457 3.93 -53.74 16.45
CA ARG A 457 5.26 -54.30 16.59
C ARG A 457 5.30 -55.24 17.78
N PRO A 458 6.16 -56.26 17.77
CA PRO A 458 6.29 -57.11 18.95
C PRO A 458 6.98 -56.37 20.08
N VAL A 459 6.32 -56.38 21.24
CA VAL A 459 6.92 -55.89 22.48
C VAL A 459 7.26 -57.10 23.33
N ASP A 460 8.49 -57.57 23.18
CA ASP A 460 8.98 -58.80 23.82
C ASP A 460 10.44 -58.54 24.09
N GLY A 461 11.26 -59.56 24.26
CA GLY A 461 12.69 -59.38 24.46
C GLY A 461 13.37 -58.79 23.25
N LEU A 462 14.62 -59.15 23.08
CA LEU A 462 15.52 -58.59 22.09
C LEU A 462 14.95 -58.72 20.68
N PRO A 463 15.52 -58.04 19.68
CA PRO A 463 14.71 -57.67 18.49
C PRO A 463 14.80 -58.60 17.28
N PRO A 464 15.36 -59.82 17.33
CA PRO A 464 15.21 -60.64 16.10
C PRO A 464 13.81 -61.17 15.91
N TYR A 465 13.16 -61.60 17.00
CA TYR A 465 11.71 -61.79 17.13
C TYR A 465 11.09 -63.01 16.45
N LYS A 466 11.87 -63.83 15.72
CA LYS A 466 11.57 -65.26 15.59
C LYS A 466 10.14 -65.61 15.23
N LEU A 467 9.74 -65.37 13.97
CA LEU A 467 8.35 -65.37 13.49
C LEU A 467 7.54 -66.53 14.08
N LYS A 468 6.53 -66.18 14.86
CA LYS A 468 5.54 -67.15 15.32
C LYS A 468 4.36 -67.16 14.36
N ASN A 469 3.74 -68.33 14.21
CA ASN A 469 2.78 -68.54 13.16
C ASN A 469 1.40 -68.05 13.57
N THR A 470 0.92 -67.03 12.85
CA THR A 470 -0.42 -66.48 13.01
C THR A 470 -0.67 -65.48 11.90
N VAL A 471 -1.92 -65.40 11.44
CA VAL A 471 -2.33 -64.55 10.31
C VAL A 471 -1.80 -63.14 10.50
N GLY A 472 -1.83 -62.65 11.73
CA GLY A 472 -1.27 -61.35 12.05
C GLY A 472 0.20 -61.29 11.73
N ASP A 473 0.96 -62.29 12.18
CA ASP A 473 2.41 -62.22 12.08
C ASP A 473 2.91 -62.54 10.69
N TYR A 474 2.14 -63.29 9.90
CA TYR A 474 2.48 -63.42 8.49
C TYR A 474 2.35 -62.09 7.79
N PHE A 475 1.31 -61.33 8.11
CA PHE A 475 1.12 -60.02 7.51
C PHE A 475 1.96 -58.97 8.21
N ARG A 476 2.34 -59.20 9.46
CA ARG A 476 3.23 -58.27 10.15
C ARG A 476 4.58 -58.21 9.44
N VAL A 477 5.21 -59.36 9.24
CA VAL A 477 6.50 -59.41 8.59
C VAL A 477 6.41 -58.90 7.17
N THR A 478 5.26 -59.12 6.52
CA THR A 478 5.02 -58.52 5.22
C THR A 478 5.07 -57.01 5.31
N GLY A 479 4.54 -56.45 6.39
CA GLY A 479 4.56 -55.02 6.59
C GLY A 479 5.97 -54.52 6.77
N GLU A 480 6.80 -55.30 7.45
CA GLU A 480 8.20 -54.94 7.65
C GLU A 480 8.92 -54.89 6.31
N ILE A 481 8.77 -55.94 5.51
CA ILE A 481 9.54 -56.09 4.29
C ILE A 481 9.19 -54.99 3.31
N LEU A 482 7.89 -54.76 3.09
CA LEU A 482 7.45 -53.72 2.18
C LEU A 482 7.93 -52.36 2.63
N SER A 483 7.97 -52.14 3.95
CA SER A 483 8.47 -50.89 4.48
C SER A 483 9.94 -50.70 4.14
N VAL A 484 10.76 -51.70 4.46
CA VAL A 484 12.19 -51.62 4.19
C VAL A 484 12.43 -51.55 2.69
N SER A 485 11.79 -52.42 1.93
CA SER A 485 12.03 -52.48 0.50
C SER A 485 11.59 -51.19 -0.18
N GLY A 486 10.65 -50.47 0.43
CA GLY A 486 10.30 -49.16 -0.07
C GLY A 486 11.18 -48.07 0.51
N GLY A 487 11.62 -48.24 1.75
CA GLY A 487 12.51 -47.26 2.33
C GLY A 487 13.82 -47.18 1.57
N VAL A 488 14.35 -48.34 1.17
CA VAL A 488 15.57 -48.36 0.39
C VAL A 488 15.35 -47.72 -0.97
N TYR A 489 14.11 -47.68 -1.46
CA TYR A 489 13.86 -47.06 -2.74
C TYR A 489 14.11 -45.57 -2.69
N PHE A 490 13.68 -44.93 -1.60
CA PHE A 490 13.95 -43.51 -1.43
C PHE A 490 15.44 -43.25 -1.33
N PHE A 491 16.16 -44.17 -0.69
CA PHE A 491 17.60 -44.05 -0.56
C PHE A 491 18.26 -44.02 -1.93
N LEU A 492 18.05 -45.07 -2.72
CA LEU A 492 18.69 -45.18 -4.02
C LEU A 492 18.31 -44.01 -4.92
N ARG A 493 17.03 -43.67 -4.93
CA ARG A 493 16.59 -42.52 -5.70
C ARG A 493 17.15 -41.23 -5.10
N GLY A 494 17.45 -41.25 -3.80
CA GLY A 494 18.14 -40.12 -3.21
C GLY A 494 19.60 -40.08 -3.62
N ILE A 495 20.27 -41.23 -3.62
CA ILE A 495 21.65 -41.28 -4.09
C ILE A 495 21.73 -40.81 -5.53
N GLN A 496 20.72 -41.17 -6.32
CA GLN A 496 20.68 -40.75 -7.71
C GLN A 496 20.58 -39.23 -7.81
N TYR A 497 20.11 -38.59 -6.75
CA TYR A 497 19.97 -37.13 -6.78
C TYR A 497 21.24 -36.44 -6.30
N PHE A 498 21.90 -36.98 -5.28
CA PHE A 498 23.00 -36.26 -4.65
C PHE A 498 24.33 -36.39 -5.38
N LEU A 499 24.87 -37.61 -5.43
CA LEU A 499 26.20 -37.83 -6.00
C LEU A 499 26.05 -38.45 -7.38
N GLN A 500 25.00 -38.01 -8.09
CA GLN A 500 24.70 -38.43 -9.45
C GLN A 500 24.00 -37.21 -10.06
N ARG A 501 23.16 -37.41 -11.08
CA ARG A 501 22.42 -36.34 -11.74
C ARG A 501 21.94 -35.27 -10.76
N ARG A 502 22.14 -34.02 -11.16
CA ARG A 502 22.06 -32.86 -10.28
C ARG A 502 23.03 -33.02 -9.12
N PRO A 503 24.33 -33.06 -9.37
CA PRO A 503 25.27 -33.09 -8.26
C PRO A 503 25.28 -31.78 -7.51
N SER A 504 24.71 -31.78 -6.31
CA SER A 504 24.50 -30.57 -5.55
C SER A 504 25.59 -30.38 -4.49
N MET A 505 25.76 -29.12 -4.10
CA MET A 505 26.68 -28.69 -3.07
C MET A 505 25.90 -28.40 -1.78
N LYS A 506 26.59 -27.85 -0.78
CA LYS A 506 26.02 -27.80 0.57
C LYS A 506 24.87 -26.81 0.64
N THR A 507 25.05 -25.60 0.11
CA THR A 507 23.94 -24.66 0.07
C THR A 507 22.83 -25.15 -0.85
N LEU A 508 23.15 -26.05 -1.78
CA LEU A 508 22.15 -26.56 -2.70
C LEU A 508 21.36 -27.71 -2.08
N PHE A 509 21.96 -28.41 -1.12
CA PHE A 509 21.22 -29.45 -0.39
C PHE A 509 20.02 -28.85 0.30
N VAL A 510 20.21 -27.71 0.96
CA VAL A 510 19.15 -27.14 1.79
C VAL A 510 18.13 -26.41 0.93
N ASP A 511 18.57 -25.86 -0.21
CA ASP A 511 17.64 -25.30 -1.16
C ASP A 511 16.71 -26.37 -1.71
N SER A 512 17.28 -27.48 -2.16
CA SER A 512 16.50 -28.66 -2.52
C SER A 512 16.02 -29.35 -1.25
N TYR A 513 15.09 -28.70 -0.54
CA TYR A 513 14.69 -29.15 0.80
C TYR A 513 14.07 -30.53 0.79
N SER A 514 13.14 -30.83 -0.09
CA SER A 514 12.38 -32.05 0.05
C SER A 514 13.26 -33.29 -0.05
N GLU A 515 14.12 -33.32 -1.05
CA GLU A 515 14.77 -34.57 -1.38
C GLU A 515 15.77 -34.98 -0.31
N MET A 516 16.18 -34.04 0.53
CA MET A 516 16.81 -34.43 1.78
C MET A 516 15.84 -35.26 2.62
N LEU A 517 14.67 -34.69 2.90
CA LEU A 517 13.76 -35.29 3.87
C LEU A 517 13.38 -36.70 3.48
N PHE A 518 13.13 -36.94 2.20
CA PHE A 518 12.84 -38.30 1.77
C PHE A 518 14.10 -39.14 1.83
N PHE A 519 15.27 -38.51 1.69
CA PHE A 519 16.50 -39.26 1.89
C PHE A 519 16.75 -39.50 3.37
N VAL A 520 16.50 -38.49 4.18
CA VAL A 520 16.71 -38.61 5.62
C VAL A 520 15.78 -39.65 6.20
N GLN A 521 14.58 -39.75 5.65
CA GLN A 521 13.64 -40.78 6.07
C GLN A 521 14.25 -42.16 5.89
N SER A 522 14.84 -42.40 4.73
CA SER A 522 15.36 -43.72 4.44
C SER A 522 16.58 -44.02 5.29
N LEU A 523 17.27 -42.99 5.76
CA LEU A 523 18.44 -43.21 6.60
C LEU A 523 18.03 -43.82 7.92
N PHE A 524 17.11 -43.16 8.62
CA PHE A 524 16.58 -43.72 9.85
C PHE A 524 16.02 -45.11 9.61
N MET A 525 15.28 -45.25 8.51
CA MET A 525 14.68 -46.54 8.20
C MET A 525 15.74 -47.60 7.96
N LEU A 526 16.69 -47.31 7.08
CA LEU A 526 17.82 -48.20 6.89
C LEU A 526 18.75 -48.19 8.08
N GLY A 527 18.62 -47.20 8.96
CA GLY A 527 19.27 -47.29 10.25
C GLY A 527 18.56 -48.29 11.15
N SER A 528 17.24 -48.26 11.13
CA SER A 528 16.46 -49.10 12.02
C SER A 528 16.72 -50.57 11.76
N VAL A 529 16.72 -50.95 10.48
CA VAL A 529 16.84 -52.36 10.11
C VAL A 529 18.16 -52.94 10.59
N VAL A 530 19.20 -52.12 10.64
CA VAL A 530 20.48 -52.58 11.15
C VAL A 530 20.33 -53.02 12.59
N LEU A 531 19.73 -52.15 13.41
CA LEU A 531 19.60 -52.43 14.83
C LEU A 531 18.70 -53.63 15.06
N TYR A 532 17.69 -53.80 14.21
CA TYR A 532 16.75 -54.90 14.34
C TYR A 532 17.45 -56.24 14.23
N PHE A 533 18.48 -56.30 13.39
CA PHE A 533 19.27 -57.51 13.24
C PHE A 533 20.56 -57.48 14.04
N SER A 534 20.94 -56.34 14.60
CA SER A 534 22.07 -56.26 15.51
C SER A 534 21.68 -56.52 16.95
N HIS A 535 20.48 -57.07 17.19
CA HIS A 535 20.05 -57.48 18.51
C HIS A 535 19.95 -56.33 19.50
N ARG A 536 19.90 -55.09 19.00
CA ARG A 536 19.76 -53.91 19.84
C ARG A 536 18.36 -53.32 19.74
N LYS A 537 17.81 -52.96 20.88
CA LYS A 537 16.42 -52.55 21.01
C LYS A 537 16.09 -51.26 20.28
N GLU A 538 17.08 -50.49 19.88
CA GLU A 538 16.88 -49.15 19.38
C GLU A 538 16.30 -49.08 17.97
N TYR A 539 15.85 -50.21 17.41
CA TYR A 539 15.16 -50.15 16.12
C TYR A 539 13.94 -49.25 16.20
N VAL A 540 13.30 -49.23 17.36
CA VAL A 540 12.05 -48.50 17.50
C VAL A 540 12.31 -47.01 17.37
N ALA A 541 13.43 -46.55 17.90
CA ALA A 541 13.71 -45.12 17.86
C ALA A 541 13.87 -44.66 16.43
N SER A 542 14.77 -45.31 15.70
CA SER A 542 15.01 -44.95 14.31
C SER A 542 13.72 -45.07 13.50
N MET A 543 12.92 -46.08 13.77
CA MET A 543 11.70 -46.26 13.02
C MET A 543 10.74 -45.11 13.25
N VAL A 544 10.69 -44.61 14.47
CA VAL A 544 9.70 -43.62 14.83
C VAL A 544 10.01 -42.29 14.16
N PHE A 545 11.27 -41.85 14.26
CA PHE A 545 11.67 -40.65 13.55
C PHE A 545 11.40 -40.79 12.06
N SER A 546 11.59 -41.98 11.52
CA SER A 546 11.36 -42.19 10.10
C SER A 546 9.88 -42.04 9.78
N LEU A 547 9.04 -42.59 10.64
CA LEU A 547 7.61 -42.44 10.49
C LEU A 547 7.22 -40.98 10.47
N ALA A 548 7.66 -40.23 11.47
CA ALA A 548 7.14 -38.89 11.70
C ALA A 548 7.48 -37.98 10.54
N MET A 549 8.69 -38.09 10.01
CA MET A 549 8.98 -37.45 8.76
C MET A 549 8.09 -37.99 7.66
N GLY A 550 7.82 -39.29 7.67
CA GLY A 550 7.14 -39.92 6.57
C GLY A 550 5.72 -39.42 6.37
N TRP A 551 4.96 -39.29 7.46
CA TRP A 551 3.66 -38.65 7.34
C TRP A 551 3.82 -37.17 7.06
N THR A 552 4.70 -36.51 7.80
CA THR A 552 5.09 -35.16 7.48
C THR A 552 5.60 -35.04 6.06
N ASN A 553 6.18 -36.09 5.52
CA ASN A 553 6.62 -36.08 4.14
C ASN A 553 5.48 -36.16 3.15
N MET A 554 4.35 -36.74 3.54
CA MET A 554 3.19 -36.78 2.65
C MET A 554 2.69 -35.38 2.36
N LEU A 555 3.06 -34.41 3.20
CA LEU A 555 2.84 -33.00 2.93
C LEU A 555 3.50 -32.61 1.62
N TYR A 556 4.54 -33.33 1.22
CA TYR A 556 5.26 -32.99 0.00
C TYR A 556 4.40 -33.07 -1.22
N TYR A 557 3.58 -34.11 -1.33
CA TYR A 557 2.71 -34.25 -2.49
C TYR A 557 1.47 -33.37 -2.38
N THR A 558 1.69 -32.11 -2.08
CA THR A 558 0.81 -31.03 -2.44
C THR A 558 1.50 -30.12 -3.44
N ARG A 559 2.43 -30.67 -4.22
CA ARG A 559 2.95 -29.95 -5.37
C ARG A 559 1.89 -29.89 -6.47
N GLY A 560 0.98 -30.84 -6.47
CA GLY A 560 -0.32 -30.59 -7.07
C GLY A 560 -1.13 -29.66 -6.20
N PHE A 561 -2.39 -29.47 -6.57
CA PHE A 561 -3.33 -28.81 -5.66
C PHE A 561 -2.90 -27.41 -5.26
N GLN A 562 -2.95 -26.47 -6.20
CA GLN A 562 -2.33 -25.14 -6.09
C GLN A 562 -2.46 -24.50 -4.71
N GLN A 563 -3.70 -24.29 -4.25
CA GLN A 563 -3.90 -23.46 -3.06
C GLN A 563 -3.26 -24.07 -1.82
N MET A 564 -2.98 -25.37 -1.85
CA MET A 564 -2.26 -26.00 -0.74
C MET A 564 -0.77 -26.02 -0.99
N GLY A 565 -0.35 -26.13 -2.25
CA GLY A 565 1.06 -26.09 -2.56
C GLY A 565 1.68 -24.78 -2.14
N ILE A 566 0.90 -23.70 -2.20
CA ILE A 566 1.38 -22.42 -1.71
C ILE A 566 1.62 -22.50 -0.23
N TYR A 567 0.83 -23.30 0.48
CA TYR A 567 0.91 -23.32 1.93
C TYR A 567 2.01 -24.23 2.42
N ALA A 568 2.38 -25.23 1.62
CA ALA A 568 3.53 -26.04 1.98
C ALA A 568 4.81 -25.25 1.81
N VAL A 569 4.89 -24.48 0.72
CA VAL A 569 6.12 -23.79 0.40
C VAL A 569 6.45 -22.76 1.46
N MET A 570 5.45 -22.14 2.06
CA MET A 570 5.71 -21.25 3.18
C MET A 570 6.49 -21.96 4.27
N ILE A 571 6.01 -23.14 4.66
CA ILE A 571 6.66 -23.91 5.71
C ILE A 571 8.10 -24.21 5.34
N GLU A 572 8.35 -24.42 4.06
CA GLU A 572 9.70 -24.63 3.60
C GLU A 572 10.54 -23.36 3.72
N LYS A 573 9.90 -22.20 3.88
CA LYS A 573 10.62 -20.93 3.86
C LYS A 573 10.63 -20.23 5.20
N MET A 574 10.14 -20.87 6.27
CA MET A 574 10.53 -20.44 7.61
C MET A 574 11.56 -21.39 8.20
N ILE A 575 11.44 -22.67 7.89
CA ILE A 575 12.31 -23.68 8.44
C ILE A 575 13.71 -23.60 7.84
N LEU A 576 13.91 -22.75 6.83
CA LEU A 576 15.22 -22.49 6.27
C LEU A 576 15.66 -21.05 6.47
N ARG A 577 14.73 -20.14 6.76
CA ARG A 577 15.03 -18.71 6.76
C ARG A 577 14.61 -18.04 8.05
N ASP A 578 13.62 -18.58 8.73
CA ASP A 578 12.98 -17.88 9.84
C ASP A 578 12.80 -18.80 11.04
N LEU A 579 13.66 -19.79 11.19
CA LEU A 579 13.70 -20.59 12.41
C LEU A 579 15.08 -20.56 13.04
N CYS A 580 16.11 -20.79 12.26
CA CYS A 580 17.47 -20.77 12.75
C CYS A 580 17.86 -19.42 13.33
N ARG A 581 17.10 -18.37 13.00
CA ARG A 581 17.21 -17.10 13.69
C ARG A 581 16.52 -17.18 15.04
N PHE A 582 15.22 -17.47 14.99
CA PHE A 582 14.35 -17.29 16.13
C PHE A 582 14.71 -18.22 17.26
N MET A 583 14.94 -19.50 16.97
CA MET A 583 15.17 -20.46 18.02
C MET A 583 16.46 -20.13 18.77
N PHE A 584 17.49 -19.71 18.04
CA PHE A 584 18.71 -19.28 18.72
C PHE A 584 18.43 -18.17 19.71
N VAL A 585 17.44 -17.35 19.44
CA VAL A 585 17.08 -16.30 20.38
C VAL A 585 16.31 -16.89 21.53
N TYR A 586 15.29 -17.67 21.23
CA TYR A 586 14.40 -18.19 22.27
C TYR A 586 15.13 -19.18 23.15
N LEU A 587 16.09 -19.92 22.60
CA LEU A 587 16.82 -20.86 23.43
C LEU A 587 17.67 -20.13 24.44
N VAL A 588 18.11 -18.93 24.11
CA VAL A 588 18.99 -18.19 25.01
C VAL A 588 18.23 -17.77 26.26
N PHE A 589 17.13 -17.04 26.05
CA PHE A 589 16.26 -16.67 27.14
C PHE A 589 15.91 -17.87 27.99
N LEU A 590 15.57 -18.97 27.34
CA LEU A 590 15.21 -20.17 28.06
C LEU A 590 16.39 -20.69 28.85
N PHE A 591 17.49 -20.98 28.17
CA PHE A 591 18.66 -21.51 28.84
C PHE A 591 19.22 -20.50 29.83
N GLY A 592 18.92 -19.23 29.63
CA GLY A 592 19.32 -18.23 30.59
C GLY A 592 18.41 -18.25 31.78
N PHE A 593 17.16 -17.85 31.58
CA PHE A 593 16.23 -17.77 32.70
C PHE A 593 15.97 -19.11 33.35
N SER A 594 16.23 -20.22 32.66
CA SER A 594 16.10 -21.51 33.30
C SER A 594 17.25 -21.73 34.26
N THR A 595 18.46 -21.56 33.73
CA THR A 595 19.67 -21.65 34.52
C THR A 595 19.59 -20.76 35.74
N ALA A 596 19.00 -19.60 35.56
CA ALA A 596 18.84 -18.67 36.68
C ALA A 596 18.07 -19.31 37.81
N VAL A 597 16.99 -20.01 37.47
CA VAL A 597 16.13 -20.59 38.47
C VAL A 597 16.82 -21.76 39.14
N VAL A 598 17.57 -22.54 38.39
CA VAL A 598 18.15 -23.76 38.91
C VAL A 598 19.16 -23.43 39.99
N THR A 599 19.98 -22.43 39.71
CA THR A 599 20.96 -21.96 40.68
C THR A 599 20.30 -21.58 41.98
N LEU A 600 19.19 -20.87 41.87
CA LEU A 600 18.48 -20.39 43.03
C LEU A 600 17.96 -21.53 43.87
N ILE A 601 17.24 -22.46 43.25
CA ILE A 601 16.49 -23.45 44.00
C ILE A 601 17.45 -24.44 44.63
N GLU A 602 17.19 -24.80 45.88
CA GLU A 602 18.05 -25.66 46.67
C GLU A 602 17.23 -26.85 47.11
N ASP A 603 17.79 -28.04 46.93
CA ASP A 603 17.08 -29.28 47.23
C ASP A 603 16.68 -29.32 48.70
N GLY A 604 15.60 -30.02 48.98
CA GLY A 604 15.06 -30.11 50.32
C GLY A 604 14.13 -31.30 50.48
N ASP A 627 8.57 -34.27 42.63
CA ASP A 627 9.27 -33.13 43.21
C ASP A 627 10.77 -33.25 42.86
N SER A 628 11.61 -32.53 43.59
CA SER A 628 13.05 -32.46 43.27
C SER A 628 13.25 -31.95 41.85
N TYR A 629 12.64 -30.80 41.54
CA TYR A 629 12.83 -30.16 40.25
C TYR A 629 14.08 -29.32 40.26
N ASN A 630 15.21 -29.93 40.58
CA ASN A 630 16.50 -29.25 40.63
C ASN A 630 17.32 -29.42 39.37
N SER A 631 17.02 -30.41 38.55
CA SER A 631 17.81 -30.63 37.35
C SER A 631 17.58 -29.49 36.38
N LEU A 632 18.61 -29.20 35.59
CA LEU A 632 18.48 -28.18 34.57
C LEU A 632 17.44 -28.59 33.54
N TYR A 633 17.38 -29.87 33.23
CA TYR A 633 16.44 -30.34 32.22
C TYR A 633 15.01 -30.04 32.64
N SER A 634 14.60 -30.57 33.79
CA SER A 634 13.23 -30.42 34.25
C SER A 634 12.85 -28.96 34.36
N THR A 635 13.81 -28.12 34.72
CA THR A 635 13.54 -26.71 34.82
C THR A 635 13.39 -26.05 33.46
N CYS A 636 14.28 -26.36 32.53
CA CYS A 636 14.17 -25.82 31.18
C CYS A 636 12.85 -26.21 30.56
N LEU A 637 12.35 -27.38 30.93
CA LEU A 637 11.09 -27.85 30.38
C LEU A 637 9.92 -27.05 30.90
N GLU A 638 9.93 -26.70 32.18
CA GLU A 638 8.85 -25.91 32.74
C GLU A 638 8.70 -24.59 32.01
N LEU A 639 9.81 -23.93 31.74
CA LEU A 639 9.73 -22.65 31.08
C LEU A 639 9.37 -22.79 29.61
N PHE A 640 9.40 -24.01 29.08
CA PHE A 640 8.74 -24.25 27.82
C PHE A 640 7.26 -24.40 28.00
N LYS A 641 6.82 -24.82 29.19
CA LYS A 641 5.40 -25.06 29.39
C LYS A 641 4.64 -23.75 29.60
N PHE A 642 5.34 -22.65 29.93
CA PHE A 642 4.66 -21.37 29.92
C PHE A 642 4.24 -20.99 28.52
N THR A 643 5.02 -21.38 27.54
CA THR A 643 4.82 -20.93 26.18
C THR A 643 3.57 -21.54 25.60
N ILE A 644 3.42 -22.86 25.79
CA ILE A 644 2.32 -23.57 25.15
C ILE A 644 1.01 -23.31 25.85
N GLY A 645 1.06 -23.03 27.14
CA GLY A 645 -0.16 -22.76 27.89
C GLY A 645 -0.36 -23.54 29.16
N MET A 646 0.72 -24.04 29.75
CA MET A 646 0.65 -24.65 31.06
C MET A 646 1.79 -24.13 31.94
N GLY A 647 1.47 -23.13 32.77
CA GLY A 647 2.45 -22.49 33.60
C GLY A 647 2.10 -22.50 35.05
N ASP A 648 2.87 -23.27 35.78
CA ASP A 648 2.63 -23.42 37.19
C ASP A 648 2.82 -22.15 37.99
N LEU A 649 3.93 -21.44 37.79
CA LEU A 649 4.37 -20.29 38.60
C LEU A 649 4.72 -20.68 40.03
N GLU A 650 4.54 -21.94 40.38
CA GLU A 650 4.66 -22.43 41.75
C GLU A 650 5.26 -23.82 41.70
N PHE A 651 6.01 -24.12 40.63
CA PHE A 651 6.35 -25.52 40.36
C PHE A 651 7.35 -26.07 41.37
N THR A 652 7.87 -25.22 42.22
CA THR A 652 8.53 -25.68 43.42
C THR A 652 8.48 -24.62 44.48
N GLU A 653 8.16 -25.05 45.70
CA GLU A 653 8.35 -24.24 46.90
C GLU A 653 9.66 -24.57 47.59
N ASN A 654 10.61 -25.17 46.88
CA ASN A 654 11.95 -25.44 47.41
C ASN A 654 12.89 -24.27 47.20
N TYR A 655 12.34 -23.09 46.91
CA TYR A 655 13.12 -21.89 46.66
C TYR A 655 13.43 -21.25 48.00
N ASP A 656 14.61 -20.67 48.10
CA ASP A 656 14.80 -19.53 48.97
C ASP A 656 14.47 -18.30 48.15
N PHE A 657 14.12 -17.19 48.81
CA PHE A 657 13.98 -15.91 48.13
C PHE A 657 12.93 -15.89 47.02
N LYS A 658 11.66 -15.96 47.41
CA LYS A 658 10.54 -15.93 46.47
C LYS A 658 10.68 -14.85 45.42
N ALA A 659 10.88 -13.61 45.84
CA ALA A 659 10.69 -12.47 44.96
C ALA A 659 11.62 -12.56 43.75
N VAL A 660 12.77 -13.19 43.93
CA VAL A 660 13.63 -13.47 42.80
C VAL A 660 12.98 -14.49 41.89
N PHE A 661 12.39 -15.51 42.48
CA PHE A 661 11.89 -16.64 41.70
C PHE A 661 10.72 -16.22 40.83
N ILE A 662 10.03 -15.16 41.22
CA ILE A 662 8.85 -14.74 40.46
C ILE A 662 9.24 -13.73 39.40
N ILE A 663 10.14 -12.82 39.74
CA ILE A 663 10.49 -11.75 38.82
C ILE A 663 11.10 -12.32 37.56
N LEU A 664 11.83 -13.41 37.71
CA LEU A 664 12.41 -14.05 36.54
C LEU A 664 11.34 -14.62 35.65
N LEU A 665 10.52 -15.51 36.22
CA LEU A 665 9.46 -16.16 35.46
C LEU A 665 8.57 -15.14 34.78
N LEU A 666 8.18 -14.10 35.51
CA LEU A 666 7.39 -13.05 34.90
C LEU A 666 8.20 -12.29 33.88
N ALA A 667 9.50 -12.14 34.12
CA ALA A 667 10.33 -11.51 33.12
C ALA A 667 10.59 -12.46 31.96
N TYR A 668 10.43 -13.75 32.17
CA TYR A 668 10.57 -14.68 31.06
C TYR A 668 9.32 -14.68 30.21
N VAL A 669 8.17 -14.73 30.86
CA VAL A 669 6.90 -14.72 30.15
C VAL A 669 6.78 -13.47 29.30
N ILE A 670 7.11 -12.33 29.89
CA ILE A 670 7.00 -11.06 29.18
C ILE A 670 7.88 -11.08 27.94
N LEU A 671 9.18 -11.20 28.13
CA LEU A 671 10.11 -11.20 27.01
C LEU A 671 9.77 -12.26 26.00
N THR A 672 9.28 -13.40 26.45
CA THR A 672 8.78 -14.38 25.52
C THR A 672 7.60 -13.85 24.74
N TYR A 673 6.68 -13.15 25.39
CA TYR A 673 5.56 -12.59 24.63
C TYR A 673 6.04 -11.50 23.72
N ILE A 674 7.03 -10.72 24.16
CA ILE A 674 7.68 -9.77 23.26
C ILE A 674 8.24 -10.51 22.07
N LEU A 675 8.76 -11.70 22.31
CA LEU A 675 9.61 -12.35 21.34
C LEU A 675 8.80 -13.19 20.37
N LEU A 676 7.69 -13.76 20.85
CA LEU A 676 6.80 -14.46 19.93
C LEU A 676 6.04 -13.46 19.09
N LEU A 677 5.90 -12.24 19.57
CA LEU A 677 5.22 -11.21 18.80
C LEU A 677 6.04 -10.78 17.61
N ASN A 678 7.31 -10.48 17.82
CA ASN A 678 8.12 -9.99 16.71
C ASN A 678 8.34 -11.06 15.66
N MET A 679 8.22 -12.32 16.05
CA MET A 679 8.21 -13.38 15.06
C MET A 679 7.00 -13.23 14.14
N LEU A 680 5.96 -12.56 14.62
CA LEU A 680 4.79 -12.29 13.80
C LEU A 680 4.94 -10.99 13.06
N ILE A 681 5.41 -9.95 13.75
CA ILE A 681 5.51 -8.62 13.15
C ILE A 681 6.51 -8.64 12.02
N ALA A 682 7.68 -9.22 12.27
CA ALA A 682 8.76 -9.18 11.32
C ALA A 682 8.34 -9.86 10.02
N LEU A 683 7.64 -10.97 10.14
CA LEU A 683 7.25 -11.70 8.94
C LEU A 683 6.26 -10.88 8.12
N MET A 684 5.36 -10.17 8.79
CA MET A 684 4.47 -9.30 8.05
C MET A 684 5.25 -8.17 7.37
N GLY A 685 5.83 -7.29 8.17
CA GLY A 685 6.46 -6.10 7.60
C GLY A 685 7.61 -6.40 6.67
N GLU A 686 8.17 -7.61 6.75
CA GLU A 686 9.24 -7.98 5.84
C GLU A 686 8.73 -8.52 4.52
N THR A 687 7.68 -9.34 4.53
CA THR A 687 7.30 -10.03 3.30
C THR A 687 5.81 -10.21 2.98
N VAL A 688 4.88 -9.90 3.89
CA VAL A 688 3.45 -10.13 3.62
C VAL A 688 3.01 -9.41 2.37
N ASN A 689 3.68 -8.31 2.03
CA ASN A 689 3.36 -7.55 0.83
C ASN A 689 3.42 -8.41 -0.42
N LYS A 690 4.21 -9.50 -0.41
CA LYS A 690 4.54 -10.20 -1.64
C LYS A 690 4.66 -11.73 -1.59
N ILE A 691 4.36 -12.40 -0.47
CA ILE A 691 4.58 -13.86 -0.46
C ILE A 691 3.60 -14.55 -1.37
N ALA A 692 2.35 -14.08 -1.41
CA ALA A 692 1.31 -14.74 -2.16
C ALA A 692 1.67 -14.78 -3.64
N GLN A 693 2.46 -13.81 -4.10
CA GLN A 693 2.97 -13.85 -5.45
C GLN A 693 4.18 -14.77 -5.54
N GLU A 694 5.17 -14.57 -4.67
CA GLU A 694 6.38 -15.38 -4.73
C GLU A 694 6.08 -16.84 -4.50
N SER A 695 5.40 -17.14 -3.40
CA SER A 695 5.07 -18.51 -3.07
C SER A 695 4.31 -19.18 -4.21
N LYS A 696 3.38 -18.47 -4.82
CA LYS A 696 2.74 -19.01 -6.01
C LYS A 696 3.77 -19.28 -7.09
N ASN A 697 4.69 -18.34 -7.30
CA ASN A 697 5.69 -18.53 -8.34
C ASN A 697 6.59 -19.70 -8.00
N ILE A 698 6.88 -19.90 -6.71
CA ILE A 698 7.73 -21.01 -6.31
C ILE A 698 7.01 -22.31 -6.60
N TRP A 699 5.70 -22.32 -6.42
CA TRP A 699 4.94 -23.54 -6.65
C TRP A 699 5.03 -23.97 -8.11
N LYS A 700 4.93 -23.02 -9.02
CA LYS A 700 4.94 -23.36 -10.44
C LYS A 700 6.29 -23.94 -10.83
N LEU A 701 7.36 -23.45 -10.21
CA LEU A 701 8.65 -24.10 -10.37
C LEU A 701 8.61 -25.47 -9.74
N GLN A 702 8.20 -25.54 -8.49
CA GLN A 702 8.28 -26.79 -7.74
C GLN A 702 7.36 -27.85 -8.32
N ARG A 703 6.38 -27.44 -9.12
CA ARG A 703 5.66 -28.39 -9.96
C ARG A 703 6.50 -28.76 -11.16
N ALA A 704 7.24 -27.80 -11.69
CA ALA A 704 7.98 -28.00 -12.92
C ALA A 704 9.07 -29.05 -12.73
N ILE A 705 9.71 -29.05 -11.56
CA ILE A 705 10.71 -30.07 -11.30
C ILE A 705 10.05 -31.44 -11.33
N THR A 706 8.86 -31.53 -10.74
CA THR A 706 8.17 -32.81 -10.65
C THR A 706 7.82 -33.31 -12.04
N ILE A 707 7.43 -32.39 -12.92
CA ILE A 707 7.11 -32.74 -14.29
C ILE A 707 8.33 -33.35 -14.98
N LEU A 708 9.46 -32.66 -14.88
CA LEU A 708 10.64 -33.08 -15.62
C LEU A 708 11.18 -34.39 -15.09
N ASP A 709 11.23 -34.52 -13.77
CA ASP A 709 11.69 -35.77 -13.18
C ASP A 709 10.76 -36.91 -13.58
N THR A 710 9.49 -36.59 -13.80
CA THR A 710 8.54 -37.60 -14.24
C THR A 710 8.78 -37.97 -15.68
N GLU A 711 9.13 -37.00 -16.52
CA GLU A 711 9.36 -37.30 -17.93
C GLU A 711 10.58 -38.21 -18.07
N LYS A 712 11.55 -38.05 -17.19
CA LYS A 712 12.75 -38.88 -17.24
C LYS A 712 12.47 -40.30 -16.77
N SER A 713 11.41 -40.47 -15.99
CA SER A 713 10.99 -41.81 -15.61
C SER A 713 10.49 -42.57 -16.84
N PHE A 714 10.07 -41.84 -17.87
CA PHE A 714 9.91 -42.37 -19.21
C PHE A 714 11.20 -42.20 -20.01
N LEU A 715 11.83 -43.32 -20.38
CA LEU A 715 13.26 -43.38 -20.71
C LEU A 715 13.56 -42.44 -21.85
N LYS A 716 13.11 -42.71 -23.07
CA LYS A 716 13.27 -41.82 -24.22
C LYS A 716 12.04 -41.76 -25.10
N CYS A 717 10.98 -42.50 -24.75
CA CYS A 717 9.89 -42.73 -25.69
C CYS A 717 9.24 -41.43 -26.10
N MET A 718 8.81 -40.62 -25.13
CA MET A 718 8.23 -39.29 -25.38
C MET A 718 6.94 -39.35 -26.18
N ARG A 719 6.43 -40.56 -26.44
CA ARG A 719 5.43 -40.80 -27.49
C ARG A 719 4.17 -39.97 -27.25
N LYS A 720 3.82 -39.80 -25.98
CA LYS A 720 2.72 -38.95 -25.55
C LYS A 720 3.25 -37.72 -24.82
N ALA A 721 4.45 -37.29 -25.20
CA ALA A 721 5.11 -36.17 -24.54
C ALA A 721 5.87 -35.25 -25.49
N PHE A 722 5.73 -35.43 -26.81
CA PHE A 722 6.32 -34.48 -27.74
C PHE A 722 5.53 -33.18 -27.80
N ARG A 723 4.53 -33.01 -26.94
CA ARG A 723 4.12 -31.69 -26.54
C ARG A 723 3.54 -30.88 -27.68
N SER A 724 2.24 -31.10 -27.93
CA SER A 724 1.54 -30.89 -29.20
C SER A 724 2.03 -29.73 -30.04
N GLY A 725 2.02 -29.94 -31.35
CA GLY A 725 2.75 -29.12 -32.28
C GLY A 725 3.22 -29.93 -33.46
N LYS A 726 3.27 -31.24 -33.27
CA LYS A 726 3.04 -32.25 -34.30
C LYS A 726 3.72 -31.94 -35.64
N LEU A 727 4.85 -31.26 -35.57
CA LEU A 727 5.55 -30.76 -36.74
C LEU A 727 4.62 -29.99 -37.66
N LEU A 728 4.00 -28.95 -37.13
CA LEU A 728 3.22 -28.04 -37.96
C LEU A 728 4.17 -27.21 -38.81
N GLN A 729 4.01 -27.27 -40.13
CA GLN A 729 4.77 -26.38 -40.99
C GLN A 729 4.34 -24.94 -40.73
N VAL A 730 5.33 -24.04 -40.78
CA VAL A 730 5.10 -22.62 -40.49
C VAL A 730 5.76 -21.72 -41.51
N GLY A 731 6.02 -22.23 -42.70
CA GLY A 731 6.67 -21.46 -43.72
C GLY A 731 7.64 -22.31 -44.49
N TYR A 732 8.68 -21.66 -44.98
CA TYR A 732 9.72 -22.29 -45.76
C TYR A 732 11.07 -21.77 -45.33
N THR A 733 12.11 -22.56 -45.59
CA THR A 733 13.46 -22.12 -45.32
C THR A 733 13.79 -20.92 -46.21
N PRO A 734 14.90 -20.23 -45.94
CA PRO A 734 15.39 -19.24 -46.90
C PRO A 734 16.26 -19.85 -47.99
N ASP A 735 15.87 -21.04 -48.47
CA ASP A 735 16.31 -21.55 -49.76
C ASP A 735 15.20 -22.22 -50.56
N GLY A 736 14.14 -22.70 -49.92
CA GLY A 736 13.00 -23.26 -50.62
C GLY A 736 12.36 -24.44 -49.92
N LYS A 737 13.09 -25.09 -49.01
CA LYS A 737 12.58 -26.28 -48.37
C LYS A 737 11.52 -25.92 -47.32
N ASP A 738 10.85 -26.96 -46.82
CA ASP A 738 9.84 -26.80 -45.80
C ASP A 738 10.50 -26.45 -44.46
N ASP A 739 9.67 -26.01 -43.51
CA ASP A 739 10.14 -25.58 -42.19
C ASP A 739 9.29 -26.20 -41.10
N TYR A 740 9.07 -27.51 -41.18
CA TYR A 740 8.37 -28.23 -40.12
C TYR A 740 9.07 -28.02 -38.79
N ARG A 741 8.33 -27.54 -37.79
CA ARG A 741 8.88 -27.28 -36.48
C ARG A 741 7.82 -27.51 -35.41
N TRP A 742 8.25 -28.11 -34.30
CA TRP A 742 7.36 -28.31 -33.17
C TRP A 742 6.91 -26.97 -32.62
N CYS A 743 5.61 -26.86 -32.34
CA CYS A 743 5.03 -25.58 -31.95
C CYS A 743 3.83 -25.81 -31.05
N PHE A 744 3.94 -25.39 -29.79
CA PHE A 744 2.78 -25.35 -28.92
C PHE A 744 1.89 -24.20 -29.34
N ARG A 745 0.59 -24.46 -29.44
CA ARG A 745 -0.37 -23.45 -29.87
C ARG A 745 -0.84 -22.62 -28.70
N VAL A 746 -1.25 -21.40 -29.01
CA VAL A 746 -1.81 -20.47 -28.04
C VAL A 746 -2.85 -19.65 -28.77
N ASP A 747 -4.05 -19.58 -28.21
CA ASP A 747 -5.09 -18.72 -28.72
C ASP A 747 -5.13 -17.43 -27.90
N GLU A 748 -5.41 -16.34 -28.59
CA GLU A 748 -5.38 -15.01 -28.00
C GLU A 748 -6.46 -14.14 -28.60
N VAL A 749 -6.52 -12.89 -28.18
CA VAL A 749 -7.43 -11.91 -28.74
C VAL A 749 -6.91 -10.53 -28.40
N ASN A 750 -7.09 -9.59 -29.33
CA ASN A 750 -6.75 -8.19 -29.11
C ASN A 750 -7.84 -7.40 -29.82
N TRP A 751 -8.52 -6.53 -29.06
CA TRP A 751 -9.63 -5.76 -29.60
C TRP A 751 -9.17 -4.42 -30.15
N THR A 752 -8.13 -3.84 -29.58
CA THR A 752 -7.59 -2.59 -30.08
C THR A 752 -6.83 -2.82 -31.38
N THR A 753 -5.79 -3.64 -31.32
CA THR A 753 -5.11 -4.12 -32.51
C THR A 753 -5.95 -5.21 -33.16
N TRP A 754 -5.92 -5.24 -34.49
CA TRP A 754 -6.84 -6.07 -35.26
C TRP A 754 -6.13 -7.18 -36.03
N ASN A 755 -4.83 -7.36 -35.79
CA ASN A 755 -4.09 -8.53 -36.27
C ASN A 755 -4.15 -8.66 -37.79
N THR A 756 -3.81 -7.56 -38.46
CA THR A 756 -3.46 -7.59 -39.87
C THR A 756 -1.98 -7.90 -40.06
N ASN A 757 -1.31 -8.43 -39.04
CA ASN A 757 0.13 -8.61 -39.09
C ASN A 757 0.52 -9.65 -40.12
N VAL A 758 1.52 -9.32 -40.92
CA VAL A 758 2.01 -10.26 -41.93
C VAL A 758 2.61 -11.47 -41.23
N GLY A 759 2.40 -12.65 -41.83
CA GLY A 759 2.94 -13.89 -41.31
C GLY A 759 1.89 -14.97 -41.16
N ILE A 760 0.69 -14.75 -41.69
CA ILE A 760 -0.35 -15.76 -41.63
C ILE A 760 0.11 -16.98 -42.39
N ILE A 761 -0.15 -18.15 -41.81
CA ILE A 761 0.37 -19.41 -42.30
C ILE A 761 -0.74 -20.20 -43.00
N ASN A 762 -1.99 -19.83 -42.73
CA ASN A 762 -3.12 -20.64 -43.16
C ASN A 762 -4.23 -19.69 -43.60
N GLU A 763 -4.66 -19.84 -44.86
CA GLU A 763 -5.69 -18.97 -45.40
C GLU A 763 -7.01 -19.23 -44.71
N ASP A 764 -7.53 -20.43 -44.88
CA ASP A 764 -8.74 -20.82 -44.18
C ASP A 764 -8.44 -20.90 -42.68
N PRO A 765 -9.12 -20.13 -41.83
CA PRO A 765 -8.80 -20.22 -40.41
C PRO A 765 -9.10 -21.59 -39.83
N GLY A 766 -8.39 -21.93 -38.77
CA GLY A 766 -8.82 -22.95 -37.84
C GLY A 766 -7.82 -24.07 -37.68
N ASN A 767 -8.32 -25.19 -37.16
CA ASN A 767 -7.51 -26.38 -36.93
C ASN A 767 -8.41 -27.60 -37.05
N CYS A 768 -8.40 -28.22 -38.22
CA CYS A 768 -9.14 -29.46 -38.43
C CYS A 768 -8.37 -30.35 -39.39
N GLU A 769 -9.00 -31.43 -39.83
CA GLU A 769 -8.44 -32.28 -40.88
C GLU A 769 -8.54 -31.47 -42.18
N GLY A 770 -7.39 -31.05 -42.69
CA GLY A 770 -7.31 -30.21 -43.87
C GLY A 770 -6.75 -28.84 -43.56
N VAL A 771 -5.47 -28.65 -43.84
CA VAL A 771 -4.78 -27.37 -43.68
C VAL A 771 -4.31 -26.94 -45.06
N LYS A 772 -4.23 -25.63 -45.26
CA LYS A 772 -3.98 -25.03 -46.57
C LYS A 772 -3.16 -23.77 -46.34
N ARG A 773 -2.00 -23.71 -46.97
CA ARG A 773 -1.02 -22.69 -46.61
C ARG A 773 -1.28 -21.41 -47.41
N THR A 774 -0.68 -20.32 -46.93
CA THR A 774 -0.87 -18.98 -47.43
C THR A 774 0.27 -18.63 -48.39
N LEU A 775 0.07 -17.61 -49.22
CA LEU A 775 1.17 -17.01 -49.98
C LEU A 775 2.06 -16.20 -49.05
N SER A 776 2.81 -16.92 -48.20
CA SER A 776 3.72 -16.32 -47.25
C SER A 776 5.07 -16.10 -47.91
N PHE A 777 5.07 -15.37 -49.02
CA PHE A 777 6.27 -15.13 -49.81
C PHE A 777 6.92 -16.44 -50.20
N SER A 778 6.17 -17.29 -50.90
CA SER A 778 6.67 -18.60 -51.32
C SER A 778 7.89 -18.47 -52.22
N LEU B 111 -5.07 -21.81 -78.94
CA LEU B 111 -5.91 -21.73 -77.75
C LEU B 111 -5.29 -22.52 -76.62
N LYS B 112 -5.23 -21.91 -75.43
CA LYS B 112 -4.74 -22.57 -74.23
C LYS B 112 -5.91 -23.01 -73.37
N LEU B 113 -5.89 -24.27 -72.95
CA LEU B 113 -6.89 -24.70 -71.97
C LEU B 113 -6.54 -24.08 -70.62
N TYR B 114 -7.46 -24.23 -69.67
CA TYR B 114 -7.52 -23.35 -68.51
C TYR B 114 -8.21 -24.09 -67.37
N ASP B 115 -7.41 -24.55 -66.41
CA ASP B 115 -7.90 -25.42 -65.35
C ASP B 115 -7.97 -24.70 -64.01
N ARG B 116 -8.67 -25.33 -63.05
CA ARG B 116 -8.99 -24.66 -61.80
C ARG B 116 -7.74 -24.40 -60.96
N ARG B 117 -6.78 -25.32 -60.98
CA ARG B 117 -5.59 -25.15 -60.16
C ARG B 117 -4.79 -23.94 -60.62
N SER B 118 -4.79 -23.69 -61.93
CA SER B 118 -4.08 -22.52 -62.45
C SER B 118 -4.82 -21.24 -62.11
N ILE B 119 -6.13 -21.32 -61.89
CA ILE B 119 -6.86 -20.15 -61.44
C ILE B 119 -6.47 -19.82 -60.00
N PHE B 120 -6.70 -20.77 -59.09
CA PHE B 120 -6.49 -20.55 -57.66
C PHE B 120 -5.09 -20.04 -57.37
N ASP B 121 -4.10 -20.53 -58.12
CA ASP B 121 -2.76 -19.99 -57.99
C ASP B 121 -2.68 -18.59 -58.56
N ALA B 122 -3.15 -18.41 -59.80
CA ALA B 122 -2.94 -17.15 -60.50
C ALA B 122 -3.78 -16.03 -59.89
N VAL B 123 -4.96 -16.35 -59.37
CA VAL B 123 -5.78 -15.34 -58.73
C VAL B 123 -5.11 -14.84 -57.46
N ALA B 124 -4.38 -15.72 -56.77
CA ALA B 124 -3.61 -15.29 -55.61
C ALA B 124 -2.39 -14.48 -56.01
N GLN B 125 -1.82 -14.76 -57.19
CA GLN B 125 -0.71 -13.97 -57.68
C GLN B 125 -1.16 -12.57 -58.10
N ASN B 126 -2.45 -12.41 -58.39
CA ASN B 126 -2.99 -11.14 -58.86
C ASN B 126 -2.34 -10.73 -60.17
N ASN B 127 -2.42 -11.60 -61.17
CA ASN B 127 -1.99 -11.30 -62.53
C ASN B 127 -3.20 -11.44 -63.45
N CYS B 128 -3.88 -10.32 -63.70
CA CYS B 128 -5.04 -10.34 -64.57
C CYS B 128 -4.67 -10.74 -66.00
N GLN B 129 -3.42 -10.50 -66.40
CA GLN B 129 -2.98 -10.89 -67.74
C GLN B 129 -3.11 -12.40 -67.93
N GLU B 130 -2.82 -13.16 -66.87
CA GLU B 130 -3.02 -14.61 -66.93
C GLU B 130 -4.51 -14.93 -67.02
N LEU B 131 -5.33 -14.16 -66.33
CA LEU B 131 -6.78 -14.38 -66.29
C LEU B 131 -7.43 -13.53 -67.38
N GLU B 132 -6.98 -13.75 -68.61
CA GLU B 132 -7.40 -12.98 -69.76
C GLU B 132 -8.07 -13.84 -70.81
N SER B 133 -7.48 -14.99 -71.17
CA SER B 133 -8.08 -15.88 -72.15
C SER B 133 -9.15 -16.77 -71.53
N LEU B 134 -9.50 -16.52 -70.26
CA LEU B 134 -10.63 -17.21 -69.66
C LEU B 134 -11.89 -17.01 -70.48
N LEU B 135 -12.36 -15.77 -70.59
CA LEU B 135 -13.69 -15.46 -71.11
C LEU B 135 -13.91 -16.01 -72.53
N PRO B 136 -12.89 -15.99 -73.41
CA PRO B 136 -13.01 -16.81 -74.61
C PRO B 136 -13.17 -18.30 -74.31
N PHE B 137 -12.32 -18.83 -73.43
CA PHE B 137 -12.35 -20.25 -73.11
C PHE B 137 -13.67 -20.63 -72.45
N LEU B 138 -14.08 -19.85 -71.46
CA LEU B 138 -15.29 -20.12 -70.70
C LEU B 138 -16.50 -20.15 -71.62
N GLN B 139 -16.62 -19.14 -72.48
CA GLN B 139 -17.79 -19.05 -73.34
C GLN B 139 -17.73 -20.11 -74.43
N LYS B 140 -16.54 -20.42 -74.92
CA LYS B 140 -16.39 -21.49 -75.90
C LYS B 140 -16.84 -22.82 -75.32
N SER B 141 -16.20 -23.23 -74.23
CA SER B 141 -16.35 -24.60 -73.72
C SER B 141 -17.69 -24.85 -73.03
N ARG B 142 -18.62 -23.88 -73.03
CA ARG B 142 -19.89 -23.97 -72.32
C ARG B 142 -19.69 -23.99 -70.81
N LYS B 143 -18.47 -23.76 -70.33
CA LYS B 143 -18.18 -23.84 -68.90
C LYS B 143 -18.74 -22.62 -68.18
N ARG B 144 -19.03 -22.81 -66.90
CA ARG B 144 -19.49 -21.76 -66.01
C ARG B 144 -18.52 -21.64 -64.85
N LEU B 145 -18.35 -20.42 -64.35
CA LEU B 145 -17.46 -20.22 -63.21
C LEU B 145 -17.96 -20.91 -61.95
N THR B 146 -19.26 -21.19 -61.87
CA THR B 146 -19.83 -22.01 -60.81
C THR B 146 -20.04 -23.41 -61.40
N ASP B 147 -19.12 -24.30 -61.07
CA ASP B 147 -19.15 -25.67 -61.56
C ASP B 147 -18.11 -26.46 -60.79
N SER B 148 -18.34 -27.77 -60.70
CA SER B 148 -17.49 -28.68 -59.93
C SER B 148 -16.01 -28.56 -60.28
N GLU B 149 -15.71 -28.18 -61.52
CA GLU B 149 -14.33 -27.90 -61.90
C GLU B 149 -13.78 -26.75 -61.07
N PHE B 150 -14.46 -25.61 -61.08
CA PHE B 150 -13.98 -24.40 -60.42
C PHE B 150 -14.50 -24.26 -59.00
N LYS B 151 -14.29 -25.29 -58.19
CA LYS B 151 -14.58 -25.24 -56.76
C LYS B 151 -13.46 -26.01 -56.07
N ASP B 152 -13.67 -26.31 -54.78
CA ASP B 152 -12.74 -27.06 -53.96
C ASP B 152 -13.36 -28.43 -53.68
N PRO B 153 -12.67 -29.54 -53.91
CA PRO B 153 -13.33 -30.85 -53.70
C PRO B 153 -13.83 -31.07 -52.29
N GLU B 154 -13.06 -30.67 -51.27
CA GLU B 154 -13.40 -30.99 -49.89
C GLU B 154 -14.18 -29.87 -49.22
N THR B 155 -13.59 -28.68 -49.13
CA THR B 155 -14.21 -27.60 -48.39
C THR B 155 -15.39 -27.02 -49.14
N GLY B 156 -15.27 -26.92 -50.46
CA GLY B 156 -16.17 -26.11 -51.28
C GLY B 156 -15.79 -24.65 -51.25
N LYS B 157 -15.65 -24.07 -52.45
CA LYS B 157 -15.14 -22.72 -52.57
C LYS B 157 -15.57 -22.08 -53.89
N THR B 158 -15.10 -20.86 -54.12
CA THR B 158 -15.07 -20.25 -55.45
C THR B 158 -13.74 -19.55 -55.59
N CYS B 159 -13.31 -19.37 -56.85
CA CYS B 159 -12.16 -18.53 -57.14
C CYS B 159 -12.28 -17.17 -56.45
N LEU B 160 -13.48 -16.60 -56.44
CA LEU B 160 -13.76 -15.35 -55.75
C LEU B 160 -13.29 -15.38 -54.31
N LEU B 161 -13.59 -16.48 -53.60
CA LEU B 161 -13.15 -16.61 -52.21
C LEU B 161 -11.63 -16.53 -52.13
N LYS B 162 -10.96 -17.42 -52.86
CA LYS B 162 -9.50 -17.45 -52.91
C LYS B 162 -8.92 -16.09 -53.25
N ALA B 163 -9.61 -15.35 -54.12
CA ALA B 163 -9.21 -13.97 -54.37
C ALA B 163 -9.34 -13.13 -53.11
N MET B 164 -10.44 -13.31 -52.40
CA MET B 164 -10.68 -12.48 -51.22
C MET B 164 -9.72 -12.84 -50.10
N LEU B 165 -9.31 -14.10 -50.02
CA LEU B 165 -8.34 -14.49 -49.01
C LEU B 165 -7.00 -13.84 -49.28
N ASN B 166 -6.50 -14.00 -50.50
CA ASN B 166 -5.19 -13.48 -50.90
C ASN B 166 -5.26 -12.02 -51.30
N LEU B 167 -5.83 -11.20 -50.43
CA LEU B 167 -6.16 -9.82 -50.74
C LEU B 167 -5.06 -8.91 -50.20
N HIS B 168 -3.88 -9.00 -50.83
CA HIS B 168 -2.72 -8.27 -50.33
C HIS B 168 -2.88 -6.79 -50.63
N ASN B 169 -2.63 -5.97 -49.60
CA ASN B 169 -2.74 -4.52 -49.66
C ASN B 169 -4.18 -4.06 -49.88
N GLY B 170 -5.16 -4.95 -49.73
CA GLY B 170 -6.53 -4.57 -49.96
C GLY B 170 -6.83 -4.25 -51.40
N GLN B 171 -6.01 -4.77 -52.31
CA GLN B 171 -6.02 -4.34 -53.70
C GLN B 171 -5.94 -5.52 -54.66
N ASN B 172 -6.83 -6.48 -54.50
CA ASN B 172 -7.04 -7.47 -55.55
C ASN B 172 -8.01 -6.86 -56.56
N ASP B 173 -7.53 -6.71 -57.79
CA ASP B 173 -8.38 -6.26 -58.89
C ASP B 173 -8.89 -7.38 -59.76
N THR B 174 -8.29 -8.57 -59.71
CA THR B 174 -8.85 -9.74 -60.38
C THR B 174 -10.25 -10.04 -59.90
N ILE B 175 -10.61 -9.65 -58.68
CA ILE B 175 -11.98 -9.81 -58.21
C ILE B 175 -12.96 -9.11 -59.15
N SER B 176 -12.66 -7.86 -59.51
CA SER B 176 -13.54 -7.14 -60.41
C SER B 176 -13.55 -7.80 -61.79
N LEU B 177 -12.43 -8.43 -62.13
CA LEU B 177 -12.32 -9.13 -63.41
C LEU B 177 -13.34 -10.26 -63.51
N LEU B 178 -13.26 -11.25 -62.61
CA LEU B 178 -14.08 -12.44 -62.78
C LEU B 178 -15.52 -12.23 -62.33
N LEU B 179 -15.82 -11.14 -61.63
CA LEU B 179 -17.22 -10.82 -61.36
C LEU B 179 -17.90 -10.33 -62.63
N ASP B 180 -17.17 -9.54 -63.42
CA ASP B 180 -17.70 -9.10 -64.70
C ASP B 180 -17.88 -10.27 -65.67
N ILE B 181 -17.10 -11.33 -65.48
CA ILE B 181 -17.10 -12.43 -66.44
C ILE B 181 -18.41 -13.22 -66.35
N ALA B 182 -18.81 -13.59 -65.13
CA ALA B 182 -20.06 -14.34 -65.00
C ALA B 182 -21.26 -13.48 -65.31
N ARG B 183 -21.12 -12.16 -65.17
CA ARG B 183 -22.17 -11.24 -65.61
C ARG B 183 -22.41 -11.40 -67.11
N GLN B 184 -21.36 -11.70 -67.87
CA GLN B 184 -21.53 -12.01 -69.29
C GLN B 184 -22.11 -13.40 -69.49
N THR B 185 -21.89 -14.28 -68.52
CA THR B 185 -22.39 -15.65 -68.54
C THR B 185 -23.77 -15.73 -67.87
N ASP B 186 -24.45 -14.58 -67.74
CA ASP B 186 -25.78 -14.38 -67.16
C ASP B 186 -26.03 -15.26 -65.95
N SER B 187 -25.02 -15.38 -65.09
CA SER B 187 -25.14 -16.16 -63.87
C SER B 187 -24.16 -15.62 -62.83
N LEU B 188 -24.64 -14.72 -61.98
CA LEU B 188 -23.83 -14.08 -60.94
C LEU B 188 -24.19 -14.59 -59.56
N LYS B 189 -25.47 -14.80 -59.30
CA LYS B 189 -25.99 -14.94 -57.95
C LYS B 189 -25.42 -16.15 -57.22
N GLU B 190 -25.15 -17.23 -57.96
CA GLU B 190 -24.87 -18.50 -57.32
C GLU B 190 -23.54 -18.47 -56.57
N PHE B 191 -22.50 -17.95 -57.22
CA PHE B 191 -21.16 -18.02 -56.64
C PHE B 191 -20.81 -16.83 -55.77
N VAL B 192 -21.46 -15.69 -55.96
CA VAL B 192 -21.28 -14.61 -55.00
C VAL B 192 -21.85 -15.02 -53.65
N ASN B 193 -22.95 -15.74 -53.66
CA ASN B 193 -23.49 -16.39 -52.46
C ASN B 193 -22.96 -17.80 -52.33
N ALA B 194 -21.64 -17.94 -52.44
CA ALA B 194 -21.01 -19.23 -52.36
C ALA B 194 -20.66 -19.56 -50.92
N SER B 195 -21.26 -20.63 -50.42
CA SER B 195 -21.05 -21.10 -49.06
C SER B 195 -20.05 -22.25 -49.11
N TYR B 196 -18.97 -22.12 -48.34
CA TYR B 196 -18.17 -23.28 -47.97
C TYR B 196 -19.09 -24.41 -47.53
N THR B 197 -18.92 -25.58 -48.14
CA THR B 197 -19.78 -26.73 -47.86
C THR B 197 -19.14 -27.71 -46.89
N ASP B 198 -18.24 -27.21 -46.05
CA ASP B 198 -17.62 -28.01 -45.01
C ASP B 198 -18.56 -28.04 -43.80
N SER B 199 -18.17 -28.76 -42.75
CA SER B 199 -18.87 -28.71 -41.48
C SER B 199 -18.23 -27.63 -40.63
N TYR B 200 -16.90 -27.59 -40.64
CA TYR B 200 -16.18 -26.57 -39.89
C TYR B 200 -16.52 -25.19 -40.42
N TYR B 201 -16.69 -25.09 -41.73
CA TYR B 201 -17.19 -23.89 -42.38
C TYR B 201 -18.45 -24.24 -43.16
N LYS B 202 -19.55 -23.58 -42.82
CA LYS B 202 -20.82 -23.78 -43.49
C LYS B 202 -21.56 -22.46 -43.51
N GLY B 203 -21.42 -21.73 -44.61
CA GLY B 203 -22.17 -20.51 -44.84
C GLY B 203 -21.31 -19.32 -45.20
N GLN B 204 -20.01 -19.42 -44.95
CA GLN B 204 -19.09 -18.32 -45.15
C GLN B 204 -19.05 -17.89 -46.61
N THR B 205 -19.37 -16.61 -46.84
CA THR B 205 -19.40 -16.01 -48.16
C THR B 205 -18.24 -15.03 -48.31
N ALA B 206 -18.18 -14.42 -49.49
CA ALA B 206 -17.22 -13.34 -49.71
C ALA B 206 -17.50 -12.18 -48.77
N LEU B 207 -18.78 -11.95 -48.47
CA LEU B 207 -19.15 -10.78 -47.68
C LEU B 207 -18.66 -10.93 -46.25
N HIS B 208 -18.78 -12.14 -45.69
CA HIS B 208 -18.29 -12.38 -44.34
C HIS B 208 -16.79 -12.12 -44.26
N ILE B 209 -16.07 -12.39 -45.34
CA ILE B 209 -14.63 -12.21 -45.33
C ILE B 209 -14.29 -10.73 -45.55
N ALA B 210 -14.99 -10.09 -46.48
CA ALA B 210 -14.72 -8.69 -46.73
C ALA B 210 -14.99 -7.84 -45.51
N ILE B 211 -15.90 -8.29 -44.65
CA ILE B 211 -16.12 -7.65 -43.36
C ILE B 211 -14.94 -7.91 -42.45
N GLU B 212 -14.46 -9.16 -42.44
CA GLU B 212 -13.28 -9.49 -41.65
C GLU B 212 -12.08 -8.65 -42.04
N ARG B 213 -11.93 -8.38 -43.33
CA ARG B 213 -10.67 -7.84 -43.84
C ARG B 213 -10.67 -6.32 -43.96
N ARG B 214 -11.72 -5.64 -43.46
CA ARG B 214 -11.72 -4.19 -43.37
C ARG B 214 -11.57 -3.53 -44.74
N ASN B 215 -12.48 -3.86 -45.65
CA ASN B 215 -12.46 -3.35 -47.00
C ASN B 215 -13.86 -2.89 -47.36
N MET B 216 -14.15 -1.63 -47.04
CA MET B 216 -15.40 -0.99 -47.41
C MET B 216 -15.72 -1.18 -48.88
N ALA B 217 -14.70 -1.01 -49.73
CA ALA B 217 -14.92 -1.10 -51.17
C ALA B 217 -15.38 -2.49 -51.57
N LEU B 218 -14.73 -3.52 -51.03
CA LEU B 218 -15.06 -4.88 -51.43
C LEU B 218 -16.45 -5.26 -50.91
N VAL B 219 -16.86 -4.68 -49.80
CA VAL B 219 -18.24 -4.85 -49.35
C VAL B 219 -19.19 -4.20 -50.34
N THR B 220 -18.87 -2.94 -50.70
CA THR B 220 -19.70 -2.17 -51.61
C THR B 220 -19.95 -2.94 -52.91
N LEU B 221 -18.86 -3.37 -53.53
CA LEU B 221 -18.92 -4.05 -54.82
C LEU B 221 -19.81 -5.29 -54.79
N LEU B 222 -19.56 -6.18 -53.83
CA LEU B 222 -20.30 -7.45 -53.76
C LEU B 222 -21.79 -7.21 -53.62
N VAL B 223 -22.15 -6.23 -52.79
CA VAL B 223 -23.55 -5.89 -52.56
C VAL B 223 -24.14 -5.36 -53.85
N GLU B 224 -23.43 -4.45 -54.51
CA GLU B 224 -23.91 -3.89 -55.76
C GLU B 224 -24.04 -4.97 -56.82
N ASN B 225 -23.17 -5.97 -56.78
CA ASN B 225 -23.27 -7.08 -57.70
C ASN B 225 -24.47 -7.96 -57.39
N GLY B 226 -24.95 -7.92 -56.14
CA GLY B 226 -26.12 -8.67 -55.74
C GLY B 226 -25.83 -9.67 -54.65
N ALA B 227 -24.87 -9.35 -53.78
CA ALA B 227 -24.53 -10.21 -52.66
C ALA B 227 -25.66 -10.23 -51.64
N ASP B 228 -25.85 -11.38 -51.01
CA ASP B 228 -26.84 -11.51 -49.96
C ASP B 228 -26.27 -11.05 -48.65
N VAL B 229 -27.14 -10.48 -47.81
CA VAL B 229 -26.75 -9.88 -46.54
C VAL B 229 -27.38 -10.58 -45.35
N GLN B 230 -28.25 -11.56 -45.59
CA GLN B 230 -28.75 -12.46 -44.56
C GLN B 230 -28.09 -13.82 -44.68
N ALA B 231 -26.80 -13.81 -45.03
CA ALA B 231 -26.07 -15.05 -45.21
C ALA B 231 -25.66 -15.62 -43.86
N ALA B 232 -26.16 -16.81 -43.56
CA ALA B 232 -25.97 -17.43 -42.27
C ALA B 232 -24.69 -18.26 -42.26
N ALA B 233 -23.79 -17.95 -41.33
CA ALA B 233 -22.54 -18.68 -41.15
C ALA B 233 -22.64 -19.76 -40.10
N ASN B 234 -23.81 -20.38 -39.98
CA ASN B 234 -23.97 -21.49 -39.03
C ASN B 234 -22.99 -22.61 -39.30
N GLY B 235 -22.03 -22.79 -38.41
CA GLY B 235 -21.00 -23.79 -38.59
C GLY B 235 -20.45 -24.27 -37.27
N ASP B 236 -19.12 -24.42 -37.19
CA ASP B 236 -18.47 -24.84 -35.97
C ASP B 236 -17.46 -23.80 -35.51
N PHE B 237 -16.60 -23.34 -36.41
CA PHE B 237 -15.74 -22.20 -36.09
C PHE B 237 -16.57 -21.01 -35.66
N PHE B 238 -17.72 -20.83 -36.30
CA PHE B 238 -18.63 -19.76 -35.98
C PHE B 238 -19.63 -20.14 -34.90
N LYS B 239 -19.35 -21.22 -34.16
CA LYS B 239 -20.22 -21.71 -33.11
C LYS B 239 -19.59 -21.40 -31.75
N LYS B 240 -20.38 -21.54 -30.69
CA LYS B 240 -19.99 -21.15 -29.34
C LYS B 240 -19.10 -22.16 -28.63
N THR B 241 -18.63 -23.20 -29.34
CA THR B 241 -18.06 -24.38 -28.68
C THR B 241 -16.94 -24.00 -27.72
N LYS B 242 -17.16 -24.33 -26.45
CA LYS B 242 -16.24 -24.01 -25.36
C LYS B 242 -14.87 -24.69 -25.51
N GLY B 243 -14.73 -25.61 -26.43
CA GLY B 243 -13.47 -26.27 -26.76
C GLY B 243 -12.86 -25.63 -27.97
N ARG B 244 -13.12 -26.17 -29.16
CA ARG B 244 -12.68 -25.60 -30.42
C ARG B 244 -13.03 -24.12 -30.48
N PRO B 245 -12.05 -23.22 -30.41
CA PRO B 245 -12.38 -21.79 -30.30
C PRO B 245 -12.85 -21.22 -31.64
N GLY B 246 -13.17 -19.93 -31.60
CA GLY B 246 -13.70 -19.26 -32.76
C GLY B 246 -14.49 -18.03 -32.36
N PHE B 247 -14.46 -17.03 -33.22
CA PHE B 247 -15.09 -15.76 -32.94
C PHE B 247 -16.60 -15.87 -33.10
N TYR B 248 -17.34 -15.78 -31.99
CA TYR B 248 -18.80 -15.84 -32.06
C TYR B 248 -19.35 -14.43 -32.20
N PHE B 249 -19.82 -14.16 -33.39
CA PHE B 249 -20.77 -13.11 -33.68
C PHE B 249 -22.12 -13.77 -33.92
N GLY B 250 -23.07 -13.01 -34.44
CA GLY B 250 -24.40 -13.55 -34.66
C GLY B 250 -24.58 -14.38 -35.91
N GLU B 251 -23.50 -15.00 -36.41
CA GLU B 251 -23.53 -15.89 -37.56
C GLU B 251 -24.25 -15.26 -38.76
N LEU B 252 -24.13 -13.95 -38.86
CA LEU B 252 -24.95 -13.16 -39.75
C LEU B 252 -24.21 -11.84 -39.98
N PRO B 253 -24.16 -11.30 -41.20
CA PRO B 253 -23.11 -10.32 -41.52
C PRO B 253 -23.04 -9.07 -40.66
N LEU B 254 -24.10 -8.28 -40.59
CA LEU B 254 -24.01 -7.00 -39.90
C LEU B 254 -23.65 -7.19 -38.42
N SER B 255 -23.98 -8.35 -37.86
CA SER B 255 -23.47 -8.69 -36.54
C SER B 255 -21.96 -8.77 -36.57
N LEU B 256 -21.40 -9.33 -37.63
CA LEU B 256 -19.95 -9.41 -37.76
C LEU B 256 -19.36 -8.02 -37.87
N ALA B 257 -20.02 -7.15 -38.64
CA ALA B 257 -19.56 -5.77 -38.73
C ALA B 257 -19.72 -5.07 -37.40
N ALA B 258 -20.74 -5.46 -36.64
CA ALA B 258 -21.01 -4.81 -35.37
C ALA B 258 -19.95 -5.20 -34.34
N CYS B 259 -19.60 -6.47 -34.31
CA CYS B 259 -18.60 -6.97 -33.35
C CYS B 259 -17.18 -6.74 -33.82
N THR B 260 -16.95 -5.87 -34.80
CA THR B 260 -15.67 -5.76 -35.48
C THR B 260 -15.29 -4.30 -35.79
N ASN B 261 -16.03 -3.35 -35.23
CA ASN B 261 -15.68 -1.94 -35.25
C ASN B 261 -15.86 -1.31 -36.62
N GLN B 262 -16.59 -1.95 -37.51
CA GLN B 262 -16.76 -1.46 -38.87
C GLN B 262 -18.12 -0.76 -38.96
N LEU B 263 -18.26 0.29 -38.15
CA LEU B 263 -19.53 1.02 -38.08
C LEU B 263 -19.96 1.55 -39.43
N ALA B 264 -19.00 1.98 -40.24
CA ALA B 264 -19.31 2.38 -41.62
C ALA B 264 -20.03 1.26 -42.34
N ILE B 265 -19.48 0.06 -42.26
CA ILE B 265 -20.06 -1.07 -42.97
C ILE B 265 -21.39 -1.46 -42.35
N VAL B 266 -21.57 -1.21 -41.06
CA VAL B 266 -22.88 -1.41 -40.44
C VAL B 266 -23.90 -0.51 -41.11
N LYS B 267 -23.58 0.78 -41.19
CA LYS B 267 -24.52 1.76 -41.71
C LYS B 267 -24.84 1.49 -43.18
N PHE B 268 -23.89 0.91 -43.90
CA PHE B 268 -24.10 0.65 -45.31
C PHE B 268 -25.04 -0.54 -45.52
N LEU B 269 -24.77 -1.64 -44.81
CA LEU B 269 -25.61 -2.82 -44.93
C LEU B 269 -27.04 -2.53 -44.55
N LEU B 270 -27.25 -1.57 -43.66
CA LEU B 270 -28.60 -1.22 -43.23
C LEU B 270 -29.26 -0.29 -44.22
N GLN B 271 -28.54 0.74 -44.67
CA GLN B 271 -29.11 1.82 -45.44
C GLN B 271 -28.90 1.69 -46.95
N ASN B 272 -28.24 0.64 -47.42
CA ASN B 272 -28.05 0.45 -48.85
C ASN B 272 -29.39 0.22 -49.53
N SER B 273 -29.41 0.45 -50.83
CA SER B 273 -30.66 0.35 -51.59
C SER B 273 -30.86 -1.05 -52.15
N TRP B 274 -29.79 -1.70 -52.57
CA TRP B 274 -29.87 -2.98 -53.27
C TRP B 274 -30.50 -4.05 -52.39
N GLN B 275 -30.11 -4.08 -51.12
CA GLN B 275 -30.62 -5.10 -50.20
C GLN B 275 -30.43 -4.60 -48.77
N PRO B 276 -31.45 -3.97 -48.19
CA PRO B 276 -31.30 -3.50 -46.81
C PRO B 276 -31.25 -4.66 -45.84
N ALA B 277 -30.28 -4.59 -44.92
CA ALA B 277 -30.06 -5.66 -43.98
C ALA B 277 -31.16 -5.71 -42.93
N ASP B 278 -31.55 -6.92 -42.55
CA ASP B 278 -32.54 -7.11 -41.50
C ASP B 278 -31.86 -6.91 -40.16
N ILE B 279 -32.21 -5.83 -39.48
CA ILE B 279 -31.66 -5.53 -38.17
C ILE B 279 -32.06 -6.52 -37.10
N SER B 280 -33.10 -7.31 -37.36
CA SER B 280 -33.67 -8.21 -36.35
C SER B 280 -33.50 -9.65 -36.75
N ALA B 281 -32.34 -10.00 -37.26
CA ALA B 281 -32.08 -11.35 -37.73
C ALA B 281 -32.08 -12.32 -36.55
N ARG B 282 -31.99 -13.60 -36.86
CA ARG B 282 -31.91 -14.65 -35.86
C ARG B 282 -30.97 -15.73 -36.38
N ASP B 283 -29.97 -16.08 -35.57
CA ASP B 283 -29.00 -17.10 -35.94
C ASP B 283 -29.55 -18.47 -35.54
N SER B 284 -28.69 -19.49 -35.61
CA SER B 284 -29.09 -20.83 -35.20
C SER B 284 -29.50 -20.85 -33.73
N VAL B 285 -28.87 -20.00 -32.92
CA VAL B 285 -29.25 -19.87 -31.51
C VAL B 285 -30.33 -18.82 -31.31
N GLY B 286 -30.56 -17.96 -32.30
CA GLY B 286 -31.56 -16.93 -32.22
C GLY B 286 -31.03 -15.59 -31.76
N ASN B 287 -29.75 -15.49 -31.44
CA ASN B 287 -29.19 -14.22 -31.01
C ASN B 287 -29.14 -13.26 -32.18
N THR B 288 -29.56 -12.03 -31.92
CA THR B 288 -29.58 -10.96 -32.91
C THR B 288 -28.24 -10.26 -32.92
N VAL B 289 -28.21 -9.07 -33.51
CA VAL B 289 -27.03 -8.22 -33.43
C VAL B 289 -26.73 -7.89 -31.99
N LEU B 290 -27.73 -7.39 -31.26
CA LEU B 290 -27.51 -6.90 -29.92
C LEU B 290 -27.16 -8.04 -28.98
N HIS B 291 -27.84 -9.18 -29.11
CA HIS B 291 -27.52 -10.34 -28.30
C HIS B 291 -26.07 -10.77 -28.47
N ALA B 292 -25.47 -10.43 -29.61
CA ALA B 292 -24.08 -10.78 -29.84
C ALA B 292 -23.14 -9.80 -29.19
N LEU B 293 -23.42 -8.50 -29.36
CA LEU B 293 -22.55 -7.48 -28.82
C LEU B 293 -22.37 -7.63 -27.32
N VAL B 294 -23.43 -8.04 -26.65
CA VAL B 294 -23.34 -8.33 -25.22
C VAL B 294 -22.37 -9.49 -25.01
N GLU B 295 -22.61 -10.57 -25.75
CA GLU B 295 -21.90 -11.81 -25.56
C GLU B 295 -20.42 -11.68 -25.84
N VAL B 296 -20.07 -10.97 -26.91
CA VAL B 296 -18.69 -10.90 -27.34
C VAL B 296 -17.80 -10.15 -26.35
N ALA B 297 -18.36 -9.27 -25.54
CA ALA B 297 -17.58 -8.53 -24.58
C ALA B 297 -17.09 -9.44 -23.46
N ASP B 298 -16.02 -9.00 -22.80
CA ASP B 298 -15.47 -9.74 -21.66
C ASP B 298 -15.01 -8.76 -20.58
N ASN B 299 -15.73 -7.65 -20.44
CA ASN B 299 -15.56 -6.71 -19.35
C ASN B 299 -14.26 -5.92 -19.37
N THR B 300 -13.44 -6.11 -20.40
CA THR B 300 -12.24 -5.30 -20.53
C THR B 300 -12.59 -3.88 -20.94
N ALA B 301 -11.60 -3.01 -20.88
CA ALA B 301 -11.84 -1.59 -21.14
C ALA B 301 -12.16 -1.34 -22.61
N ASP B 302 -11.35 -1.91 -23.49
CA ASP B 302 -11.52 -1.66 -24.93
C ASP B 302 -12.85 -2.19 -25.42
N ASN B 303 -13.19 -3.42 -25.01
CA ASN B 303 -14.52 -3.96 -25.31
C ASN B 303 -15.60 -3.05 -24.78
N THR B 304 -15.52 -2.72 -23.49
CA THR B 304 -16.59 -1.98 -22.86
C THR B 304 -16.72 -0.59 -23.47
N LYS B 305 -15.58 0.04 -23.76
CA LYS B 305 -15.61 1.29 -24.51
C LYS B 305 -16.23 1.06 -25.87
N PHE B 306 -15.94 -0.10 -26.46
CA PHE B 306 -16.37 -0.36 -27.82
C PHE B 306 -17.84 -0.71 -27.87
N VAL B 307 -18.22 -1.73 -27.13
CA VAL B 307 -19.52 -2.36 -27.30
C VAL B 307 -20.63 -1.39 -26.98
N THR B 308 -20.44 -0.58 -25.94
CA THR B 308 -21.46 0.39 -25.57
C THR B 308 -21.71 1.37 -26.70
N SER B 309 -20.67 1.67 -27.48
CA SER B 309 -20.84 2.63 -28.56
C SER B 309 -21.64 2.02 -29.70
N MET B 310 -21.18 0.88 -30.21
CA MET B 310 -21.92 0.20 -31.26
C MET B 310 -23.31 -0.17 -30.79
N TYR B 311 -23.44 -0.50 -29.51
CA TYR B 311 -24.76 -0.78 -28.95
C TYR B 311 -25.61 0.47 -28.96
N ASN B 312 -24.97 1.64 -28.89
CA ASN B 312 -25.71 2.89 -28.96
C ASN B 312 -26.27 3.09 -30.36
N GLU B 313 -25.40 3.01 -31.36
CA GLU B 313 -25.72 3.47 -32.71
C GLU B 313 -26.86 2.65 -33.29
N ILE B 314 -26.73 1.33 -33.22
CA ILE B 314 -27.68 0.44 -33.88
C ILE B 314 -29.07 0.67 -33.35
N LEU B 315 -29.18 1.06 -32.09
CA LEU B 315 -30.47 1.42 -31.54
C LEU B 315 -30.96 2.73 -32.14
N ILE B 316 -30.05 3.69 -32.28
CA ILE B 316 -30.41 4.96 -32.90
C ILE B 316 -30.86 4.72 -34.33
N LEU B 317 -30.16 3.83 -35.03
CA LEU B 317 -30.57 3.49 -36.40
C LEU B 317 -31.89 2.76 -36.39
N GLY B 318 -32.02 1.73 -35.57
CA GLY B 318 -33.25 0.96 -35.54
C GLY B 318 -34.43 1.80 -35.13
N ALA B 319 -34.16 2.89 -34.41
CA ALA B 319 -35.20 3.88 -34.16
C ALA B 319 -35.51 4.66 -35.44
N LYS B 320 -34.48 5.21 -36.08
CA LYS B 320 -34.69 6.07 -37.23
C LYS B 320 -35.23 5.29 -38.43
N LEU B 321 -34.84 4.03 -38.57
CA LEU B 321 -35.25 3.26 -39.74
C LEU B 321 -36.64 2.69 -39.55
N HIS B 322 -36.79 1.84 -38.56
CA HIS B 322 -38.06 1.17 -38.26
C HIS B 322 -38.47 1.53 -36.85
N PRO B 323 -39.20 2.62 -36.63
CA PRO B 323 -39.47 3.07 -35.25
C PRO B 323 -40.60 2.32 -34.55
N THR B 324 -40.64 0.99 -34.69
CA THR B 324 -41.49 0.17 -33.84
C THR B 324 -40.74 -1.02 -33.26
N LEU B 325 -39.68 -1.48 -33.93
CA LEU B 325 -38.94 -2.64 -33.47
C LEU B 325 -38.30 -2.39 -32.11
N LYS B 326 -38.75 -3.14 -31.10
CA LYS B 326 -38.20 -3.06 -29.75
C LYS B 326 -37.08 -4.07 -29.65
N LEU B 327 -35.92 -3.70 -30.19
CA LEU B 327 -34.81 -4.63 -30.32
C LEU B 327 -34.36 -5.16 -28.97
N GLU B 328 -34.46 -4.35 -27.93
CA GLU B 328 -34.07 -4.77 -26.59
C GLU B 328 -35.09 -5.66 -25.92
N GLU B 329 -36.18 -6.00 -26.62
CA GLU B 329 -37.22 -6.85 -26.07
C GLU B 329 -37.41 -8.13 -26.88
N LEU B 330 -36.51 -8.41 -27.82
CA LEU B 330 -36.55 -9.66 -28.55
C LEU B 330 -35.85 -10.75 -27.73
N ILE B 331 -36.07 -11.99 -28.13
CA ILE B 331 -35.88 -13.14 -27.27
C ILE B 331 -35.13 -14.21 -28.04
N ASN B 332 -33.99 -14.63 -27.49
CA ASN B 332 -33.27 -15.78 -28.02
C ASN B 332 -33.95 -17.08 -27.61
N LYS B 333 -33.47 -18.19 -28.15
CA LYS B 333 -34.13 -19.47 -27.95
C LYS B 333 -34.11 -19.88 -26.48
N LYS B 334 -33.11 -19.42 -25.73
CA LYS B 334 -33.06 -19.69 -24.30
C LYS B 334 -33.97 -18.77 -23.50
N GLY B 335 -34.56 -17.76 -24.13
CA GLY B 335 -35.51 -16.91 -23.46
C GLY B 335 -34.95 -15.55 -23.08
N LEU B 336 -33.62 -15.46 -23.00
CA LEU B 336 -32.99 -14.28 -22.44
C LEU B 336 -32.97 -13.13 -23.43
N THR B 337 -33.42 -11.98 -22.97
CA THR B 337 -33.30 -10.72 -23.66
C THR B 337 -31.84 -10.27 -23.59
N PRO B 338 -31.43 -9.23 -24.31
CA PRO B 338 -30.02 -8.86 -24.28
C PRO B 338 -29.54 -8.48 -22.90
N LEU B 339 -30.33 -7.63 -22.24
CA LEU B 339 -30.04 -7.27 -20.87
C LEU B 339 -29.97 -8.50 -20.00
N ALA B 340 -30.90 -9.43 -20.18
CA ALA B 340 -30.89 -10.67 -19.43
C ALA B 340 -29.60 -11.44 -19.69
N LEU B 341 -29.17 -11.47 -20.94
CA LEU B 341 -27.94 -12.15 -21.28
C LEU B 341 -26.76 -11.45 -20.64
N ALA B 342 -26.81 -10.12 -20.64
CA ALA B 342 -25.72 -9.34 -20.09
C ALA B 342 -25.55 -9.61 -18.63
N ALA B 343 -26.65 -9.59 -17.90
CA ALA B 343 -26.59 -9.85 -16.47
C ALA B 343 -26.27 -11.30 -16.21
N SER B 344 -26.82 -12.19 -17.03
CA SER B 344 -26.61 -13.61 -16.85
C SER B 344 -25.14 -13.96 -16.99
N SER B 345 -24.58 -13.73 -18.17
CA SER B 345 -23.18 -14.05 -18.40
C SER B 345 -22.26 -13.14 -17.59
N GLY B 346 -22.78 -12.02 -17.09
CA GLY B 346 -22.02 -11.18 -16.18
C GLY B 346 -21.13 -10.20 -16.89
N LYS B 347 -21.73 -9.35 -17.70
CA LYS B 347 -21.03 -8.34 -18.49
C LYS B 347 -21.28 -6.97 -17.86
N ILE B 348 -20.43 -6.60 -16.91
CA ILE B 348 -20.73 -5.45 -16.05
C ILE B 348 -20.77 -4.16 -16.84
N GLY B 349 -19.87 -4.00 -17.78
CA GLY B 349 -19.71 -2.74 -18.46
C GLY B 349 -20.90 -2.49 -19.34
N VAL B 350 -21.36 -3.57 -19.96
CA VAL B 350 -22.56 -3.51 -20.77
C VAL B 350 -23.77 -3.28 -19.90
N LEU B 351 -23.79 -3.89 -18.71
CA LEU B 351 -24.94 -3.76 -17.84
C LEU B 351 -25.05 -2.36 -17.30
N ALA B 352 -23.93 -1.69 -17.13
CA ALA B 352 -23.96 -0.29 -16.77
C ALA B 352 -24.69 0.48 -17.85
N TYR B 353 -24.19 0.36 -19.07
CA TYR B 353 -24.68 1.20 -20.16
C TYR B 353 -26.17 1.00 -20.39
N ILE B 354 -26.61 -0.27 -20.38
CA ILE B 354 -27.99 -0.55 -20.76
C ILE B 354 -28.95 0.06 -19.76
N LEU B 355 -28.51 0.27 -18.52
CA LEU B 355 -29.41 0.78 -17.50
C LEU B 355 -29.32 2.29 -17.39
N GLN B 356 -28.11 2.83 -17.27
CA GLN B 356 -27.92 4.25 -17.06
C GLN B 356 -27.48 4.94 -18.34
N ARG B 357 -28.02 4.51 -19.48
CA ARG B 357 -27.82 5.24 -20.72
C ARG B 357 -28.46 6.61 -20.62
N GLU B 358 -28.17 7.46 -21.60
CA GLU B 358 -28.94 8.67 -21.80
C GLU B 358 -28.68 9.17 -23.22
N ILE B 359 -29.72 9.10 -24.05
CA ILE B 359 -29.67 9.55 -25.43
C ILE B 359 -30.25 10.96 -25.47
N GLN B 360 -29.37 11.95 -25.59
CA GLN B 360 -29.82 13.33 -25.78
C GLN B 360 -30.47 13.55 -27.13
N GLU B 361 -30.17 12.72 -28.11
CA GLU B 361 -30.58 12.97 -29.48
C GLU B 361 -32.09 12.93 -29.61
N PRO B 362 -32.76 13.95 -30.16
CA PRO B 362 -34.20 13.87 -30.32
C PRO B 362 -34.57 12.79 -31.33
N GLU B 363 -35.87 12.45 -31.32
CA GLU B 363 -36.48 11.44 -32.17
C GLU B 363 -36.12 10.02 -31.72
N CYS B 364 -35.20 9.87 -30.77
CA CYS B 364 -34.75 8.59 -30.28
C CYS B 364 -34.49 8.68 -28.78
N ARG B 365 -35.32 9.49 -28.10
CA ARG B 365 -35.23 9.64 -26.65
C ARG B 365 -35.99 8.58 -25.89
N HIS B 366 -37.01 7.99 -26.50
CA HIS B 366 -37.79 6.93 -25.88
C HIS B 366 -36.93 5.77 -25.42
N LEU B 367 -35.81 5.53 -26.09
CA LEU B 367 -34.95 4.42 -25.74
C LEU B 367 -34.21 4.63 -24.45
N SER B 368 -33.96 5.88 -24.07
CA SER B 368 -33.17 6.15 -22.89
C SER B 368 -33.88 5.61 -21.65
N ARG B 369 -33.09 5.43 -20.59
CA ARG B 369 -33.60 5.05 -19.28
C ARG B 369 -33.31 6.10 -18.23
N LYS B 370 -32.06 6.52 -18.08
CA LYS B 370 -31.71 7.50 -17.06
C LYS B 370 -32.19 8.86 -17.54
N PHE B 371 -33.47 9.09 -17.33
CA PHE B 371 -34.02 10.40 -17.60
C PHE B 371 -33.78 11.32 -16.41
N THR B 372 -33.83 12.62 -16.70
CA THR B 372 -33.69 13.66 -15.70
C THR B 372 -34.98 14.47 -15.66
N GLU B 373 -35.66 14.40 -14.53
CA GLU B 373 -36.75 15.31 -14.21
C GLU B 373 -36.10 16.54 -13.61
N TRP B 374 -36.88 17.31 -12.85
CA TRP B 374 -36.51 18.60 -12.27
C TRP B 374 -35.05 18.71 -11.88
N ALA B 375 -34.43 19.78 -12.35
CA ALA B 375 -33.03 20.06 -12.11
C ALA B 375 -32.90 21.54 -11.79
N TYR B 376 -32.98 21.87 -10.51
CA TYR B 376 -32.89 23.24 -10.04
C TYR B 376 -31.42 23.56 -9.85
N GLY B 377 -30.76 23.90 -10.95
CA GLY B 377 -29.37 24.28 -10.92
C GLY B 377 -28.47 23.10 -10.64
N PRO B 378 -27.72 23.12 -9.53
CA PRO B 378 -26.75 22.04 -9.31
C PRO B 378 -27.40 20.69 -9.09
N VAL B 379 -28.62 20.69 -8.59
CA VAL B 379 -29.36 19.47 -8.28
C VAL B 379 -30.02 18.97 -9.56
N HIS B 380 -30.16 17.66 -9.67
CA HIS B 380 -30.92 17.03 -10.73
C HIS B 380 -31.40 15.67 -10.26
N SER B 381 -32.68 15.42 -10.44
CA SER B 381 -33.35 14.21 -9.99
C SER B 381 -33.56 13.32 -11.20
N SER B 382 -33.11 12.07 -11.09
CA SER B 382 -33.11 11.15 -12.20
C SER B 382 -34.08 9.99 -11.97
N LEU B 383 -34.46 9.33 -13.07
CA LEU B 383 -35.56 8.37 -13.11
C LEU B 383 -35.12 7.06 -13.77
N TYR B 384 -34.10 6.42 -13.20
CA TYR B 384 -33.67 5.11 -13.66
C TYR B 384 -34.83 4.17 -13.88
N ASP B 385 -35.04 3.79 -15.15
CA ASP B 385 -36.16 2.96 -15.53
C ASP B 385 -36.03 1.57 -14.92
N LEU B 386 -37.15 0.85 -14.90
CA LEU B 386 -37.27 -0.38 -14.11
C LEU B 386 -37.92 -1.51 -14.89
N SER B 387 -38.25 -1.32 -16.16
CA SER B 387 -39.17 -2.18 -16.89
C SER B 387 -38.84 -3.66 -16.83
N CYS B 388 -37.55 -4.00 -16.86
CA CYS B 388 -37.10 -5.37 -16.96
C CYS B 388 -36.12 -5.75 -15.86
N ILE B 389 -36.14 -5.03 -14.74
CA ILE B 389 -35.19 -5.24 -13.67
C ILE B 389 -35.87 -5.31 -12.31
N ASP B 390 -37.19 -5.49 -12.29
CA ASP B 390 -37.95 -5.69 -11.08
C ASP B 390 -38.65 -7.03 -11.19
N THR B 391 -38.98 -7.61 -10.04
CA THR B 391 -39.52 -8.96 -10.00
C THR B 391 -40.97 -9.01 -10.45
N CYS B 392 -41.21 -8.62 -11.70
CA CYS B 392 -42.53 -8.69 -12.31
C CYS B 392 -42.43 -9.46 -13.62
N GLU B 393 -41.33 -9.25 -14.34
CA GLU B 393 -41.09 -10.00 -15.57
C GLU B 393 -40.43 -11.32 -15.26
N LYS B 394 -40.41 -12.19 -16.27
CA LYS B 394 -39.83 -13.51 -16.15
C LYS B 394 -38.35 -13.45 -15.84
N ASN B 395 -37.57 -12.88 -16.76
CA ASN B 395 -36.12 -12.88 -16.67
C ASN B 395 -35.61 -11.50 -16.28
N SER B 396 -36.07 -11.05 -15.13
CA SER B 396 -35.55 -9.83 -14.56
C SER B 396 -34.10 -10.04 -14.16
N VAL B 397 -33.29 -9.01 -14.36
CA VAL B 397 -31.85 -9.13 -14.09
C VAL B 397 -31.62 -9.51 -12.66
N LEU B 398 -32.37 -8.90 -11.75
CA LEU B 398 -32.13 -9.07 -10.35
C LEU B 398 -32.52 -10.48 -9.93
N GLU B 399 -33.47 -11.07 -10.64
CA GLU B 399 -33.78 -12.48 -10.46
C GLU B 399 -32.66 -13.34 -11.04
N VAL B 400 -31.98 -12.83 -12.07
CA VAL B 400 -30.93 -13.60 -12.73
C VAL B 400 -29.63 -13.47 -11.96
N ILE B 401 -29.28 -12.26 -11.56
CA ILE B 401 -27.96 -11.98 -11.02
C ILE B 401 -27.74 -12.77 -9.74
N ALA B 402 -28.76 -12.83 -8.90
CA ALA B 402 -28.61 -13.45 -7.61
C ALA B 402 -28.68 -14.96 -7.69
N TYR B 403 -29.69 -15.49 -8.36
CA TYR B 403 -29.92 -16.92 -8.40
C TYR B 403 -29.02 -17.66 -9.38
N SER B 404 -28.22 -16.95 -10.15
CA SER B 404 -27.40 -17.63 -11.14
C SER B 404 -26.21 -18.32 -10.48
N SER B 405 -25.55 -19.16 -11.26
CA SER B 405 -24.40 -19.90 -10.81
C SER B 405 -23.29 -18.94 -10.39
N SER B 406 -22.36 -19.46 -9.59
CA SER B 406 -21.14 -18.75 -9.29
C SER B 406 -20.17 -18.74 -10.45
N GLU B 407 -20.43 -19.51 -11.50
CA GLU B 407 -19.63 -19.50 -12.71
C GLU B 407 -19.76 -18.19 -13.48
N THR B 408 -20.77 -17.39 -13.18
CA THR B 408 -20.94 -16.10 -13.82
C THR B 408 -20.01 -15.11 -13.13
N PRO B 409 -18.96 -14.62 -13.76
CA PRO B 409 -18.06 -13.70 -13.06
C PRO B 409 -18.76 -12.41 -12.72
N ASN B 410 -18.31 -11.80 -11.63
CA ASN B 410 -18.81 -10.50 -11.21
C ASN B 410 -20.30 -10.51 -10.94
N ARG B 411 -20.79 -11.53 -10.21
CA ARG B 411 -22.11 -11.44 -9.62
C ARG B 411 -22.20 -10.22 -8.73
N HIS B 412 -21.14 -9.97 -7.98
CA HIS B 412 -21.17 -8.93 -6.97
C HIS B 412 -21.14 -7.56 -7.59
N ASP B 413 -20.14 -7.30 -8.43
CA ASP B 413 -19.93 -5.97 -8.96
C ASP B 413 -21.08 -5.49 -9.84
N MET B 414 -21.91 -6.38 -10.37
CA MET B 414 -23.08 -5.94 -11.10
C MET B 414 -24.04 -5.21 -10.18
N LEU B 415 -24.24 -5.72 -8.98
CA LEU B 415 -25.18 -5.13 -8.04
C LEU B 415 -24.67 -3.85 -7.41
N LEU B 416 -23.47 -3.41 -7.80
CA LEU B 416 -22.95 -2.11 -7.39
C LEU B 416 -23.15 -1.04 -8.45
N VAL B 417 -23.83 -1.36 -9.54
CA VAL B 417 -24.27 -0.34 -10.48
C VAL B 417 -25.26 0.55 -9.76
N GLU B 418 -25.49 1.75 -10.27
CA GLU B 418 -26.15 2.81 -9.52
C GLU B 418 -27.58 2.46 -9.12
N PRO B 419 -28.48 2.13 -10.04
CA PRO B 419 -29.86 1.89 -9.61
C PRO B 419 -30.01 0.65 -8.77
N LEU B 420 -29.45 -0.49 -9.22
CA LEU B 420 -29.67 -1.75 -8.54
C LEU B 420 -29.21 -1.70 -7.10
N ASN B 421 -28.11 -0.99 -6.84
CA ASN B 421 -27.62 -0.88 -5.47
C ASN B 421 -28.63 -0.17 -4.60
N ARG B 422 -28.99 1.06 -4.98
CA ARG B 422 -29.96 1.80 -4.19
C ARG B 422 -31.33 1.17 -4.28
N LEU B 423 -31.60 0.40 -5.33
CA LEU B 423 -32.91 -0.22 -5.47
C LEU B 423 -33.18 -1.17 -4.33
N LEU B 424 -32.16 -1.92 -3.93
CA LEU B 424 -32.35 -2.94 -2.91
C LEU B 424 -32.48 -2.32 -1.54
N GLN B 425 -31.55 -1.43 -1.20
CA GLN B 425 -31.50 -0.86 0.14
C GLN B 425 -32.76 -0.14 0.49
N ASP B 426 -33.47 0.36 -0.51
CA ASP B 426 -34.75 0.98 -0.22
C ASP B 426 -35.80 -0.08 0.10
N LYS B 427 -35.96 -1.08 -0.77
CA LYS B 427 -36.91 -2.13 -0.45
C LYS B 427 -36.43 -3.01 0.69
N TRP B 428 -35.20 -2.81 1.16
CA TRP B 428 -34.85 -3.27 2.49
C TRP B 428 -35.46 -2.36 3.54
N ASP B 429 -35.27 -1.05 3.37
CA ASP B 429 -35.73 -0.07 4.33
C ASP B 429 -37.25 0.07 4.33
N ARG B 430 -37.92 -0.59 3.40
CA ARG B 430 -39.37 -0.72 3.45
C ARG B 430 -39.77 -2.13 3.00
N PHE B 431 -40.71 -2.69 3.75
CA PHE B 431 -41.37 -3.97 3.53
C PHE B 431 -40.51 -5.20 3.34
N VAL B 432 -39.24 -5.17 3.78
CA VAL B 432 -38.44 -6.38 3.92
C VAL B 432 -37.78 -6.48 5.28
N LYS B 433 -37.17 -5.39 5.73
CA LYS B 433 -36.56 -5.34 7.05
C LYS B 433 -37.53 -5.77 8.15
N ARG B 434 -38.81 -5.46 7.97
CA ARG B 434 -39.80 -5.88 8.95
C ARG B 434 -40.01 -7.38 8.88
N ILE B 435 -40.27 -7.90 7.68
CA ILE B 435 -40.53 -9.33 7.53
C ILE B 435 -39.32 -10.13 7.92
N PHE B 436 -38.13 -9.60 7.66
CA PHE B 436 -36.90 -10.31 7.97
C PHE B 436 -36.73 -10.46 9.47
N TYR B 437 -36.73 -9.34 10.18
CA TYR B 437 -36.65 -9.38 11.64
C TYR B 437 -37.75 -10.23 12.24
N PHE B 438 -38.92 -10.27 11.60
CA PHE B 438 -39.98 -11.11 12.13
C PHE B 438 -39.59 -12.57 12.05
N ASN B 439 -38.94 -12.97 10.97
CA ASN B 439 -38.47 -14.34 10.87
C ASN B 439 -37.39 -14.60 11.90
N PHE B 440 -36.54 -13.60 12.15
CA PHE B 440 -35.50 -13.75 13.16
C PHE B 440 -36.09 -13.97 14.53
N PHE B 441 -37.20 -13.30 14.81
CA PHE B 441 -37.89 -13.51 16.07
C PHE B 441 -38.37 -14.94 16.17
N VAL B 442 -39.04 -15.43 15.13
CA VAL B 442 -39.65 -16.74 15.16
C VAL B 442 -38.59 -17.82 15.26
N TYR B 443 -37.50 -17.68 14.52
CA TYR B 443 -36.46 -18.71 14.56
C TYR B 443 -35.82 -18.78 15.94
N CYS B 444 -35.72 -17.64 16.63
CA CYS B 444 -35.28 -17.69 18.00
C CYS B 444 -36.27 -18.45 18.86
N LEU B 445 -37.56 -18.20 18.67
CA LEU B 445 -38.56 -18.87 19.48
C LEU B 445 -38.62 -20.35 19.16
N TYR B 446 -38.21 -20.73 17.96
CA TYR B 446 -38.10 -22.14 17.63
C TYR B 446 -37.06 -22.79 18.51
N MET B 447 -35.87 -22.21 18.54
CA MET B 447 -34.74 -22.87 19.15
C MET B 447 -34.81 -22.81 20.67
N ILE B 448 -35.39 -21.75 21.21
CA ILE B 448 -35.58 -21.69 22.65
C ILE B 448 -36.54 -22.78 23.10
N VAL B 449 -37.50 -23.12 22.25
CA VAL B 449 -38.40 -24.22 22.55
C VAL B 449 -37.67 -25.54 22.33
N PHE B 450 -36.96 -25.65 21.22
CA PHE B 450 -36.24 -26.86 20.89
C PHE B 450 -35.22 -27.20 21.97
N THR B 451 -34.39 -26.24 22.33
CA THR B 451 -33.51 -26.38 23.47
C THR B 451 -34.28 -26.79 24.71
N THR B 452 -35.43 -26.19 24.94
CA THR B 452 -36.19 -26.44 26.16
C THR B 452 -36.68 -27.88 26.19
N ALA B 453 -37.05 -28.41 25.03
CA ALA B 453 -37.47 -29.81 24.96
C ALA B 453 -36.32 -30.71 25.35
N ALA B 454 -35.13 -30.35 24.88
CA ALA B 454 -33.96 -31.16 25.07
C ALA B 454 -33.54 -31.22 26.53
N TYR B 455 -33.21 -30.07 27.09
CA TYR B 455 -32.68 -29.96 28.44
C TYR B 455 -33.59 -30.59 29.48
N TYR B 456 -34.88 -30.71 29.16
CA TYR B 456 -35.84 -31.46 29.97
C TYR B 456 -36.28 -32.72 29.26
N ARG B 457 -35.42 -33.34 28.47
CA ARG B 457 -35.80 -34.60 27.85
C ARG B 457 -35.91 -35.68 28.92
N PRO B 458 -36.77 -36.69 28.72
CA PRO B 458 -36.81 -37.80 29.67
C PRO B 458 -35.56 -38.65 29.59
N VAL B 459 -34.92 -38.84 30.74
CA VAL B 459 -33.83 -39.79 30.87
C VAL B 459 -34.36 -41.00 31.63
N ASP B 460 -34.82 -41.99 30.87
CA ASP B 460 -35.49 -43.18 31.40
C ASP B 460 -35.11 -44.28 30.45
N GLY B 461 -35.85 -45.37 30.37
CA GLY B 461 -35.59 -46.44 29.45
C GLY B 461 -35.77 -46.01 28.00
N LEU B 462 -36.16 -46.96 27.18
CA LEU B 462 -36.24 -46.82 25.74
C LEU B 462 -37.14 -45.65 25.34
N PRO B 463 -37.12 -45.21 24.08
CA PRO B 463 -37.48 -43.81 23.78
C PRO B 463 -38.92 -43.54 23.36
N PRO B 464 -39.92 -44.44 23.48
CA PRO B 464 -41.27 -43.95 23.18
C PRO B 464 -41.83 -43.04 24.25
N TYR B 465 -41.59 -43.37 25.52
CA TYR B 465 -41.68 -42.47 26.67
C TYR B 465 -43.08 -42.10 27.20
N LYS B 466 -44.16 -42.56 26.54
CA LYS B 466 -45.42 -42.84 27.24
C LYS B 466 -45.92 -41.72 28.16
N LEU B 467 -46.42 -40.62 27.58
CA LEU B 467 -46.69 -39.35 28.26
C LEU B 467 -47.33 -39.57 29.63
N LYS B 468 -46.61 -39.15 30.67
CA LYS B 468 -47.17 -39.07 32.01
C LYS B 468 -47.72 -37.68 32.26
N ASN B 469 -48.78 -37.61 33.06
CA ASN B 469 -49.55 -36.39 33.19
C ASN B 469 -48.92 -35.43 34.19
N THR B 470 -48.47 -34.29 33.68
CA THR B 470 -47.93 -33.20 34.49
C THR B 470 -47.74 -31.99 33.60
N VAL B 471 -47.92 -30.79 34.15
CA VAL B 471 -47.84 -29.51 33.44
C VAL B 471 -46.56 -29.45 32.62
N GLY B 472 -45.47 -29.96 33.18
CA GLY B 472 -44.22 -30.03 32.46
C GLY B 472 -44.33 -30.89 31.23
N ASP B 473 -44.91 -32.08 31.37
CA ASP B 473 -44.89 -33.04 30.28
C ASP B 473 -45.94 -32.72 29.22
N TYR B 474 -47.00 -32.01 29.58
CA TYR B 474 -47.90 -31.50 28.55
C TYR B 474 -47.18 -30.47 27.68
N PHE B 475 -46.38 -29.62 28.31
CA PHE B 475 -45.62 -28.63 27.56
C PHE B 475 -44.35 -29.22 26.97
N ARG B 476 -43.84 -30.31 27.56
CA ARG B 476 -42.69 -30.98 26.98
C ARG B 476 -43.02 -31.52 25.59
N VAL B 477 -44.09 -32.30 25.50
CA VAL B 477 -44.48 -32.90 24.22
C VAL B 477 -44.85 -31.80 23.23
N THR B 478 -45.40 -30.69 23.73
CA THR B 478 -45.64 -29.54 22.88
C THR B 478 -44.32 -29.05 22.29
N GLY B 479 -43.27 -29.06 23.09
CA GLY B 479 -41.97 -28.64 22.62
C GLY B 479 -41.44 -29.56 21.55
N GLU B 480 -41.71 -30.85 21.70
CA GLU B 480 -41.30 -31.82 20.70
C GLU B 480 -41.99 -31.56 19.37
N ILE B 481 -43.30 -31.39 19.42
CA ILE B 481 -44.10 -31.31 18.21
C ILE B 481 -43.73 -30.07 17.43
N LEU B 482 -43.68 -28.92 18.12
CA LEU B 482 -43.33 -27.67 17.45
C LEU B 482 -41.93 -27.75 16.85
N SER B 483 -41.03 -28.45 17.53
CA SER B 483 -39.69 -28.62 17.00
C SER B 483 -39.72 -29.42 15.70
N VAL B 484 -40.36 -30.58 15.72
CA VAL B 484 -40.44 -31.42 14.54
C VAL B 484 -41.21 -30.70 13.44
N SER B 485 -42.36 -30.15 13.78
CA SER B 485 -43.21 -29.51 12.78
C SER B 485 -42.52 -28.31 12.17
N GLY B 486 -41.58 -27.71 12.89
CA GLY B 486 -40.78 -26.66 12.31
C GLY B 486 -39.55 -27.20 11.61
N GLY B 487 -38.99 -28.29 12.12
CA GLY B 487 -37.85 -28.89 11.46
C GLY B 487 -38.20 -29.36 10.07
N VAL B 488 -39.38 -29.96 9.92
CA VAL B 488 -39.83 -30.40 8.61
C VAL B 488 -40.06 -29.21 7.69
N TYR B 489 -40.29 -28.03 8.24
CA TYR B 489 -40.51 -26.86 7.41
C TYR B 489 -39.23 -26.49 6.67
N PHE B 490 -38.10 -26.57 7.37
CA PHE B 490 -36.82 -26.29 6.72
C PHE B 490 -36.54 -27.33 5.64
N PHE B 491 -36.95 -28.57 5.89
CA PHE B 491 -36.77 -29.64 4.91
C PHE B 491 -37.50 -29.32 3.63
N LEU B 492 -38.82 -29.12 3.71
CA LEU B 492 -39.63 -28.88 2.53
C LEU B 492 -39.16 -27.65 1.80
N ARG B 493 -38.88 -26.57 2.54
CA ARG B 493 -38.36 -25.36 1.93
C ARG B 493 -36.96 -25.61 1.39
N GLY B 494 -36.25 -26.58 1.96
CA GLY B 494 -34.98 -26.98 1.39
C GLY B 494 -35.16 -27.78 0.11
N ILE B 495 -36.12 -28.70 0.10
CA ILE B 495 -36.42 -29.45 -1.12
C ILE B 495 -36.82 -28.50 -2.22
N GLN B 496 -37.57 -27.46 -1.85
CA GLN B 496 -37.99 -26.46 -2.82
C GLN B 496 -36.78 -25.75 -3.42
N TYR B 497 -35.66 -25.76 -2.71
CA TYR B 497 -34.47 -25.08 -3.21
C TYR B 497 -33.63 -26.00 -4.08
N PHE B 498 -33.50 -27.27 -3.71
CA PHE B 498 -32.54 -28.15 -4.37
C PHE B 498 -33.06 -28.73 -5.68
N LEU B 499 -34.10 -29.57 -5.62
CA LEU B 499 -34.58 -30.28 -6.79
C LEU B 499 -35.87 -29.62 -7.27
N GLN B 500 -35.91 -28.30 -7.14
CA GLN B 500 -37.01 -27.46 -7.58
C GLN B 500 -36.34 -26.13 -7.94
N ARG B 501 -37.08 -25.01 -7.89
CA ARG B 501 -36.57 -23.68 -8.21
C ARG B 501 -35.13 -23.49 -7.71
N ARG B 502 -34.32 -22.91 -8.58
CA ARG B 502 -32.87 -22.91 -8.46
C ARG B 502 -32.34 -24.33 -8.38
N PRO B 503 -32.51 -25.14 -9.40
CA PRO B 503 -31.92 -26.47 -9.38
C PRO B 503 -30.40 -26.39 -9.46
N SER B 504 -29.75 -26.68 -8.34
CA SER B 504 -28.31 -26.50 -8.24
C SER B 504 -27.56 -27.81 -8.42
N MET B 505 -26.29 -27.67 -8.81
CA MET B 505 -25.36 -28.75 -9.00
C MET B 505 -24.41 -28.82 -7.80
N LYS B 506 -23.39 -29.68 -7.89
CA LYS B 506 -22.59 -30.02 -6.72
C LYS B 506 -21.73 -28.85 -6.27
N THR B 507 -21.03 -28.21 -7.19
CA THR B 507 -20.28 -27.01 -6.82
C THR B 507 -21.21 -25.87 -6.40
N LEU B 508 -22.47 -25.92 -6.83
CA LEU B 508 -23.41 -24.87 -6.48
C LEU B 508 -24.02 -25.11 -5.10
N PHE B 509 -24.07 -26.37 -4.66
CA PHE B 509 -24.53 -26.65 -3.31
C PHE B 509 -23.65 -25.95 -2.29
N VAL B 510 -22.34 -26.02 -2.48
CA VAL B 510 -21.41 -25.52 -1.47
C VAL B 510 -21.28 -24.00 -1.57
N ASP B 511 -21.46 -23.46 -2.79
CA ASP B 511 -21.52 -22.02 -2.93
C ASP B 511 -22.72 -21.45 -2.18
N SER B 512 -23.90 -22.03 -2.41
CA SER B 512 -25.08 -21.72 -1.61
C SER B 512 -24.95 -22.38 -0.25
N TYR B 513 -24.02 -21.86 0.55
CA TYR B 513 -23.64 -22.52 1.82
C TYR B 513 -24.80 -22.62 2.79
N SER B 514 -25.55 -21.55 3.03
CA SER B 514 -26.49 -21.56 4.13
C SER B 514 -27.56 -22.61 3.95
N GLU B 515 -28.15 -22.67 2.76
CA GLU B 515 -29.37 -23.44 2.61
C GLU B 515 -29.11 -24.93 2.73
N MET B 516 -27.85 -25.35 2.57
CA MET B 516 -27.48 -26.66 3.05
C MET B 516 -27.71 -26.77 4.55
N LEU B 517 -27.08 -25.87 5.30
CA LEU B 517 -27.04 -26.00 6.75
C LEU B 517 -28.43 -26.05 7.35
N PHE B 518 -29.35 -25.24 6.84
CA PHE B 518 -30.71 -25.32 7.33
C PHE B 518 -31.38 -26.58 6.83
N PHE B 519 -30.92 -27.10 5.68
CA PHE B 519 -31.43 -28.38 5.24
C PHE B 519 -30.81 -29.51 6.05
N VAL B 520 -29.51 -29.40 6.32
CA VAL B 520 -28.82 -30.43 7.08
C VAL B 520 -29.36 -30.50 8.49
N GLN B 521 -29.75 -29.36 9.03
CA GLN B 521 -30.38 -29.33 10.34
C GLN B 521 -31.62 -30.19 10.36
N SER B 522 -32.47 -30.04 9.35
CA SER B 522 -33.72 -30.77 9.34
C SER B 522 -33.49 -32.26 9.13
N LEU B 523 -32.36 -32.62 8.51
CA LEU B 523 -32.08 -34.03 8.30
C LEU B 523 -31.85 -34.73 9.61
N PHE B 524 -30.92 -34.22 10.41
CA PHE B 524 -30.70 -34.75 11.74
C PHE B 524 -31.99 -34.75 12.54
N MET B 525 -32.73 -33.65 12.45
CA MET B 525 -33.97 -33.54 13.19
C MET B 525 -34.98 -34.58 12.74
N LEU B 526 -35.22 -34.64 11.43
CA LEU B 526 -36.07 -35.70 10.89
C LEU B 526 -35.39 -37.05 10.96
N GLY B 527 -34.07 -37.07 11.18
CA GLY B 527 -33.43 -38.32 11.54
C GLY B 527 -33.76 -38.71 12.96
N SER B 528 -33.76 -37.73 13.86
CA SER B 528 -33.96 -38.01 15.27
C SER B 528 -35.33 -38.62 15.52
N VAL B 529 -36.35 -38.04 14.90
CA VAL B 529 -37.72 -38.45 15.16
C VAL B 529 -37.94 -39.90 14.76
N VAL B 530 -37.23 -40.37 13.74
CA VAL B 530 -37.32 -41.77 13.34
C VAL B 530 -36.87 -42.65 14.49
N LEU B 531 -35.71 -42.35 15.05
CA LEU B 531 -35.15 -43.18 16.10
C LEU B 531 -36.01 -43.13 17.34
N TYR B 532 -36.64 -41.98 17.60
CA TYR B 532 -37.48 -41.81 18.77
C TYR B 532 -38.65 -42.78 18.75
N PHE B 533 -39.17 -43.06 17.55
CA PHE B 533 -40.26 -44.01 17.39
C PHE B 533 -39.78 -45.39 16.97
N SER B 534 -38.52 -45.54 16.59
CA SER B 534 -37.93 -46.84 16.32
C SER B 534 -37.35 -47.50 17.57
N HIS B 535 -37.68 -46.98 18.75
CA HIS B 535 -37.29 -47.58 20.01
C HIS B 535 -35.77 -47.64 20.21
N ARG B 536 -35.03 -46.83 19.46
CA ARG B 536 -33.58 -46.76 19.58
C ARG B 536 -33.16 -45.46 20.26
N LYS B 537 -32.23 -45.58 21.19
CA LYS B 537 -31.82 -44.49 22.07
C LYS B 537 -31.15 -43.33 21.34
N GLU B 538 -30.74 -43.52 20.10
CA GLU B 538 -29.90 -42.56 19.40
C GLU B 538 -30.63 -41.30 18.95
N TYR B 539 -31.88 -41.10 19.37
CA TYR B 539 -32.56 -39.84 19.05
C TYR B 539 -31.77 -38.67 19.59
N VAL B 540 -31.12 -38.85 20.73
CA VAL B 540 -30.43 -37.75 21.38
C VAL B 540 -29.27 -37.27 20.53
N ALA B 541 -28.58 -38.21 19.89
CA ALA B 541 -27.42 -37.84 19.09
C ALA B 541 -27.83 -36.94 17.94
N SER B 542 -28.77 -37.43 17.14
CA SER B 542 -29.26 -36.66 16.00
C SER B 542 -29.81 -35.32 16.44
N MET B 543 -30.50 -35.29 17.59
CA MET B 543 -31.07 -34.05 18.05
C MET B 543 -30.00 -33.05 18.39
N VAL B 544 -28.90 -33.52 18.95
CA VAL B 544 -27.87 -32.62 19.46
C VAL B 544 -27.14 -31.95 18.32
N PHE B 545 -26.71 -32.73 17.33
CA PHE B 545 -26.12 -32.15 16.14
C PHE B 545 -27.06 -31.15 15.49
N SER B 546 -28.36 -31.44 15.51
CA SER B 546 -29.32 -30.55 14.91
C SER B 546 -29.38 -29.24 15.68
N LEU B 547 -29.36 -29.34 16.99
CA LEU B 547 -29.32 -28.16 17.84
C LEU B 547 -28.12 -27.30 17.51
N ALA B 548 -26.94 -27.90 17.51
CA ALA B 548 -25.71 -27.14 17.48
C ALA B 548 -25.60 -26.37 16.18
N MET B 549 -25.97 -26.98 15.07
CA MET B 549 -26.14 -26.21 13.86
C MET B 549 -27.21 -25.15 14.04
N GLY B 550 -28.29 -25.48 14.76
CA GLY B 550 -29.42 -24.59 14.82
C GLY B 550 -29.12 -23.26 15.48
N TRP B 551 -28.41 -23.29 16.61
CA TRP B 551 -27.95 -22.04 17.18
C TRP B 551 -26.88 -21.42 16.31
N THR B 552 -25.91 -22.21 15.89
CA THR B 552 -24.97 -21.78 14.88
C THR B 552 -25.65 -21.29 13.62
N ASN B 553 -26.83 -21.81 13.33
CA ASN B 553 -27.59 -21.33 12.19
C ASN B 553 -28.20 -19.96 12.41
N MET B 554 -28.49 -19.60 13.67
CA MET B 554 -29.01 -18.28 13.95
C MET B 554 -28.02 -17.20 13.56
N LEU B 555 -26.75 -17.57 13.42
CA LEU B 555 -25.73 -16.72 12.86
C LEU B 555 -26.12 -16.28 11.46
N TYR B 556 -26.94 -17.09 10.78
CA TYR B 556 -27.33 -16.78 9.42
C TYR B 556 -28.09 -15.48 9.31
N TYR B 557 -29.01 -15.23 10.23
CA TYR B 557 -29.78 -13.99 10.20
C TYR B 557 -29.00 -12.82 10.77
N THR B 558 -27.78 -12.66 10.29
CA THR B 558 -27.09 -11.40 10.26
C THR B 558 -26.88 -10.97 8.82
N ARG B 559 -27.76 -11.39 7.92
CA ARG B 559 -27.82 -10.83 6.59
C ARG B 559 -28.38 -9.43 6.64
N GLY B 560 -29.18 -9.13 7.66
CA GLY B 560 -29.31 -7.76 8.09
C GLY B 560 -28.05 -7.31 8.80
N PHE B 561 -28.10 -6.12 9.38
CA PHE B 561 -27.07 -5.71 10.31
C PHE B 561 -25.67 -5.71 9.70
N GLN B 562 -25.41 -4.75 8.80
CA GLN B 562 -24.24 -4.74 7.90
C GLN B 562 -22.95 -5.20 8.58
N GLN B 563 -22.52 -4.49 9.61
CA GLN B 563 -21.17 -4.70 10.14
C GLN B 563 -20.98 -6.12 10.68
N MET B 564 -22.08 -6.81 10.99
CA MET B 564 -21.98 -8.20 11.41
C MET B 564 -22.12 -9.14 10.23
N GLY B 565 -22.92 -8.77 9.24
CA GLY B 565 -23.05 -9.58 8.05
C GLY B 565 -21.72 -9.77 7.35
N ILE B 566 -20.87 -8.75 7.42
CA ILE B 566 -19.53 -8.87 6.87
C ILE B 566 -18.77 -9.94 7.63
N TYR B 567 -19.05 -10.08 8.92
CA TYR B 567 -18.25 -10.97 9.74
C TYR B 567 -18.73 -12.40 9.62
N ALA B 568 -19.99 -12.60 9.30
CA ALA B 568 -20.46 -13.94 9.04
C ALA B 568 -19.89 -14.46 7.74
N VAL B 569 -19.86 -13.60 6.72
CA VAL B 569 -19.47 -14.03 5.40
C VAL B 569 -18.02 -14.48 5.38
N MET B 570 -17.17 -13.86 6.21
CA MET B 570 -15.81 -14.33 6.34
C MET B 570 -15.79 -15.80 6.73
N ILE B 571 -16.55 -16.15 7.76
CA ILE B 571 -16.61 -17.52 8.26
C ILE B 571 -17.05 -18.46 7.15
N GLU B 572 -17.93 -17.99 6.29
CA GLU B 572 -18.37 -18.78 5.16
C GLU B 572 -17.24 -18.95 4.14
N LYS B 573 -16.19 -18.14 4.23
CA LYS B 573 -15.14 -18.15 3.22
C LYS B 573 -13.80 -18.66 3.73
N MET B 574 -13.75 -19.16 4.96
CA MET B 574 -12.64 -20.05 5.33
C MET B 574 -13.09 -21.49 5.34
N ILE B 575 -14.33 -21.73 5.75
CA ILE B 575 -14.86 -23.06 5.88
C ILE B 575 -15.13 -23.70 4.51
N LEU B 576 -14.98 -22.92 3.44
CA LEU B 576 -15.07 -23.45 2.08
C LEU B 576 -13.76 -23.32 1.33
N ARG B 577 -12.85 -22.46 1.78
CA ARG B 577 -11.67 -22.12 1.00
C ARG B 577 -10.39 -22.30 1.81
N ASP B 578 -10.46 -22.19 3.12
CA ASP B 578 -9.27 -22.10 3.95
C ASP B 578 -9.36 -23.00 5.16
N LEU B 579 -10.10 -24.10 5.05
CA LEU B 579 -10.09 -25.14 6.07
C LEU B 579 -9.70 -26.48 5.49
N CYS B 580 -10.32 -26.87 4.38
CA CYS B 580 -10.02 -28.12 3.73
C CYS B 580 -8.57 -28.21 3.28
N ARG B 581 -7.89 -27.07 3.18
CA ARG B 581 -6.44 -27.04 3.01
C ARG B 581 -5.78 -27.35 4.33
N PHE B 582 -6.04 -26.51 5.31
CA PHE B 582 -5.27 -26.46 6.54
C PHE B 582 -5.40 -27.74 7.34
N MET B 583 -6.63 -28.22 7.51
CA MET B 583 -6.84 -29.38 8.36
C MET B 583 -6.15 -30.61 7.79
N PHE B 584 -6.19 -30.77 6.47
CA PHE B 584 -5.45 -31.86 5.85
C PHE B 584 -3.98 -31.80 6.21
N VAL B 585 -3.45 -30.61 6.40
CA VAL B 585 -2.06 -30.48 6.79
C VAL B 585 -1.91 -30.82 8.26
N TYR B 586 -2.75 -30.21 9.10
CA TYR B 586 -2.59 -30.38 10.53
C TYR B 586 -2.91 -31.80 10.96
N LEU B 587 -3.84 -32.45 10.26
CA LEU B 587 -4.14 -33.82 10.63
C LEU B 587 -2.97 -34.73 10.36
N VAL B 588 -2.15 -34.38 9.37
CA VAL B 588 -1.04 -35.25 9.01
C VAL B 588 -0.01 -35.26 10.11
N PHE B 589 0.48 -34.06 10.46
CA PHE B 589 1.40 -33.91 11.58
C PHE B 589 0.87 -34.62 12.80
N LEU B 590 -0.41 -34.43 13.08
CA LEU B 590 -1.02 -35.05 14.24
C LEU B 590 -1.00 -36.56 14.11
N PHE B 591 -1.61 -37.07 13.05
CA PHE B 591 -1.66 -38.51 12.85
C PHE B 591 -0.28 -39.08 12.67
N GLY B 592 0.66 -38.26 12.23
CA GLY B 592 2.03 -38.70 12.14
C GLY B 592 2.68 -38.75 13.49
N PHE B 593 2.89 -37.58 14.09
CA PHE B 593 3.58 -37.51 15.36
C PHE B 593 2.82 -38.22 16.47
N SER B 594 1.52 -38.45 16.32
CA SER B 594 0.80 -39.22 17.31
C SER B 594 1.16 -40.68 17.17
N THR B 595 1.01 -41.19 15.95
CA THR B 595 1.38 -42.56 15.62
C THR B 595 2.80 -42.85 16.04
N ALA B 596 3.67 -41.87 15.90
CA ALA B 596 5.05 -42.02 16.30
C ALA B 596 5.14 -42.38 17.76
N VAL B 597 4.38 -41.67 18.58
CA VAL B 597 4.44 -41.86 20.02
C VAL B 597 3.86 -43.19 20.42
N VAL B 598 2.79 -43.60 19.74
CA VAL B 598 2.07 -44.80 20.15
C VAL B 598 2.95 -46.02 19.96
N THR B 599 3.63 -46.07 18.82
CA THR B 599 4.56 -47.13 18.54
C THR B 599 5.60 -47.25 19.63
N LEU B 600 6.13 -46.13 20.05
CA LEU B 600 7.17 -46.09 21.05
C LEU B 600 6.68 -46.64 22.37
N ILE B 601 5.56 -46.13 22.86
CA ILE B 601 5.16 -46.41 24.23
C ILE B 601 4.68 -47.85 24.33
N GLU B 602 5.08 -48.51 25.40
CA GLU B 602 4.82 -49.92 25.63
C GLU B 602 4.06 -50.05 26.94
N ASP B 603 2.97 -50.82 26.90
CA ASP B 603 2.12 -50.96 28.07
C ASP B 603 2.90 -51.53 29.25
N GLY B 604 2.46 -51.18 30.45
CA GLY B 604 3.13 -51.60 31.66
C GLY B 604 2.23 -51.49 32.88
N ASP B 627 -4.64 -44.13 33.21
CA ASP B 627 -3.37 -44.53 32.61
C ASP B 627 -3.65 -45.44 31.42
N SER B 628 -2.64 -46.20 30.97
CA SER B 628 -2.75 -47.01 29.77
C SER B 628 -3.13 -46.15 28.56
N TYR B 629 -2.34 -45.10 28.34
CA TYR B 629 -2.52 -44.22 27.20
C TYR B 629 -1.81 -44.81 25.99
N ASN B 630 -2.14 -46.05 25.64
CA ASN B 630 -1.54 -46.73 24.52
C ASN B 630 -2.37 -46.67 23.25
N SER B 631 -3.66 -46.37 23.36
CA SER B 631 -4.50 -46.33 22.18
C SER B 631 -4.11 -45.16 21.30
N LEU B 632 -4.29 -45.34 20.00
CA LEU B 632 -4.03 -44.25 19.07
C LEU B 632 -4.94 -43.09 19.34
N TYR B 633 -6.18 -43.36 19.71
CA TYR B 633 -7.13 -42.28 19.94
C TYR B 633 -6.66 -41.38 21.06
N SER B 634 -6.46 -41.96 22.24
CA SER B 634 -6.09 -41.18 23.41
C SER B 634 -4.82 -40.39 23.16
N THR B 635 -3.91 -40.96 22.37
CA THR B 635 -2.68 -40.28 22.06
C THR B 635 -2.89 -39.14 21.09
N CYS B 636 -3.66 -39.37 20.03
CA CYS B 636 -3.96 -38.30 19.09
C CYS B 636 -4.65 -37.14 19.79
N LEU B 637 -5.41 -37.45 20.83
CA LEU B 637 -6.11 -36.41 21.55
C LEU B 637 -5.16 -35.55 22.35
N GLU B 638 -4.16 -36.16 22.98
CA GLU B 638 -3.20 -35.40 23.75
C GLU B 638 -2.51 -34.35 22.89
N LEU B 639 -2.11 -34.74 21.69
CA LEU B 639 -1.41 -33.80 20.84
C LEU B 639 -2.35 -32.76 20.27
N PHE B 640 -3.66 -32.95 20.42
CA PHE B 640 -4.57 -31.86 20.21
C PHE B 640 -4.60 -30.94 21.41
N LYS B 641 -4.27 -31.47 22.59
CA LYS B 641 -4.37 -30.66 23.79
C LYS B 641 -3.17 -29.72 23.93
N PHE B 642 -2.08 -29.99 23.20
CA PHE B 642 -1.01 -28.99 23.16
C PHE B 642 -1.48 -27.74 22.47
N THR B 643 -2.35 -27.89 21.48
CA THR B 643 -2.73 -26.79 20.63
C THR B 643 -3.57 -25.80 21.40
N ILE B 644 -4.57 -26.30 22.12
CA ILE B 644 -5.52 -25.43 22.79
C ILE B 644 -4.92 -24.79 24.02
N GLY B 645 -3.96 -25.45 24.66
CA GLY B 645 -3.34 -24.90 25.84
C GLY B 645 -3.27 -25.79 27.05
N MET B 646 -3.35 -27.10 26.85
CA MET B 646 -3.13 -28.04 27.93
C MET B 646 -2.20 -29.15 27.45
N GLY B 647 -0.92 -29.02 27.79
CA GLY B 647 0.09 -29.96 27.34
C GLY B 647 0.88 -30.53 28.46
N ASP B 648 0.65 -31.81 28.68
CA ASP B 648 1.32 -32.51 29.75
C ASP B 648 2.81 -32.61 29.59
N LEU B 649 3.30 -33.02 28.41
CA LEU B 649 4.71 -33.34 28.14
C LEU B 649 5.19 -34.58 28.91
N GLU B 650 4.33 -35.14 29.75
CA GLU B 650 4.69 -36.20 30.68
C GLU B 650 3.50 -37.14 30.79
N PHE B 651 2.66 -37.19 29.75
CA PHE B 651 1.35 -37.82 29.90
C PHE B 651 1.46 -39.33 30.03
N THR B 652 2.66 -39.87 29.85
CA THR B 652 2.93 -41.22 30.29
C THR B 652 4.41 -41.37 30.55
N GLU B 653 4.74 -42.01 31.66
CA GLU B 653 6.07 -42.51 31.92
C GLU B 653 6.19 -43.99 31.57
N ASN B 654 5.31 -44.50 30.71
CA ASN B 654 5.38 -45.87 30.21
C ASN B 654 6.24 -45.97 28.98
N TYR B 655 7.05 -44.95 28.71
CA TYR B 655 7.90 -44.91 27.53
C TYR B 655 9.18 -45.65 27.88
N ASP B 656 9.73 -46.32 26.89
CA ASP B 656 11.17 -46.53 26.83
C ASP B 656 11.74 -45.33 26.07
N PHE B 657 13.02 -45.02 26.27
CA PHE B 657 13.71 -44.03 25.45
C PHE B 657 13.10 -42.64 25.50
N LYS B 658 13.25 -41.97 26.65
CA LYS B 658 12.74 -40.61 26.84
C LYS B 658 13.06 -39.68 25.70
N ALA B 659 14.32 -39.59 25.31
CA ALA B 659 14.78 -38.50 24.44
C ALA B 659 14.04 -38.52 23.12
N VAL B 660 13.62 -39.69 22.68
CA VAL B 660 12.76 -39.77 21.52
C VAL B 660 11.40 -39.18 21.83
N PHE B 661 10.88 -39.49 23.01
CA PHE B 661 9.51 -39.12 23.34
C PHE B 661 9.36 -37.62 23.45
N ILE B 662 10.45 -36.93 23.74
CA ILE B 662 10.38 -35.49 23.94
C ILE B 662 10.62 -34.76 22.63
N ILE B 663 11.57 -35.24 21.84
CA ILE B 663 11.95 -34.55 20.63
C ILE B 663 10.78 -34.50 19.67
N LEU B 664 9.96 -35.53 19.69
CA LEU B 664 8.78 -35.53 18.84
C LEU B 664 7.81 -34.47 19.29
N LEU B 665 7.39 -34.55 20.54
CA LEU B 665 6.42 -33.60 21.08
C LEU B 665 6.89 -32.17 20.89
N LEU B 666 8.14 -31.90 21.18
CA LEU B 666 8.67 -30.58 20.94
C LEU B 666 8.74 -30.28 19.46
N ALA B 667 9.01 -31.29 18.65
CA ALA B 667 8.97 -31.06 17.22
C ALA B 667 7.55 -30.96 16.71
N TYR B 668 6.58 -31.47 17.47
CA TYR B 668 5.19 -31.29 17.09
C TYR B 668 4.71 -29.91 17.44
N VAL B 669 5.04 -29.47 18.65
CA VAL B 669 4.64 -28.14 19.10
C VAL B 669 5.20 -27.09 18.17
N ILE B 670 6.48 -27.21 17.84
CA ILE B 670 7.14 -26.25 16.99
C ILE B 670 6.44 -26.17 15.65
N LEU B 671 6.45 -27.26 14.90
CA LEU B 671 5.84 -27.29 13.59
C LEU B 671 4.39 -26.87 13.63
N THR B 672 3.70 -27.22 14.70
CA THR B 672 2.35 -26.71 14.87
C THR B 672 2.35 -25.20 15.02
N TYR B 673 3.29 -24.64 15.77
CA TYR B 673 3.33 -23.18 15.87
C TYR B 673 3.73 -22.57 14.55
N ILE B 674 4.62 -23.24 13.81
CA ILE B 674 4.92 -22.83 12.46
C ILE B 674 3.65 -22.83 11.64
N LEU B 675 2.79 -23.81 11.89
CA LEU B 675 1.71 -24.11 10.99
C LEU B 675 0.47 -23.31 11.31
N LEU B 676 0.26 -23.00 12.58
CA LEU B 676 -0.83 -22.11 12.93
C LEU B 676 -0.49 -20.68 12.55
N LEU B 677 0.80 -20.38 12.45
CA LEU B 677 1.23 -19.06 12.06
C LEU B 677 0.93 -18.79 10.60
N ASN B 678 1.29 -19.72 9.72
CA ASN B 678 1.09 -19.47 8.31
C ASN B 678 -0.38 -19.44 7.94
N MET B 679 -1.22 -20.06 8.76
CA MET B 679 -2.66 -19.90 8.60
C MET B 679 -3.04 -18.44 8.82
N LEU B 680 -2.22 -17.71 9.57
CA LEU B 680 -2.46 -16.29 9.79
C LEU B 680 -1.79 -15.47 8.71
N ILE B 681 -0.54 -15.80 8.39
CA ILE B 681 0.23 -15.00 7.44
C ILE B 681 -0.41 -15.08 6.07
N ALA B 682 -0.74 -16.30 5.64
CA ALA B 682 -1.24 -16.51 4.30
C ALA B 682 -2.52 -15.73 4.09
N LEU B 683 -3.39 -15.73 5.09
CA LEU B 683 -4.66 -15.04 4.93
C LEU B 683 -4.45 -13.54 4.79
N MET B 684 -3.49 -13.01 5.54
CA MET B 684 -3.17 -11.60 5.37
C MET B 684 -2.62 -11.33 3.98
N GLY B 685 -1.44 -11.86 3.69
CA GLY B 685 -0.77 -11.53 2.45
C GLY B 685 -1.52 -11.94 1.20
N GLU B 686 -2.48 -12.85 1.34
CA GLU B 686 -3.28 -13.25 0.20
C GLU B 686 -4.46 -12.33 -0.02
N THR B 687 -5.16 -11.89 1.04
CA THR B 687 -6.42 -11.19 0.84
C THR B 687 -6.75 -10.01 1.76
N VAL B 688 -5.98 -9.74 2.82
CA VAL B 688 -6.34 -8.64 3.74
C VAL B 688 -6.44 -7.32 3.01
N ASN B 689 -5.71 -7.18 1.91
CA ASN B 689 -5.75 -5.97 1.11
C ASN B 689 -7.17 -5.63 0.66
N LYS B 690 -8.06 -6.63 0.55
CA LYS B 690 -9.32 -6.43 -0.14
C LYS B 690 -10.56 -7.14 0.42
N ILE B 691 -10.50 -7.83 1.56
CA ILE B 691 -11.71 -8.56 1.99
C ILE B 691 -12.80 -7.60 2.40
N ALA B 692 -12.42 -6.50 3.07
CA ALA B 692 -13.41 -5.57 3.60
C ALA B 692 -14.26 -5.00 2.48
N GLN B 693 -13.70 -4.94 1.27
CA GLN B 693 -14.49 -4.53 0.11
C GLN B 693 -15.29 -5.71 -0.42
N GLU B 694 -14.64 -6.85 -0.66
CA GLU B 694 -15.33 -7.99 -1.21
C GLU B 694 -16.42 -8.49 -0.29
N SER B 695 -16.06 -8.74 0.97
CA SER B 695 -17.01 -9.23 1.95
C SER B 695 -18.22 -8.30 2.06
N LYS B 696 -17.97 -6.99 2.05
CA LYS B 696 -19.08 -6.05 1.99
C LYS B 696 -19.90 -6.28 0.74
N ASN B 697 -19.24 -6.46 -0.40
CA ASN B 697 -19.97 -6.65 -1.64
C ASN B 697 -20.74 -7.96 -1.60
N ILE B 698 -20.19 -8.98 -0.94
CA ILE B 698 -20.89 -10.25 -0.85
C ILE B 698 -22.13 -10.09 -0.01
N TRP B 699 -22.05 -9.24 1.02
CA TRP B 699 -23.19 -9.04 1.88
C TRP B 699 -24.35 -8.44 1.12
N LYS B 700 -24.07 -7.47 0.26
CA LYS B 700 -25.15 -6.80 -0.46
C LYS B 700 -25.84 -7.76 -1.40
N LEU B 701 -25.08 -8.70 -1.97
CA LEU B 701 -25.70 -9.79 -2.69
C LEU B 701 -26.49 -10.66 -1.74
N GLN B 702 -25.85 -11.12 -0.68
CA GLN B 702 -26.48 -12.08 0.21
C GLN B 702 -27.69 -11.50 0.92
N ARG B 703 -27.80 -10.17 0.96
CA ARG B 703 -29.05 -9.55 1.34
C ARG B 703 -30.02 -9.60 0.17
N ALA B 704 -29.52 -9.45 -1.05
CA ALA B 704 -30.38 -9.36 -2.21
C ALA B 704 -31.13 -10.67 -2.45
N ILE B 705 -30.48 -11.79 -2.18
CA ILE B 705 -31.17 -13.07 -2.31
C ILE B 705 -32.32 -13.11 -1.32
N THR B 706 -32.09 -12.62 -0.11
CA THR B 706 -33.10 -12.67 0.93
C THR B 706 -34.29 -11.82 0.54
N ILE B 707 -34.02 -10.69 -0.08
CA ILE B 707 -35.08 -9.79 -0.54
C ILE B 707 -35.96 -10.52 -1.56
N LEU B 708 -35.32 -11.12 -2.56
CA LEU B 708 -36.08 -11.70 -3.65
C LEU B 708 -36.86 -12.92 -3.19
N ASP B 709 -36.24 -13.76 -2.38
CA ASP B 709 -36.96 -14.91 -1.86
C ASP B 709 -38.12 -14.46 -0.99
N THR B 710 -37.99 -13.29 -0.37
CA THR B 710 -39.07 -12.74 0.43
C THR B 710 -40.19 -12.23 -0.46
N GLU B 711 -39.85 -11.62 -1.59
CA GLU B 711 -40.88 -11.11 -2.47
C GLU B 711 -41.71 -12.25 -3.04
N LYS B 712 -41.08 -13.40 -3.25
CA LYS B 712 -41.79 -14.55 -3.79
C LYS B 712 -42.70 -15.17 -2.74
N SER B 713 -42.41 -14.92 -1.46
CA SER B 713 -43.32 -15.36 -0.41
C SER B 713 -44.64 -14.60 -0.50
N PHE B 714 -44.61 -13.42 -1.13
CA PHE B 714 -45.80 -12.74 -1.61
C PHE B 714 -46.09 -13.15 -3.05
N LEU B 715 -47.23 -13.81 -3.26
CA LEU B 715 -47.46 -14.68 -4.42
C LEU B 715 -47.31 -13.87 -5.71
N LYS B 716 -48.21 -12.95 -6.00
CA LYS B 716 -48.12 -12.07 -7.17
C LYS B 716 -48.56 -10.65 -6.85
N CYS B 717 -48.99 -10.37 -5.62
CA CYS B 717 -49.70 -9.15 -5.32
C CYS B 717 -48.86 -7.92 -5.64
N MET B 718 -47.65 -7.87 -5.10
CA MET B 718 -46.68 -6.79 -5.35
C MET B 718 -47.19 -5.41 -4.93
N ARG B 719 -48.34 -5.37 -4.25
CA ARG B 719 -49.12 -4.14 -4.08
C ARG B 719 -48.32 -3.06 -3.40
N LYS B 720 -47.46 -3.46 -2.46
CA LYS B 720 -46.53 -2.59 -1.78
C LYS B 720 -45.10 -2.90 -2.20
N ALA B 721 -44.94 -3.39 -3.43
CA ALA B 721 -43.65 -3.81 -3.94
C ALA B 721 -43.41 -3.45 -5.40
N PHE B 722 -44.28 -2.67 -6.02
CA PHE B 722 -44.00 -2.18 -7.37
C PHE B 722 -42.98 -1.07 -7.37
N ARG B 723 -42.36 -0.78 -6.23
CA ARG B 723 -41.04 -0.20 -6.23
C ARG B 723 -41.00 1.19 -6.83
N SER B 724 -41.33 2.19 -6.00
CA SER B 724 -41.86 3.50 -6.36
C SER B 724 -41.36 4.08 -7.67
N GLY B 725 -42.27 4.76 -8.36
CA GLY B 725 -42.11 5.08 -9.74
C GLY B 725 -43.43 5.11 -10.46
N LYS B 726 -44.43 4.45 -9.86
CA LYS B 726 -45.84 4.82 -9.92
C LYS B 726 -46.32 5.22 -11.31
N LEU B 727 -45.70 4.62 -12.33
CA LEU B 727 -45.94 4.98 -13.72
C LEU B 727 -45.82 6.49 -13.93
N LEU B 728 -44.66 7.04 -13.60
CA LEU B 728 -44.36 8.43 -13.92
C LEU B 728 -44.15 8.56 -15.42
N GLN B 729 -44.94 9.41 -16.07
CA GLN B 729 -44.67 9.71 -17.47
C GLN B 729 -43.34 10.41 -17.59
N VAL B 730 -42.61 10.09 -18.66
CA VAL B 730 -41.28 10.64 -18.89
C VAL B 730 -41.09 11.10 -20.33
N GLY B 731 -42.17 11.40 -21.02
CA GLY B 731 -42.09 11.82 -22.39
C GLY B 731 -43.22 11.23 -23.18
N TYR B 732 -42.95 11.02 -24.45
CA TYR B 732 -43.91 10.47 -25.40
C TYR B 732 -43.22 9.45 -26.28
N THR B 733 -44.02 8.54 -26.85
CA THR B 733 -43.49 7.59 -27.80
C THR B 733 -43.00 8.33 -29.03
N PRO B 734 -42.27 7.63 -29.92
CA PRO B 734 -41.98 8.23 -31.22
C PRO B 734 -43.09 8.00 -32.24
N ASP B 735 -44.34 8.08 -31.79
CA ASP B 735 -45.48 8.31 -32.66
C ASP B 735 -46.49 9.30 -32.11
N GLY B 736 -46.54 9.51 -30.80
CA GLY B 736 -47.40 10.52 -30.20
C GLY B 736 -48.00 10.12 -28.87
N LYS B 737 -48.03 8.82 -28.58
CA LYS B 737 -48.66 8.36 -27.35
C LYS B 737 -47.78 8.65 -26.14
N ASP B 738 -48.37 8.45 -24.96
CA ASP B 738 -47.67 8.64 -23.70
C ASP B 738 -46.63 7.54 -23.49
N ASP B 739 -45.75 7.76 -22.53
CA ASP B 739 -44.66 6.84 -22.24
C ASP B 739 -44.57 6.58 -20.74
N TYR B 740 -45.70 6.27 -20.11
CA TYR B 740 -45.71 5.89 -18.71
C TYR B 740 -44.79 4.69 -18.48
N ARG B 741 -43.84 4.85 -17.55
CA ARG B 741 -42.88 3.79 -17.25
C ARG B 741 -42.48 3.85 -15.80
N TRP B 742 -42.37 2.68 -15.18
CA TRP B 742 -41.91 2.59 -13.81
C TRP B 742 -40.49 3.13 -13.70
N CYS B 743 -40.25 3.94 -12.66
CA CYS B 743 -38.97 4.63 -12.55
C CYS B 743 -38.66 4.89 -11.08
N PHE B 744 -37.63 4.25 -10.57
CA PHE B 744 -37.10 4.61 -9.26
C PHE B 744 -36.38 5.93 -9.35
N ARG B 745 -36.67 6.82 -8.40
CA ARG B 745 -36.07 8.15 -8.40
C ARG B 745 -34.73 8.14 -7.70
N VAL B 746 -33.89 9.09 -8.09
CA VAL B 746 -32.59 9.31 -7.49
C VAL B 746 -32.31 10.80 -7.53
N ASP B 747 -31.95 11.36 -6.39
CA ASP B 747 -31.52 12.74 -6.31
C ASP B 747 -30.01 12.80 -6.30
N GLU B 748 -29.48 13.83 -6.97
CA GLU B 748 -28.05 13.97 -7.16
C GLU B 748 -27.66 15.44 -7.11
N VAL B 749 -26.39 15.72 -7.32
CA VAL B 749 -25.89 17.08 -7.42
C VAL B 749 -24.55 17.05 -8.12
N ASN B 750 -24.30 18.08 -8.92
CA ASN B 750 -23.01 18.26 -9.59
C ASN B 750 -22.74 19.76 -9.57
N TRP B 751 -21.62 20.16 -8.99
CA TRP B 751 -21.28 21.56 -8.86
C TRP B 751 -20.46 22.07 -10.03
N THR B 752 -19.66 21.22 -10.64
CA THR B 752 -18.90 21.60 -11.82
C THR B 752 -19.81 21.71 -13.04
N THR B 753 -20.45 20.60 -13.39
CA THR B 753 -21.50 20.62 -14.39
C THR B 753 -22.79 21.16 -13.76
N TRP B 754 -23.55 21.90 -14.57
CA TRP B 754 -24.67 22.68 -14.07
C TRP B 754 -26.02 22.17 -14.57
N ASN B 755 -26.03 21.03 -15.26
CA ASN B 755 -27.26 20.32 -15.60
C ASN B 755 -28.21 21.19 -16.41
N THR B 756 -27.68 21.76 -17.49
CA THR B 756 -28.49 22.29 -18.57
C THR B 756 -28.85 21.22 -19.60
N ASN B 757 -28.71 19.95 -19.23
CA ASN B 757 -28.87 18.86 -20.18
C ASN B 757 -30.32 18.78 -20.66
N VAL B 758 -30.48 18.66 -21.97
CA VAL B 758 -31.82 18.50 -22.53
C VAL B 758 -32.44 17.20 -22.05
N GLY B 759 -33.74 17.24 -21.79
CA GLY B 759 -34.49 16.08 -21.36
C GLY B 759 -35.31 16.31 -20.11
N ILE B 760 -35.44 17.56 -19.69
CA ILE B 760 -36.24 17.90 -18.53
C ILE B 760 -37.67 17.51 -18.82
N ILE B 761 -38.32 16.92 -17.83
CA ILE B 761 -39.64 16.33 -17.98
C ILE B 761 -40.68 17.22 -17.31
N ASN B 762 -40.24 18.11 -16.44
CA ASN B 762 -41.15 18.87 -15.58
C ASN B 762 -40.62 20.28 -15.45
N GLU B 763 -41.44 21.25 -15.85
CA GLU B 763 -41.03 22.65 -15.81
C GLU B 763 -40.87 23.10 -14.37
N ASP B 764 -41.96 23.11 -13.63
CA ASP B 764 -41.91 23.42 -12.22
C ASP B 764 -41.13 22.32 -11.50
N PRO B 765 -40.02 22.61 -10.83
CA PRO B 765 -39.30 21.54 -10.15
C PRO B 765 -40.12 20.89 -9.06
N GLY B 766 -39.81 19.64 -8.78
CA GLY B 766 -40.13 19.02 -7.51
C GLY B 766 -40.97 17.78 -7.67
N ASN B 767 -41.61 17.39 -6.57
CA ASN B 767 -42.47 16.22 -6.52
C ASN B 767 -43.57 16.44 -5.48
N CYS B 768 -44.73 16.88 -5.94
CA CYS B 768 -45.87 17.05 -5.05
C CYS B 768 -47.14 16.69 -5.81
N GLU B 769 -48.30 16.97 -5.21
CA GLU B 769 -49.58 16.85 -5.90
C GLU B 769 -49.63 17.98 -6.92
N GLY B 770 -49.56 17.62 -8.20
CA GLY B 770 -49.51 18.56 -9.29
C GLY B 770 -48.20 18.51 -10.04
N VAL B 771 -48.20 17.83 -11.18
CA VAL B 771 -47.05 17.73 -12.06
C VAL B 771 -47.45 18.36 -13.39
N LYS B 772 -46.47 18.92 -14.08
CA LYS B 772 -46.71 19.73 -15.28
C LYS B 772 -45.53 19.50 -16.22
N ARG B 773 -45.82 19.05 -17.42
CA ARG B 773 -44.77 18.54 -18.29
C ARG B 773 -44.15 19.68 -19.11
N THR B 774 -42.98 19.39 -19.66
CA THR B 774 -42.14 20.34 -20.37
C THR B 774 -42.38 20.21 -21.87
N LEU B 775 -41.99 21.22 -22.64
CA LEU B 775 -41.92 21.10 -24.09
C LEU B 775 -40.72 20.24 -24.48
N SER B 776 -40.84 18.95 -24.21
CA SER B 776 -39.81 17.97 -24.50
C SER B 776 -39.97 17.46 -25.93
N PHE B 777 -39.99 18.39 -26.89
CA PHE B 777 -40.23 18.08 -28.29
C PHE B 777 -41.54 17.31 -28.44
N SER B 778 -42.64 17.91 -28.00
CA SER B 778 -43.96 17.31 -28.08
C SER B 778 -44.34 16.98 -29.52
N LEU C 111 -62.24 40.47 -35.03
CA LEU C 111 -61.51 40.41 -33.76
C LEU C 111 -61.53 39.00 -33.20
N LYS C 112 -60.36 38.51 -32.78
CA LYS C 112 -60.24 37.21 -32.13
C LYS C 112 -60.13 37.39 -30.63
N LEU C 113 -60.93 36.64 -29.88
CA LEU C 113 -60.76 36.62 -28.45
C LEU C 113 -59.48 35.84 -28.12
N TYR C 114 -59.08 35.90 -26.86
CA TYR C 114 -57.71 35.61 -26.47
C TYR C 114 -57.68 35.16 -25.02
N ASP C 115 -57.53 33.85 -24.82
CA ASP C 115 -57.66 33.26 -23.49
C ASP C 115 -56.31 32.82 -22.93
N ARG C 116 -56.31 32.52 -21.63
CA ARG C 116 -55.06 32.28 -20.92
C ARG C 116 -54.36 31.02 -21.39
N ARG C 117 -55.13 29.98 -21.70
CA ARG C 117 -54.52 28.72 -22.11
C ARG C 117 -53.76 28.89 -23.43
N SER C 118 -54.28 29.74 -24.31
CA SER C 118 -53.61 29.99 -25.57
C SER C 118 -52.36 30.83 -25.37
N ILE C 119 -52.32 31.61 -24.29
CA ILE C 119 -51.09 32.34 -23.97
C ILE C 119 -50.01 31.36 -23.51
N PHE C 120 -50.30 30.62 -22.44
CA PHE C 120 -49.32 29.74 -21.81
C PHE C 120 -48.72 28.77 -22.82
N ASP C 121 -49.53 28.29 -23.76
CA ASP C 121 -49.01 27.47 -24.83
C ASP C 121 -48.17 28.30 -25.79
N ALA C 122 -48.72 29.40 -26.28
CA ALA C 122 -48.05 30.16 -27.33
C ALA C 122 -46.79 30.85 -26.84
N VAL C 123 -46.78 31.26 -25.57
CA VAL C 123 -45.58 31.89 -25.02
C VAL C 123 -44.45 30.88 -24.93
N ALA C 124 -44.79 29.61 -24.68
CA ALA C 124 -43.79 28.56 -24.69
C ALA C 124 -43.33 28.24 -26.10
N GLN C 125 -44.22 28.38 -27.08
CA GLN C 125 -43.83 28.20 -28.47
C GLN C 125 -42.91 29.30 -28.95
N ASN C 126 -42.94 30.46 -28.30
CA ASN C 126 -42.15 31.62 -28.70
C ASN C 126 -42.54 32.06 -30.11
N ASN C 127 -43.83 32.36 -30.30
CA ASN C 127 -44.34 32.94 -31.53
C ASN C 127 -44.97 34.29 -31.19
N CYS C 128 -44.18 35.35 -31.31
CA CYS C 128 -44.70 36.69 -31.01
C CYS C 128 -45.83 37.08 -31.96
N GLN C 129 -45.84 36.52 -33.17
CA GLN C 129 -46.92 36.81 -34.12
C GLN C 129 -48.27 36.42 -33.55
N GLU C 130 -48.31 35.31 -32.81
CA GLU C 130 -49.54 34.91 -32.13
C GLU C 130 -49.87 35.90 -31.02
N LEU C 131 -48.84 36.40 -30.34
CA LEU C 131 -49.02 37.33 -29.22
C LEU C 131 -48.92 38.76 -29.76
N GLU C 132 -49.80 39.05 -30.72
CA GLU C 132 -49.79 40.32 -31.42
C GLU C 132 -51.11 41.07 -31.24
N SER C 133 -52.25 40.40 -31.41
CA SER C 133 -53.55 41.05 -31.23
C SER C 133 -53.94 41.11 -29.76
N LEU C 134 -53.03 40.73 -28.86
CA LEU C 134 -53.26 40.92 -27.43
C LEU C 134 -53.58 42.38 -27.11
N LEU C 135 -52.61 43.26 -27.35
CA LEU C 135 -52.66 44.64 -26.87
C LEU C 135 -53.91 45.39 -27.34
N PRO C 136 -54.38 45.17 -28.58
CA PRO C 136 -55.73 45.63 -28.90
C PRO C 136 -56.79 44.99 -28.02
N PHE C 137 -56.73 43.66 -27.87
CA PHE C 137 -57.73 42.95 -27.09
C PHE C 137 -57.69 43.36 -25.62
N LEU C 138 -56.50 43.39 -25.05
CA LEU C 138 -56.30 43.72 -23.65
C LEU C 138 -56.84 45.11 -23.34
N GLN C 139 -56.49 46.08 -24.18
CA GLN C 139 -56.91 47.45 -23.93
C GLN C 139 -58.39 47.62 -24.18
N LYS C 140 -58.92 46.92 -25.19
CA LYS C 140 -60.35 46.96 -25.46
C LYS C 140 -61.13 46.42 -24.27
N SER C 141 -60.86 45.17 -23.89
CA SER C 141 -61.70 44.46 -22.94
C SER C 141 -61.55 44.92 -21.50
N ARG C 142 -60.74 45.96 -21.24
CA ARG C 142 -60.43 46.45 -19.89
C ARG C 142 -59.60 45.42 -19.12
N LYS C 143 -59.13 44.35 -19.77
CA LYS C 143 -58.40 43.30 -19.09
C LYS C 143 -56.99 43.76 -18.75
N ARG C 144 -56.43 43.15 -17.71
CA ARG C 144 -55.07 43.40 -17.27
C ARG C 144 -54.31 42.08 -17.30
N LEU C 145 -53.01 42.15 -17.60
CA LEU C 145 -52.21 40.93 -17.62
C LEU C 145 -52.09 40.30 -16.25
N THR C 146 -52.27 41.07 -15.19
CA THR C 146 -52.37 40.55 -13.83
C THR C 146 -53.86 40.49 -13.48
N ASP C 147 -54.41 39.28 -13.57
CA ASP C 147 -55.83 39.05 -13.30
C ASP C 147 -56.04 37.55 -13.25
N SER C 148 -57.08 37.15 -12.52
CA SER C 148 -57.40 35.74 -12.28
C SER C 148 -57.48 34.93 -13.57
N GLU C 149 -57.86 35.58 -14.68
CA GLU C 149 -57.82 34.92 -15.97
C GLU C 149 -56.41 34.48 -16.32
N PHE C 150 -55.48 35.42 -16.30
CA PHE C 150 -54.10 35.19 -16.72
C PHE C 150 -53.20 34.80 -15.56
N LYS C 151 -53.59 33.78 -14.82
CA LYS C 151 -52.75 33.18 -13.78
C LYS C 151 -53.00 31.67 -13.83
N ASP C 152 -52.53 30.97 -12.81
CA ASP C 152 -52.69 29.54 -12.67
C ASP C 152 -53.67 29.29 -11.52
N PRO C 153 -54.73 28.49 -11.70
CA PRO C 153 -55.68 28.32 -10.59
C PRO C 153 -55.09 27.78 -9.31
N GLU C 154 -54.19 26.80 -9.40
CA GLU C 154 -53.68 26.13 -8.21
C GLU C 154 -52.39 26.75 -7.71
N THR C 155 -51.34 26.73 -8.55
CA THR C 155 -50.03 27.18 -8.10
C THR C 155 -49.99 28.70 -7.96
N GLY C 156 -50.63 29.39 -8.87
CA GLY C 156 -50.43 30.83 -9.05
C GLY C 156 -49.20 31.11 -9.88
N LYS C 157 -49.38 31.94 -10.91
CA LYS C 157 -48.33 32.16 -11.89
C LYS C 157 -48.53 33.48 -12.63
N THR C 158 -47.65 33.77 -13.58
CA THR C 158 -47.89 34.74 -14.63
C THR C 158 -47.38 34.13 -15.93
N CYS C 159 -47.92 34.62 -17.05
CA CYS C 159 -47.38 34.30 -18.36
C CYS C 159 -45.87 34.52 -18.41
N LEU C 160 -45.41 35.61 -17.78
CA LEU C 160 -43.98 35.90 -17.69
C LEU C 160 -43.20 34.72 -17.12
N LEU C 161 -43.71 34.10 -16.06
CA LEU C 161 -43.04 32.93 -15.49
C LEU C 161 -42.93 31.82 -16.52
N LYS C 162 -44.07 31.42 -17.08
CA LYS C 162 -44.11 30.38 -18.11
C LYS C 162 -43.17 30.71 -19.26
N ALA C 163 -43.04 31.99 -19.59
CA ALA C 163 -42.04 32.39 -20.57
C ALA C 163 -40.65 32.08 -20.06
N MET C 164 -40.39 32.40 -18.79
CA MET C 164 -39.05 32.21 -18.25
C MET C 164 -38.71 30.74 -18.11
N LEU C 165 -39.72 29.90 -17.84
CA LEU C 165 -39.46 28.48 -17.76
C LEU C 165 -39.08 27.92 -19.12
N ASN C 166 -39.88 28.20 -20.13
CA ASN C 166 -39.66 27.69 -21.49
C ASN C 166 -38.68 28.55 -22.26
N LEU C 167 -37.51 28.78 -21.67
CA LEU C 167 -36.55 29.74 -22.17
C LEU C 167 -35.48 29.00 -22.98
N HIS C 168 -35.90 28.47 -24.13
CA HIS C 168 -35.01 27.65 -24.93
C HIS C 168 -33.94 28.51 -25.59
N ASN C 169 -32.70 28.06 -25.47
CA ASN C 169 -31.52 28.74 -26.02
C ASN C 169 -31.27 30.09 -25.33
N GLY C 170 -31.93 30.35 -24.21
CA GLY C 170 -31.76 31.61 -23.53
C GLY C 170 -32.30 32.78 -24.31
N GLN C 171 -33.25 32.51 -25.22
CA GLN C 171 -33.65 33.49 -26.21
C GLN C 171 -35.16 33.53 -26.38
N ASN C 172 -35.88 33.69 -25.28
CA ASN C 172 -37.29 34.06 -25.36
C ASN C 172 -37.35 35.57 -25.54
N ASP C 173 -37.92 36.00 -26.66
CA ASP C 173 -38.16 37.42 -26.91
C ASP C 173 -39.59 37.85 -26.63
N THR C 174 -40.53 36.91 -26.55
CA THR C 174 -41.87 37.24 -26.10
C THR C 174 -41.87 37.86 -24.71
N ILE C 175 -40.86 37.56 -23.89
CA ILE C 175 -40.74 38.22 -22.59
C ILE C 175 -40.70 39.72 -22.74
N SER C 176 -39.86 40.22 -23.67
CA SER C 176 -39.77 41.65 -23.88
C SER C 176 -41.08 42.19 -24.43
N LEU C 177 -41.80 41.34 -25.16
CA LEU C 177 -43.09 41.72 -25.73
C LEU C 177 -44.09 42.06 -24.63
N LEU C 178 -44.41 41.10 -23.75
CA LEU C 178 -45.50 41.32 -22.82
C LEU C 178 -45.08 42.17 -21.63
N LEU C 179 -43.78 42.42 -21.43
CA LEU C 179 -43.38 43.38 -20.42
C LEU C 179 -43.68 44.80 -20.90
N ASP C 180 -43.47 45.05 -22.19
CA ASP C 180 -43.83 46.34 -22.76
C ASP C 180 -45.34 46.56 -22.75
N ILE C 181 -46.11 45.47 -22.77
CA ILE C 181 -47.55 45.59 -22.90
C ILE C 181 -48.17 46.17 -21.62
N ALA C 182 -47.79 45.62 -20.46
CA ALA C 182 -48.35 46.14 -19.21
C ALA C 182 -47.81 47.52 -18.91
N ARG C 183 -46.65 47.85 -19.45
CA ARG C 183 -46.14 49.21 -19.35
C ARG C 183 -47.11 50.19 -20.01
N GLN C 184 -47.78 49.76 -21.07
CA GLN C 184 -48.82 50.57 -21.70
C GLN C 184 -50.09 50.56 -20.84
N THR C 185 -50.28 49.49 -20.08
CA THR C 185 -51.43 49.33 -19.19
C THR C 185 -51.13 49.90 -17.80
N ASP C 186 -50.10 50.77 -17.71
CA ASP C 186 -49.63 51.47 -16.51
C ASP C 186 -49.68 50.61 -15.26
N SER C 187 -49.30 49.34 -15.41
CA SER C 187 -49.26 48.42 -14.29
C SER C 187 -48.24 47.33 -14.56
N LEU C 188 -47.01 47.54 -14.07
CA LEU C 188 -45.90 46.61 -14.27
C LEU C 188 -45.55 45.87 -12.99
N LYS C 189 -45.59 46.56 -11.86
CA LYS C 189 -44.96 46.10 -10.63
C LYS C 189 -45.55 44.80 -10.12
N GLU C 190 -46.85 44.61 -10.31
CA GLU C 190 -47.55 43.53 -9.63
C GLU C 190 -47.10 42.17 -10.12
N PHE C 191 -47.01 41.99 -11.43
CA PHE C 191 -46.75 40.67 -11.99
C PHE C 191 -45.26 40.39 -12.19
N VAL C 192 -44.43 41.42 -12.30
CA VAL C 192 -43.00 41.15 -12.29
C VAL C 192 -42.59 40.62 -10.92
N ASN C 193 -43.20 41.14 -9.86
CA ASN C 193 -43.07 40.59 -8.52
C ASN C 193 -44.18 39.58 -8.25
N ALA C 194 -44.33 38.64 -9.17
CA ALA C 194 -45.37 37.62 -9.06
C ALA C 194 -44.83 36.42 -8.30
N SER C 195 -45.43 36.15 -7.16
CA SER C 195 -45.06 35.03 -6.32
C SER C 195 -46.03 33.89 -6.59
N TYR C 196 -45.49 32.73 -6.93
CA TYR C 196 -46.24 31.48 -6.81
C TYR C 196 -46.94 31.45 -5.46
N THR C 197 -48.24 31.20 -5.47
CA THR C 197 -49.05 31.22 -4.25
C THR C 197 -49.31 29.81 -3.74
N ASP C 198 -48.43 28.88 -4.04
CA ASP C 198 -48.50 27.52 -3.54
C ASP C 198 -47.86 27.48 -2.15
N SER C 199 -47.87 26.31 -1.51
CA SER C 199 -47.12 26.11 -0.28
C SER C 199 -45.75 25.59 -0.65
N TYR C 200 -45.71 24.66 -1.60
CA TYR C 200 -44.45 24.10 -2.06
C TYR C 200 -43.60 25.19 -2.68
N TYR C 201 -44.25 26.12 -3.40
CA TYR C 201 -43.62 27.32 -3.91
C TYR C 201 -44.35 28.52 -3.36
N LYS C 202 -43.62 29.39 -2.65
CA LYS C 202 -44.17 30.61 -2.08
C LYS C 202 -43.09 31.67 -2.10
N GLY C 203 -43.10 32.49 -3.15
CA GLY C 203 -42.22 33.63 -3.25
C GLY C 203 -41.44 33.69 -4.54
N GLN C 204 -41.37 32.57 -5.25
CA GLN C 204 -40.56 32.47 -6.46
C GLN C 204 -41.01 33.45 -7.52
N THR C 205 -40.09 34.31 -7.94
CA THR C 205 -40.32 35.33 -8.95
C THR C 205 -39.59 34.96 -10.24
N ALA C 206 -39.74 35.84 -11.23
CA ALA C 206 -38.96 35.69 -12.46
C ALA C 206 -37.48 35.82 -12.16
N LEU C 207 -37.12 36.66 -11.19
CA LEU C 207 -35.73 36.92 -10.91
C LEU C 207 -35.04 35.68 -10.35
N HIS C 208 -35.73 34.98 -9.44
CA HIS C 208 -35.18 33.75 -8.88
C HIS C 208 -34.90 32.74 -9.97
N ILE C 209 -35.73 32.74 -11.02
CA ILE C 209 -35.55 31.76 -12.10
C ILE C 209 -34.46 32.23 -13.04
N ALA C 210 -34.44 33.52 -13.36
CA ALA C 210 -33.42 34.03 -14.27
C ALA C 210 -32.04 33.85 -13.67
N ILE C 211 -31.95 33.83 -12.34
CA ILE C 211 -30.69 33.50 -11.69
C ILE C 211 -30.39 32.01 -11.85
N GLU C 212 -31.42 31.18 -11.69
CA GLU C 212 -31.25 29.75 -11.90
C GLU C 212 -30.76 29.45 -13.32
N ARG C 213 -31.25 30.18 -14.30
CA ARG C 213 -31.08 29.79 -15.69
C ARG C 213 -29.89 30.46 -16.37
N ARG C 214 -29.05 31.18 -15.62
CA ARG C 214 -27.79 31.70 -16.14
C ARG C 214 -28.00 32.64 -17.31
N ASN C 215 -28.80 33.68 -17.09
CA ASN C 215 -29.14 34.66 -18.12
C ASN C 215 -28.96 36.05 -17.54
N MET C 216 -27.74 36.56 -17.65
CA MET C 216 -27.42 37.92 -17.24
C MET C 216 -28.41 38.92 -17.84
N ALA C 217 -28.74 38.75 -19.11
CA ALA C 217 -29.61 39.70 -19.79
C ALA C 217 -31.00 39.71 -19.15
N LEU C 218 -31.54 38.53 -18.88
CA LEU C 218 -32.89 38.46 -18.34
C LEU C 218 -32.94 39.01 -16.92
N VAL C 219 -31.83 38.90 -16.19
CA VAL C 219 -31.72 39.56 -14.90
C VAL C 219 -31.74 41.07 -15.10
N THR C 220 -30.90 41.54 -16.02
CA THR C 220 -30.78 42.97 -16.29
C THR C 220 -32.13 43.58 -16.61
N LEU C 221 -32.84 42.99 -17.56
CA LEU C 221 -34.13 43.50 -18.02
C LEU C 221 -35.13 43.65 -16.88
N LEU C 222 -35.35 42.56 -16.13
CA LEU C 222 -36.37 42.56 -15.07
C LEU C 222 -36.09 43.64 -14.04
N VAL C 223 -34.83 43.81 -13.69
CA VAL C 223 -34.41 44.80 -12.71
C VAL C 223 -34.70 46.18 -13.27
N GLU C 224 -34.31 46.41 -14.53
CA GLU C 224 -34.55 47.70 -15.17
C GLU C 224 -36.04 47.98 -15.28
N ASN C 225 -36.84 46.93 -15.46
CA ASN C 225 -38.28 47.10 -15.50
C ASN C 225 -38.84 47.43 -14.13
N GLY C 226 -38.11 47.07 -13.07
CA GLY C 226 -38.51 47.39 -11.71
C GLY C 226 -38.73 46.16 -10.86
N ALA C 227 -37.98 45.10 -11.14
CA ALA C 227 -38.06 43.87 -10.38
C ALA C 227 -37.52 44.09 -8.97
N ASP C 228 -38.12 43.42 -8.00
CA ASP C 228 -37.65 43.48 -6.63
C ASP C 228 -36.52 42.48 -6.43
N VAL C 229 -35.60 42.85 -5.55
CA VAL C 229 -34.38 42.07 -5.30
C VAL C 229 -34.31 41.57 -3.86
N GLN C 230 -35.26 41.95 -3.02
CA GLN C 230 -35.43 41.36 -1.69
C GLN C 230 -36.62 40.42 -1.69
N ALA C 231 -36.80 39.70 -2.79
CA ALA C 231 -37.93 38.79 -2.93
C ALA C 231 -37.65 37.50 -2.17
N ALA C 232 -38.47 37.22 -1.17
CA ALA C 232 -38.26 36.09 -0.28
C ALA C 232 -38.93 34.84 -0.84
N ALA C 233 -38.15 33.79 -1.04
CA ALA C 233 -38.64 32.50 -1.52
C ALA C 233 -38.96 31.54 -0.38
N ASN C 234 -39.43 32.07 0.74
CA ASN C 234 -39.80 31.20 1.86
C ASN C 234 -40.88 30.21 1.46
N GLY C 235 -40.52 28.94 1.41
CA GLY C 235 -41.44 27.91 0.97
C GLY C 235 -41.11 26.56 1.57
N ASP C 236 -41.17 25.51 0.75
CA ASP C 236 -40.84 24.17 1.20
C ASP C 236 -39.71 23.59 0.35
N PHE C 237 -39.83 23.68 -0.97
CA PHE C 237 -38.70 23.33 -1.82
C PHE C 237 -37.48 24.14 -1.46
N PHE C 238 -37.69 25.40 -1.12
CA PHE C 238 -36.63 26.30 -0.72
C PHE C 238 -36.35 26.23 0.78
N LYS C 239 -36.83 25.19 1.45
CA LYS C 239 -36.66 25.02 2.88
C LYS C 239 -35.63 23.91 3.13
N LYS C 240 -35.16 23.81 4.38
CA LYS C 240 -34.07 22.91 4.75
C LYS C 240 -34.52 21.47 4.96
N THR C 241 -35.77 21.12 4.62
CA THR C 241 -36.37 19.88 5.09
C THR C 241 -35.53 18.67 4.73
N LYS C 242 -35.08 17.96 5.77
CA LYS C 242 -34.21 16.80 5.66
C LYS C 242 -34.84 15.64 4.89
N GLY C 243 -36.12 15.70 4.60
CA GLY C 243 -36.84 14.72 3.78
C GLY C 243 -36.98 15.24 2.38
N ARG C 244 -38.09 15.90 2.07
CA ARG C 244 -38.33 16.53 0.79
C ARG C 244 -37.13 17.40 0.40
N PRO C 245 -36.34 17.02 -0.60
CA PRO C 245 -35.10 17.76 -0.87
C PRO C 245 -35.38 19.08 -1.56
N GLY C 246 -34.29 19.79 -1.84
CA GLY C 246 -34.38 21.11 -2.42
C GLY C 246 -33.15 21.92 -2.13
N PHE C 247 -32.79 22.79 -3.06
CA PHE C 247 -31.59 23.58 -2.95
C PHE C 247 -31.78 24.71 -1.95
N TYR C 248 -31.09 24.64 -0.80
CA TYR C 248 -31.18 25.70 0.18
C TYR C 248 -30.10 26.73 -0.06
N PHE C 249 -30.55 27.87 -0.56
CA PHE C 249 -29.84 29.12 -0.49
C PHE C 249 -30.54 29.97 0.57
N GLY C 250 -30.20 31.25 0.62
CA GLY C 250 -30.77 32.12 1.62
C GLY C 250 -32.16 32.64 1.32
N GLU C 251 -32.94 31.92 0.53
CA GLU C 251 -34.34 32.25 0.21
C GLU C 251 -34.49 33.69 -0.25
N LEU C 252 -33.46 34.18 -0.91
CA LEU C 252 -33.30 35.60 -1.19
C LEU C 252 -32.34 35.71 -2.36
N PRO C 253 -32.56 36.60 -3.35
CA PRO C 253 -31.92 36.40 -4.66
C PRO C 253 -30.40 36.36 -4.69
N LEU C 254 -29.71 37.38 -4.22
CA LEU C 254 -28.26 37.41 -4.38
C LEU C 254 -27.60 36.24 -3.66
N SER C 255 -28.26 35.70 -2.64
CA SER C 255 -27.79 34.44 -2.08
C SER C 255 -27.87 33.33 -3.11
N LEU C 256 -28.93 33.34 -3.92
CA LEU C 256 -29.05 32.34 -4.97
C LEU C 256 -27.95 32.53 -6.00
N ALA C 257 -27.66 33.77 -6.35
CA ALA C 257 -26.56 34.06 -7.26
C ALA C 257 -25.24 33.67 -6.64
N ALA C 258 -25.15 33.81 -5.32
CA ALA C 258 -23.90 33.52 -4.63
C ALA C 258 -23.63 32.02 -4.59
N CYS C 259 -24.68 31.25 -4.32
CA CYS C 259 -24.54 29.79 -4.24
C CYS C 259 -24.61 29.12 -5.61
N THR C 260 -24.43 29.87 -6.70
CA THR C 260 -24.72 29.40 -8.04
C THR C 260 -23.68 29.87 -9.06
N ASN C 261 -22.58 30.45 -8.59
CA ASN C 261 -21.42 30.76 -9.41
C ASN C 261 -21.66 31.92 -10.36
N GLN C 262 -22.70 32.71 -10.12
CA GLN C 262 -23.05 33.81 -11.01
C GLN C 262 -22.53 35.10 -10.39
N LEU C 263 -21.21 35.17 -10.23
CA LEU C 263 -20.57 36.31 -9.59
C LEU C 263 -20.89 37.61 -10.31
N ALA C 264 -20.97 37.56 -11.64
CA ALA C 264 -21.41 38.72 -12.40
C ALA C 264 -22.75 39.22 -11.89
N ILE C 265 -23.70 38.30 -11.75
CA ILE C 265 -25.05 38.69 -11.32
C ILE C 265 -25.03 39.13 -9.87
N VAL C 266 -24.09 38.61 -9.07
CA VAL C 266 -23.93 39.12 -7.71
C VAL C 266 -23.55 40.60 -7.75
N LYS C 267 -22.53 40.92 -8.54
CA LYS C 267 -22.02 42.27 -8.58
C LYS C 267 -23.06 43.24 -9.13
N PHE C 268 -23.94 42.74 -10.00
CA PHE C 268 -24.95 43.60 -10.60
C PHE C 268 -26.05 43.93 -9.59
N LEU C 269 -26.56 42.90 -8.92
CA LEU C 269 -27.63 43.11 -7.94
C LEU C 269 -27.18 44.04 -6.82
N LEU C 270 -25.89 44.04 -6.52
CA LEU C 270 -25.37 44.90 -5.47
C LEU C 270 -25.15 46.32 -5.97
N GLN C 271 -24.55 46.45 -7.15
CA GLN C 271 -24.08 47.74 -7.65
C GLN C 271 -25.03 48.40 -8.64
N ASN C 272 -26.16 47.78 -8.95
CA ASN C 272 -27.11 48.39 -9.87
C ASN C 272 -27.70 49.65 -9.25
N SER C 273 -28.23 50.52 -10.11
CA SER C 273 -28.75 51.81 -9.66
C SER C 273 -30.22 51.73 -9.29
N TRP C 274 -30.99 50.94 -10.05
CA TRP C 274 -32.44 50.90 -9.89
C TRP C 274 -32.84 50.42 -8.50
N GLN C 275 -32.16 49.40 -7.99
CA GLN C 275 -32.50 48.83 -6.69
C GLN C 275 -31.28 48.07 -6.17
N PRO C 276 -30.43 48.72 -5.36
CA PRO C 276 -29.27 48.01 -4.82
C PRO C 276 -29.69 46.95 -3.82
N ALA C 277 -29.12 45.77 -3.97
CA ALA C 277 -29.49 44.64 -3.13
C ALA C 277 -28.94 44.80 -1.72
N ASP C 278 -29.74 44.38 -0.74
CA ASP C 278 -29.31 44.42 0.64
C ASP C 278 -28.40 43.24 0.90
N ILE C 279 -27.12 43.53 1.12
CA ILE C 279 -26.13 42.50 1.39
C ILE C 279 -26.37 41.78 2.70
N SER C 280 -27.17 42.36 3.60
CA SER C 280 -27.35 41.84 4.94
C SER C 280 -28.77 41.39 5.17
N ALA C 281 -29.34 40.71 4.18
CA ALA C 281 -30.71 40.26 4.28
C ALA C 281 -30.86 39.20 5.35
N ARG C 282 -32.10 38.81 5.62
CA ARG C 282 -32.41 37.75 6.57
C ARG C 282 -33.58 36.96 6.05
N ASP C 283 -33.42 35.64 5.96
CA ASP C 283 -34.47 34.77 5.48
C ASP C 283 -35.38 34.38 6.64
N SER C 284 -36.26 33.40 6.40
CA SER C 284 -37.15 32.94 7.46
C SER C 284 -36.35 32.37 8.63
N VAL C 285 -35.19 31.79 8.35
CA VAL C 285 -34.28 31.30 9.39
C VAL C 285 -33.31 32.37 9.85
N GLY C 286 -33.16 33.44 9.08
CA GLY C 286 -32.26 34.52 9.41
C GLY C 286 -30.89 34.41 8.80
N ASN C 287 -30.63 33.34 8.05
CA ASN C 287 -29.33 33.20 7.42
C ASN C 287 -29.18 34.21 6.28
N THR C 288 -28.02 34.84 6.25
CA THR C 288 -27.69 35.84 5.26
C THR C 288 -27.11 35.17 4.03
N VAL C 289 -26.44 35.95 3.19
CA VAL C 289 -25.69 35.39 2.08
C VAL C 289 -24.60 34.48 2.60
N LEU C 290 -23.80 34.98 3.54
CA LEU C 290 -22.64 34.23 3.98
C LEU C 290 -23.05 33.00 4.76
N HIS C 291 -24.08 33.11 5.60
CA HIS C 291 -24.58 31.96 6.32
C HIS C 291 -25.02 30.85 5.39
N ALA C 292 -25.38 31.20 4.16
CA ALA C 292 -25.79 30.21 3.19
C ALA C 292 -24.60 29.55 2.53
N LEU C 293 -23.62 30.35 2.10
CA LEU C 293 -22.47 29.81 1.42
C LEU C 293 -21.76 28.76 2.25
N VAL C 294 -21.72 28.98 3.56
CA VAL C 294 -21.17 27.98 4.46
C VAL C 294 -22.00 26.72 4.37
N GLU C 295 -23.31 26.89 4.52
CA GLU C 295 -24.23 25.77 4.63
C GLU C 295 -24.27 24.93 3.38
N VAL C 296 -24.27 25.56 2.22
CA VAL C 296 -24.44 24.85 0.97
C VAL C 296 -23.27 23.95 0.64
N ALA C 297 -22.09 24.23 1.18
CA ALA C 297 -20.94 23.40 0.90
C ALA C 297 -21.06 22.05 1.60
N ASP C 298 -20.32 21.07 1.07
CA ASP C 298 -20.29 19.74 1.65
C ASP C 298 -18.88 19.17 1.60
N ASN C 299 -17.89 20.04 1.74
CA ASN C 299 -16.48 19.66 1.90
C ASN C 299 -15.84 19.04 0.67
N THR C 300 -16.56 18.98 -0.44
CA THR C 300 -15.95 18.51 -1.67
C THR C 300 -15.01 19.55 -2.24
N ALA C 301 -14.25 19.15 -3.24
CA ALA C 301 -13.22 20.03 -3.79
C ALA C 301 -13.84 21.20 -4.54
N ASP C 302 -14.80 20.91 -5.40
CA ASP C 302 -15.39 21.95 -6.25
C ASP C 302 -16.13 22.98 -5.39
N ASN C 303 -16.91 22.51 -4.43
CA ASN C 303 -17.54 23.41 -3.48
C ASN C 303 -16.49 24.24 -2.77
N THR C 304 -15.50 23.58 -2.19
CA THR C 304 -14.53 24.28 -1.35
C THR C 304 -13.72 25.26 -2.18
N LYS C 305 -13.36 24.86 -3.40
CA LYS C 305 -12.74 25.81 -4.32
C LYS C 305 -13.70 26.95 -4.61
N PHE C 306 -14.98 26.62 -4.70
CA PHE C 306 -15.96 27.61 -5.12
C PHE C 306 -16.29 28.55 -3.99
N VAL C 307 -16.73 27.99 -2.87
CA VAL C 307 -17.36 28.78 -1.80
C VAL C 307 -16.38 29.78 -1.24
N THR C 308 -15.12 29.36 -1.07
CA THR C 308 -14.11 30.26 -0.52
C THR C 308 -13.94 31.48 -1.41
N SER C 309 -14.11 31.30 -2.72
CA SER C 309 -13.92 32.41 -3.63
C SER C 309 -15.07 33.40 -3.52
N MET C 310 -16.30 32.92 -3.69
CA MET C 310 -17.45 33.78 -3.53
C MET C 310 -17.51 34.37 -2.13
N TYR C 311 -17.07 33.60 -1.15
CA TYR C 311 -17.00 34.11 0.22
C TYR C 311 -15.98 35.22 0.31
N ASN C 312 -14.96 35.18 -0.55
CA ASN C 312 -13.97 36.25 -0.58
C ASN C 312 -14.58 37.52 -1.12
N GLU C 313 -15.20 37.44 -2.29
CA GLU C 313 -15.58 38.63 -3.04
C GLU C 313 -16.59 39.46 -2.27
N ILE C 314 -17.64 38.81 -1.80
CA ILE C 314 -18.77 39.52 -1.19
C ILE C 314 -18.28 40.31 0.02
N LEU C 315 -17.26 39.80 0.69
CA LEU C 315 -16.66 40.56 1.78
C LEU C 315 -15.92 41.77 1.22
N ILE C 316 -15.18 41.57 0.13
CA ILE C 316 -14.48 42.69 -0.49
C ILE C 316 -15.49 43.74 -0.92
N LEU C 317 -16.61 43.30 -1.49
CA LEU C 317 -17.65 44.23 -1.89
C LEU C 317 -18.27 44.90 -0.67
N GLY C 318 -18.66 44.11 0.32
CA GLY C 318 -19.30 44.68 1.50
C GLY C 318 -18.37 45.62 2.23
N ALA C 319 -17.06 45.44 2.06
CA ALA C 319 -16.12 46.44 2.52
C ALA C 319 -16.19 47.69 1.67
N LYS C 320 -16.08 47.53 0.34
CA LYS C 320 -16.01 48.70 -0.54
C LYS C 320 -17.33 49.45 -0.57
N LEU C 321 -18.45 48.77 -0.43
CA LEU C 321 -19.74 49.42 -0.54
C LEU C 321 -20.11 50.10 0.78
N HIS C 322 -20.28 49.30 1.81
CA HIS C 322 -20.67 49.77 3.12
C HIS C 322 -19.58 49.40 4.13
N PRO C 323 -18.56 50.22 4.33
CA PRO C 323 -17.43 49.80 5.17
C PRO C 323 -17.66 49.91 6.67
N THR C 324 -18.84 49.50 7.14
CA THR C 324 -19.05 49.30 8.57
C THR C 324 -19.71 47.97 8.87
N LEU C 325 -20.45 47.41 7.91
CA LEU C 325 -21.16 46.15 8.13
C LEU C 325 -20.19 45.01 8.40
N LYS C 326 -20.24 44.46 9.62
CA LYS C 326 -19.42 43.32 10.00
C LYS C 326 -20.20 42.06 9.69
N LEU C 327 -20.20 41.69 8.41
CA LEU C 327 -21.02 40.59 7.93
C LEU C 327 -20.71 39.28 8.63
N GLU C 328 -19.45 39.07 9.00
CA GLU C 328 -19.05 37.87 9.68
C GLU C 328 -19.42 37.86 11.16
N GLU C 329 -20.10 38.92 11.64
CA GLU C 329 -20.51 39.01 13.03
C GLU C 329 -22.02 39.11 13.19
N LEU C 330 -22.77 38.89 12.11
CA LEU C 330 -24.22 38.85 12.21
C LEU C 330 -24.66 37.45 12.63
N ILE C 331 -25.92 37.36 13.04
CA ILE C 331 -26.39 36.26 13.88
C ILE C 331 -27.70 35.75 13.32
N ASN C 332 -27.74 34.45 13.02
CA ASN C 332 -28.98 33.79 12.66
C ASN C 332 -29.83 33.53 13.90
N LYS C 333 -31.05 33.06 13.67
CA LYS C 333 -32.00 32.92 14.76
C LYS C 333 -31.53 31.90 15.78
N LYS C 334 -30.71 30.93 15.36
CA LYS C 334 -30.14 29.97 16.28
C LYS C 334 -28.93 30.51 17.03
N GLY C 335 -28.46 31.70 16.67
CA GLY C 335 -27.37 32.33 17.39
C GLY C 335 -26.04 32.24 16.68
N LEU C 336 -25.91 31.28 15.79
CA LEU C 336 -24.61 30.97 15.21
C LEU C 336 -24.21 31.97 14.14
N THR C 337 -23.00 32.49 14.27
CA THR C 337 -22.34 33.29 13.27
C THR C 337 -21.92 32.38 12.13
N PRO C 338 -21.47 32.91 10.99
CA PRO C 338 -21.12 32.03 9.87
C PRO C 338 -20.04 31.05 10.22
N LEU C 339 -18.98 31.56 10.83
CA LEU C 339 -17.90 30.71 11.30
C LEU C 339 -18.43 29.66 12.26
N ALA C 340 -19.32 30.07 13.17
CA ALA C 340 -19.92 29.15 14.11
C ALA C 340 -20.69 28.07 13.36
N LEU C 341 -21.42 28.47 12.33
CA LEU C 341 -22.17 27.51 11.54
C LEU C 341 -21.22 26.58 10.81
N ALA C 342 -20.11 27.13 10.32
CA ALA C 342 -19.15 26.35 9.58
C ALA C 342 -18.56 25.27 10.45
N ALA C 343 -18.13 25.66 11.64
CA ALA C 343 -17.55 24.70 12.55
C ALA C 343 -18.62 23.73 13.06
N SER C 344 -19.82 24.25 13.31
CA SER C 344 -20.90 23.44 13.84
C SER C 344 -21.25 22.32 12.87
N SER C 345 -21.72 22.70 11.68
CA SER C 345 -22.10 21.70 10.70
C SER C 345 -20.89 20.93 10.18
N GLY C 346 -19.68 21.45 10.40
CA GLY C 346 -18.48 20.71 10.08
C GLY C 346 -18.04 20.87 8.64
N LYS C 347 -17.79 22.10 8.24
CA LYS C 347 -17.41 22.45 6.88
C LYS C 347 -15.92 22.81 6.88
N ILE C 348 -15.07 21.79 6.70
CA ILE C 348 -13.64 21.96 6.98
C ILE C 348 -13.02 22.96 6.02
N GLY C 349 -13.41 22.91 4.76
CA GLY C 349 -12.73 23.68 3.76
C GLY C 349 -13.02 25.14 3.96
N VAL C 350 -14.26 25.41 4.34
CA VAL C 350 -14.68 26.76 4.66
C VAL C 350 -14.00 27.22 5.94
N LEU C 351 -13.86 26.30 6.89
CA LEU C 351 -13.27 26.68 8.17
C LEU C 351 -11.80 27.00 8.02
N ALA C 352 -11.14 26.35 7.07
CA ALA C 352 -9.78 26.72 6.75
C ALA C 352 -9.74 28.18 6.31
N TYR C 353 -10.53 28.48 5.28
CA TYR C 353 -10.45 29.78 4.64
C TYR C 353 -10.76 30.90 5.61
N ILE C 354 -11.80 30.72 6.43
CA ILE C 354 -12.25 31.81 7.28
C ILE C 354 -11.19 32.16 8.29
N LEU C 355 -10.32 31.22 8.65
CA LEU C 355 -9.33 31.48 9.69
C LEU C 355 -8.03 31.94 9.07
N GLN C 356 -7.51 31.21 8.10
CA GLN C 356 -6.20 31.52 7.53
C GLN C 356 -6.34 32.21 6.18
N ARG C 357 -7.34 33.08 6.04
CA ARG C 357 -7.43 33.94 4.88
C ARG C 357 -6.24 34.88 4.84
N GLU C 358 -6.08 35.56 3.72
CA GLU C 358 -5.19 36.72 3.64
C GLU C 358 -5.59 37.54 2.43
N ILE C 359 -6.09 38.73 2.68
CA ILE C 359 -6.50 39.67 1.64
C ILE C 359 -5.35 40.67 1.46
N GLN C 360 -4.59 40.50 0.39
CA GLN C 360 -3.57 41.46 0.04
C GLN C 360 -4.13 42.79 -0.40
N GLU C 361 -5.36 42.81 -0.87
CA GLU C 361 -5.92 44.00 -1.52
C GLU C 361 -6.05 45.14 -0.52
N PRO C 362 -5.51 46.33 -0.79
CA PRO C 362 -5.68 47.43 0.16
C PRO C 362 -7.13 47.85 0.23
N GLU C 363 -7.42 48.64 1.28
CA GLU C 363 -8.74 49.17 1.59
C GLU C 363 -9.66 48.11 2.19
N CYS C 364 -9.24 46.83 2.17
CA CYS C 364 -10.03 45.73 2.66
C CYS C 364 -9.12 44.72 3.34
N ARG C 365 -8.08 45.23 4.00
CA ARG C 365 -7.14 44.40 4.73
C ARG C 365 -7.61 44.09 6.15
N HIS C 366 -8.44 44.95 6.73
CA HIS C 366 -8.98 44.73 8.06
C HIS C 366 -9.68 43.40 8.20
N LEU C 367 -10.23 42.88 7.12
CA LEU C 367 -10.96 41.63 7.18
C LEU C 367 -10.05 40.43 7.34
N SER C 368 -8.81 40.53 6.90
CA SER C 368 -7.92 39.39 6.95
C SER C 368 -7.69 38.97 8.39
N ARG C 369 -7.23 37.72 8.55
CA ARG C 369 -6.82 37.20 9.84
C ARG C 369 -5.36 36.79 9.86
N LYS C 370 -4.92 35.97 8.89
CA LYS C 370 -3.54 35.51 8.87
C LYS C 370 -2.68 36.67 8.39
N PHE C 371 -2.37 37.56 9.30
CA PHE C 371 -1.44 38.62 9.02
C PHE C 371 -0.02 38.13 9.18
N THR C 372 0.90 38.84 8.53
CA THR C 372 2.32 38.58 8.63
C THR C 372 3.01 39.79 9.23
N GLU C 373 3.58 39.60 10.40
CA GLU C 373 4.50 40.56 10.99
C GLU C 373 5.86 40.24 10.41
N TRP C 374 6.92 40.66 11.10
CA TRP C 374 8.31 40.56 10.68
C TRP C 374 8.63 39.34 9.84
N ALA C 375 9.27 39.59 8.71
CA ALA C 375 9.64 38.55 7.77
C ALA C 375 11.05 38.86 7.28
N TYR C 376 12.04 38.31 7.97
CA TYR C 376 13.43 38.51 7.64
C TYR C 376 13.81 37.48 6.60
N GLY C 377 13.50 37.77 5.36
CA GLY C 377 13.83 36.91 4.26
C GLY C 377 13.01 35.63 4.26
N PRO C 378 13.64 34.46 4.40
CA PRO C 378 12.89 33.22 4.29
C PRO C 378 11.88 33.03 5.40
N VAL C 379 12.16 33.61 6.55
CA VAL C 379 11.31 33.49 7.73
C VAL C 379 10.18 34.49 7.63
N HIS C 380 9.03 34.14 8.18
CA HIS C 380 7.91 35.05 8.33
C HIS C 380 7.04 34.60 9.49
N SER C 381 6.72 35.53 10.36
CA SER C 381 5.98 35.26 11.58
C SER C 381 4.56 35.76 11.36
N SER C 382 3.58 34.89 11.61
CA SER C 382 2.19 35.16 11.31
C SER C 382 1.36 35.27 12.58
N LEU C 383 0.20 35.91 12.45
CA LEU C 383 -0.63 36.36 13.58
C LEU C 383 -2.08 35.89 13.40
N TYR C 384 -2.29 34.59 13.28
CA TYR C 384 -3.63 34.02 13.22
C TYR C 384 -4.54 34.63 14.27
N ASP C 385 -5.56 35.34 13.82
CA ASP C 385 -6.47 36.05 14.70
C ASP C 385 -7.29 35.05 15.52
N LEU C 386 -7.88 35.56 16.60
CA LEU C 386 -8.45 34.71 17.64
C LEU C 386 -9.84 35.18 18.08
N SER C 387 -10.39 36.23 17.47
CA SER C 387 -11.52 36.97 18.02
C SER C 387 -12.71 36.11 18.41
N CYS C 388 -13.00 35.08 17.63
CA CYS C 388 -14.19 34.27 17.81
C CYS C 388 -13.88 32.79 17.92
N ILE C 389 -12.66 32.43 18.32
CA ILE C 389 -12.23 31.05 18.40
C ILE C 389 -11.54 30.74 19.71
N ASP C 390 -11.68 31.60 20.70
CA ASP C 390 -11.17 31.37 22.04
C ASP C 390 -12.35 31.41 22.99
N THR C 391 -12.19 30.77 24.15
CA THR C 391 -13.29 30.59 25.07
C THR C 391 -13.59 31.87 25.83
N CYS C 392 -13.98 32.91 25.10
CA CYS C 392 -14.38 34.18 25.68
C CYS C 392 -15.74 34.56 25.13
N GLU C 393 -15.97 34.28 23.85
CA GLU C 393 -17.27 34.52 23.25
C GLU C 393 -18.20 33.34 23.50
N LYS C 394 -19.48 33.56 23.23
CA LYS C 394 -20.51 32.56 23.42
C LYS C 394 -20.29 31.34 22.55
N ASN C 395 -20.32 31.55 21.24
CA ASN C 395 -20.26 30.44 20.28
C ASN C 395 -18.89 30.40 19.61
N SER C 396 -17.87 30.25 20.44
CA SER C 396 -16.53 30.03 19.93
C SER C 396 -16.48 28.67 19.25
N VAL C 397 -15.73 28.61 18.15
CA VAL C 397 -15.68 27.38 17.35
C VAL C 397 -15.18 26.23 18.21
N LEU C 398 -14.18 26.50 19.02
CA LEU C 398 -13.53 25.45 19.77
C LEU C 398 -14.46 24.92 20.85
N GLU C 399 -15.36 25.79 21.32
CA GLU C 399 -16.43 25.35 22.19
C GLU C 399 -17.46 24.54 21.41
N VAL C 400 -17.61 24.85 20.13
CA VAL C 400 -18.61 24.17 19.31
C VAL C 400 -18.07 22.85 18.81
N ILE C 401 -16.83 22.85 18.32
CA ILE C 401 -16.28 21.70 17.61
C ILE C 401 -16.24 20.50 18.53
N ALA C 402 -15.82 20.72 19.77
CA ALA C 402 -15.61 19.62 20.69
C ALA C 402 -16.91 19.13 21.28
N TYR C 403 -17.73 20.03 21.80
CA TYR C 403 -18.94 19.66 22.50
C TYR C 403 -20.10 19.29 21.59
N SER C 404 -19.94 19.42 20.28
CA SER C 404 -21.04 19.15 19.40
C SER C 404 -21.24 17.64 19.24
N SER C 405 -22.37 17.28 18.64
CA SER C 405 -22.72 15.91 18.39
C SER C 405 -21.68 15.24 17.51
N SER C 406 -21.66 13.92 17.54
CA SER C 406 -20.90 13.15 16.59
C SER C 406 -21.53 13.13 15.20
N GLU C 407 -22.76 13.62 15.07
CA GLU C 407 -23.41 13.74 13.79
C GLU C 407 -22.76 14.79 12.90
N THR C 408 -21.94 15.65 13.47
CA THR C 408 -21.23 16.64 12.68
C THR C 408 -20.01 15.97 12.06
N PRO C 409 -19.95 15.78 10.75
CA PRO C 409 -18.79 15.09 10.19
C PRO C 409 -17.53 15.90 10.37
N ASN C 410 -16.42 15.20 10.45
CA ASN C 410 -15.11 15.82 10.54
C ASN C 410 -14.98 16.72 11.75
N ARG C 411 -15.42 16.26 12.92
CA ARG C 411 -15.03 16.91 14.16
C ARG C 411 -13.52 16.95 14.27
N HIS C 412 -12.89 15.85 13.88
CA HIS C 412 -11.46 15.69 14.10
C HIS C 412 -10.66 16.57 13.16
N ASP C 413 -10.92 16.44 11.86
CA ASP C 413 -10.10 17.11 10.87
C ASP C 413 -10.20 18.62 10.95
N MET C 414 -11.25 19.18 11.56
CA MET C 414 -11.29 20.62 11.77
C MET C 414 -10.17 21.07 12.69
N LEU C 415 -9.93 20.31 13.75
CA LEU C 415 -8.93 20.69 14.73
C LEU C 415 -7.51 20.45 14.24
N LEU C 416 -7.36 20.00 13.00
CA LEU C 416 -6.05 19.89 12.37
C LEU C 416 -5.75 21.07 11.45
N VAL C 417 -6.63 22.05 11.41
CA VAL C 417 -6.32 23.31 10.75
C VAL C 417 -5.18 23.96 11.52
N GLU C 418 -4.47 24.89 10.89
CA GLU C 418 -3.19 25.35 11.37
C GLU C 418 -3.25 26.01 12.75
N PRO C 419 -4.04 27.05 12.95
CA PRO C 419 -4.02 27.70 14.27
C PRO C 419 -4.58 26.83 15.37
N LEU C 420 -5.76 26.25 15.16
CA LEU C 420 -6.43 25.52 16.23
C LEU C 420 -5.58 24.37 16.75
N ASN C 421 -4.85 23.72 15.86
CA ASN C 421 -3.99 22.63 16.28
C ASN C 421 -2.91 23.13 17.23
N ARG C 422 -2.11 24.08 16.77
CA ARG C 422 -1.06 24.62 17.62
C ARG C 422 -1.64 25.41 18.77
N LEU C 423 -2.87 25.90 18.64
CA LEU C 423 -3.47 26.68 19.70
C LEU C 423 -3.63 25.84 20.96
N LEU C 424 -4.02 24.58 20.78
CA LEU C 424 -4.29 23.74 21.93
C LEU C 424 -3.01 23.28 22.59
N GLN C 425 -2.07 22.77 21.79
CA GLN C 425 -0.85 22.19 22.33
C GLN C 425 -0.07 23.19 23.14
N ASP C 426 -0.22 24.46 22.83
CA ASP C 426 0.45 25.46 23.65
C ASP C 426 -0.26 25.60 24.99
N LYS C 427 -1.58 25.83 24.98
CA LYS C 427 -2.27 25.91 26.26
C LYS C 427 -2.36 24.56 26.94
N TRP C 428 -1.92 23.50 26.30
CA TRP C 428 -1.56 22.30 27.03
C TRP C 428 -0.23 22.49 27.72
N ASP C 429 0.76 22.97 26.97
CA ASP C 429 2.12 23.13 27.47
C ASP C 429 2.21 24.27 28.47
N ARG C 430 1.14 25.03 28.65
CA ARG C 430 1.05 25.99 29.73
C ARG C 430 -0.36 25.98 30.30
N PHE C 431 -0.42 26.00 31.63
CA PHE C 431 -1.61 26.10 32.47
C PHE C 431 -2.72 25.10 32.24
N VAL C 432 -2.46 23.96 31.62
CA VAL C 432 -3.38 22.83 31.63
C VAL C 432 -2.69 21.53 32.01
N LYS C 433 -1.53 21.27 31.42
CA LYS C 433 -0.75 20.08 31.77
C LYS C 433 -0.50 19.99 33.27
N ARG C 434 -0.34 21.13 33.93
CA ARG C 434 -0.15 21.11 35.37
C ARG C 434 -1.44 20.71 36.08
N ILE C 435 -2.54 21.37 35.75
CA ILE C 435 -3.80 21.10 36.40
C ILE C 435 -4.25 19.68 36.10
N PHE C 436 -3.95 19.19 34.92
CA PHE C 436 -4.36 17.85 34.53
C PHE C 436 -3.65 16.81 35.36
N TYR C 437 -2.32 16.84 35.34
CA TYR C 437 -1.54 15.92 36.18
C TYR C 437 -1.91 16.04 37.63
N PHE C 438 -2.31 17.23 38.09
CA PHE C 438 -2.73 17.35 39.47
C PHE C 438 -3.97 16.54 39.74
N ASN C 439 -4.90 16.55 38.80
CA ASN C 439 -6.09 15.73 38.96
C ASN C 439 -5.72 14.26 38.93
N PHE C 440 -4.76 13.89 38.09
CA PHE C 440 -4.30 12.51 38.02
C PHE C 440 -3.73 12.07 39.34
N PHE C 441 -3.03 12.96 40.01
CA PHE C 441 -2.50 12.64 41.33
C PHE C 441 -3.63 12.37 42.28
N VAL C 442 -4.61 13.26 42.32
CA VAL C 442 -5.69 13.16 43.30
C VAL C 442 -6.52 11.92 43.05
N TYR C 443 -6.81 11.61 41.79
CA TYR C 443 -7.64 10.45 41.51
C TYR C 443 -6.92 9.17 41.91
N CYS C 444 -5.60 9.15 41.79
CA CYS C 444 -4.86 8.02 42.32
C CYS C 444 -5.02 7.94 43.83
N LEU C 445 -4.92 9.07 44.52
CA LEU C 445 -5.04 9.06 45.97
C LEU C 445 -6.45 8.70 46.40
N TYR C 446 -7.43 8.96 45.54
CA TYR C 446 -8.78 8.52 45.83
C TYR C 446 -8.82 7.00 45.89
N MET C 447 -8.32 6.36 44.86
CA MET C 447 -8.52 4.93 44.69
C MET C 447 -7.62 4.14 45.62
N ILE C 448 -6.43 4.65 45.94
CA ILE C 448 -5.58 3.99 46.91
C ILE C 448 -6.25 3.99 48.27
N VAL C 449 -7.01 5.04 48.56
CA VAL C 449 -7.76 5.07 49.80
C VAL C 449 -8.97 4.16 49.70
N PHE C 450 -9.68 4.25 48.57
CA PHE C 450 -10.86 3.44 48.35
C PHE C 450 -10.54 1.96 48.44
N THR C 451 -9.53 1.54 47.68
CA THR C 451 -9.00 0.19 47.81
C THR C 451 -8.66 -0.13 49.25
N THR C 452 -8.03 0.80 49.95
CA THR C 452 -7.57 0.54 51.30
C THR C 452 -8.75 0.32 52.24
N ALA C 453 -9.85 1.03 52.02
CA ALA C 453 -11.04 0.83 52.82
C ALA C 453 -11.58 -0.57 52.61
N ALA C 454 -11.51 -1.02 51.37
CA ALA C 454 -12.08 -2.29 50.98
C ALA C 454 -11.32 -3.45 51.59
N TYR C 455 -10.04 -3.55 51.24
CA TYR C 455 -9.19 -4.66 51.63
C TYR C 455 -9.14 -4.86 53.13
N TYR C 456 -9.43 -3.80 53.89
CA TYR C 456 -9.59 -3.87 55.33
C TYR C 456 -11.05 -3.63 55.72
N ARG C 457 -12.00 -4.06 54.90
CA ARG C 457 -13.39 -3.92 55.29
C ARG C 457 -13.69 -4.87 56.43
N PRO C 458 -14.64 -4.54 57.30
CA PRO C 458 -15.03 -5.48 58.35
C PRO C 458 -15.78 -6.68 57.76
N VAL C 459 -15.29 -7.88 58.09
CA VAL C 459 -15.99 -9.11 57.79
C VAL C 459 -16.58 -9.64 59.09
N ASP C 460 -17.83 -9.26 59.34
CA ASP C 460 -18.52 -9.56 60.60
C ASP C 460 -19.97 -9.70 60.21
N GLY C 461 -20.91 -9.55 61.11
CA GLY C 461 -22.32 -9.63 60.80
C GLY C 461 -22.77 -8.51 59.90
N LEU C 462 -24.02 -8.13 60.06
CA LEU C 462 -24.71 -7.19 59.19
C LEU C 462 -23.96 -5.85 59.11
N PRO C 463 -24.31 -4.97 58.17
CA PRO C 463 -23.32 -3.98 57.69
C PRO C 463 -23.33 -2.60 58.34
N PRO C 464 -24.03 -2.32 59.46
CA PRO C 464 -23.80 -0.97 60.02
C PRO C 464 -22.44 -0.83 60.69
N TYR C 465 -22.00 -1.87 61.41
CA TYR C 465 -20.61 -2.11 61.81
C TYR C 465 -20.04 -1.26 62.95
N LYS C 466 -20.78 -0.29 63.49
CA LYS C 466 -20.63 0.11 64.89
C LYS C 466 -19.19 0.38 65.35
N LEU C 467 -18.61 1.50 64.92
CA LEU C 467 -17.17 1.81 65.01
C LEU C 467 -16.59 1.39 66.36
N LYS C 468 -15.66 0.44 66.32
CA LYS C 468 -14.85 0.09 67.47
C LYS C 468 -13.56 0.90 67.45
N ASN C 469 -13.06 1.21 68.64
CA ASN C 469 -11.98 2.18 68.77
C ASN C 469 -10.63 1.53 68.55
N THR C 470 -9.96 1.95 67.49
CA THR C 470 -8.61 1.52 67.16
C THR C 470 -8.09 2.37 66.00
N VAL C 471 -6.79 2.65 65.99
CA VAL C 471 -6.13 3.52 65.00
C VAL C 471 -6.52 3.09 63.59
N GLY C 472 -6.63 1.79 63.37
CA GLY C 472 -7.08 1.26 62.10
C GLY C 472 -8.48 1.72 61.77
N ASP C 473 -9.39 1.59 62.74
CA ASP C 473 -10.79 1.83 62.45
C ASP C 473 -11.13 3.31 62.43
N TYR C 474 -10.35 4.15 63.10
CA TYR C 474 -10.51 5.58 62.91
C TYR C 474 -10.14 5.97 61.48
N PHE C 475 -9.08 5.37 60.95
CA PHE C 475 -8.67 5.65 59.58
C PHE C 475 -9.48 4.84 58.58
N ARG C 476 -10.06 3.71 59.02
CA ARG C 476 -10.93 2.96 58.13
C ARG C 476 -12.14 3.78 57.75
N VAL C 477 -12.86 4.30 58.75
CA VAL C 477 -14.06 5.07 58.49
C VAL C 477 -13.71 6.34 57.72
N THR C 478 -12.52 6.88 57.97
CA THR C 478 -12.02 7.99 57.16
C THR C 478 -11.94 7.58 55.69
N GLY C 479 -11.51 6.36 55.45
CA GLY C 479 -11.41 5.86 54.10
C GLY C 479 -12.77 5.73 53.45
N GLU C 480 -13.76 5.33 54.24
CA GLU C 480 -15.11 5.23 53.74
C GLU C 480 -15.64 6.59 53.33
N ILE C 481 -15.49 7.57 54.21
CA ILE C 481 -16.11 8.88 54.01
C ILE C 481 -15.50 9.55 52.78
N LEU C 482 -14.17 9.57 52.70
CA LEU C 482 -13.50 10.19 51.56
C LEU C 482 -13.90 9.51 50.27
N SER C 483 -14.09 8.19 50.31
CA SER C 483 -14.53 7.46 49.13
C SER C 483 -15.90 7.92 48.70
N VAL C 484 -16.85 7.91 49.63
CA VAL C 484 -18.22 8.32 49.31
C VAL C 484 -18.24 9.78 48.89
N SER C 485 -17.60 10.64 49.68
CA SER C 485 -17.64 12.07 49.42
C SER C 485 -16.98 12.40 48.09
N GLY C 486 -16.07 11.55 47.64
CA GLY C 486 -15.51 11.71 46.31
C GLY C 486 -16.34 11.02 45.25
N GLY C 487 -16.97 9.90 45.61
CA GLY C 487 -17.82 9.23 44.65
C GLY C 487 -19.00 10.09 44.26
N VAL C 488 -19.59 10.79 45.22
CA VAL C 488 -20.69 11.69 44.94
C VAL C 488 -20.21 12.84 44.06
N TYR C 489 -18.93 13.16 44.10
CA TYR C 489 -18.43 14.27 43.28
C TYR C 489 -18.52 13.91 41.80
N PHE C 490 -18.19 12.67 41.46
CA PHE C 490 -18.32 12.23 40.08
C PHE C 490 -19.77 12.25 39.64
N PHE C 491 -20.67 11.90 40.57
CA PHE C 491 -22.09 11.92 40.29
C PHE C 491 -22.55 13.31 39.90
N LEU C 492 -22.35 14.28 40.79
CA LEU C 492 -22.82 15.64 40.55
C LEU C 492 -22.20 16.21 39.29
N ARG C 493 -20.89 16.01 39.12
CA ARG C 493 -20.22 16.46 37.90
C ARG C 493 -20.73 15.66 36.71
N GLY C 494 -21.20 14.44 36.95
CA GLY C 494 -21.85 13.71 35.89
C GLY C 494 -23.22 14.26 35.55
N ILE C 495 -24.00 14.58 36.58
CA ILE C 495 -25.31 15.20 36.35
C ILE C 495 -25.14 16.51 35.61
N GLN C 496 -24.07 17.24 35.94
CA GLN C 496 -23.79 18.49 35.25
C GLN C 496 -23.52 18.25 33.77
N TYR C 497 -23.13 17.04 33.41
CA TYR C 497 -22.84 16.73 32.02
C TYR C 497 -24.08 16.27 31.27
N PHE C 498 -24.92 15.46 31.92
CA PHE C 498 -26.02 14.81 31.19
C PHE C 498 -27.24 15.70 31.01
N LEU C 499 -27.90 16.08 32.10
CA LEU C 499 -29.16 16.83 32.02
C LEU C 499 -28.88 18.28 32.36
N GLN C 500 -27.71 18.75 31.95
CA GLN C 500 -27.26 20.13 32.11
C GLN C 500 -26.36 20.38 30.92
N ARG C 501 -25.41 21.32 31.01
CA ARG C 501 -24.48 21.66 29.93
C ARG C 501 -24.03 20.42 29.16
N ARG C 502 -24.04 20.56 27.84
CA ARG C 502 -23.96 19.46 26.89
C ARG C 502 -25.09 18.47 27.15
N PRO C 503 -26.33 18.86 26.98
CA PRO C 503 -27.42 17.90 27.10
C PRO C 503 -27.39 16.89 25.97
N SER C 504 -27.00 15.66 26.30
CA SER C 504 -26.78 14.64 25.29
C SER C 504 -27.96 13.69 25.17
N MET C 505 -28.06 13.06 24.01
CA MET C 505 -29.07 12.08 23.67
C MET C 505 -28.44 10.69 23.75
N LYS C 506 -29.20 9.66 23.33
CA LYS C 506 -28.82 8.29 23.61
C LYS C 506 -27.59 7.87 22.82
N THR C 507 -27.57 8.15 21.52
CA THR C 507 -26.36 7.86 20.74
C THR C 507 -25.20 8.73 21.18
N LEU C 508 -25.48 9.87 21.83
CA LEU C 508 -24.42 10.76 22.28
C LEU C 508 -23.85 10.30 23.62
N PHE C 509 -24.64 9.60 24.42
CA PHE C 509 -24.14 9.03 25.66
C PHE C 509 -22.97 8.09 25.38
N VAL C 510 -23.13 7.24 24.38
CA VAL C 510 -22.14 6.19 24.13
C VAL C 510 -20.95 6.75 23.38
N ASP C 511 -21.16 7.78 22.57
CA ASP C 511 -20.06 8.49 21.95
C ASP C 511 -19.18 9.13 23.00
N SER C 512 -19.79 9.88 23.93
CA SER C 512 -19.10 10.40 25.10
C SER C 512 -18.88 9.26 26.08
N TYR C 513 -17.99 8.34 25.71
CA TYR C 513 -17.83 7.07 26.47
C TYR C 513 -17.38 7.30 27.89
N SER C 514 -16.36 8.12 28.13
CA SER C 514 -15.76 8.17 29.45
C SER C 514 -16.75 8.63 30.51
N GLU C 515 -17.47 9.71 30.23
CA GLU C 515 -18.19 10.36 31.29
C GLU C 515 -19.36 9.52 31.77
N MET C 516 -19.78 8.55 30.98
CA MET C 516 -20.62 7.49 31.52
C MET C 516 -19.87 6.75 32.61
N LEU C 517 -18.68 6.23 32.29
CA LEU C 517 -17.99 5.31 33.17
C LEU C 517 -17.71 5.94 34.51
N PHE C 518 -17.31 7.21 34.52
CA PHE C 518 -17.12 7.88 35.80
C PHE C 518 -18.46 8.15 36.46
N PHE C 519 -19.52 8.28 35.67
CA PHE C 519 -20.84 8.39 36.27
C PHE C 519 -21.31 7.03 36.76
N VAL C 520 -21.06 5.99 35.98
CA VAL C 520 -21.49 4.66 36.35
C VAL C 520 -20.76 4.20 37.60
N GLN C 521 -19.52 4.63 37.74
CA GLN C 521 -18.76 4.34 38.96
C GLN C 521 -19.48 4.87 40.17
N SER C 522 -19.92 6.13 40.10
CA SER C 522 -20.54 6.74 41.26
C SER C 522 -21.89 6.11 41.56
N LEU C 523 -22.52 5.52 40.55
CA LEU C 523 -23.81 4.88 40.79
C LEU C 523 -23.66 3.68 41.69
N PHE C 524 -22.78 2.76 41.32
CA PHE C 524 -22.49 1.62 42.18
C PHE C 524 -22.04 2.10 43.54
N MET C 525 -21.18 3.11 43.57
CA MET C 525 -20.68 3.62 44.83
C MET C 525 -21.81 4.20 45.67
N LEU C 526 -22.59 5.09 45.09
CA LEU C 526 -23.78 5.60 45.78
C LEU C 526 -24.86 4.54 45.87
N GLY C 527 -24.74 3.46 45.10
CA GLY C 527 -25.57 2.30 45.37
C GLY C 527 -25.10 1.57 46.60
N SER C 528 -23.79 1.43 46.75
CA SER C 528 -23.23 0.66 47.85
C SER C 528 -23.61 1.26 49.18
N VAL C 529 -23.48 2.58 49.30
CA VAL C 529 -23.69 3.25 50.57
C VAL C 529 -25.11 3.06 51.07
N VAL C 530 -26.07 2.96 50.14
CA VAL C 530 -27.45 2.70 50.52
C VAL C 530 -27.54 1.37 51.25
N LEU C 531 -26.97 0.33 50.66
CA LEU C 531 -27.06 -1.00 51.22
C LEU C 531 -26.34 -1.07 52.55
N TYR C 532 -25.25 -0.31 52.68
CA TYR C 532 -24.46 -0.32 53.90
C TYR C 532 -25.28 0.16 55.09
N PHE C 533 -26.18 1.10 54.84
CA PHE C 533 -27.07 1.60 55.88
C PHE C 533 -28.44 0.96 55.85
N SER C 534 -28.77 0.21 54.79
CA SER C 534 -30.00 -0.57 54.75
C SER C 534 -29.84 -1.95 55.35
N HIS C 535 -28.75 -2.19 56.08
CA HIS C 535 -28.55 -3.44 56.80
C HIS C 535 -28.47 -4.66 55.89
N ARG C 536 -28.22 -4.45 54.59
CA ARG C 536 -28.07 -5.53 53.63
C ARG C 536 -26.62 -5.70 53.22
N LYS C 537 -26.19 -6.96 53.17
CA LYS C 537 -24.79 -7.33 53.00
C LYS C 537 -24.23 -6.93 51.64
N GLU C 538 -25.09 -6.60 50.68
CA GLU C 538 -24.67 -6.42 49.29
C GLU C 538 -23.89 -5.14 49.03
N TYR C 539 -23.49 -4.40 50.07
CA TYR C 539 -22.63 -3.24 49.86
C TYR C 539 -21.35 -3.65 49.16
N VAL C 540 -20.86 -4.85 49.46
CA VAL C 540 -19.58 -5.29 48.94
C VAL C 540 -19.66 -5.44 47.43
N ALA C 541 -20.79 -5.93 46.94
CA ALA C 541 -20.92 -6.16 45.51
C ALA C 541 -20.82 -4.86 44.75
N SER C 542 -21.67 -3.91 45.11
CA SER C 542 -21.68 -2.61 44.47
C SER C 542 -20.31 -1.94 44.58
N MET C 543 -19.67 -2.09 45.73
CA MET C 543 -18.38 -1.45 45.92
C MET C 543 -17.35 -2.03 44.97
N VAL C 544 -17.42 -3.33 44.73
CA VAL C 544 -16.38 -4.00 43.97
C VAL C 544 -16.46 -3.60 42.51
N PHE C 545 -17.66 -3.65 41.94
CA PHE C 545 -17.83 -3.16 40.58
C PHE C 545 -17.38 -1.73 40.45
N SER C 546 -17.62 -0.93 41.47
CA SER C 546 -17.22 0.47 41.44
C SER C 546 -15.71 0.58 41.42
N LEU C 547 -15.05 -0.23 42.23
CA LEU C 547 -13.60 -0.28 42.24
C LEU C 547 -13.05 -0.61 40.87
N ALA C 548 -13.55 -1.69 40.29
CA ALA C 548 -12.94 -2.25 39.10
C ALA C 548 -13.00 -1.30 37.94
N MET C 549 -14.15 -0.63 37.79
CA MET C 549 -14.18 0.49 36.87
C MET C 549 -13.21 1.57 37.30
N GLY C 550 -13.09 1.80 38.61
CA GLY C 550 -12.32 2.95 39.08
C GLY C 550 -10.86 2.86 38.74
N TRP C 551 -10.24 1.69 38.93
CA TRP C 551 -8.88 1.53 38.46
C TRP C 551 -8.84 1.50 36.95
N THR C 552 -9.73 0.73 36.34
CA THR C 552 -9.94 0.80 34.90
C THR C 552 -10.23 2.22 34.44
N ASN C 553 -10.83 3.02 35.29
CA ASN C 553 -11.08 4.42 34.94
C ASN C 553 -9.83 5.26 34.97
N MET C 554 -8.83 4.89 35.77
CA MET C 554 -7.57 5.62 35.77
C MET C 554 -6.90 5.54 34.42
N LEU C 555 -7.28 4.57 33.60
CA LEU C 555 -6.87 4.50 32.21
C LEU C 555 -7.29 5.77 31.48
N TYR C 556 -8.34 6.42 31.96
CA TYR C 556 -8.85 7.61 31.30
C TYR C 556 -7.84 8.72 31.26
N TYR C 557 -7.13 8.95 32.34
CA TYR C 557 -6.13 10.01 32.36
C TYR C 557 -4.83 9.58 31.69
N THR C 558 -4.95 9.05 30.49
CA THR C 558 -3.91 9.06 29.49
C THR C 558 -4.36 9.91 28.31
N ARG C 559 -5.23 10.90 28.57
CA ARG C 559 -5.50 11.92 27.58
C ARG C 559 -4.31 12.85 27.45
N GLY C 560 -3.50 12.95 28.49
CA GLY C 560 -2.12 13.33 28.30
C GLY C 560 -1.34 12.21 27.67
N PHE C 561 -0.03 12.37 27.58
CA PHE C 561 0.84 11.26 27.25
C PHE C 561 0.50 10.61 25.91
N GLN C 562 0.79 11.32 24.82
CA GLN C 562 0.30 10.99 23.47
C GLN C 562 0.31 9.50 23.15
N GLN C 563 1.49 8.87 23.18
CA GLN C 563 1.60 7.52 22.65
C GLN C 563 0.74 6.51 23.40
N MET C 564 0.33 6.85 24.62
CA MET C 564 -0.59 6.00 25.36
C MET C 564 -2.03 6.40 25.12
N GLY C 565 -2.27 7.69 24.94
CA GLY C 565 -3.63 8.16 24.64
C GLY C 565 -4.16 7.52 23.37
N ILE C 566 -3.27 7.27 22.41
CA ILE C 566 -3.66 6.59 21.20
C ILE C 566 -4.12 5.18 21.55
N TYR C 567 -3.52 4.59 22.57
CA TYR C 567 -3.79 3.20 22.86
C TYR C 567 -5.05 3.03 23.70
N ALA C 568 -5.40 4.06 24.46
CA ALA C 568 -6.67 4.01 25.16
C ALA C 568 -7.82 4.16 24.20
N VAL C 569 -7.68 5.04 23.23
CA VAL C 569 -8.77 5.36 22.32
C VAL C 569 -9.13 4.14 21.49
N MET C 570 -8.16 3.32 21.15
CA MET C 570 -8.47 2.07 20.46
C MET C 570 -9.47 1.26 21.27
N ILE C 571 -9.18 1.07 22.55
CA ILE C 571 -10.04 0.28 23.43
C ILE C 571 -11.44 0.86 23.45
N GLU C 572 -11.53 2.18 23.37
CA GLU C 572 -12.82 2.84 23.30
C GLU C 572 -13.53 2.54 21.98
N LYS C 573 -12.80 2.06 20.98
CA LYS C 573 -13.37 1.90 19.64
C LYS C 573 -13.49 0.44 19.23
N MET C 574 -13.23 -0.52 20.12
CA MET C 574 -13.75 -1.86 19.92
C MET C 574 -14.94 -2.12 20.82
N ILE C 575 -14.92 -1.56 22.01
CA ILE C 575 -15.96 -1.77 23.00
C ILE C 575 -17.24 -1.05 22.61
N LEU C 576 -17.21 -0.23 21.57
CA LEU C 576 -18.40 0.40 21.03
C LEU C 576 -18.71 -0.05 19.61
N ARG C 577 -17.74 -0.63 18.90
CA ARG C 577 -17.88 -0.90 17.49
C ARG C 577 -17.58 -2.34 17.14
N ASP C 578 -16.74 -3.00 17.94
CA ASP C 578 -16.20 -4.30 17.57
C ASP C 578 -16.27 -5.28 18.71
N LEU C 579 -17.25 -5.12 19.59
CA LEU C 579 -17.55 -6.13 20.60
C LEU C 579 -18.98 -6.60 20.52
N CYS C 580 -19.92 -5.67 20.45
CA CYS C 580 -21.33 -6.00 20.35
C CYS C 580 -21.64 -6.82 19.10
N ARG C 581 -20.74 -6.80 18.11
CA ARG C 581 -20.81 -7.73 17.00
C ARG C 581 -20.32 -9.09 17.44
N PHE C 582 -19.07 -9.13 17.88
CA PHE C 582 -18.34 -10.37 18.06
C PHE C 582 -18.96 -11.24 19.14
N MET C 583 -19.27 -10.65 20.29
CA MET C 583 -19.76 -11.44 21.40
C MET C 583 -21.09 -12.09 21.06
N PHE C 584 -21.97 -11.37 20.37
CA PHE C 584 -23.21 -11.98 19.92
C PHE C 584 -22.96 -13.20 19.08
N VAL C 585 -21.85 -13.23 18.36
CA VAL C 585 -21.52 -14.40 17.58
C VAL C 585 -20.97 -15.48 18.48
N TYR C 586 -20.00 -15.13 19.32
CA TYR C 586 -19.34 -16.13 20.14
C TYR C 586 -20.28 -16.70 21.18
N LEU C 587 -21.23 -15.89 21.66
CA LEU C 587 -22.15 -16.43 22.65
C LEU C 587 -23.06 -17.46 22.03
N VAL C 588 -23.32 -17.35 20.73
CA VAL C 588 -24.23 -18.28 20.08
C VAL C 588 -23.61 -19.66 20.02
N PHE C 589 -22.42 -19.74 19.42
CA PHE C 589 -21.67 -20.98 19.39
C PHE C 589 -21.57 -21.59 20.77
N LEU C 590 -21.27 -20.75 21.75
CA LEU C 590 -21.13 -21.23 23.11
C LEU C 590 -22.46 -21.76 23.61
N PHE C 591 -23.48 -20.91 23.62
CA PHE C 591 -24.78 -21.33 24.11
C PHE C 591 -25.36 -22.43 23.25
N GLY C 592 -24.91 -22.54 22.01
CA GLY C 592 -25.32 -23.64 21.19
C GLY C 592 -24.60 -24.91 21.56
N PHE C 593 -23.30 -24.93 21.31
CA PHE C 593 -22.52 -26.13 21.56
C PHE C 593 -22.50 -26.51 23.03
N SER C 594 -22.78 -25.58 23.93
CA SER C 594 -22.87 -25.95 25.34
C SER C 594 -24.16 -26.69 25.59
N THR C 595 -25.26 -26.08 25.17
CA THR C 595 -26.57 -26.69 25.25
C THR C 595 -26.57 -28.07 24.63
N ALA C 596 -25.84 -28.22 23.55
CA ALA C 596 -25.73 -29.51 22.89
C ALA C 596 -25.20 -30.56 23.84
N VAL C 597 -24.17 -30.20 24.59
CA VAL C 597 -23.52 -31.15 25.47
C VAL C 597 -24.41 -31.47 26.64
N VAL C 598 -25.13 -30.49 27.15
CA VAL C 598 -25.90 -30.67 28.37
C VAL C 598 -27.01 -31.67 28.13
N THR C 599 -27.68 -31.53 27.00
CA THR C 599 -28.72 -32.45 26.60
C THR C 599 -28.20 -33.87 26.58
N LEU C 600 -27.03 -34.05 26.00
CA LEU C 600 -26.44 -35.35 25.86
C LEU C 600 -26.16 -35.98 27.21
N ILE C 601 -25.47 -35.25 28.09
CA ILE C 601 -24.94 -35.86 29.30
C ILE C 601 -26.08 -36.15 30.26
N GLU C 602 -26.03 -37.31 30.89
CA GLU C 602 -27.08 -37.80 31.76
C GLU C 602 -26.46 -38.07 33.12
N ASP C 603 -27.11 -37.57 34.16
CA ASP C 603 -26.58 -37.69 35.51
C ASP C 603 -26.40 -39.14 35.90
N GLY C 604 -25.44 -39.38 36.79
CA GLY C 604 -25.10 -40.72 37.21
C GLY C 604 -24.34 -40.73 38.52
N ASP C 627 -18.10 -33.10 40.58
CA ASP C 627 -18.75 -33.83 39.50
C ASP C 627 -20.18 -33.30 39.34
N SER C 628 -21.05 -34.06 38.67
CA SER C 628 -22.40 -33.61 38.35
C SER C 628 -22.36 -32.31 37.55
N TYR C 629 -21.60 -32.33 36.46
CA TYR C 629 -21.53 -31.20 35.55
C TYR C 629 -22.67 -31.25 34.56
N ASN C 630 -23.90 -31.29 35.08
CA ASN C 630 -25.09 -31.35 34.26
C ASN C 630 -25.75 -30.00 34.06
N SER C 631 -25.45 -29.02 34.90
CA SER C 631 -26.09 -27.73 34.76
C SER C 631 -25.60 -27.04 33.50
N LEU C 632 -26.48 -26.23 32.93
CA LEU C 632 -26.09 -25.46 31.75
C LEU C 632 -24.98 -24.50 32.07
N TYR C 633 -25.01 -23.93 33.28
CA TYR C 633 -23.99 -22.96 33.64
C TYR C 633 -22.62 -23.59 33.63
N SER C 634 -22.43 -24.64 34.43
CA SER C 634 -21.13 -25.27 34.56
C SER C 634 -20.61 -25.73 33.21
N THR C 635 -21.52 -26.15 32.34
CA THR C 635 -21.11 -26.59 31.02
C THR C 635 -20.71 -25.43 30.13
N CYS C 636 -21.50 -24.35 30.13
CA CYS C 636 -21.14 -23.17 29.35
C CYS C 636 -19.80 -22.63 29.79
N LEU C 637 -19.47 -22.80 31.06
CA LEU C 637 -18.22 -22.31 31.57
C LEU C 637 -17.04 -23.11 31.05
N GLU C 638 -17.19 -24.43 30.97
CA GLU C 638 -16.12 -25.27 30.46
C GLU C 638 -15.74 -24.85 29.06
N LEU C 639 -16.72 -24.61 28.21
CA LEU C 639 -16.42 -24.25 26.84
C LEU C 639 -15.88 -22.84 26.74
N PHE C 640 -15.96 -22.07 27.81
CA PHE C 640 -15.18 -20.85 27.88
C PHE C 640 -13.74 -21.17 28.26
N LYS C 641 -13.52 -22.28 28.95
CA LYS C 641 -12.18 -22.58 29.42
C LYS C 641 -11.32 -23.15 28.29
N PHE C 642 -11.94 -23.62 27.20
CA PHE C 642 -11.13 -23.97 26.04
C PHE C 642 -10.48 -22.75 25.45
N THR C 643 -11.16 -21.62 25.53
CA THR C 643 -10.72 -20.43 24.85
C THR C 643 -9.48 -19.87 25.50
N ILE C 644 -9.50 -19.78 26.83
CA ILE C 644 -8.41 -19.13 27.53
C ILE C 644 -7.18 -20.02 27.60
N GLY C 645 -7.37 -21.34 27.58
CA GLY C 645 -6.26 -22.24 27.63
C GLY C 645 -6.32 -23.34 28.66
N MET C 646 -7.51 -23.68 29.12
CA MET C 646 -7.69 -24.84 29.98
C MET C 646 -8.87 -25.66 29.50
N GLY C 647 -8.57 -26.71 28.75
CA GLY C 647 -9.59 -27.54 28.15
C GLY C 647 -9.43 -28.99 28.50
N ASP C 648 -10.38 -29.45 29.29
CA ASP C 648 -10.34 -30.82 29.75
C ASP C 648 -10.52 -31.84 28.65
N LEU C 649 -11.51 -31.68 27.77
CA LEU C 649 -11.92 -32.66 26.76
C LEU C 649 -12.50 -33.92 27.38
N GLU C 650 -12.52 -34.02 28.70
CA GLU C 650 -12.86 -35.22 29.42
C GLU C 650 -13.60 -34.81 30.69
N PHE C 651 -14.22 -33.63 30.67
CA PHE C 651 -14.67 -33.02 31.93
C PHE C 651 -15.85 -33.77 32.53
N THR C 652 -16.40 -34.73 31.81
CA THR C 652 -17.26 -35.71 32.41
C THR C 652 -17.24 -36.98 31.60
N GLU C 653 -17.14 -38.11 32.29
CA GLU C 653 -17.40 -39.41 31.72
C GLU C 653 -18.83 -39.88 32.00
N ASN C 654 -19.74 -38.95 32.31
CA ASN C 654 -21.14 -39.25 32.50
C ASN C 654 -21.92 -39.20 31.20
N TYR C 655 -21.21 -39.22 30.07
CA TYR C 655 -21.82 -39.15 28.76
C TYR C 655 -22.24 -40.56 28.37
N ASP C 656 -23.35 -40.64 27.66
CA ASP C 656 -23.55 -41.71 26.71
C ASP C 656 -22.97 -41.23 25.39
N PHE C 657 -22.59 -42.13 24.49
CA PHE C 657 -22.23 -41.77 23.13
C PHE C 657 -21.04 -40.81 23.03
N LYS C 658 -19.85 -41.31 23.34
CA LYS C 658 -18.61 -40.54 23.27
C LYS C 658 -18.49 -39.73 22.01
N ALA C 659 -18.62 -40.39 20.85
CA ALA C 659 -18.20 -39.79 19.58
C ALA C 659 -18.95 -38.50 19.32
N VAL C 660 -20.17 -38.40 19.81
CA VAL C 660 -20.90 -37.16 19.74
C VAL C 660 -20.23 -36.13 20.64
N PHE C 661 -19.84 -36.55 21.83
CA PHE C 661 -19.36 -35.62 22.83
C PHE C 661 -18.06 -34.98 22.41
N ILE C 662 -17.31 -35.66 21.55
CA ILE C 662 -16.01 -35.14 21.15
C ILE C 662 -16.13 -34.29 19.91
N ILE C 663 -16.97 -34.72 18.97
CA ILE C 663 -17.07 -34.02 17.70
C ILE C 663 -17.57 -32.60 17.93
N LEU C 664 -18.42 -32.42 18.92
CA LEU C 664 -18.89 -31.09 19.22
C LEU C 664 -17.78 -30.22 19.75
N LEU C 665 -17.14 -30.68 20.83
CA LEU C 665 -16.07 -29.93 21.44
C LEU C 665 -14.99 -29.59 20.44
N LEU C 666 -14.60 -30.56 19.63
CA LEU C 666 -13.61 -30.28 18.59
C LEU C 666 -14.20 -29.36 17.55
N ALA C 667 -15.49 -29.47 17.28
CA ALA C 667 -16.10 -28.55 16.35
C ALA C 667 -16.31 -27.19 17.00
N TYR C 668 -16.31 -27.13 18.33
CA TYR C 668 -16.39 -25.84 18.99
C TYR C 668 -15.05 -25.16 18.99
N VAL C 669 -14.00 -25.91 19.31
CA VAL C 669 -12.65 -25.36 19.33
C VAL C 669 -12.29 -24.82 17.97
N ILE C 670 -12.58 -25.61 16.93
CA ILE C 670 -12.25 -25.20 15.58
C ILE C 670 -12.94 -23.90 15.23
N LEU C 671 -14.26 -23.90 15.22
CA LEU C 671 -15.02 -22.73 14.86
C LEU C 671 -14.66 -21.54 15.74
N THR C 672 -14.35 -21.80 17.00
CA THR C 672 -13.85 -20.73 17.84
C THR C 672 -12.51 -20.22 17.32
N TYR C 673 -11.62 -21.11 16.89
CA TYR C 673 -10.36 -20.62 16.35
C TYR C 673 -10.59 -19.92 15.04
N ILE C 674 -11.54 -20.40 14.24
CA ILE C 674 -11.96 -19.65 13.06
C ILE C 674 -12.42 -18.28 13.46
N LEU C 675 -13.10 -18.20 14.59
CA LEU C 675 -13.87 -17.03 14.92
C LEU C 675 -13.03 -15.99 15.65
N LEU C 676 -12.06 -16.45 16.45
CA LEU C 676 -11.13 -15.53 17.06
C LEU C 676 -10.16 -14.99 16.03
N LEU C 677 -9.96 -15.74 14.96
CA LEU C 677 -9.07 -15.30 13.89
C LEU C 677 -9.68 -14.14 13.12
N ASN C 678 -10.92 -14.26 12.71
CA ASN C 678 -11.52 -13.20 11.91
C ASN C 678 -11.70 -11.93 12.71
N MET C 679 -11.76 -12.04 14.02
CA MET C 679 -11.73 -10.86 14.86
C MET C 679 -10.41 -10.13 14.69
N LEU C 680 -9.38 -10.86 14.27
CA LEU C 680 -8.08 -10.26 14.01
C LEU C 680 -7.98 -9.80 12.57
N ILE C 681 -8.44 -10.64 11.64
CA ILE C 681 -8.31 -10.33 10.21
C ILE C 681 -9.14 -9.12 9.87
N ALA C 682 -10.38 -9.11 10.33
CA ALA C 682 -11.32 -8.06 9.96
C ALA C 682 -10.80 -6.72 10.41
N LEU C 683 -10.25 -6.67 11.62
CA LEU C 683 -9.77 -5.39 12.14
C LEU C 683 -8.60 -4.88 11.31
N MET C 684 -7.73 -5.79 10.87
CA MET C 684 -6.65 -5.36 10.00
C MET C 684 -7.21 -4.85 8.67
N GLY C 685 -7.80 -5.75 7.89
CA GLY C 685 -8.22 -5.38 6.55
C GLY C 685 -9.25 -4.28 6.49
N GLU C 686 -9.95 -4.04 7.60
CA GLU C 686 -10.91 -2.96 7.64
C GLU C 686 -10.28 -1.63 7.97
N THR C 687 -9.33 -1.57 8.91
CA THR C 687 -8.86 -0.28 9.39
C THR C 687 -7.38 -0.09 9.70
N VAL C 688 -6.55 -1.14 9.69
CA VAL C 688 -5.14 -0.99 10.06
C VAL C 688 -4.44 0.02 9.16
N ASN C 689 -4.95 0.18 7.94
CA ASN C 689 -4.39 1.15 7.02
C ASN C 689 -4.36 2.56 7.59
N LYS C 690 -5.26 2.87 8.55
CA LYS C 690 -5.49 4.26 8.93
C LYS C 690 -5.77 4.54 10.41
N ILE C 691 -5.71 3.56 11.33
CA ILE C 691 -6.08 3.90 12.71
C ILE C 691 -5.06 4.81 13.34
N ALA C 692 -3.78 4.60 13.04
CA ALA C 692 -2.72 5.37 13.67
C ALA C 692 -2.87 6.86 13.37
N GLN C 693 -3.49 7.17 12.23
CA GLN C 693 -3.80 8.55 11.92
C GLN C 693 -5.08 8.97 12.64
N GLU C 694 -6.16 8.20 12.49
CA GLU C 694 -7.43 8.55 13.10
C GLU C 694 -7.32 8.63 14.60
N SER C 695 -6.83 7.54 15.20
CA SER C 695 -6.69 7.47 16.64
C SER C 695 -5.86 8.63 17.18
N LYS C 696 -4.78 8.98 16.49
CA LYS C 696 -4.04 10.17 16.85
C LYS C 696 -4.95 11.39 16.77
N ASN C 697 -5.72 11.50 15.69
CA ASN C 697 -6.58 12.65 15.54
C ASN C 697 -7.65 12.69 16.62
N ILE C 698 -8.13 11.51 17.03
CA ILE C 698 -9.13 11.46 18.08
C ILE C 698 -8.52 11.92 19.38
N TRP C 699 -7.26 11.61 19.60
CA TRP C 699 -6.62 12.01 20.84
C TRP C 699 -6.55 13.53 20.95
N LYS C 700 -6.22 14.21 19.86
CA LYS C 700 -6.08 15.65 19.91
C LYS C 700 -7.42 16.31 20.21
N LEU C 701 -8.49 15.72 19.71
CA LEU C 701 -9.81 16.15 20.16
C LEU C 701 -10.01 15.83 21.62
N GLN C 702 -9.78 14.59 21.99
CA GLN C 702 -10.10 14.14 23.34
C GLN C 702 -9.22 14.83 24.37
N ARG C 703 -8.10 15.40 23.95
CA ARG C 703 -7.38 16.34 24.79
C ARG C 703 -8.08 17.68 24.80
N ALA C 704 -8.64 18.07 23.66
CA ALA C 704 -9.22 19.39 23.52
C ALA C 704 -10.43 19.56 24.42
N ILE C 705 -11.22 18.50 24.57
CA ILE C 705 -12.35 18.56 25.49
C ILE C 705 -11.84 18.81 26.90
N THR C 706 -10.76 18.13 27.26
CA THR C 706 -10.22 18.25 28.61
C THR C 706 -9.74 19.65 28.87
N ILE C 707 -9.15 20.27 27.86
CA ILE C 707 -8.68 21.64 27.97
C ILE C 707 -9.85 22.56 28.26
N LEU C 708 -10.90 22.46 27.46
CA LEU C 708 -12.00 23.39 27.56
C LEU C 708 -12.75 23.22 28.87
N ASP C 709 -13.00 21.97 29.25
CA ASP C 709 -13.67 21.73 30.53
C ASP C 709 -12.81 22.25 31.67
N THR C 710 -11.50 22.25 31.48
CA THR C 710 -10.61 22.78 32.49
C THR C 710 -10.68 24.30 32.54
N GLU C 711 -10.80 24.94 31.38
CA GLU C 711 -10.88 26.40 31.38
C GLU C 711 -12.15 26.87 32.07
N LYS C 712 -13.22 26.09 31.96
CA LYS C 712 -14.47 26.45 32.60
C LYS C 712 -14.41 26.26 34.09
N SER C 713 -13.49 25.42 34.56
CA SER C 713 -13.27 25.29 35.99
C SER C 713 -12.70 26.59 36.56
N PHE C 714 -12.07 27.39 35.69
CA PHE C 714 -11.78 28.79 35.96
C PHE C 714 -12.93 29.67 35.47
N LEU C 715 -13.60 30.34 36.39
CA LEU C 715 -14.97 30.83 36.21
C LEU C 715 -15.02 31.78 35.02
N LYS C 716 -14.43 32.96 35.10
CA LYS C 716 -14.35 33.91 34.00
C LYS C 716 -13.00 34.61 33.93
N CYS C 717 -12.09 34.31 34.85
CA CYS C 717 -10.90 35.14 35.04
C CYS C 717 -10.06 35.19 33.77
N MET C 718 -9.70 34.04 33.23
CA MET C 718 -8.95 33.91 31.98
C MET C 718 -7.57 34.58 32.04
N ARG C 719 -7.17 35.03 33.23
CA ARG C 719 -6.06 35.97 33.39
C ARG C 719 -4.77 35.43 32.80
N LYS C 720 -4.57 34.12 32.94
CA LYS C 720 -3.46 33.40 32.34
C LYS C 720 -3.96 32.49 31.22
N ALA C 721 -5.04 32.89 30.57
CA ALA C 721 -5.67 32.09 29.52
C ALA C 721 -6.17 32.91 28.34
N PHE C 722 -5.88 34.20 28.26
CA PHE C 722 -6.23 34.97 27.08
C PHE C 722 -5.31 34.67 25.91
N ARG C 723 -4.42 33.68 26.06
CA ARG C 723 -3.93 32.96 24.91
C ARG C 723 -3.11 33.83 23.96
N SER C 724 -1.83 33.97 24.29
CA SER C 724 -0.94 35.07 23.94
C SER C 724 -1.19 35.70 22.58
N GLY C 725 -1.02 37.01 22.53
CA GLY C 725 -1.53 37.82 21.45
C GLY C 725 -1.91 39.20 21.94
N LYS C 726 -2.13 39.30 23.25
CA LYS C 726 -1.85 40.49 24.06
C LYS C 726 -2.31 41.80 23.39
N LEU C 727 -3.37 41.70 22.60
CA LEU C 727 -3.85 42.82 21.78
C LEU C 727 -2.72 43.45 20.97
N LEU C 728 -2.07 42.63 20.15
CA LEU C 728 -1.10 43.16 19.21
C LEU C 728 -1.82 43.92 18.11
N GLN C 729 -1.49 45.19 17.93
CA GLN C 729 -2.03 45.92 16.79
C GLN C 729 -1.48 45.32 15.50
N VAL C 730 -2.34 45.28 14.48
CA VAL C 730 -2.02 44.67 13.20
C VAL C 730 -2.43 45.54 12.03
N GLY C 731 -2.57 46.83 12.26
CA GLY C 731 -2.99 47.73 11.21
C GLY C 731 -3.94 48.75 11.76
N TYR C 732 -4.82 49.21 10.88
CA TYR C 732 -5.81 50.23 11.21
C TYR C 732 -7.15 49.85 10.61
N THR C 733 -8.22 50.38 11.19
CA THR C 733 -9.54 50.18 10.63
C THR C 733 -9.62 50.82 9.25
N PRO C 734 -10.67 50.55 8.49
CA PRO C 734 -10.91 51.32 7.27
C PRO C 734 -11.68 52.60 7.54
N ASP C 735 -11.36 53.28 8.64
CA ASP C 735 -11.67 54.69 8.82
C ASP C 735 -10.55 55.48 9.46
N GLY C 736 -9.63 54.85 10.19
CA GLY C 736 -8.48 55.52 10.75
C GLY C 736 -8.07 55.02 12.12
N LYS C 737 -8.98 54.36 12.84
CA LYS C 737 -8.68 53.93 14.19
C LYS C 737 -7.76 52.72 14.18
N ASP C 738 -7.27 52.39 15.38
CA ASP C 738 -6.40 51.24 15.56
C ASP C 738 -7.19 49.94 15.41
N ASP C 739 -6.46 48.84 15.27
CA ASP C 739 -7.06 47.52 15.07
C ASP C 739 -6.44 46.50 16.00
N TYR C 740 -6.35 46.83 17.28
CA TYR C 740 -5.89 45.87 18.28
C TYR C 740 -6.74 44.62 18.25
N ARG C 741 -6.10 43.47 18.08
CA ARG C 741 -6.79 42.19 18.01
C ARG C 741 -5.92 41.09 18.59
N TRP C 742 -6.55 40.19 19.34
CA TRP C 742 -5.86 39.04 19.88
C TRP C 742 -5.33 38.16 18.74
N CYS C 743 -4.09 37.72 18.86
CA CYS C 743 -3.43 37.01 17.78
C CYS C 743 -2.41 36.04 18.33
N PHE C 744 -2.64 34.75 18.16
CA PHE C 744 -1.62 33.76 18.45
C PHE C 744 -0.56 33.83 17.37
N ARG C 745 0.71 33.83 17.78
CA ARG C 745 1.82 33.92 16.84
C ARG C 745 2.21 32.55 16.32
N VAL C 746 2.78 32.55 15.13
CA VAL C 746 3.31 31.35 14.49
C VAL C 746 4.52 31.76 13.68
N ASP C 747 5.62 31.07 13.89
CA ASP C 747 6.82 31.26 13.10
C ASP C 747 6.88 30.20 12.01
N GLU C 748 7.37 30.60 10.84
CA GLU C 748 7.40 29.74 9.67
C GLU C 748 8.64 30.02 8.85
N VAL C 749 8.76 29.33 7.73
CA VAL C 749 9.84 29.57 6.79
C VAL C 749 9.42 29.00 5.44
N ASN C 750 9.84 29.67 4.38
CA ASN C 750 9.62 29.21 3.01
C ASN C 750 10.88 29.60 2.24
N TRP C 751 11.53 28.61 1.65
CA TRP C 751 12.77 28.84 0.93
C TRP C 751 12.55 29.13 -0.54
N THR C 752 11.50 28.57 -1.13
CA THR C 752 11.17 28.86 -2.51
C THR C 752 10.58 30.24 -2.65
N THR C 753 9.46 30.48 -1.97
CA THR C 753 8.90 31.81 -1.83
C THR C 753 9.70 32.59 -0.79
N TRP C 754 9.86 33.89 -1.04
CA TRP C 754 10.77 34.71 -0.26
C TRP C 754 10.07 35.77 0.57
N ASN C 755 8.74 35.73 0.62
CA ASN C 755 7.95 36.52 1.56
C ASN C 755 8.21 38.01 1.39
N THR C 756 8.07 38.47 0.15
CA THR C 756 7.91 39.88 -0.14
C THR C 756 6.45 40.31 -0.08
N ASN C 757 5.60 39.50 0.55
CA ASN C 757 4.17 39.74 0.53
C ASN C 757 3.82 41.02 1.28
N VAL C 758 2.98 41.85 0.66
CA VAL C 758 2.53 43.06 1.31
C VAL C 758 1.72 42.71 2.55
N GLY C 759 1.88 43.51 3.59
CA GLY C 759 1.15 43.35 4.84
C GLY C 759 2.04 43.31 6.06
N ILE C 760 3.31 43.65 5.90
CA ILE C 760 4.24 43.69 7.02
C ILE C 760 3.74 44.74 8.00
N ILE C 761 3.81 44.40 9.28
CA ILE C 761 3.23 45.21 10.35
C ILE C 761 4.33 45.92 11.12
N ASN C 762 5.57 45.45 10.98
CA ASN C 762 6.65 45.91 11.82
C ASN C 762 7.91 46.01 10.97
N GLU C 763 8.49 47.21 10.92
CA GLU C 763 9.66 47.44 10.10
C GLU C 763 10.84 46.67 10.67
N ASP C 764 11.25 47.04 11.87
CA ASP C 764 12.31 46.30 12.55
C ASP C 764 11.79 44.91 12.89
N PRO C 765 12.42 43.84 12.39
CA PRO C 765 11.92 42.51 12.71
C PRO C 765 11.99 42.21 14.21
N GLY C 766 11.10 41.33 14.65
CA GLY C 766 11.30 40.60 15.88
C GLY C 766 10.16 40.80 16.86
N ASN C 767 10.47 40.48 18.12
CA ASN C 767 9.51 40.60 19.21
C ASN C 767 10.27 40.89 20.50
N CYS C 768 10.37 42.15 20.87
CA CYS C 768 10.99 42.53 22.12
C CYS C 768 10.27 43.73 22.70
N GLU C 769 10.84 44.33 23.75
CA GLU C 769 10.34 45.59 24.28
C GLU C 769 10.71 46.66 23.26
N GLY C 770 9.68 47.21 22.60
CA GLY C 770 9.87 48.18 21.53
C GLY C 770 9.42 47.64 20.19
N VAL C 771 8.21 48.02 19.78
CA VAL C 771 7.64 47.67 18.48
C VAL C 771 7.41 48.97 17.73
N LYS C 772 7.50 48.89 16.41
CA LYS C 772 7.51 50.05 15.53
C LYS C 772 6.79 49.67 14.24
N ARG C 773 5.75 50.39 13.89
CA ARG C 773 4.85 49.93 12.85
C ARG C 773 5.34 50.40 11.48
N THR C 774 4.80 49.77 10.45
CA THR C 774 5.20 49.95 9.06
C THR C 774 4.24 50.94 8.38
N LEU C 775 4.67 51.49 7.25
CA LEU C 775 3.75 52.23 6.38
C LEU C 775 2.82 51.25 5.66
N SER C 776 1.91 50.67 6.43
CA SER C 776 0.94 49.72 5.91
C SER C 776 -0.28 50.46 5.38
N PHE C 777 -0.05 51.39 4.44
CA PHE C 777 -1.10 52.24 3.90
C PHE C 777 -1.83 52.97 5.03
N SER C 778 -1.08 53.75 5.81
CA SER C 778 -1.64 54.49 6.93
C SER C 778 -2.71 55.47 6.46
N LEU D 111 13.58 80.71 6.32
CA LEU D 111 14.25 79.44 6.59
C LEU D 111 13.39 78.58 7.50
N LYS D 112 13.23 77.30 7.13
CA LYS D 112 12.52 76.34 7.95
C LYS D 112 13.50 75.47 8.70
N LEU D 113 13.29 75.33 10.00
CA LEU D 113 14.07 74.35 10.75
C LEU D 113 13.62 72.95 10.37
N TYR D 114 14.38 71.97 10.82
CA TYR D 114 14.37 70.64 10.21
C TYR D 114 14.81 69.61 11.23
N ASP D 115 13.84 68.87 11.77
CA ASP D 115 14.08 67.97 12.89
C ASP D 115 14.03 66.50 12.46
N ARG D 116 14.52 65.63 13.36
CA ARG D 116 14.73 64.23 13.00
C ARG D 116 13.42 63.51 12.73
N ARG D 117 12.38 63.83 13.50
CA ARG D 117 11.11 63.13 13.32
C ARG D 117 10.52 63.42 11.95
N SER D 118 10.73 64.63 11.45
CA SER D 118 10.24 64.96 10.12
C SER D 118 11.06 64.28 9.04
N ILE D 119 12.31 63.94 9.35
CA ILE D 119 13.10 63.17 8.40
C ILE D 119 12.55 61.75 8.31
N PHE D 120 12.53 61.04 9.44
CA PHE D 120 12.16 59.63 9.48
C PHE D 120 10.80 59.40 8.85
N ASP D 121 9.88 60.34 9.04
CA ASP D 121 8.60 60.25 8.36
C ASP D 121 8.76 60.52 6.87
N ALA D 122 9.40 61.63 6.52
CA ALA D 122 9.44 62.06 5.12
C ALA D 122 10.30 61.13 4.28
N VAL D 123 11.35 60.56 4.86
CA VAL D 123 12.19 59.64 4.10
C VAL D 123 11.41 58.38 3.78
N ALA D 124 10.50 57.98 4.67
CA ALA D 124 9.62 56.84 4.38
C ALA D 124 8.57 57.20 3.34
N GLN D 125 8.15 58.46 3.32
CA GLN D 125 7.21 58.91 2.29
C GLN D 125 7.87 58.96 0.92
N ASN D 126 9.19 59.06 0.87
CA ASN D 126 9.93 59.18 -0.37
C ASN D 126 9.52 60.44 -1.12
N ASN D 127 9.64 61.59 -0.46
CA ASN D 127 9.43 62.90 -1.07
C ASN D 127 10.74 63.69 -0.97
N CYS D 128 11.56 63.61 -2.01
CA CYS D 128 12.83 64.33 -1.99
C CYS D 128 12.62 65.84 -1.94
N GLN D 129 11.47 66.32 -2.43
CA GLN D 129 11.18 67.76 -2.36
C GLN D 129 11.16 68.25 -0.92
N GLU D 130 10.66 67.41 -0.01
CA GLU D 130 10.69 67.75 1.41
C GLU D 130 12.13 67.74 1.91
N LEU D 131 12.93 66.81 1.40
CA LEU D 131 14.32 66.66 1.83
C LEU D 131 15.21 67.46 0.87
N GLU D 132 14.91 68.75 0.79
CA GLU D 132 15.58 69.66 -0.13
C GLU D 132 16.29 70.78 0.61
N SER D 133 15.63 71.44 1.55
CA SER D 133 16.25 72.52 2.31
C SER D 133 17.12 71.99 3.44
N LEU D 134 17.32 70.66 3.50
CA LEU D 134 18.27 70.09 4.44
C LEU D 134 19.65 70.71 4.27
N LEU D 135 20.26 70.49 3.10
CA LEU D 135 21.68 70.79 2.89
C LEU D 135 22.02 72.25 3.17
N PRO D 136 21.15 73.22 2.84
CA PRO D 136 21.34 74.56 3.41
C PRO D 136 21.30 74.56 4.93
N PHE D 137 20.28 73.91 5.50
CA PHE D 137 20.12 73.90 6.94
C PHE D 137 21.27 73.19 7.64
N LEU D 138 21.62 72.01 7.13
CA LEU D 138 22.68 71.20 7.70
C LEU D 138 23.99 71.96 7.72
N GLN D 139 24.34 72.56 6.58
CA GLN D 139 25.62 73.26 6.48
C GLN D 139 25.60 74.54 7.30
N LYS D 140 24.46 75.22 7.34
CA LYS D 140 24.32 76.41 8.16
C LYS D 140 24.54 76.08 9.63
N SER D 141 23.72 75.18 10.16
CA SER D 141 23.64 74.96 11.60
C SER D 141 24.83 74.20 12.17
N ARG D 142 25.86 73.88 11.35
CA ARG D 142 27.01 73.07 11.75
C ARG D 142 26.60 71.63 12.04
N LYS D 143 25.36 71.25 11.75
CA LYS D 143 24.86 69.92 12.06
C LYS D 143 25.45 68.89 11.10
N ARG D 144 25.53 67.66 11.58
CA ARG D 144 25.99 66.52 10.79
C ARG D 144 24.88 65.47 10.77
N LEU D 145 24.78 64.74 9.66
CA LEU D 145 23.76 63.70 9.57
C LEU D 145 24.01 62.57 10.56
N THR D 146 25.24 62.40 11.01
CA THR D 146 25.57 61.49 12.11
C THR D 146 25.70 62.32 13.38
N ASP D 147 24.64 62.30 14.18
CA ASP D 147 24.59 63.07 15.42
C ASP D 147 23.36 62.61 16.20
N SER D 148 23.44 62.77 17.52
CA SER D 148 22.40 62.32 18.43
C SER D 148 21.01 62.80 18.04
N GLU D 149 20.92 63.95 17.38
CA GLU D 149 19.64 64.42 16.85
C GLU D 149 19.11 63.43 15.83
N PHE D 150 19.91 63.12 14.82
CA PHE D 150 19.49 62.28 13.70
C PHE D 150 19.82 60.81 13.92
N LYS D 151 19.38 60.26 15.05
CA LYS D 151 19.48 58.84 15.33
C LYS D 151 18.19 58.45 16.06
N ASP D 152 18.18 57.25 16.62
CA ASP D 152 17.08 56.72 17.38
C ASP D 152 17.50 56.66 18.85
N PRO D 153 16.73 57.21 19.80
CA PRO D 153 17.20 57.20 21.20
C PRO D 153 17.47 55.81 21.76
N GLU D 154 16.62 54.84 21.47
CA GLU D 154 16.72 53.53 22.10
C GLU D 154 17.52 52.55 21.24
N THR D 155 17.06 52.28 20.03
CA THR D 155 17.69 51.25 19.20
C THR D 155 19.02 51.73 18.66
N GLY D 156 19.09 53.00 18.28
CA GLY D 156 20.18 53.52 17.47
C GLY D 156 19.96 53.23 16.00
N LYS D 157 20.07 54.28 15.18
CA LYS D 157 19.71 54.17 13.77
C LYS D 157 20.39 55.27 12.96
N THR D 158 20.11 55.29 11.65
CA THR D 158 20.33 56.45 10.80
C THR D 158 19.11 56.59 9.91
N CYS D 159 18.88 57.81 9.43
CA CYS D 159 17.90 58.05 8.40
C CYS D 159 18.05 57.08 7.23
N LEU D 160 19.31 56.81 6.85
CA LEU D 160 19.63 55.85 5.81
C LEU D 160 18.96 54.51 6.06
N LEU D 161 19.03 54.01 7.30
CA LEU D 161 18.39 52.75 7.63
C LEU D 161 16.90 52.82 7.38
N LYS D 162 16.24 53.80 8.00
CA LYS D 162 14.80 54.01 7.82
C LYS D 162 14.44 54.13 6.34
N ALA D 163 15.32 54.73 5.55
CA ALA D 163 15.12 54.73 4.11
C ALA D 163 15.15 53.32 3.56
N MET D 164 16.12 52.53 4.02
CA MET D 164 16.29 51.18 3.49
C MET D 164 15.14 50.29 3.92
N LEU D 165 14.59 50.52 5.11
CA LEU D 165 13.45 49.74 5.55
C LEU D 165 12.24 50.02 4.68
N ASN D 166 11.90 51.28 4.52
CA ASN D 166 10.72 51.70 3.77
C ASN D 166 11.00 51.78 2.28
N LEU D 167 11.53 50.70 1.73
CA LEU D 167 12.07 50.67 0.37
C LEU D 167 11.00 50.08 -0.55
N HIS D 168 9.93 50.84 -0.75
CA HIS D 168 8.81 50.33 -1.52
C HIS D 168 9.16 50.28 -3.00
N ASN D 169 8.86 49.14 -3.62
CA ASN D 169 9.13 48.88 -5.04
C ASN D 169 10.63 48.82 -5.32
N GLY D 170 11.47 48.76 -4.29
CA GLY D 170 12.90 48.75 -4.51
C GLY D 170 13.43 50.05 -5.07
N GLN D 171 12.69 51.14 -4.85
CA GLN D 171 12.95 52.39 -5.55
C GLN D 171 12.87 53.58 -4.61
N ASN D 172 13.61 53.54 -3.51
CA ASN D 172 13.86 54.73 -2.73
C ASN D 172 15.02 55.48 -3.39
N ASP D 173 14.74 56.70 -3.84
CA ASP D 173 15.78 57.57 -4.37
C ASP D 173 16.28 58.60 -3.39
N THR D 174 15.55 58.87 -2.31
CA THR D 174 16.06 59.70 -1.23
C THR D 174 17.35 59.14 -0.65
N ILE D 175 17.56 57.83 -0.75
CA ILE D 175 18.83 57.25 -0.30
C ILE D 175 19.99 57.91 -1.03
N SER D 176 19.90 58.03 -2.36
CA SER D 176 20.97 58.66 -3.11
C SER D 176 21.09 60.12 -2.74
N LEU D 177 19.97 60.72 -2.34
CA LEU D 177 19.97 62.12 -1.95
C LEU D 177 20.85 62.34 -0.72
N LEU D 178 20.54 61.69 0.41
CA LEU D 178 21.24 62.02 1.63
C LEU D 178 22.61 61.37 1.72
N LEU D 179 22.93 60.43 0.84
CA LEU D 179 24.31 59.93 0.78
C LEU D 179 25.20 60.98 0.14
N ASP D 180 24.70 61.68 -0.87
CA ASP D 180 25.45 62.76 -1.48
C ASP D 180 25.62 63.93 -0.51
N ILE D 181 24.71 64.06 0.45
CA ILE D 181 24.72 65.23 1.33
C ILE D 181 25.91 65.16 2.29
N ALA D 182 26.10 64.00 2.94
CA ALA D 182 27.22 63.90 3.87
C ALA D 182 28.55 63.88 3.13
N ARG D 183 28.53 63.48 1.86
CA ARG D 183 29.72 63.59 1.03
C ARG D 183 30.16 65.05 0.92
N GLN D 184 29.20 65.97 0.92
CA GLN D 184 29.51 67.39 0.96
C GLN D 184 29.97 67.82 2.35
N THR D 185 29.51 67.09 3.38
CA THR D 185 29.87 67.34 4.76
C THR D 185 31.12 66.55 5.16
N ASP D 186 31.89 66.10 4.16
CA ASP D 186 33.15 65.35 4.26
C ASP D 186 33.14 64.34 5.39
N SER D 187 32.00 63.64 5.54
CA SER D 187 31.86 62.61 6.55
C SER D 187 30.81 61.61 6.10
N LEU D 188 31.27 60.53 5.46
CA LEU D 188 30.40 59.47 4.93
C LEU D 188 30.50 58.20 5.75
N LYS D 189 31.71 57.85 6.18
CA LYS D 189 32.02 56.51 6.66
C LYS D 189 31.21 56.13 7.90
N GLU D 190 30.94 57.10 8.76
CA GLU D 190 30.42 56.78 10.08
C GLU D 190 29.02 56.20 10.02
N PHE D 191 28.14 56.83 9.24
CA PHE D 191 26.74 56.44 9.24
C PHE D 191 26.40 55.39 8.20
N VAL D 192 27.19 55.25 7.15
CA VAL D 192 27.00 54.11 6.27
C VAL D 192 27.32 52.82 7.00
N ASN D 193 28.34 52.86 7.86
CA ASN D 193 28.64 51.77 8.79
C ASN D 193 27.94 52.02 10.12
N ALA D 194 26.64 52.29 10.05
CA ALA D 194 25.85 52.57 11.24
C ALA D 194 25.28 51.27 11.80
N SER D 195 25.69 50.94 13.01
CA SER D 195 25.23 49.75 13.70
C SER D 195 24.12 50.15 14.67
N TYR D 196 22.97 49.51 14.56
CA TYR D 196 22.01 49.49 15.63
C TYR D 196 22.72 49.20 16.94
N THR D 197 22.51 50.05 17.94
CA THR D 197 23.19 49.93 19.23
C THR D 197 22.32 49.27 20.27
N ASP D 198 21.37 48.44 19.84
CA ASP D 198 20.53 47.67 20.73
C ASP D 198 21.28 46.40 21.13
N SER D 199 20.66 45.58 21.98
CA SER D 199 21.19 44.25 22.28
C SER D 199 20.56 43.27 21.31
N TYR D 200 19.26 43.43 21.08
CA TYR D 200 18.56 42.58 20.15
C TYR D 200 19.12 42.75 18.76
N TYR D 201 19.48 43.98 18.42
CA TYR D 201 20.19 44.30 17.19
C TYR D 201 21.50 44.99 17.56
N LYS D 202 22.61 44.39 17.12
CA LYS D 202 23.93 44.94 17.36
C LYS D 202 24.81 44.59 16.18
N GLY D 203 24.91 45.52 15.23
CA GLY D 203 25.80 45.40 14.11
C GLY D 203 25.14 45.60 12.77
N GLN D 204 23.82 45.52 12.74
CA GLN D 204 23.07 45.59 11.50
C GLN D 204 23.29 46.92 10.79
N THR D 205 23.77 46.83 9.55
CA THR D 205 24.04 47.99 8.71
C THR D 205 23.04 48.06 7.57
N ALA D 206 23.20 49.07 6.73
CA ALA D 206 22.40 49.16 5.51
C ALA D 206 22.69 47.98 4.61
N LEU D 207 23.93 47.49 4.62
CA LEU D 207 24.31 46.43 3.70
C LEU D 207 23.60 45.13 4.05
N HIS D 208 23.53 44.83 5.35
CA HIS D 208 22.82 43.63 5.79
C HIS D 208 21.38 43.65 5.35
N ILE D 209 20.78 44.85 5.29
CA ILE D 209 19.38 44.97 4.92
C ILE D 209 19.24 44.90 3.40
N ALA D 210 20.13 45.59 2.69
CA ALA D 210 20.06 45.56 1.24
C ALA D 210 20.25 44.16 0.70
N ILE D 211 20.98 43.33 1.43
CA ILE D 211 21.08 41.92 1.08
C ILE D 211 19.77 41.22 1.37
N GLU D 212 19.14 41.53 2.50
CA GLU D 212 17.84 40.97 2.83
C GLU D 212 16.81 41.31 1.77
N ARG D 213 16.86 42.52 1.22
CA ARG D 213 15.77 43.04 0.43
C ARG D 213 15.95 42.83 -1.07
N ARG D 214 16.98 42.08 -1.48
CA ARG D 214 17.14 41.69 -2.88
C ARG D 214 17.25 42.88 -3.80
N ASN D 215 18.24 43.74 -3.54
CA ASN D 215 18.47 44.96 -4.31
C ASN D 215 19.94 45.04 -4.62
N MET D 216 20.31 44.43 -5.75
CA MET D 216 21.67 44.51 -6.27
C MET D 216 22.17 45.94 -6.33
N ALA D 217 21.31 46.85 -6.80
CA ALA D 217 21.71 48.24 -6.97
C ALA D 217 22.07 48.87 -5.63
N LEU D 218 21.24 48.63 -4.62
CA LEU D 218 21.47 49.28 -3.33
C LEU D 218 22.72 48.71 -2.66
N VAL D 219 23.04 47.45 -2.96
CA VAL D 219 24.31 46.89 -2.52
C VAL D 219 25.45 47.61 -3.22
N THR D 220 25.33 47.73 -4.54
CA THR D 220 26.37 48.35 -5.36
C THR D 220 26.69 49.75 -4.85
N LEU D 221 25.66 50.57 -4.69
CA LEU D 221 25.82 51.95 -4.27
C LEU D 221 26.56 52.09 -2.95
N LEU D 222 26.09 51.38 -1.92
CA LEU D 222 26.66 51.50 -0.58
C LEU D 222 28.14 51.14 -0.59
N VAL D 223 28.48 50.09 -1.32
CA VAL D 223 29.86 49.63 -1.40
C VAL D 223 30.69 50.70 -2.10
N GLU D 224 30.17 51.23 -3.21
CA GLU D 224 30.89 52.27 -3.94
C GLU D 224 31.04 53.52 -3.08
N ASN D 225 30.07 53.78 -2.22
CA ASN D 225 30.18 54.91 -1.30
C ASN D 225 31.21 54.65 -0.22
N GLY D 226 31.51 53.38 0.04
CA GLY D 226 32.52 53.02 1.02
C GLY D 226 31.99 52.19 2.16
N ALA D 227 30.95 51.40 1.89
CA ALA D 227 30.36 50.54 2.89
C ALA D 227 31.32 49.43 3.27
N ASP D 228 31.31 49.04 4.54
CA ASP D 228 32.13 47.93 5.00
C ASP D 228 31.42 46.62 4.74
N VAL D 229 32.22 45.59 4.48
CA VAL D 229 31.73 44.27 4.10
C VAL D 229 32.11 43.20 5.09
N GLN D 230 32.90 43.54 6.11
CA GLN D 230 33.15 42.67 7.25
C GLN D 230 32.35 43.16 8.46
N ALA D 231 31.15 43.64 8.21
CA ALA D 231 30.30 44.16 9.27
C ALA D 231 29.66 43.02 10.04
N ALA D 232 29.97 42.93 11.32
CA ALA D 232 29.53 41.82 12.16
C ALA D 232 28.19 42.13 12.78
N ALA D 233 27.21 41.27 12.54
CA ALA D 233 25.86 41.40 13.11
C ALA D 233 25.70 40.59 14.39
N ASN D 234 26.76 40.48 15.18
CA ASN D 234 26.67 39.77 16.45
C ASN D 234 25.62 40.39 17.36
N GLY D 235 24.53 39.66 17.57
CA GLY D 235 23.43 40.17 18.36
C GLY D 235 22.65 39.06 19.02
N ASP D 236 21.31 39.15 18.99
CA ASP D 236 20.45 38.13 19.56
C ASP D 236 19.51 37.58 18.50
N PHE D 237 18.85 38.46 17.75
CA PHE D 237 18.08 38.01 16.60
C PHE D 237 18.97 37.23 15.64
N PHE D 238 20.20 37.69 15.49
CA PHE D 238 21.19 37.05 14.65
C PHE D 238 21.97 35.96 15.36
N LYS D 239 21.48 35.51 16.52
CA LYS D 239 22.13 34.49 17.33
C LYS D 239 21.35 33.18 17.20
N LYS D 240 21.97 32.09 17.66
CA LYS D 240 21.45 30.74 17.48
C LYS D 240 20.36 30.37 18.48
N THR D 241 19.88 31.33 19.29
CA THR D 241 19.10 31.00 20.48
C THR D 241 17.90 30.12 20.15
N LYS D 242 17.90 28.93 20.75
CA LYS D 242 16.88 27.91 20.53
C LYS D 242 15.48 28.35 20.97
N GLY D 243 15.37 29.46 21.66
CA GLY D 243 14.10 30.06 22.07
C GLY D 243 13.73 31.16 21.12
N ARG D 244 14.10 32.40 21.45
CA ARG D 244 13.90 33.57 20.59
C ARG D 244 14.42 33.27 19.18
N PRO D 245 13.56 33.12 18.19
CA PRO D 245 14.02 32.68 16.87
C PRO D 245 14.73 33.80 16.12
N GLY D 246 15.18 33.46 14.93
CA GLY D 246 15.94 34.37 14.11
C GLY D 246 16.79 33.64 13.11
N PHE D 247 16.99 34.26 11.96
CA PHE D 247 17.72 33.64 10.87
C PHE D 247 19.22 33.65 11.16
N TYR D 248 19.80 32.47 11.39
CA TYR D 248 21.24 32.39 11.63
C TYR D 248 21.96 32.16 10.31
N PHE D 249 22.61 33.22 9.88
CA PHE D 249 23.71 33.16 8.94
C PHE D 249 25.00 33.38 9.72
N GLY D 250 26.09 33.62 9.00
CA GLY D 250 27.37 33.79 9.66
C GLY D 250 27.62 35.17 10.24
N GLU D 251 26.57 35.90 10.61
CA GLU D 251 26.65 37.21 11.24
C GLU D 251 27.59 38.15 10.50
N LEU D 252 27.64 37.98 9.19
CA LEU D 252 28.66 38.58 8.36
C LEU D 252 28.11 38.61 6.94
N PRO D 253 28.28 39.69 6.16
CA PRO D 253 27.40 39.91 5.00
C PRO D 253 27.36 38.82 3.94
N LEU D 254 28.49 38.46 3.34
CA LEU D 254 28.43 37.52 2.22
C LEU D 254 27.86 36.17 2.65
N SER D 255 27.98 35.84 3.94
CA SER D 255 27.24 34.69 4.44
C SER D 255 25.75 34.90 4.32
N LEU D 256 25.29 36.12 4.58
CA LEU D 256 23.89 36.42 4.42
C LEU D 256 23.47 36.31 2.97
N ALA D 257 24.31 36.79 2.06
CA ALA D 257 24.04 36.63 0.65
C ALA D 257 24.08 35.17 0.25
N ALA D 258 24.94 34.40 0.91
CA ALA D 258 25.09 33.00 0.57
C ALA D 258 23.88 32.21 1.01
N CYS D 259 23.37 32.48 2.21
CA CYS D 259 22.21 31.78 2.74
C CYS D 259 20.89 32.35 2.23
N THR D 260 20.92 33.14 1.16
CA THR D 260 19.76 33.93 0.74
C THR D 260 19.59 33.95 -0.78
N ASN D 261 20.34 33.12 -1.50
CA ASN D 261 20.16 32.88 -2.92
C ASN D 261 20.58 34.05 -3.78
N GLN D 262 21.36 34.98 -3.22
CA GLN D 262 21.77 36.17 -3.95
C GLN D 262 23.20 35.95 -4.46
N LEU D 263 23.35 34.93 -5.29
CA LEU D 263 24.67 34.56 -5.82
C LEU D 263 25.34 35.71 -6.54
N ALA D 264 24.55 36.52 -7.26
CA ALA D 264 25.09 37.72 -7.87
C ALA D 264 25.77 38.58 -6.82
N ILE D 265 25.08 38.83 -5.72
CA ILE D 265 25.64 39.70 -4.68
C ILE D 265 26.82 39.03 -4.00
N VAL D 266 26.84 37.69 -3.97
CA VAL D 266 28.02 37.00 -3.47
C VAL D 266 29.22 37.34 -4.33
N LYS D 267 29.06 37.17 -5.65
CA LYS D 267 30.17 37.36 -6.57
C LYS D 267 30.65 38.80 -6.55
N PHE D 268 29.75 39.75 -6.26
CA PHE D 268 30.12 41.15 -6.26
C PHE D 268 30.94 41.49 -5.02
N LEU D 269 30.46 41.07 -3.86
CA LEU D 269 31.17 41.35 -2.61
C LEU D 269 32.57 40.74 -2.61
N LEU D 270 32.75 39.65 -3.34
CA LEU D 270 34.05 39.01 -3.41
C LEU D 270 34.95 39.70 -4.42
N GLN D 271 34.41 40.00 -5.61
CA GLN D 271 35.20 40.46 -6.74
C GLN D 271 35.19 41.97 -6.93
N ASN D 272 34.48 42.72 -6.08
CA ASN D 272 34.49 44.16 -6.22
C ASN D 272 35.87 44.73 -5.94
N SER D 273 36.10 45.95 -6.42
CA SER D 273 37.42 46.56 -6.30
C SER D 273 37.54 47.38 -5.03
N TRP D 274 36.47 48.05 -4.63
CA TRP D 274 36.51 48.99 -3.51
C TRP D 274 36.88 48.29 -2.21
N GLN D 275 36.32 47.11 -1.98
CA GLN D 275 36.58 46.37 -0.74
C GLN D 275 36.26 44.91 -0.97
N PRO D 276 37.24 44.08 -1.33
CA PRO D 276 36.96 42.67 -1.54
C PRO D 276 36.64 41.97 -0.23
N ALA D 277 35.58 41.18 -0.24
CA ALA D 277 35.11 40.52 0.96
C ALA D 277 36.04 39.39 1.36
N ASP D 278 36.23 39.23 2.66
CA ASP D 278 37.03 38.14 3.19
C ASP D 278 36.20 36.87 3.17
N ILE D 279 36.58 35.94 2.30
CA ILE D 279 35.88 34.68 2.18
C ILE D 279 36.02 33.81 3.41
N SER D 280 37.00 34.10 4.28
CA SER D 280 37.31 33.25 5.41
C SER D 280 37.05 33.96 6.72
N ALA D 281 35.93 34.67 6.80
CA ALA D 281 35.60 35.43 7.99
C ALA D 281 35.32 34.48 9.15
N ARG D 282 35.13 35.09 10.33
CA ARG D 282 34.80 34.34 11.53
C ARG D 282 33.83 35.18 12.35
N ASP D 283 32.69 34.58 12.70
CA ASP D 283 31.68 35.27 13.49
C ASP D 283 32.00 35.11 14.98
N SER D 284 31.06 35.49 15.84
CA SER D 284 31.25 35.33 17.27
C SER D 284 31.45 33.87 17.64
N VAL D 285 30.81 32.97 16.89
CA VAL D 285 30.99 31.54 17.08
C VAL D 285 32.14 30.99 16.26
N GLY D 286 32.61 31.74 15.26
CA GLY D 286 33.69 31.33 14.41
C GLY D 286 33.26 30.66 13.13
N ASN D 287 31.97 30.47 12.92
CA ASN D 287 31.50 29.86 11.69
C ASN D 287 31.71 30.79 10.51
N THR D 288 32.23 30.23 9.43
CA THR D 288 32.50 30.95 8.22
C THR D 288 31.27 30.97 7.34
N VAL D 289 31.46 31.29 6.07
CA VAL D 289 30.38 31.17 5.09
C VAL D 289 29.91 29.72 5.02
N LEU D 290 30.86 28.81 4.81
CA LEU D 290 30.49 27.43 4.57
C LEU D 290 29.90 26.78 5.82
N HIS D 291 30.47 27.09 6.99
CA HIS D 291 29.90 26.57 8.23
C HIS D 291 28.46 27.00 8.41
N ALA D 292 28.06 28.10 7.78
CA ALA D 292 26.69 28.56 7.89
C ALA D 292 25.78 27.82 6.93
N LEU D 293 26.22 27.69 5.68
CA LEU D 293 25.40 27.04 4.66
C LEU D 293 25.01 25.64 5.09
N VAL D 294 25.91 24.94 5.76
CA VAL D 294 25.59 23.64 6.31
C VAL D 294 24.49 23.79 7.34
N GLU D 295 24.70 24.70 8.27
CA GLU D 295 23.83 24.86 9.42
C GLU D 295 22.43 25.28 9.03
N VAL D 296 22.31 26.20 8.09
CA VAL D 296 21.02 26.77 7.74
C VAL D 296 20.10 25.75 7.09
N ALA D 297 20.64 24.71 6.48
CA ALA D 297 19.80 23.71 5.84
C ALA D 297 19.07 22.87 6.87
N ASP D 298 17.97 22.26 6.43
CA ASP D 298 17.18 21.38 7.29
C ASP D 298 16.71 20.17 6.50
N ASN D 299 17.51 19.72 5.54
CA ASN D 299 17.30 18.47 4.82
C ASN D 299 16.10 18.47 3.87
N THR D 300 15.43 19.61 3.73
CA THR D 300 14.35 19.69 2.77
C THR D 300 14.92 19.75 1.36
N ALA D 301 14.02 19.62 0.38
CA ALA D 301 14.45 19.55 -1.02
C ALA D 301 15.00 20.88 -1.49
N ASP D 302 14.27 21.96 -1.23
CA ASP D 302 14.66 23.27 -1.74
C ASP D 302 15.98 23.72 -1.12
N ASN D 303 16.12 23.53 0.20
CA ASN D 303 17.40 23.79 0.84
C ASN D 303 18.50 22.97 0.20
N THR D 304 18.28 21.66 0.13
CA THR D 304 19.32 20.76 -0.32
C THR D 304 19.69 21.04 -1.78
N LYS D 305 18.68 21.32 -2.60
CA LYS D 305 18.95 21.78 -3.95
C LYS D 305 19.72 23.08 -3.90
N PHE D 306 19.39 23.93 -2.94
CA PHE D 306 19.98 25.25 -2.89
C PHE D 306 21.39 25.22 -2.37
N VAL D 307 21.55 24.67 -1.17
CA VAL D 307 22.78 24.82 -0.41
C VAL D 307 23.94 24.17 -1.15
N THR D 308 23.70 23.01 -1.76
CA THR D 308 24.75 22.34 -2.48
C THR D 308 25.27 23.20 -3.62
N SER D 309 24.39 24.00 -4.21
CA SER D 309 24.81 24.83 -5.34
C SER D 309 25.68 25.98 -4.86
N MET D 310 25.18 26.76 -3.91
CA MET D 310 25.98 27.84 -3.35
C MET D 310 27.24 27.31 -2.71
N TYR D 311 27.16 26.12 -2.12
CA TYR D 311 28.34 25.49 -1.56
C TYR D 311 29.32 25.15 -2.66
N ASN D 312 28.81 24.89 -3.87
CA ASN D 312 29.69 24.62 -5.00
C ASN D 312 30.45 25.87 -5.40
N GLU D 313 29.73 26.96 -5.63
CA GLU D 313 30.28 28.12 -6.29
C GLU D 313 31.39 28.74 -5.46
N ILE D 314 31.11 28.96 -4.18
CA ILE D 314 32.03 29.69 -3.31
C ILE D 314 33.36 28.96 -3.24
N LEU D 315 33.34 27.65 -3.35
CA LEU D 315 34.57 26.89 -3.42
C LEU D 315 35.27 27.14 -4.74
N ILE D 316 34.51 27.17 -5.83
CA ILE D 316 35.08 27.46 -7.14
C ILE D 316 35.70 28.86 -7.11
N LEU D 317 35.01 29.81 -6.48
CA LEU D 317 35.56 31.15 -6.38
C LEU D 317 36.79 31.16 -5.48
N GLY D 318 36.68 30.56 -4.30
CA GLY D 318 37.81 30.56 -3.38
C GLY D 318 39.00 29.84 -3.95
N ALA D 319 38.77 28.95 -4.90
CA ALA D 319 39.87 28.39 -5.68
C ALA D 319 40.43 29.42 -6.64
N LYS D 320 39.55 30.04 -7.44
CA LYS D 320 40.03 30.96 -8.47
C LYS D 320 40.63 32.21 -7.88
N LEU D 321 40.13 32.68 -6.74
CA LEU D 321 40.60 33.92 -6.17
C LEU D 321 41.89 33.70 -5.38
N HIS D 322 41.81 32.90 -4.33
CA HIS D 322 42.93 32.62 -3.46
C HIS D 322 43.20 31.12 -3.47
N PRO D 323 44.00 30.58 -4.39
CA PRO D 323 44.12 29.13 -4.51
C PRO D 323 45.05 28.48 -3.50
N THR D 324 44.96 28.89 -2.23
CA THR D 324 45.59 28.14 -1.15
C THR D 324 44.64 27.92 0.02
N LEU D 325 43.64 28.78 0.18
CA LEU D 325 42.72 28.66 1.31
C LEU D 325 41.93 27.37 1.24
N LYS D 326 42.15 26.50 2.23
CA LYS D 326 41.43 25.23 2.34
C LYS D 326 40.19 25.48 3.20
N LEU D 327 39.18 26.07 2.57
CA LEU D 327 37.99 26.51 3.29
C LEU D 327 37.30 25.36 4.01
N GLU D 328 37.35 24.17 3.44
CA GLU D 328 36.73 23.00 4.05
C GLU D 328 37.54 22.42 5.19
N GLU D 329 38.67 23.05 5.53
CA GLU D 329 39.54 22.58 6.61
C GLU D 329 39.69 23.61 7.72
N LEU D 330 38.90 24.69 7.69
CA LEU D 330 38.91 25.65 8.77
C LEU D 330 37.98 25.18 9.88
N ILE D 331 38.12 25.80 11.04
CA ILE D 331 37.68 25.23 12.30
C ILE D 331 36.92 26.29 13.09
N ASN D 332 35.69 25.98 13.44
CA ASN D 332 34.92 26.82 14.36
C ASN D 332 35.39 26.61 15.79
N LYS D 333 34.86 27.44 16.69
CA LYS D 333 35.35 27.43 18.07
C LYS D 333 35.08 26.11 18.75
N LYS D 334 34.05 25.39 18.30
CA LYS D 334 33.77 24.06 18.85
C LYS D 334 34.65 22.99 18.24
N GLY D 335 35.43 23.31 17.22
CA GLY D 335 36.38 22.38 16.65
C GLY D 335 35.90 21.79 15.33
N LEU D 336 34.60 21.83 15.09
CA LEU D 336 34.04 21.11 13.96
C LEU D 336 34.29 21.83 12.65
N THR D 337 34.79 21.09 11.68
CA THR D 337 34.90 21.51 10.29
C THR D 337 33.51 21.50 9.69
N PRO D 338 33.32 22.04 8.48
CA PRO D 338 31.97 22.09 7.91
C PRO D 338 31.36 20.72 7.76
N LEU D 339 32.13 19.81 7.18
CA LEU D 339 31.69 18.43 7.06
C LEU D 339 31.36 17.86 8.42
N ALA D 340 32.20 18.13 9.41
CA ALA D 340 31.95 17.66 10.75
C ALA D 340 30.65 18.22 11.28
N LEU D 341 30.39 19.49 11.00
CA LEU D 341 29.15 20.10 11.43
C LEU D 341 27.98 19.47 10.71
N ALA D 342 28.17 19.18 9.43
CA ALA D 342 27.11 18.61 8.61
C ALA D 342 26.70 17.26 9.15
N ALA D 343 27.69 16.43 9.42
CA ALA D 343 27.41 15.11 9.94
C ALA D 343 26.89 15.20 11.36
N SER D 344 27.45 16.12 12.15
CA SER D 344 27.05 16.27 13.53
C SER D 344 25.59 16.65 13.64
N SER D 345 25.23 17.80 13.11
CA SER D 345 23.85 18.25 13.18
C SER D 345 22.94 17.37 12.34
N GLY D 346 23.50 16.59 11.42
CA GLY D 346 22.72 15.62 10.68
C GLY D 346 22.04 16.20 9.46
N LYS D 347 22.86 16.73 8.55
CA LYS D 347 22.38 17.37 7.33
C LYS D 347 22.70 16.44 6.16
N ILE D 348 21.76 15.54 5.85
CA ILE D 348 22.06 14.42 4.96
C ILE D 348 22.36 14.91 3.56
N GLY D 349 21.62 15.90 3.10
CA GLY D 349 21.70 16.30 1.72
C GLY D 349 23.03 16.96 1.47
N VAL D 350 23.43 17.75 2.45
CA VAL D 350 24.74 18.38 2.39
C VAL D 350 25.83 17.35 2.51
N LEU D 351 25.62 16.33 3.34
CA LEU D 351 26.65 15.33 3.55
C LEU D 351 26.84 14.48 2.30
N ALA D 352 25.78 14.31 1.54
CA ALA D 352 25.92 13.66 0.25
C ALA D 352 26.87 14.46 -0.61
N TYR D 353 26.54 15.73 -0.81
CA TYR D 353 27.27 16.55 -1.76
C TYR D 353 28.73 16.65 -1.40
N ILE D 354 29.03 16.86 -0.12
CA ILE D 354 30.41 17.12 0.28
C ILE D 354 31.29 15.93 0.00
N LEU D 355 30.71 14.73 -0.01
CA LEU D 355 31.50 13.52 -0.19
C LEU D 355 31.56 13.11 -1.64
N GLN D 356 30.41 13.01 -2.30
CA GLN D 356 30.36 12.52 -3.67
C GLN D 356 30.18 13.67 -4.65
N ARG D 357 30.81 14.81 -4.38
CA ARG D 357 30.88 15.88 -5.37
C ARG D 357 31.65 15.41 -6.59
N GLU D 358 31.60 16.22 -7.64
CA GLU D 358 32.51 16.07 -8.76
C GLU D 358 32.51 17.38 -9.54
N ILE D 359 33.64 18.07 -9.51
CA ILE D 359 33.83 19.32 -10.22
C ILE D 359 34.56 19.00 -11.51
N GLN D 360 33.83 19.01 -12.62
CA GLN D 360 34.45 18.85 -13.93
C GLN D 360 35.30 20.03 -14.33
N GLU D 361 35.04 21.20 -13.76
CA GLU D 361 35.66 22.42 -14.22
C GLU D 361 37.17 22.39 -13.99
N PRO D 362 38.01 22.64 -15.00
CA PRO D 362 39.45 22.63 -14.75
C PRO D 362 39.83 23.80 -13.86
N GLU D 363 41.07 23.73 -13.35
CA GLU D 363 41.67 24.70 -12.44
C GLU D 363 41.11 24.59 -11.03
N CYS D 364 40.05 23.80 -10.84
CA CYS D 364 39.40 23.67 -9.55
C CYS D 364 38.95 22.21 -9.38
N ARG D 365 39.75 21.29 -9.91
CA ARG D 365 39.48 19.86 -9.79
C ARG D 365 40.01 19.27 -8.51
N HIS D 366 41.04 19.87 -7.92
CA HIS D 366 41.60 19.40 -6.65
C HIS D 366 40.56 19.30 -5.56
N LEU D 367 39.52 20.12 -5.61
CA LEU D 367 38.51 20.11 -4.57
C LEU D 367 37.62 18.89 -4.63
N SER D 368 37.46 18.31 -5.80
CA SER D 368 36.55 17.18 -5.94
C SER D 368 37.01 16.02 -5.07
N ARG D 369 36.07 15.12 -4.81
CA ARG D 369 36.35 13.87 -4.10
C ARG D 369 36.04 12.65 -4.96
N LYS D 370 34.83 12.57 -5.50
CA LYS D 370 34.45 11.42 -6.31
C LYS D 370 35.14 11.53 -7.65
N PHE D 371 36.40 11.13 -7.66
CA PHE D 371 37.11 11.05 -8.91
C PHE D 371 36.82 9.73 -9.61
N THR D 372 37.05 9.72 -10.91
CA THR D 372 36.90 8.55 -11.75
C THR D 372 38.24 8.19 -12.35
N GLU D 373 38.74 7.04 -11.96
CA GLU D 373 39.87 6.41 -12.62
C GLU D 373 39.30 5.64 -13.81
N TRP D 374 40.04 4.65 -14.29
CA TRP D 374 39.74 3.85 -15.48
C TRP D 374 38.25 3.62 -15.71
N ALA D 375 37.84 3.90 -16.93
CA ALA D 375 36.45 3.78 -17.35
C ALA D 375 36.45 3.17 -18.74
N TYR D 376 36.38 1.85 -18.79
CA TYR D 376 36.38 1.11 -20.05
C TYR D 376 34.95 1.03 -20.52
N GLY D 377 34.49 2.09 -21.17
CA GLY D 377 33.16 2.14 -21.70
C GLY D 377 32.10 2.23 -20.63
N PRO D 378 31.21 1.23 -20.53
CA PRO D 378 30.12 1.35 -19.58
C PRO D 378 30.56 1.35 -18.13
N VAL D 379 31.70 0.74 -17.86
CA VAL D 379 32.24 0.61 -16.52
C VAL D 379 33.01 1.88 -16.19
N HIS D 380 33.02 2.25 -14.93
CA HIS D 380 33.85 3.32 -14.43
C HIS D 380 34.11 3.11 -12.94
N SER D 381 35.37 3.19 -12.56
CA SER D 381 35.82 2.93 -11.21
C SER D 381 36.10 4.26 -10.55
N SER D 382 35.51 4.48 -9.38
CA SER D 382 35.56 5.76 -8.70
C SER D 382 36.35 5.66 -7.39
N LEU D 383 36.80 6.83 -6.91
CA LEU D 383 37.79 6.96 -5.84
C LEU D 383 37.30 7.92 -4.76
N TYR D 384 36.14 7.62 -4.17
CA TYR D 384 35.63 8.40 -3.05
C TYR D 384 36.72 8.69 -2.02
N ASP D 385 37.05 9.96 -1.87
CA ASP D 385 38.11 10.39 -0.98
C ASP D 385 37.75 10.11 0.47
N LEU D 386 38.76 10.11 1.32
CA LEU D 386 38.64 9.59 2.69
C LEU D 386 39.26 10.51 3.73
N SER D 387 39.78 11.68 3.33
CA SER D 387 40.70 12.45 4.16
C SER D 387 40.20 12.75 5.55
N CYS D 388 38.89 12.99 5.70
CA CYS D 388 38.31 13.44 6.95
C CYS D 388 37.15 12.56 7.39
N ILE D 389 37.10 11.32 6.92
CA ILE D 389 35.99 10.42 7.21
C ILE D 389 36.47 9.04 7.65
N ASP D 390 37.74 8.92 7.99
CA ASP D 390 38.30 7.70 8.53
C ASP D 390 38.85 8.00 9.91
N THR D 391 38.96 6.98 10.74
CA THR D 391 39.32 7.17 12.14
C THR D 391 40.80 7.45 12.29
N CYS D 392 41.25 8.56 11.71
CA CYS D 392 42.63 9.01 11.84
C CYS D 392 42.63 10.46 12.30
N GLU D 393 41.68 11.24 11.81
CA GLU D 393 41.53 12.61 12.26
C GLU D 393 40.68 12.68 13.52
N LYS D 394 40.71 13.84 14.16
CA LYS D 394 39.98 14.07 15.39
C LYS D 394 38.48 13.93 15.19
N ASN D 395 37.92 14.79 14.35
CA ASN D 395 36.47 14.86 14.17
C ASN D 395 36.07 14.25 12.83
N SER D 396 36.41 12.99 12.69
CA SER D 396 35.95 12.23 11.54
C SER D 396 34.45 12.05 11.62
N VAL D 397 33.79 12.11 10.46
CA VAL D 397 32.33 12.06 10.44
C VAL D 397 31.85 10.76 11.07
N LEU D 398 32.54 9.67 10.75
CA LEU D 398 32.08 8.37 11.16
C LEU D 398 32.26 8.21 12.67
N GLU D 399 33.23 8.92 13.23
CA GLU D 399 33.34 9.02 14.68
C GLU D 399 32.24 9.89 15.24
N VAL D 400 31.76 10.86 14.46
CA VAL D 400 30.74 11.77 14.93
C VAL D 400 29.36 11.15 14.78
N ILE D 401 29.11 10.55 13.62
CA ILE D 401 27.76 10.11 13.29
C ILE D 401 27.28 9.07 14.26
N ALA D 402 28.16 8.15 14.63
CA ALA D 402 27.76 7.05 15.47
C ALA D 402 27.67 7.43 16.93
N TYR D 403 28.69 8.08 17.45
CA TYR D 403 28.78 8.41 18.87
C TYR D 403 27.95 9.61 19.26
N SER D 404 27.33 10.30 18.32
CA SER D 404 26.59 11.49 18.67
C SER D 404 25.26 11.13 19.30
N SER D 405 24.63 12.15 19.87
CA SER D 405 23.34 12.00 20.52
C SER D 405 22.30 11.50 19.52
N SER D 406 21.23 10.95 20.05
CA SER D 406 20.05 10.63 19.26
C SER D 406 19.27 11.88 18.88
N GLU D 407 19.58 13.03 19.47
CA GLU D 407 18.96 14.29 19.10
C GLU D 407 19.34 14.74 17.70
N THR D 408 20.39 14.17 17.12
CA THR D 408 20.77 14.49 15.76
C THR D 408 19.89 13.72 14.81
N PRO D 409 18.98 14.35 14.06
CA PRO D 409 18.11 13.58 13.19
C PRO D 409 18.90 12.89 12.10
N ASN D 410 18.37 11.76 11.65
CA ASN D 410 18.94 11.01 10.55
C ASN D 410 20.38 10.58 10.82
N ARG D 411 20.64 10.04 12.02
CA ARG D 411 21.87 9.30 12.23
C ARG D 411 21.97 8.17 11.23
N HIS D 412 20.85 7.51 10.99
CA HIS D 412 20.85 6.29 10.20
C HIS D 412 21.06 6.61 8.72
N ASP D 413 20.22 7.48 8.18
CA ASP D 413 20.23 7.73 6.74
C ASP D 413 21.54 8.36 6.27
N MET D 414 22.33 8.98 7.15
CA MET D 414 23.64 9.46 6.73
C MET D 414 24.53 8.30 6.33
N LEU D 415 24.50 7.22 7.10
CA LEU D 415 25.37 6.08 6.84
C LEU D 415 24.92 5.26 5.64
N LEU D 416 23.85 5.67 4.97
CA LEU D 416 23.41 5.05 3.73
C LEU D 416 23.87 5.84 2.51
N VAL D 417 24.67 6.88 2.70
CA VAL D 417 25.34 7.53 1.59
C VAL D 417 26.32 6.52 1.00
N GLU D 418 26.74 6.75 -0.24
CA GLU D 418 27.41 5.72 -1.03
C GLU D 418 28.72 5.23 -0.41
N PRO D 419 29.70 6.10 -0.15
CA PRO D 419 30.97 5.59 0.35
C PRO D 419 30.86 5.01 1.74
N LEU D 420 30.24 5.74 2.68
CA LEU D 420 30.23 5.33 4.08
C LEU D 420 29.58 3.97 4.24
N ASN D 421 28.55 3.70 3.46
CA ASN D 421 27.89 2.41 3.55
C ASN D 421 28.83 1.30 3.17
N ARG D 422 29.37 1.35 1.95
CA ARG D 422 30.30 0.32 1.52
C ARG D 422 31.60 0.38 2.29
N LEU D 423 31.92 1.54 2.88
CA LEU D 423 33.16 1.67 3.63
C LEU D 423 33.16 0.73 4.82
N LEU D 424 32.02 0.61 5.49
CA LEU D 424 31.95 -0.17 6.71
C LEU D 424 31.96 -1.66 6.38
N GLN D 425 31.10 -2.07 5.45
CA GLN D 425 30.93 -3.49 5.16
C GLN D 425 32.21 -4.12 4.71
N ASP D 426 33.09 -3.34 4.12
CA ASP D 426 34.38 -3.88 3.76
C ASP D 426 35.24 -4.10 4.98
N LYS D 427 35.41 -3.06 5.81
CA LYS D 427 36.18 -3.26 7.03
C LYS D 427 35.45 -4.13 8.04
N TRP D 428 34.21 -4.49 7.76
CA TRP D 428 33.63 -5.63 8.43
C TRP D 428 34.18 -6.91 7.83
N ASP D 429 34.16 -7.01 6.51
CA ASP D 429 34.59 -8.20 5.80
C ASP D 429 36.10 -8.41 5.88
N ARG D 430 36.82 -7.43 6.42
CA ARG D 430 38.22 -7.61 6.76
C ARG D 430 38.52 -6.93 8.08
N PHE D 431 39.28 -7.64 8.91
CA PHE D 431 39.83 -7.23 10.21
C PHE D 431 38.85 -6.69 11.25
N VAL D 432 37.56 -6.98 11.14
CA VAL D 432 36.62 -6.77 12.22
C VAL D 432 35.76 -7.99 12.49
N LYS D 433 35.22 -8.60 11.44
CA LYS D 433 34.44 -9.81 11.57
C LYS D 433 35.20 -10.89 12.34
N ARG D 434 36.51 -10.94 12.18
CA ARG D 434 37.31 -11.91 12.92
C ARG D 434 37.36 -11.55 14.39
N ILE D 435 37.72 -10.31 14.69
CA ILE D 435 37.85 -9.88 16.07
C ILE D 435 36.51 -9.95 16.77
N PHE D 436 35.44 -9.67 16.04
CA PHE D 436 34.10 -9.69 16.62
C PHE D 436 33.71 -11.08 17.03
N TYR D 437 33.73 -12.03 16.09
CA TYR D 437 33.44 -13.41 16.41
C TYR D 437 34.35 -13.94 17.51
N PHE D 438 35.58 -13.45 17.58
CA PHE D 438 36.47 -13.89 18.64
C PHE D 438 35.92 -13.48 19.99
N ASN D 439 35.40 -12.26 20.08
CA ASN D 439 34.80 -11.82 21.32
C ASN D 439 33.56 -12.65 21.63
N PHE D 440 32.80 -13.00 20.60
CA PHE D 440 31.63 -13.83 20.78
C PHE D 440 31.99 -15.18 21.36
N PHE D 441 33.11 -15.72 20.91
CA PHE D 441 33.60 -16.98 21.46
C PHE D 441 33.89 -16.82 22.94
N VAL D 442 34.65 -15.78 23.28
CA VAL D 442 35.09 -15.62 24.66
C VAL D 442 33.92 -15.37 25.58
N TYR D 443 32.96 -14.55 25.15
CA TYR D 443 31.83 -14.25 26.01
C TYR D 443 31.00 -15.50 26.26
N CYS D 444 30.92 -16.39 25.28
CA CYS D 444 30.29 -17.67 25.53
C CYS D 444 31.07 -18.46 26.58
N LEU D 445 32.39 -18.48 26.48
CA LEU D 445 33.19 -19.23 27.43
C LEU D 445 33.13 -18.61 28.81
N TYR D 446 32.85 -17.31 28.87
CA TYR D 446 32.63 -16.68 30.16
C TYR D 446 31.41 -17.27 30.84
N MET D 447 30.30 -17.30 30.11
CA MET D 447 29.02 -17.62 30.72
C MET D 447 28.89 -19.11 30.97
N ILE D 448 29.51 -19.94 30.13
CA ILE D 448 29.50 -21.37 30.37
C ILE D 448 30.25 -21.68 31.66
N VAL D 449 31.28 -20.89 31.94
CA VAL D 449 32.00 -21.05 33.20
C VAL D 449 31.18 -20.47 34.33
N PHE D 450 30.62 -19.29 34.13
CA PHE D 450 29.81 -18.64 35.13
C PHE D 450 28.63 -19.50 35.54
N THR D 451 27.87 -19.95 34.56
CA THR D 451 26.83 -20.93 34.80
C THR D 451 27.36 -22.13 35.55
N THR D 452 28.54 -22.61 35.16
CA THR D 452 29.08 -23.83 35.77
C THR D 452 29.41 -23.61 37.22
N ALA D 453 29.86 -22.41 37.57
CA ALA D 453 30.13 -22.10 38.97
C ALA D 453 28.85 -22.14 39.77
N ALA D 454 27.80 -21.65 39.16
CA ALA D 454 26.51 -21.52 39.82
C ALA D 454 25.90 -22.87 40.12
N TYR D 455 25.62 -23.62 39.06
CA TYR D 455 24.92 -24.90 39.15
C TYR D 455 25.61 -25.88 40.09
N TYR D 456 26.90 -25.68 40.32
CA TYR D 456 27.65 -26.42 41.33
C TYR D 456 28.05 -25.51 42.49
N ARG D 457 27.23 -24.52 42.81
CA ARG D 457 27.55 -23.69 43.96
C ARG D 457 27.40 -24.51 45.24
N PRO D 458 28.16 -24.20 46.29
CA PRO D 458 27.94 -24.90 47.56
C PRO D 458 26.63 -24.49 48.21
N VAL D 459 25.83 -25.49 48.53
CA VAL D 459 24.62 -25.30 49.34
C VAL D 459 24.91 -25.83 50.72
N ASP D 460 25.35 -24.93 51.59
CA ASP D 460 25.80 -25.27 52.94
C ASP D 460 25.44 -24.07 53.78
N GLY D 461 26.08 -23.86 54.92
CA GLY D 461 25.83 -22.70 55.73
C GLY D 461 26.24 -21.41 55.07
N LEU D 462 26.64 -20.46 55.88
CA LEU D 462 26.93 -19.09 55.48
C LEU D 462 28.00 -19.05 54.38
N PRO D 463 28.21 -17.92 53.70
CA PRO D 463 28.77 -17.97 52.33
C PRO D 463 30.27 -17.78 52.19
N PRO D 464 31.12 -17.82 53.22
CA PRO D 464 32.56 -17.78 52.87
C PRO D 464 33.06 -19.09 52.28
N TYR D 465 32.61 -20.22 52.81
CA TYR D 465 32.64 -21.54 52.18
C TYR D 465 33.98 -22.28 52.12
N LYS D 466 35.08 -21.67 52.58
CA LYS D 466 36.20 -22.42 53.16
C LYS D 466 36.68 -23.62 52.32
N LEU D 467 37.38 -23.35 51.21
CA LEU D 467 37.70 -24.31 50.16
C LEU D 467 38.12 -25.67 50.71
N LYS D 468 37.31 -26.69 50.41
CA LYS D 468 37.67 -28.06 50.68
C LYS D 468 38.34 -28.67 49.45
N ASN D 469 39.27 -29.58 49.69
CA ASN D 469 40.15 -30.05 48.64
C ASN D 469 39.50 -31.16 47.82
N THR D 470 39.26 -30.85 46.55
CA THR D 470 38.73 -31.81 45.58
C THR D 470 38.80 -31.18 44.20
N VAL D 471 39.03 -31.99 43.17
CA VAL D 471 39.20 -31.56 41.78
C VAL D 471 38.06 -30.63 41.38
N GLY D 472 36.85 -30.95 41.83
CA GLY D 472 35.71 -30.10 41.60
C GLY D 472 35.89 -28.73 42.20
N ASP D 473 36.32 -28.68 43.45
CA ASP D 473 36.33 -27.41 44.17
C ASP D 473 37.56 -26.57 43.80
N TYR D 474 38.63 -27.19 43.32
CA TYR D 474 39.71 -26.41 42.75
C TYR D 474 39.24 -25.69 41.49
N PHE D 475 38.46 -26.39 40.67
CA PHE D 475 37.93 -25.78 39.46
C PHE D 475 36.69 -24.95 39.74
N ARG D 476 35.99 -25.23 40.84
CA ARG D 476 34.86 -24.39 41.22
C ARG D 476 35.33 -22.98 41.52
N VAL D 477 36.31 -22.83 42.41
CA VAL D 477 36.79 -21.51 42.79
C VAL D 477 37.43 -20.83 41.58
N THR D 478 38.02 -21.60 40.68
CA THR D 478 38.49 -21.06 39.42
C THR D 478 37.34 -20.44 38.65
N GLY D 479 36.18 -21.09 38.68
CA GLY D 479 35.01 -20.59 37.99
C GLY D 479 34.55 -19.29 38.60
N GLU D 480 34.65 -19.19 39.92
CA GLU D 480 34.27 -17.97 40.62
C GLU D 480 35.16 -16.82 40.19
N ILE D 481 36.47 -17.04 40.23
CA ILE D 481 37.44 -15.97 40.01
C ILE D 481 37.32 -15.44 38.59
N LEU D 482 37.30 -16.34 37.62
CA LEU D 482 37.18 -15.92 36.22
C LEU D 482 35.89 -15.16 35.99
N SER D 483 34.82 -15.57 36.67
CA SER D 483 33.56 -14.86 36.56
C SER D 483 33.68 -13.44 37.08
N VAL D 484 34.19 -13.30 38.30
CA VAL D 484 34.33 -11.98 38.89
C VAL D 484 35.31 -11.15 38.09
N SER D 485 36.47 -11.73 37.77
CA SER D 485 37.51 -10.98 37.07
C SER D 485 37.06 -10.56 35.69
N GLY D 486 36.10 -11.29 35.12
CA GLY D 486 35.50 -10.86 33.87
C GLY D 486 34.33 -9.93 34.09
N GLY D 487 33.59 -10.13 35.18
CA GLY D 487 32.49 -9.23 35.47
C GLY D 487 32.97 -7.82 35.71
N VAL D 488 34.09 -7.69 36.43
CA VAL D 488 34.67 -6.37 36.66
C VAL D 488 35.15 -5.75 35.35
N TYR D 489 35.44 -6.57 34.34
CA TYR D 489 35.89 -6.02 33.07
C TYR D 489 34.78 -5.25 32.40
N PHE D 490 33.56 -5.77 32.45
CA PHE D 490 32.42 -5.06 31.88
C PHE D 490 32.18 -3.76 32.64
N PHE D 491 32.41 -3.79 33.95
CA PHE D 491 32.26 -2.60 34.77
C PHE D 491 33.18 -1.50 34.30
N LEU D 492 34.49 -1.78 34.31
CA LEU D 492 35.48 -0.76 33.95
C LEU D 492 35.25 -0.26 32.54
N ARG D 493 35.01 -1.19 31.62
CA ARG D 493 34.70 -0.78 30.25
C ARG D 493 33.38 -0.05 30.19
N GLY D 494 32.49 -0.32 31.15
CA GLY D 494 31.28 0.46 31.25
C GLY D 494 31.55 1.85 31.79
N ILE D 495 32.38 1.96 32.83
CA ILE D 495 32.76 3.27 33.35
C ILE D 495 33.43 4.08 32.27
N GLN D 496 34.22 3.42 31.43
CA GLN D 496 34.87 4.10 30.33
C GLN D 496 33.86 4.66 29.35
N TYR D 497 32.65 4.10 29.35
CA TYR D 497 31.63 4.58 28.43
C TYR D 497 30.81 5.71 29.03
N PHE D 498 30.49 5.64 30.32
CA PHE D 498 29.55 6.58 30.91
C PHE D 498 30.17 7.91 31.30
N LEU D 499 31.10 7.91 32.26
CA LEU D 499 31.65 9.15 32.79
C LEU D 499 33.06 9.33 32.22
N GLN D 500 33.23 8.91 30.97
CA GLN D 500 34.47 9.04 30.22
C GLN D 500 34.01 9.18 28.78
N ARG D 501 34.85 8.82 27.80
CA ARG D 501 34.54 8.89 26.37
C ARG D 501 33.08 8.54 26.09
N ARG D 502 32.46 9.36 25.25
CA ARG D 502 31.01 9.40 25.07
C ARG D 502 30.33 9.68 26.39
N PRO D 503 30.55 10.83 27.00
CA PRO D 503 29.81 11.14 28.22
C PRO D 503 28.34 11.38 27.92
N SER D 504 27.51 10.43 28.32
CA SER D 504 26.10 10.45 27.97
C SER D 504 25.24 11.00 29.10
N MET D 505 24.07 11.48 28.72
CA MET D 505 23.06 12.02 29.60
C MET D 505 21.95 10.97 29.78
N LYS D 506 20.87 11.36 30.45
CA LYS D 506 19.88 10.37 30.90
C LYS D 506 19.10 9.79 29.73
N THR D 507 18.61 10.63 28.83
CA THR D 507 17.94 10.10 27.64
C THR D 507 18.93 9.35 26.75
N LEU D 508 20.22 9.64 26.88
CA LEU D 508 21.22 8.95 26.06
C LEU D 508 21.59 7.60 26.64
N PHE D 509 21.45 7.44 27.97
CA PHE D 509 21.68 6.13 28.57
C PHE D 509 20.76 5.09 27.97
N VAL D 510 19.48 5.44 27.82
CA VAL D 510 18.48 4.47 27.39
C VAL D 510 18.54 4.26 25.89
N ASP D 511 18.94 5.29 25.16
CA ASP D 511 19.18 5.12 23.73
C ASP D 511 20.32 4.15 23.49
N SER D 512 21.44 4.35 24.18
CA SER D 512 22.54 3.38 24.19
C SER D 512 22.14 2.21 25.08
N TYR D 513 21.19 1.42 24.61
CA TYR D 513 20.56 0.37 25.43
C TYR D 513 21.55 -0.68 25.89
N SER D 514 22.37 -1.22 25.00
CA SER D 514 23.15 -2.39 25.35
C SER D 514 24.10 -2.11 26.49
N GLU D 515 24.84 -1.01 26.40
CA GLU D 515 25.98 -0.84 27.28
C GLU D 515 25.53 -0.61 28.72
N MET D 516 24.28 -0.23 28.92
CA MET D 516 23.70 -0.36 30.24
C MET D 516 23.71 -1.82 30.67
N LEU D 517 23.08 -2.68 29.86
CA LEU D 517 22.82 -4.06 30.26
C LEU D 517 24.11 -4.78 30.63
N PHE D 518 25.17 -4.57 29.85
CA PHE D 518 26.43 -5.18 30.21
C PHE D 518 27.01 -4.49 31.44
N PHE D 519 26.68 -3.22 31.65
CA PHE D 519 27.09 -2.57 32.89
C PHE D 519 26.24 -3.05 34.05
N VAL D 520 24.94 -3.20 33.81
CA VAL D 520 24.04 -3.63 34.87
C VAL D 520 24.37 -5.05 35.29
N GLN D 521 24.81 -5.86 34.34
CA GLN D 521 25.24 -7.21 34.66
C GLN D 521 26.37 -7.18 35.67
N SER D 522 27.36 -6.33 35.44
CA SER D 522 28.52 -6.31 36.32
C SER D 522 28.14 -5.76 37.69
N LEU D 523 27.09 -4.96 37.77
CA LEU D 523 26.68 -4.41 39.05
C LEU D 523 26.19 -5.52 39.96
N PHE D 524 25.23 -6.30 39.49
CA PHE D 524 24.77 -7.45 40.25
C PHE D 524 25.92 -8.37 40.57
N MET D 525 26.78 -8.60 39.59
CA MET D 525 27.92 -9.49 39.80
C MET D 525 28.85 -8.93 40.85
N LEU D 526 29.27 -7.68 40.70
CA LEU D 526 30.06 -7.03 41.73
C LEU D 526 29.22 -6.73 42.96
N GLY D 527 27.90 -6.78 42.84
CA GLY D 527 27.08 -6.80 44.04
C GLY D 527 27.17 -8.13 44.74
N SER D 528 27.15 -9.22 43.97
CA SER D 528 27.12 -10.55 44.55
C SER D 528 28.37 -10.81 45.37
N VAL D 529 29.53 -10.45 44.82
CA VAL D 529 30.80 -10.76 45.47
C VAL D 529 30.89 -10.10 46.83
N VAL D 530 30.28 -8.93 46.98
CA VAL D 530 30.27 -8.26 48.27
C VAL D 530 29.58 -9.13 49.30
N LEU D 531 28.40 -9.61 48.96
CA LEU D 531 27.60 -10.39 49.88
C LEU D 531 28.29 -11.70 50.21
N TYR D 532 28.99 -12.26 49.23
CA TYR D 532 29.67 -13.54 49.41
C TYR D 532 30.72 -13.44 50.50
N PHE D 533 31.37 -12.28 50.61
CA PHE D 533 32.36 -12.04 51.65
C PHE D 533 31.79 -11.29 52.85
N SER D 534 30.59 -10.74 52.74
CA SER D 534 29.90 -10.14 53.87
C SER D 534 29.09 -11.15 54.67
N HIS D 535 29.29 -12.44 54.45
CA HIS D 535 28.68 -13.49 55.23
C HIS D 535 27.16 -13.49 55.11
N ARG D 536 26.61 -12.86 54.08
CA ARG D 536 25.18 -12.83 53.83
C ARG D 536 24.81 -13.72 52.64
N LYS D 537 23.75 -14.48 52.82
CA LYS D 537 23.36 -15.52 51.88
C LYS D 537 22.92 -15.00 50.52
N GLU D 538 22.66 -13.71 50.40
CA GLU D 538 22.05 -13.14 49.22
C GLU D 538 22.97 -13.05 48.01
N TYR D 539 24.16 -13.64 48.06
CA TYR D 539 25.01 -13.68 46.87
C TYR D 539 24.29 -14.35 45.73
N VAL D 540 23.48 -15.34 46.04
CA VAL D 540 22.83 -16.14 45.01
C VAL D 540 21.86 -15.27 44.22
N ALA D 541 21.16 -14.37 44.91
CA ALA D 541 20.18 -13.55 44.23
C ALA D 541 20.83 -12.68 43.19
N SER D 542 21.82 -11.89 43.63
CA SER D 542 22.53 -11.02 42.73
C SER D 542 23.16 -11.79 41.59
N MET D 543 23.69 -12.98 41.88
CA MET D 543 24.33 -13.76 40.85
C MET D 543 23.34 -14.18 39.79
N VAL D 544 22.12 -14.50 40.22
CA VAL D 544 21.15 -15.08 39.31
C VAL D 544 20.67 -14.02 38.32
N PHE D 545 20.29 -12.85 38.83
CA PHE D 545 19.93 -11.75 37.95
C PHE D 545 21.06 -11.44 36.98
N SER D 546 22.30 -11.55 37.45
CA SER D 546 23.43 -11.26 36.59
C SER D 546 23.52 -12.29 35.49
N LEU D 547 23.32 -13.55 35.84
CA LEU D 547 23.29 -14.61 34.86
C LEU D 547 22.26 -14.35 33.78
N ALA D 548 21.02 -14.08 34.22
CA ALA D 548 19.90 -14.07 33.30
C ALA D 548 20.05 -12.97 32.27
N MET D 549 20.51 -11.80 32.70
CA MET D 549 20.93 -10.81 31.74
C MET D 549 22.07 -11.33 30.90
N GLY D 550 23.00 -12.07 31.50
CA GLY D 550 24.21 -12.45 30.81
C GLY D 550 23.97 -13.34 29.61
N TRP D 551 23.11 -14.35 29.76
CA TRP D 551 22.71 -15.13 28.59
C TRP D 551 21.84 -14.29 27.67
N THR D 552 20.86 -13.60 28.22
CA THR D 552 20.12 -12.60 27.48
C THR D 552 21.03 -11.57 26.85
N ASN D 553 22.18 -11.31 27.45
CA ASN D 553 23.13 -10.39 26.87
C ASN D 553 23.86 -10.97 25.67
N MET D 554 24.00 -12.29 25.61
CA MET D 554 24.63 -12.90 24.45
C MET D 554 23.81 -12.65 23.19
N LEU D 555 22.54 -12.29 23.35
CA LEU D 555 21.71 -11.81 22.27
C LEU D 555 22.34 -10.59 21.63
N TYR D 556 23.16 -9.85 22.39
CA TYR D 556 23.76 -8.63 21.88
C TYR D 556 24.67 -8.90 20.70
N TYR D 557 25.48 -9.94 20.76
CA TYR D 557 26.37 -10.26 19.66
C TYR D 557 25.66 -10.97 18.52
N THR D 558 24.55 -10.41 18.11
CA THR D 558 24.01 -10.57 16.78
C THR D 558 24.05 -9.24 16.06
N ARG D 559 25.00 -8.38 16.41
CA ARG D 559 25.30 -7.21 15.61
C ARG D 559 25.99 -7.62 14.33
N GLY D 560 26.67 -8.77 14.35
CA GLY D 560 26.90 -9.49 13.12
C GLY D 560 25.61 -10.13 12.65
N PHE D 561 25.72 -10.96 11.63
CA PHE D 561 24.60 -11.83 11.27
C PHE D 561 23.32 -11.07 10.95
N GLN D 562 23.30 -10.37 9.81
CA GLN D 562 22.28 -9.38 9.47
C GLN D 562 20.86 -9.78 9.86
N GLN D 563 20.36 -10.90 9.32
CA GLN D 563 18.95 -11.21 9.44
C GLN D 563 18.52 -11.41 10.89
N MET D 564 19.48 -11.69 11.78
CA MET D 564 19.17 -11.78 13.20
C MET D 564 19.37 -10.46 13.90
N GLY D 565 20.34 -9.66 13.45
CA GLY D 565 20.54 -8.35 14.03
C GLY D 565 19.31 -7.48 13.89
N ILE D 566 18.58 -7.67 12.80
CA ILE D 566 17.32 -6.97 12.62
C ILE D 566 16.35 -7.39 13.70
N TYR D 567 16.43 -8.64 14.13
CA TYR D 567 15.43 -9.16 15.05
C TYR D 567 15.75 -8.79 16.48
N ALA D 568 17.03 -8.57 16.78
CA ALA D 568 17.38 -8.09 18.11
C ALA D 568 16.94 -6.65 18.27
N VAL D 569 17.15 -5.85 17.24
CA VAL D 569 16.89 -4.42 17.34
C VAL D 569 15.41 -4.15 17.57
N MET D 570 14.54 -4.99 17.01
CA MET D 570 13.13 -4.86 17.32
C MET D 570 12.89 -4.93 18.81
N ILE D 571 13.46 -5.94 19.46
CA ILE D 571 13.29 -6.14 20.90
C ILE D 571 13.77 -4.91 21.65
N GLU D 572 14.82 -4.29 21.14
CA GLU D 572 15.31 -3.06 21.75
C GLU D 572 14.32 -1.92 21.57
N LYS D 573 13.37 -2.06 20.64
CA LYS D 573 12.48 -0.95 20.31
C LYS D 573 11.04 -1.19 20.72
N MET D 574 10.76 -2.26 21.45
CA MET D 574 9.52 -2.31 22.22
C MET D 574 9.80 -2.06 23.69
N ILE D 575 10.93 -2.55 24.18
CA ILE D 575 11.28 -2.46 25.57
C ILE D 575 11.67 -1.02 25.95
N LEU D 576 11.76 -0.13 24.97
CA LEU D 576 11.98 1.28 25.22
C LEU D 576 10.81 2.15 24.77
N ARG D 577 9.95 1.63 23.90
CA ARG D 577 8.92 2.43 23.26
C ARG D 577 7.53 1.85 23.41
N ASP D 578 7.44 0.54 23.58
CA ASP D 578 6.16 -0.15 23.48
C ASP D 578 5.98 -1.15 24.61
N LEU D 579 6.60 -0.90 25.76
CA LEU D 579 6.34 -1.65 26.96
C LEU D 579 5.88 -0.76 28.10
N CYS D 580 6.60 0.33 28.34
CA CYS D 580 6.26 1.26 29.39
C CYS D 580 4.89 1.88 29.18
N ARG D 581 4.36 1.81 27.96
CA ARG D 581 2.96 2.13 27.71
C ARG D 581 2.08 0.98 28.17
N PHE D 582 2.31 -0.18 27.59
CA PHE D 582 1.39 -1.29 27.67
C PHE D 582 1.26 -1.81 29.09
N MET D 583 2.39 -2.01 29.76
CA MET D 583 2.36 -2.61 31.09
C MET D 583 1.61 -1.72 32.06
N PHE D 584 1.82 -0.41 31.97
CA PHE D 584 1.06 0.51 32.81
C PHE D 584 -0.43 0.32 32.62
N VAL D 585 -0.85 -0.06 31.43
CA VAL D 585 -2.26 -0.32 31.19
C VAL D 585 -2.65 -1.65 31.78
N TYR D 586 -1.87 -2.69 31.47
CA TYR D 586 -2.25 -4.03 31.90
C TYR D 586 -2.14 -4.17 33.40
N LEU D 587 -1.21 -3.46 34.02
CA LEU D 587 -1.11 -3.56 35.48
C LEU D 587 -2.33 -2.97 36.15
N VAL D 588 -2.96 -1.99 35.51
CA VAL D 588 -4.09 -1.33 36.12
C VAL D 588 -5.26 -2.29 36.20
N PHE D 589 -5.67 -2.82 35.04
CA PHE D 589 -6.70 -3.84 35.00
C PHE D 589 -6.43 -4.94 35.99
N LEU D 590 -5.19 -5.40 36.04
CA LEU D 590 -4.83 -6.46 36.95
C LEU D 590 -4.99 -6.01 38.38
N PHE D 591 -4.30 -4.94 38.76
CA PHE D 591 -4.38 -4.45 40.12
C PHE D 591 -5.78 -3.99 40.45
N GLY D 592 -6.56 -3.64 39.44
CA GLY D 592 -7.94 -3.30 39.66
C GLY D 592 -8.78 -4.53 39.88
N PHE D 593 -8.93 -5.33 38.84
CA PHE D 593 -9.78 -6.50 38.93
C PHE D 593 -9.26 -7.51 39.94
N SER D 594 -7.99 -7.46 40.31
CA SER D 594 -7.51 -8.34 41.36
C SER D 594 -8.00 -7.85 42.69
N THR D 595 -7.74 -6.58 42.96
CA THR D 595 -8.22 -5.93 44.18
C THR D 595 -9.70 -6.12 44.36
N ALA D 596 -10.43 -6.08 43.25
CA ALA D 596 -11.87 -6.28 43.29
C ALA D 596 -12.19 -7.62 43.91
N VAL D 597 -11.47 -8.66 43.49
CA VAL D 597 -11.76 -10.00 43.94
C VAL D 597 -11.39 -10.16 45.39
N VAL D 598 -10.28 -9.55 45.81
CA VAL D 598 -9.76 -9.77 47.16
C VAL D 598 -10.75 -9.23 48.18
N THR D 599 -11.26 -8.03 47.91
CA THR D 599 -12.26 -7.43 48.75
C THR D 599 -13.44 -8.34 48.95
N LEU D 600 -13.89 -8.92 47.85
CA LEU D 600 -15.05 -9.79 47.88
C LEU D 600 -14.82 -11.01 48.74
N ILE D 601 -13.73 -11.72 48.50
CA ILE D 601 -13.55 -13.03 49.10
C ILE D 601 -13.26 -12.88 50.57
N GLU D 602 -13.88 -13.74 51.37
CA GLU D 602 -13.80 -13.68 52.82
C GLU D 602 -13.26 -15.01 53.32
N ASP D 603 -12.26 -14.95 54.20
CA ASP D 603 -11.61 -16.14 54.68
C ASP D 603 -12.59 -17.08 55.37
N GLY D 604 -12.29 -18.37 55.32
CA GLY D 604 -13.17 -19.38 55.88
C GLY D 604 -12.44 -20.68 56.13
N ASP D 627 -4.90 -23.34 49.99
CA ASP D 627 -6.11 -22.54 50.08
C ASP D 627 -5.77 -21.21 50.77
N SER D 628 -6.79 -20.51 51.29
CA SER D 628 -6.60 -19.17 51.85
C SER D 628 -5.97 -18.24 50.83
N TYR D 629 -6.59 -18.16 49.65
CA TYR D 629 -6.17 -17.24 48.61
C TYR D 629 -6.76 -15.87 48.85
N ASN D 630 -6.52 -15.30 50.02
CA ASN D 630 -7.04 -14.00 50.39
C ASN D 630 -6.03 -12.88 50.19
N SER D 631 -4.75 -13.20 50.10
CA SER D 631 -3.75 -12.15 49.95
C SER D 631 -3.89 -11.51 48.58
N LEU D 632 -3.54 -10.23 48.52
CA LEU D 632 -3.57 -9.53 47.25
C LEU D 632 -2.57 -10.14 46.29
N TYR D 633 -1.43 -10.58 46.80
CA TYR D 633 -0.41 -11.13 45.94
C TYR D 633 -0.93 -12.37 45.21
N SER D 634 -1.35 -13.37 45.98
CA SER D 634 -1.79 -14.63 45.39
C SER D 634 -2.92 -14.40 44.42
N THR D 635 -3.76 -13.41 44.69
CA THR D 635 -4.86 -13.11 43.79
C THR D 635 -4.39 -12.45 42.52
N CYS D 636 -3.51 -11.46 42.64
CA CYS D 636 -2.96 -10.80 41.45
C CYS D 636 -2.26 -11.81 40.57
N LEU D 637 -1.68 -12.83 41.18
CA LEU D 637 -0.97 -13.84 40.41
C LEU D 637 -1.93 -14.69 39.60
N GLU D 638 -3.07 -15.06 40.19
CA GLU D 638 -4.04 -15.86 39.45
C GLU D 638 -4.48 -15.18 38.19
N LEU D 639 -4.75 -13.88 38.26
CA LEU D 639 -5.21 -13.17 37.09
C LEU D 639 -4.10 -12.95 36.09
N PHE D 640 -2.85 -13.20 36.49
CA PHE D 640 -1.81 -13.33 35.50
C PHE D 640 -1.85 -14.70 34.87
N LYS D 641 -2.38 -15.69 35.57
CA LYS D 641 -2.37 -17.04 35.02
C LYS D 641 -3.46 -17.23 33.98
N PHE D 642 -4.45 -16.35 33.94
CA PHE D 642 -5.39 -16.40 32.83
C PHE D 642 -4.70 -16.04 31.54
N THR D 643 -3.72 -15.16 31.60
CA THR D 643 -3.11 -14.61 30.43
C THR D 643 -2.27 -15.66 29.72
N ILE D 644 -1.46 -16.37 30.50
CA ILE D 644 -0.52 -17.31 29.91
C ILE D 644 -1.20 -18.57 29.44
N GLY D 645 -2.31 -18.94 30.09
CA GLY D 645 -3.03 -20.13 29.68
C GLY D 645 -3.36 -21.11 30.78
N MET D 646 -3.39 -20.66 32.03
CA MET D 646 -3.88 -21.47 33.13
C MET D 646 -4.85 -20.67 33.98
N GLY D 647 -6.14 -20.87 33.75
CA GLY D 647 -7.17 -20.12 34.42
C GLY D 647 -8.16 -21.00 35.10
N ASP D 648 -8.12 -20.97 36.40
CA ASP D 648 -9.00 -21.78 37.21
C ASP D 648 -10.46 -21.43 37.06
N LEU D 649 -10.82 -20.15 37.17
CA LEU D 649 -12.20 -19.66 37.24
C LEU D 649 -12.92 -20.10 38.52
N GLU D 650 -12.25 -20.88 39.36
CA GLU D 650 -12.86 -21.52 40.51
C GLU D 650 -11.81 -21.56 41.62
N PHE D 651 -10.84 -20.63 41.57
CA PHE D 651 -9.65 -20.80 42.39
C PHE D 651 -9.93 -20.59 43.87
N THR D 652 -11.14 -20.16 44.19
CA THR D 652 -11.62 -20.28 45.56
C THR D 652 -13.13 -20.32 45.56
N GLU D 653 -13.67 -21.23 46.34
CA GLU D 653 -15.08 -21.22 46.70
C GLU D 653 -15.32 -20.56 48.05
N ASN D 654 -14.39 -19.72 48.49
CA ASN D 654 -14.54 -18.93 49.72
C ASN D 654 -15.23 -17.61 49.45
N TYR D 655 -15.87 -17.48 48.30
CA TYR D 655 -16.54 -16.26 47.91
C TYR D 655 -17.94 -16.28 48.52
N ASP D 656 -18.41 -15.12 48.90
CA ASP D 656 -19.83 -14.85 48.89
C ASP D 656 -20.16 -14.31 47.51
N PHE D 657 -21.41 -14.43 47.07
CA PHE D 657 -21.87 -13.76 45.86
C PHE D 657 -21.12 -14.17 44.59
N LYS D 658 -21.36 -15.42 44.14
CA LYS D 658 -20.74 -15.96 42.94
C LYS D 658 -20.78 -14.99 41.76
N ALA D 659 -21.96 -14.50 41.42
CA ALA D 659 -22.17 -13.84 40.14
C ALA D 659 -21.27 -12.64 40.00
N VAL D 660 -20.92 -12.01 41.11
CA VAL D 660 -19.92 -10.95 41.07
C VAL D 660 -18.56 -11.54 40.74
N PHE D 661 -18.24 -12.68 41.35
CA PHE D 661 -16.90 -13.23 41.25
C PHE D 661 -16.60 -13.67 39.83
N ILE D 662 -17.64 -13.98 39.05
CA ILE D 662 -17.43 -14.49 37.71
C ILE D 662 -17.41 -13.34 36.72
N ILE D 663 -18.30 -12.37 36.91
CA ILE D 663 -18.42 -11.29 35.94
C ILE D 663 -17.13 -10.51 35.87
N LEU D 664 -16.43 -10.39 36.99
CA LEU D 664 -15.17 -9.70 36.97
C LEU D 664 -14.14 -10.48 36.16
N LEU D 665 -13.91 -11.73 36.54
CA LEU D 665 -12.93 -12.56 35.87
C LEU D 665 -13.21 -12.62 34.39
N LEU D 666 -14.46 -12.83 34.00
CA LEU D 666 -14.80 -12.82 32.60
C LEU D 666 -14.63 -11.43 32.01
N ALA D 667 -14.89 -10.40 32.79
CA ALA D 667 -14.63 -9.07 32.30
C ALA D 667 -13.15 -8.75 32.29
N TYR D 668 -12.36 -9.50 33.06
CA TYR D 668 -10.92 -9.31 33.01
C TYR D 668 -10.33 -10.01 31.80
N VAL D 669 -10.78 -11.24 31.56
CA VAL D 669 -10.30 -12.00 30.42
C VAL D 669 -10.61 -11.25 29.14
N ILE D 670 -11.83 -10.76 29.02
CA ILE D 670 -12.26 -10.08 27.82
C ILE D 670 -11.38 -8.87 27.57
N LEU D 671 -11.40 -7.91 28.49
CA LEU D 671 -10.62 -6.69 28.34
C LEU D 671 -9.15 -7.00 28.15
N THR D 672 -8.65 -8.03 28.79
CA THR D 672 -7.31 -8.46 28.52
C THR D 672 -7.15 -8.92 27.08
N TYR D 673 -8.12 -9.67 26.55
CA TYR D 673 -8.01 -10.07 25.15
C TYR D 673 -8.15 -8.87 24.25
N ILE D 674 -9.01 -7.92 24.63
CA ILE D 674 -9.06 -6.65 23.91
C ILE D 674 -7.69 -6.01 23.93
N LEU D 675 -7.00 -6.15 25.05
CA LEU D 675 -5.85 -5.31 25.32
C LEU D 675 -4.59 -5.93 24.77
N LEU D 676 -4.52 -7.26 24.75
CA LEU D 676 -3.39 -7.92 24.10
C LEU D 676 -3.52 -7.81 22.59
N LEU D 677 -4.74 -7.63 22.11
CA LEU D 677 -4.96 -7.49 20.69
C LEU D 677 -4.42 -6.16 20.18
N ASN D 678 -4.77 -5.06 20.85
CA ASN D 678 -4.34 -3.78 20.36
C ASN D 678 -2.85 -3.60 20.46
N MET D 679 -2.21 -4.35 21.35
CA MET D 679 -0.76 -4.39 21.36
C MET D 679 -0.24 -4.95 20.04
N LEU D 680 -1.07 -5.74 19.36
CA LEU D 680 -0.71 -6.29 18.06
C LEU D 680 -1.13 -5.34 16.95
N ILE D 681 -2.35 -4.81 17.04
CA ILE D 681 -2.89 -3.98 15.98
C ILE D 681 -2.08 -2.70 15.86
N ALA D 682 -1.82 -2.07 17.01
CA ALA D 682 -1.16 -0.77 17.03
C ALA D 682 0.21 -0.87 16.41
N LEU D 683 0.93 -1.94 16.72
CA LEU D 683 2.27 -2.08 16.19
C LEU D 683 2.25 -2.24 14.68
N MET D 684 1.26 -2.98 14.17
CA MET D 684 1.12 -3.07 12.72
C MET D 684 0.81 -1.72 12.12
N GLY D 685 -0.38 -1.19 12.42
CA GLY D 685 -0.83 0.01 11.76
C GLY D 685 0.05 1.23 12.02
N GLU D 686 0.86 1.18 13.06
CA GLU D 686 1.77 2.28 13.33
C GLU D 686 3.08 2.17 12.56
N THR D 687 3.65 0.96 12.44
CA THR D 687 5.00 0.86 11.89
C THR D 687 5.33 -0.31 10.97
N VAL D 688 4.46 -1.32 10.81
CA VAL D 688 4.80 -2.48 9.98
C VAL D 688 5.14 -2.07 8.56
N ASN D 689 4.60 -0.95 8.12
CA ASN D 689 4.88 -0.43 6.79
C ASN D 689 6.38 -0.23 6.55
N LYS D 690 7.16 -0.01 7.63
CA LYS D 690 8.53 0.47 7.47
C LYS D 690 9.58 -0.05 8.44
N ILE D 691 9.29 -1.01 9.33
CA ILE D 691 10.33 -1.41 10.29
C ILE D 691 11.46 -2.14 9.58
N ALA D 692 11.12 -2.97 8.60
CA ALA D 692 12.12 -3.79 7.93
C ALA D 692 13.18 -2.93 7.28
N GLN D 693 12.80 -1.70 6.90
CA GLN D 693 13.77 -0.75 6.40
C GLN D 693 14.51 -0.08 7.54
N GLU D 694 13.77 0.47 8.51
CA GLU D 694 14.41 1.18 9.61
C GLU D 694 15.30 0.25 10.41
N SER D 695 14.74 -0.87 10.86
CA SER D 695 15.49 -1.82 11.65
C SER D 695 16.76 -2.26 10.95
N LYS D 696 16.67 -2.51 9.64
CA LYS D 696 17.87 -2.77 8.87
C LYS D 696 18.83 -1.60 8.95
N ASN D 697 18.31 -0.39 8.81
CA ASN D 697 19.17 0.79 8.86
C ASN D 697 19.79 0.93 10.24
N ILE D 698 19.05 0.57 11.28
CA ILE D 698 19.58 0.68 12.64
C ILE D 698 20.70 -0.32 12.81
N TRP D 699 20.57 -1.49 12.17
CA TRP D 699 21.60 -2.50 12.31
C TRP D 699 22.92 -2.02 11.74
N LYS D 700 22.87 -1.35 10.58
CA LYS D 700 24.11 -0.92 9.94
C LYS D 700 24.80 0.12 10.79
N LEU D 701 24.03 0.95 11.48
CA LEU D 701 24.62 1.82 12.48
C LEU D 701 25.17 0.99 13.63
N GLN D 702 24.35 0.13 14.19
CA GLN D 702 24.73 -0.60 15.38
C GLN D 702 25.88 -1.55 15.12
N ARG D 703 26.13 -1.88 13.86
CA ARG D 703 27.39 -2.52 13.50
C ARG D 703 28.50 -1.49 13.45
N ALA D 704 28.18 -0.28 13.01
CA ALA D 704 29.21 0.73 12.81
C ALA D 704 29.83 1.14 14.13
N ILE D 705 29.03 1.22 15.18
CA ILE D 705 29.59 1.52 16.50
C ILE D 705 30.58 0.45 16.88
N THR D 706 30.23 -0.81 16.61
CA THR D 706 31.07 -1.92 17.01
C THR D 706 32.40 -1.86 16.27
N ILE D 707 32.34 -1.47 15.01
CA ILE D 707 33.55 -1.32 14.20
C ILE D 707 34.47 -0.28 14.83
N LEU D 708 33.92 0.89 15.12
CA LEU D 708 34.76 1.98 15.57
C LEU D 708 35.33 1.70 16.95
N ASP D 709 34.52 1.17 17.84
CA ASP D 709 35.01 0.82 19.17
C ASP D 709 36.09 -0.24 19.05
N THR D 710 36.00 -1.08 18.03
CA THR D 710 37.01 -2.09 17.80
C THR D 710 38.30 -1.47 17.28
N GLU D 711 38.18 -0.46 16.41
CA GLU D 711 39.38 0.17 15.89
C GLU D 711 40.15 0.87 17.00
N LYS D 712 39.43 1.39 17.98
CA LYS D 712 40.07 2.07 19.10
C LYS D 712 40.75 1.08 20.03
N SER D 713 40.33 -0.17 20.00
CA SER D 713 41.02 -1.20 20.76
C SER D 713 42.42 -1.43 20.18
N PHE D 714 42.60 -1.07 18.90
CA PHE D 714 43.92 -0.89 18.31
C PHE D 714 44.36 0.57 18.47
N LEU D 715 45.43 0.79 19.23
CA LEU D 715 45.72 2.07 19.88
C LEU D 715 45.85 3.17 18.82
N LYS D 716 46.89 3.16 17.99
CA LYS D 716 47.05 4.10 16.90
C LYS D 716 47.60 3.45 15.64
N CYS D 717 47.88 2.15 15.67
CA CYS D 717 48.68 1.52 14.63
C CYS D 717 48.03 1.67 13.27
N MET D 718 46.76 1.26 13.15
CA MET D 718 45.97 1.39 11.93
C MET D 718 46.56 0.62 10.74
N ARG D 719 47.61 -0.17 10.99
CA ARG D 719 48.49 -0.68 9.94
C ARG D 719 47.71 -1.49 8.91
N LYS D 720 46.70 -2.21 9.37
CA LYS D 720 45.78 -2.95 8.53
C LYS D 720 44.40 -2.32 8.56
N ALA D 721 44.36 -1.01 8.76
CA ALA D 721 43.11 -0.27 8.89
C ALA D 721 43.12 1.10 8.22
N PHE D 722 44.16 1.44 7.47
CA PHE D 722 44.13 2.67 6.68
C PHE D 722 43.24 2.56 5.46
N ARG D 723 42.50 1.46 5.33
CA ARG D 723 41.27 1.48 4.58
C ARG D 723 41.47 1.77 3.11
N SER D 724 41.78 0.72 2.34
CA SER D 724 42.51 0.72 1.08
C SER D 724 42.26 1.92 0.19
N GLY D 725 43.33 2.34 -0.48
CA GLY D 725 43.40 3.65 -1.09
C GLY D 725 44.81 4.18 -1.08
N LYS D 726 45.62 3.63 -0.18
CA LYS D 726 47.07 3.45 -0.36
C LYS D 726 47.77 4.66 -0.96
N LEU D 727 47.24 5.84 -0.66
CA LEU D 727 47.71 7.09 -1.26
C LEU D 727 47.79 6.99 -2.78
N LEU D 728 46.65 6.68 -3.39
CA LEU D 728 46.57 6.73 -4.85
C LEU D 728 46.58 8.18 -5.30
N GLN D 729 47.54 8.54 -6.15
CA GLN D 729 47.51 9.87 -6.74
C GLN D 729 46.28 9.99 -7.64
N VAL D 730 45.69 11.18 -7.64
CA VAL D 730 44.46 11.44 -8.39
C VAL D 730 44.53 12.75 -9.16
N GLY D 731 45.72 13.23 -9.43
CA GLY D 731 45.89 14.48 -10.12
C GLY D 731 47.04 15.25 -9.55
N TYR D 732 46.93 16.57 -9.63
CA TYR D 732 47.94 17.49 -9.15
C TYR D 732 47.28 18.65 -8.43
N THR D 733 48.04 19.29 -7.55
CA THR D 733 47.55 20.47 -6.88
C THR D 733 47.31 21.58 -7.91
N PRO D 734 46.65 22.66 -7.51
CA PRO D 734 46.61 23.84 -8.38
C PRO D 734 47.81 24.75 -8.20
N ASP D 735 48.99 24.15 -8.04
CA ASP D 735 50.26 24.82 -8.28
C ASP D 735 51.29 23.96 -8.99
N GLY D 736 51.17 22.64 -8.93
CA GLY D 736 52.05 21.74 -9.66
C GLY D 736 52.40 20.47 -8.93
N LYS D 737 52.25 20.45 -7.61
CA LYS D 737 52.66 19.29 -6.83
C LYS D 737 51.66 18.15 -7.00
N ASP D 738 52.05 16.99 -6.50
CA ASP D 738 51.20 15.81 -6.53
C ASP D 738 50.04 15.96 -5.56
N ASP D 739 49.05 15.07 -5.71
CA ASP D 739 47.84 15.10 -4.90
C ASP D 739 47.51 13.73 -4.36
N TYR D 740 48.50 13.05 -3.79
CA TYR D 740 48.27 11.77 -3.14
C TYR D 740 47.21 11.90 -2.07
N ARG D 741 46.16 11.09 -2.16
CA ARG D 741 45.06 11.11 -1.21
C ARG D 741 44.47 9.73 -1.04
N TRP D 742 44.14 9.40 0.20
CA TRP D 742 43.49 8.14 0.50
C TRP D 742 42.14 8.08 -0.19
N CYS D 743 41.85 6.93 -0.81
CA CYS D 743 40.65 6.81 -1.64
C CYS D 743 40.17 5.37 -1.64
N PHE D 744 39.01 5.14 -1.07
CA PHE D 744 38.34 3.85 -1.21
C PHE D 744 37.81 3.73 -2.63
N ARG D 745 38.05 2.59 -3.25
CA ARG D 745 37.61 2.36 -4.63
C ARG D 745 36.19 1.85 -4.67
N VAL D 746 35.53 2.12 -5.79
CA VAL D 746 34.19 1.63 -6.05
C VAL D 746 34.08 1.40 -7.55
N ASP D 747 33.63 0.20 -7.92
CA ASP D 747 33.36 -0.12 -9.30
C ASP D 747 31.87 0.04 -9.58
N GLU D 748 31.55 0.52 -10.77
CA GLU D 748 30.18 0.83 -11.15
C GLU D 748 29.97 0.52 -12.61
N VAL D 749 28.77 0.81 -13.10
CA VAL D 749 28.46 0.67 -14.51
C VAL D 749 27.23 1.52 -14.81
N ASN D 750 27.19 2.09 -16.00
CA ASN D 750 26.04 2.85 -16.48
C ASN D 750 25.95 2.54 -17.96
N TRP D 751 24.80 2.02 -18.38
CA TRP D 751 24.61 1.64 -19.78
C TRP D 751 24.02 2.75 -20.61
N THR D 752 23.22 3.62 -20.01
CA THR D 752 22.68 4.78 -20.72
C THR D 752 23.76 5.83 -20.94
N THR D 753 24.32 6.33 -19.85
CA THR D 753 25.50 7.18 -19.92
C THR D 753 26.73 6.31 -20.15
N TRP D 754 27.67 6.84 -20.92
CA TRP D 754 28.79 6.06 -21.42
C TRP D 754 30.12 6.51 -20.84
N ASN D 755 30.11 7.42 -19.87
CA ASN D 755 31.28 7.76 -19.07
C ASN D 755 32.43 8.25 -19.95
N THR D 756 32.12 9.25 -20.78
CA THR D 756 33.13 10.09 -21.41
C THR D 756 33.51 11.27 -20.52
N ASN D 757 33.18 11.20 -19.23
CA ASN D 757 33.35 12.34 -18.34
C ASN D 757 34.83 12.65 -18.15
N VAL D 758 35.17 13.93 -18.26
CA VAL D 758 36.53 14.37 -18.05
C VAL D 758 36.93 14.10 -16.60
N GLY D 759 38.19 13.70 -16.41
CA GLY D 759 38.74 13.44 -15.09
C GLY D 759 39.39 12.09 -14.96
N ILE D 760 39.59 11.40 -16.08
CA ILE D 760 40.26 10.11 -16.07
C ILE D 760 41.67 10.31 -15.55
N ILE D 761 42.10 9.40 -14.70
CA ILE D 761 43.36 9.52 -13.98
C ILE D 761 44.39 8.57 -14.56
N ASN D 762 43.93 7.57 -15.31
CA ASN D 762 44.80 6.49 -15.75
C ASN D 762 44.41 6.12 -17.17
N GLU D 763 45.38 6.21 -18.08
CA GLU D 763 45.13 5.92 -19.49
C GLU D 763 44.81 4.45 -19.66
N ASP D 764 45.80 3.60 -19.37
CA ASP D 764 45.57 2.17 -19.41
C ASP D 764 44.60 1.80 -18.30
N PRO D 765 43.45 1.20 -18.61
CA PRO D 765 42.52 0.86 -17.53
C PRO D 765 43.10 -0.17 -16.57
N GLY D 766 42.61 -0.13 -15.35
CA GLY D 766 42.70 -1.26 -14.46
C GLY D 766 43.40 -0.94 -13.16
N ASN D 767 43.84 -2.01 -12.49
CA ASN D 767 44.53 -1.89 -11.21
C ASN D 767 45.50 -3.08 -11.08
N CYS D 768 46.76 -2.86 -11.43
CA CYS D 768 47.78 -3.87 -11.27
C CYS D 768 49.10 -3.21 -10.89
N GLU D 769 50.17 -3.98 -10.90
CA GLU D 769 51.52 -3.44 -10.73
C GLU D 769 51.84 -2.68 -12.02
N GLY D 770 51.91 -1.37 -11.93
CA GLY D 770 52.12 -0.50 -13.07
C GLY D 770 50.92 0.38 -13.35
N VAL D 771 51.01 1.63 -12.90
CA VAL D 771 49.99 2.65 -13.15
C VAL D 771 50.64 3.76 -13.96
N LYS D 772 49.83 4.43 -14.78
CA LYS D 772 50.31 5.39 -15.76
C LYS D 772 49.27 6.48 -15.89
N ARG D 773 49.66 7.71 -15.65
CA ARG D 773 48.70 8.78 -15.48
C ARG D 773 48.32 9.39 -16.82
N THR D 774 47.22 10.13 -16.81
CA THR D 774 46.60 10.71 -17.98
C THR D 774 47.03 12.17 -18.13
N LEU D 775 46.85 12.74 -19.31
CA LEU D 775 46.98 14.19 -19.50
C LEU D 775 45.76 14.88 -18.90
N SER D 776 45.70 14.87 -17.56
CA SER D 776 44.61 15.49 -16.83
C SER D 776 44.93 16.96 -16.58
N PHE D 777 45.18 17.69 -17.66
CA PHE D 777 45.57 19.09 -17.61
C PHE D 777 46.79 19.26 -16.71
N SER D 778 47.88 18.58 -17.08
CA SER D 778 49.11 18.63 -16.31
C SER D 778 49.66 20.05 -16.23
#